data_7S8C
#
_entry.id   7S8C
#
_cell.length_a   1.00
_cell.length_b   1.00
_cell.length_c   1.00
_cell.angle_alpha   90.00
_cell.angle_beta   90.00
_cell.angle_gamma   90.00
#
_symmetry.space_group_name_H-M   'P 1'
#
loop_
_entity.id
_entity.type
_entity.pdbx_description
1 polymer 'Transient receptor potential cation channel subfamily V member 6'
2 non-polymer 1-[(2R)-2-[(4-chlorobenzyl)oxy]-2-(2,4-dichlorophenyl)ethyl]-1H-imidazole
3 non-polymer 'CHOLESTEROL HEMISUCCINATE'
4 non-polymer '(2S)-3-(hexadecanoyloxy)-2-[(9Z)-octadec-9-enoyloxy]propyl 2-(trimethylammonio)ethyl phosphate'
5 non-polymer 'CALCIUM ION'
6 non-polymer 'CHLORIDE ION'
#
_entity_poly.entity_id   1
_entity_poly.type   'polypeptide(L)'
_entity_poly.pdbx_seq_one_letter_code
;MGLSLPKEKGLILCLWSKFCRWFQRRESWAQSRDEQNLLQQKRIWESPLLLAAKDNDVQALNKLLKYEDCKVHQRGAMGE
TALHIAALYDNLEAAMVLMEAAPELVFEPMTSELYEGQTALHIAVVNQNMNLVRALLARRASVSARATGTAFRRSPCNLI
YFGEHPLSFAACVNSEEIVRLLIEHGADIRAQDSLGNTVLHILILQPNKTFACQMYNLLLSYDRHGDHLQPLDLVPNHQG
LTPFKLAGVEGNTVMFQHLMQKRKHTQWTYGPLTSTLYDLTEIDSSGDEQSLLELIITTKKREARQILDQTPVKELVSLK
WKRYGRPYFCMLGAIYLLYIICFTMCCIYRPLKPRTNNRTSPRDNTLLQQKLLQEAYMTPKDDIRLVGELVTVIGAIIIL
LVEVPDIFRMGVTRFFGQTILGGPFHVLIITYAFMVLVTMVMRLISASGEVVPMSFALVLGWCNVMYFARGFQMLGPFTI
MIQKMIFGDLMRFCWLMAVVILGFASAFYIIFQTEDPEELGHFYDYPMALFSTFELFLTIIDGPANYNVDLPFMYSITYA
AFAIIATLLMLNLLIAMMGDTHWRVAHERDELWRAQIVATTVMLERKLPRCLWPRSGICGREYGLGDRWFLRVEDRQDLN
RQRIQRYAQAFHTRGSEDLDKDSVEKLVPRGSAAAWSHPQFEK
;
_entity_poly.pdbx_strand_id   A,B,C,D
#
loop_
_chem_comp.id
_chem_comp.type
_chem_comp.name
_chem_comp.formula
CA non-polymer 'CALCIUM ION' 'Ca 2'
CL non-polymer 'CHLORIDE ION' 'Cl -1'
ECL non-polymer 1-[(2R)-2-[(4-chlorobenzyl)oxy]-2-(2,4-dichlorophenyl)ethyl]-1H-imidazole 'C18 H15 Cl3 N2 O'
POV non-polymer '(2S)-3-(hexadecanoyloxy)-2-[(9Z)-octadec-9-enoyloxy]propyl 2-(trimethylammonio)ethyl phosphate' 'C42 H82 N O8 P'
Y01 non-polymer 'CHOLESTEROL HEMISUCCINATE' 'C31 H50 O4'
#
# COMPACT_ATOMS: atom_id res chain seq x y z
N GLU A 27 -37.64 -8.76 -11.90
CA GLU A 27 -38.62 -7.99 -11.16
C GLU A 27 -40.00 -8.62 -11.22
N SER A 28 -40.69 -8.40 -12.34
CA SER A 28 -42.07 -8.88 -12.47
C SER A 28 -42.12 -10.38 -12.68
N TRP A 29 -41.19 -10.91 -13.48
CA TRP A 29 -41.20 -12.35 -13.73
C TRP A 29 -40.64 -13.12 -12.54
N ALA A 30 -39.69 -12.52 -11.81
CA ALA A 30 -39.20 -13.13 -10.59
C ALA A 30 -40.25 -13.09 -9.50
N GLN A 31 -41.14 -12.10 -9.54
CA GLN A 31 -42.31 -12.10 -8.68
C GLN A 31 -43.28 -13.21 -9.08
N SER A 32 -43.42 -13.46 -10.37
CA SER A 32 -44.36 -14.48 -10.83
C SER A 32 -43.84 -15.88 -10.54
N ARG A 33 -42.51 -16.05 -10.53
CA ARG A 33 -41.95 -17.35 -10.16
C ARG A 33 -42.18 -17.61 -8.67
N ASP A 34 -42.08 -16.56 -7.84
CA ASP A 34 -42.25 -16.73 -6.40
C ASP A 34 -43.69 -17.10 -6.05
N GLU A 35 -44.66 -16.57 -6.79
CA GLU A 35 -46.05 -16.88 -6.50
C GLU A 35 -46.39 -18.30 -6.92
N GLN A 36 -45.76 -18.81 -7.98
CA GLN A 36 -46.04 -20.18 -8.41
C GLN A 36 -45.41 -21.19 -7.47
N ASN A 37 -44.27 -20.85 -6.88
CA ASN A 37 -43.64 -21.76 -5.93
C ASN A 37 -44.39 -21.80 -4.62
N LEU A 38 -45.01 -20.68 -4.22
CA LEU A 38 -45.90 -20.73 -3.07
C LEU A 38 -47.22 -21.39 -3.44
N LEU A 39 -47.65 -21.28 -4.69
CA LEU A 39 -48.89 -21.92 -5.10
C LEU A 39 -48.71 -23.44 -5.19
N GLN A 40 -47.47 -23.89 -5.45
CA GLN A 40 -47.19 -25.32 -5.42
C GLN A 40 -47.40 -25.89 -4.03
N GLN A 41 -46.92 -25.19 -3.01
CA GLN A 41 -46.97 -25.71 -1.64
C GLN A 41 -48.38 -25.67 -1.09
N LYS A 42 -49.20 -24.73 -1.57
CA LYS A 42 -50.59 -24.69 -1.17
C LYS A 42 -51.36 -25.87 -1.74
N ARG A 43 -51.14 -26.19 -3.01
CA ARG A 43 -51.88 -27.26 -3.67
C ARG A 43 -51.45 -28.62 -3.15
N ILE A 44 -50.23 -28.73 -2.63
CA ILE A 44 -49.82 -29.97 -1.97
C ILE A 44 -50.60 -30.18 -0.68
N TRP A 45 -50.79 -29.10 0.10
CA TRP A 45 -51.41 -29.25 1.41
C TRP A 45 -52.91 -29.49 1.29
N GLU A 46 -53.56 -28.88 0.31
CA GLU A 46 -54.99 -29.06 0.15
C GLU A 46 -55.35 -30.22 -0.79
N SER A 47 -54.39 -31.09 -1.10
CA SER A 47 -54.66 -32.32 -1.83
C SER A 47 -54.19 -33.48 -0.96
N PRO A 48 -55.07 -34.41 -0.59
CA PRO A 48 -54.65 -35.50 0.30
C PRO A 48 -53.76 -36.53 -0.39
N LEU A 49 -53.75 -36.54 -1.73
CA LEU A 49 -52.80 -37.39 -2.45
C LEU A 49 -51.41 -36.78 -2.44
N LEU A 50 -51.31 -35.50 -2.80
CA LEU A 50 -50.01 -34.85 -2.91
C LEU A 50 -49.37 -34.65 -1.54
N LEU A 51 -50.19 -34.37 -0.52
CA LEU A 51 -49.66 -34.21 0.83
C LEU A 51 -49.08 -35.50 1.37
N ALA A 52 -49.66 -36.63 0.98
CA ALA A 52 -49.19 -37.92 1.46
C ALA A 52 -47.84 -38.28 0.88
N ALA A 53 -47.56 -37.82 -0.34
CA ALA A 53 -46.29 -38.14 -0.98
C ALA A 53 -45.17 -37.22 -0.51
N LYS A 54 -45.53 -36.06 0.04
CA LYS A 54 -44.51 -35.12 0.48
C LYS A 54 -43.82 -35.60 1.75
N ASP A 55 -44.58 -36.15 2.69
CA ASP A 55 -44.02 -36.57 3.97
C ASP A 55 -44.06 -38.09 4.16
N ASN A 56 -44.12 -38.85 3.06
CA ASN A 56 -43.78 -40.27 3.00
C ASN A 56 -44.75 -41.12 3.81
N ASP A 57 -46.00 -40.67 3.90
CA ASP A 57 -47.04 -41.39 4.62
C ASP A 57 -47.63 -42.43 3.70
N VAL A 58 -47.00 -43.61 3.65
CA VAL A 58 -47.42 -44.64 2.70
C VAL A 58 -48.73 -45.26 3.10
N GLN A 59 -49.06 -45.21 4.40
CA GLN A 59 -50.35 -45.69 4.87
C GLN A 59 -51.46 -44.74 4.46
N ALA A 60 -51.12 -43.46 4.25
CA ALA A 60 -52.07 -42.54 3.65
C ALA A 60 -52.17 -42.78 2.15
N LEU A 61 -51.11 -43.30 1.54
CA LEU A 61 -51.17 -43.66 0.12
C LEU A 61 -52.07 -44.87 -0.11
N ASN A 62 -52.21 -45.74 0.90
CA ASN A 62 -53.04 -46.93 0.71
C ASN A 62 -54.51 -46.57 0.72
N LYS A 63 -54.93 -45.70 1.64
CA LYS A 63 -56.35 -45.53 1.90
C LYS A 63 -57.03 -44.69 0.84
N LEU A 64 -56.28 -43.78 0.18
CA LEU A 64 -56.85 -43.05 -0.93
C LEU A 64 -56.99 -43.94 -2.16
N LEU A 65 -56.23 -45.03 -2.22
CA LEU A 65 -56.38 -45.98 -3.31
C LEU A 65 -57.39 -47.07 -2.95
N LYS A 66 -57.61 -47.30 -1.65
CA LYS A 66 -58.66 -48.22 -1.23
C LYS A 66 -60.04 -47.66 -1.54
N TYR A 67 -60.16 -46.33 -1.55
CA TYR A 67 -61.44 -45.68 -1.78
C TYR A 67 -61.87 -45.85 -3.23
N GLU A 68 -60.98 -45.50 -4.16
CA GLU A 68 -61.30 -45.58 -5.57
C GLU A 68 -59.97 -45.50 -6.30
N ASP A 69 -59.93 -45.86 -7.58
CA ASP A 69 -58.73 -45.60 -8.37
C ASP A 69 -58.75 -44.18 -8.92
N CYS A 70 -58.63 -43.20 -8.03
CA CYS A 70 -59.06 -41.79 -8.12
C CYS A 70 -58.09 -41.02 -9.01
N LYS A 71 -58.14 -39.69 -8.97
CA LYS A 71 -57.29 -38.85 -9.80
C LYS A 71 -55.85 -38.95 -9.32
N VAL A 72 -55.16 -39.96 -9.87
CA VAL A 72 -53.71 -39.92 -9.93
C VAL A 72 -53.26 -38.89 -10.97
N HIS A 73 -54.18 -38.49 -11.85
CA HIS A 73 -54.00 -37.41 -12.81
C HIS A 73 -54.46 -36.09 -12.15
N GLN A 74 -53.93 -35.85 -10.96
CA GLN A 74 -54.01 -34.54 -10.33
C GLN A 74 -52.80 -33.72 -10.75
N ARG A 75 -53.05 -32.56 -11.34
CA ARG A 75 -52.01 -31.62 -11.73
C ARG A 75 -51.94 -30.51 -10.70
N GLY A 76 -50.76 -30.29 -10.15
CA GLY A 76 -50.54 -29.25 -9.18
C GLY A 76 -50.39 -27.89 -9.84
N ALA A 77 -49.61 -27.03 -9.18
CA ALA A 77 -49.42 -25.68 -9.73
C ALA A 77 -48.49 -25.71 -10.92
N MET A 78 -47.34 -26.38 -10.78
CA MET A 78 -46.41 -26.57 -11.88
C MET A 78 -46.65 -27.85 -12.64
N GLY A 79 -47.89 -28.34 -12.70
CA GLY A 79 -48.15 -29.59 -13.40
C GLY A 79 -47.57 -30.80 -12.72
N GLU A 80 -47.44 -30.76 -11.40
CA GLU A 80 -46.92 -31.88 -10.64
C GLU A 80 -47.92 -33.02 -10.67
N THR A 81 -47.41 -34.24 -10.69
CA THR A 81 -48.19 -35.38 -10.23
C THR A 81 -47.64 -35.82 -8.89
N ALA A 82 -48.27 -36.83 -8.29
CA ALA A 82 -47.84 -37.28 -6.98
C ALA A 82 -46.51 -38.03 -7.05
N LEU A 83 -46.19 -38.57 -8.22
CA LEU A 83 -44.88 -39.18 -8.39
C LEU A 83 -43.79 -38.12 -8.52
N HIS A 84 -44.14 -36.98 -9.14
CA HIS A 84 -43.24 -35.84 -9.15
C HIS A 84 -43.01 -35.29 -7.75
N ILE A 85 -44.04 -35.33 -6.90
CA ILE A 85 -43.89 -34.87 -5.52
C ILE A 85 -43.02 -35.84 -4.73
N ALA A 86 -43.20 -37.14 -4.96
CA ALA A 86 -42.43 -38.13 -4.21
C ALA A 86 -40.97 -38.15 -4.67
N ALA A 87 -40.72 -37.79 -5.92
CA ALA A 87 -39.34 -37.72 -6.39
C ALA A 87 -38.65 -36.47 -5.89
N LEU A 88 -39.41 -35.38 -5.72
CA LEU A 88 -38.79 -34.11 -5.30
C LEU A 88 -38.40 -34.14 -3.83
N TYR A 89 -39.16 -34.84 -2.99
CA TYR A 89 -38.91 -34.85 -1.56
C TYR A 89 -38.20 -36.12 -1.10
N ASP A 90 -37.64 -36.89 -2.05
CA ASP A 90 -36.83 -38.09 -1.80
C ASP A 90 -37.55 -39.14 -0.99
N ASN A 91 -38.76 -39.49 -1.42
CA ASN A 91 -39.58 -40.45 -0.73
C ASN A 91 -39.67 -41.70 -1.60
N LEU A 92 -38.87 -42.71 -1.24
CA LEU A 92 -38.82 -43.95 -1.99
C LEU A 92 -40.11 -44.74 -1.87
N GLU A 93 -40.54 -45.01 -0.64
CA GLU A 93 -41.68 -45.91 -0.43
C GLU A 93 -42.98 -45.25 -0.84
N ALA A 94 -43.03 -43.92 -0.78
CA ALA A 94 -44.19 -43.21 -1.26
C ALA A 94 -44.26 -43.25 -2.79
N ALA A 95 -43.10 -43.32 -3.45
CA ALA A 95 -43.08 -43.32 -4.91
C ALA A 95 -43.45 -44.68 -5.47
N MET A 96 -43.25 -45.74 -4.69
CA MET A 96 -43.57 -47.08 -5.16
C MET A 96 -45.07 -47.27 -5.31
N VAL A 97 -45.83 -46.77 -4.34
CA VAL A 97 -47.28 -46.98 -4.31
C VAL A 97 -47.95 -46.27 -5.48
N LEU A 98 -47.38 -45.16 -5.94
CA LEU A 98 -47.87 -44.52 -7.16
C LEU A 98 -47.56 -45.36 -8.39
N MET A 99 -46.46 -46.13 -8.36
CA MET A 99 -46.03 -46.81 -9.58
C MET A 99 -46.77 -48.12 -9.82
N GLU A 100 -47.05 -48.89 -8.77
CA GLU A 100 -47.86 -50.10 -8.97
C GLU A 100 -49.32 -49.76 -9.24
N ALA A 101 -49.84 -48.71 -8.61
CA ALA A 101 -51.24 -48.36 -8.79
C ALA A 101 -51.48 -47.68 -10.13
N ALA A 102 -50.52 -46.89 -10.59
CA ALA A 102 -50.61 -46.23 -11.90
C ALA A 102 -49.23 -46.14 -12.53
N PRO A 103 -48.83 -47.11 -13.35
CA PRO A 103 -47.51 -47.03 -13.99
C PRO A 103 -47.39 -45.92 -15.02
N GLU A 104 -48.51 -45.41 -15.53
CA GLU A 104 -48.47 -44.42 -16.60
C GLU A 104 -48.00 -43.04 -16.11
N LEU A 105 -47.79 -42.87 -14.81
CA LEU A 105 -47.32 -41.57 -14.31
C LEU A 105 -45.80 -41.43 -14.47
N VAL A 106 -45.11 -42.47 -14.95
CA VAL A 106 -43.70 -42.31 -15.28
C VAL A 106 -43.55 -41.77 -16.69
N PHE A 107 -44.63 -41.74 -17.45
CA PHE A 107 -44.58 -41.25 -18.82
C PHE A 107 -45.14 -39.83 -18.90
N GLU A 108 -45.25 -39.15 -17.77
CA GLU A 108 -45.90 -37.87 -17.74
C GLU A 108 -44.90 -36.78 -17.38
N PRO A 109 -44.81 -35.71 -18.15
CA PRO A 109 -43.98 -34.58 -17.76
C PRO A 109 -44.78 -33.51 -17.03
N MET A 110 -44.10 -32.58 -16.39
CA MET A 110 -44.77 -31.39 -15.89
C MET A 110 -45.18 -30.51 -17.05
N THR A 111 -46.34 -29.87 -16.93
CA THR A 111 -47.00 -29.20 -18.04
C THR A 111 -46.88 -27.69 -17.99
N SER A 112 -46.42 -27.11 -16.88
CA SER A 112 -46.33 -25.67 -16.76
C SER A 112 -45.16 -25.13 -17.58
N GLU A 113 -45.17 -23.82 -17.80
CA GLU A 113 -44.12 -23.20 -18.62
C GLU A 113 -42.78 -23.18 -17.89
N LEU A 114 -42.81 -23.25 -16.56
CA LEU A 114 -41.58 -23.09 -15.79
C LEU A 114 -40.76 -24.38 -15.76
N TYR A 115 -41.43 -25.53 -15.69
CA TYR A 115 -40.76 -26.82 -15.62
C TYR A 115 -41.30 -27.78 -16.66
N GLU A 116 -41.49 -27.29 -17.88
CA GLU A 116 -42.03 -28.09 -18.96
C GLU A 116 -41.10 -29.24 -19.33
N GLY A 117 -41.67 -30.41 -19.57
CA GLY A 117 -40.92 -31.55 -20.01
C GLY A 117 -40.28 -32.37 -18.92
N GLN A 118 -40.19 -31.85 -17.70
CA GLN A 118 -39.52 -32.55 -16.62
C GLN A 118 -40.36 -33.72 -16.16
N THR A 119 -39.81 -34.92 -16.29
CA THR A 119 -40.45 -36.12 -15.77
C THR A 119 -39.86 -36.42 -14.40
N ALA A 120 -40.36 -37.49 -13.78
CA ALA A 120 -39.81 -37.91 -12.50
C ALA A 120 -38.45 -38.57 -12.67
N LEU A 121 -38.10 -38.93 -13.90
CA LEU A 121 -36.77 -39.42 -14.19
C LEU A 121 -35.72 -38.32 -14.02
N HIS A 122 -36.04 -37.10 -14.48
CA HIS A 122 -35.16 -35.95 -14.29
C HIS A 122 -34.94 -35.66 -12.80
N ILE A 123 -35.97 -35.84 -11.98
CA ILE A 123 -35.92 -35.42 -10.59
C ILE A 123 -35.10 -36.41 -9.77
N ALA A 124 -35.28 -37.71 -10.03
CA ALA A 124 -34.57 -38.73 -9.25
C ALA A 124 -33.09 -38.70 -9.55
N VAL A 125 -32.72 -38.29 -10.75
CA VAL A 125 -31.33 -38.18 -11.14
C VAL A 125 -30.66 -37.00 -10.45
N VAL A 126 -31.34 -35.85 -10.42
CA VAL A 126 -30.78 -34.64 -9.79
C VAL A 126 -30.67 -34.82 -8.28
N ASN A 127 -31.60 -35.54 -7.68
CA ASN A 127 -31.52 -35.84 -6.26
C ASN A 127 -30.52 -36.94 -5.94
N GLN A 128 -29.99 -37.61 -6.96
CA GLN A 128 -29.12 -38.80 -6.84
C GLN A 128 -29.80 -39.91 -6.05
N ASN A 129 -31.10 -40.08 -6.26
CA ASN A 129 -31.86 -41.16 -5.64
C ASN A 129 -31.77 -42.35 -6.59
N MET A 130 -30.82 -43.25 -6.29
CA MET A 130 -30.49 -44.28 -7.25
C MET A 130 -31.45 -45.46 -7.15
N ASN A 131 -31.99 -45.71 -5.95
CA ASN A 131 -33.03 -46.72 -5.78
C ASN A 131 -34.30 -46.33 -6.52
N LEU A 132 -34.58 -45.03 -6.62
CA LEU A 132 -35.76 -44.58 -7.35
C LEU A 132 -35.53 -44.62 -8.85
N VAL A 133 -34.32 -44.32 -9.31
CA VAL A 133 -34.10 -44.21 -10.74
C VAL A 133 -33.91 -45.61 -11.34
N ARG A 134 -33.46 -46.57 -10.54
CA ARG A 134 -33.49 -47.96 -11.00
C ARG A 134 -34.91 -48.47 -11.10
N ALA A 135 -35.79 -48.01 -10.21
CA ALA A 135 -37.19 -48.41 -10.27
C ALA A 135 -37.90 -47.77 -11.46
N LEU A 136 -37.46 -46.58 -11.85
CA LEU A 136 -38.07 -45.93 -13.01
C LEU A 136 -37.59 -46.57 -14.31
N LEU A 137 -36.32 -46.95 -14.38
CA LEU A 137 -35.82 -47.59 -15.58
C LEU A 137 -36.34 -49.01 -15.71
N ALA A 138 -36.78 -49.61 -14.61
CA ALA A 138 -37.45 -50.90 -14.69
C ALA A 138 -38.82 -50.78 -15.33
N ARG A 139 -39.38 -49.57 -15.33
CA ARG A 139 -40.70 -49.31 -15.89
C ARG A 139 -40.64 -48.52 -17.19
N ARG A 140 -39.56 -48.71 -17.96
CA ARG A 140 -39.25 -48.04 -19.23
C ARG A 140 -39.53 -46.52 -19.20
N ALA A 141 -38.87 -45.84 -18.27
CA ALA A 141 -38.92 -44.38 -18.24
C ALA A 141 -38.11 -43.82 -19.40
N SER A 142 -38.66 -42.82 -20.08
CA SER A 142 -38.04 -42.28 -21.28
C SER A 142 -36.76 -41.52 -20.96
N VAL A 143 -35.63 -42.08 -21.37
CA VAL A 143 -34.33 -41.45 -21.15
C VAL A 143 -34.02 -40.37 -22.17
N SER A 144 -34.91 -40.13 -23.13
CA SER A 144 -34.75 -39.07 -24.11
C SER A 144 -35.75 -37.94 -23.89
N ALA A 145 -36.28 -37.79 -22.69
CA ALA A 145 -37.26 -36.76 -22.43
C ALA A 145 -36.59 -35.40 -22.25
N ARG A 146 -37.14 -34.39 -22.91
CA ARG A 146 -36.54 -33.06 -22.96
C ARG A 146 -37.23 -32.14 -21.97
N ALA A 147 -36.53 -31.80 -20.89
CA ALA A 147 -37.02 -30.81 -19.95
C ALA A 147 -36.85 -29.42 -20.55
N THR A 148 -37.85 -28.96 -21.29
CA THR A 148 -37.79 -27.69 -22.00
C THR A 148 -38.46 -26.55 -21.26
N GLY A 149 -38.43 -26.56 -19.93
CA GLY A 149 -39.04 -25.49 -19.18
C GLY A 149 -38.12 -24.31 -19.00
N THR A 150 -38.72 -23.18 -18.59
CA THR A 150 -38.02 -21.91 -18.52
C THR A 150 -36.98 -21.92 -17.40
N ALA A 151 -37.21 -22.73 -16.36
CA ALA A 151 -36.24 -22.84 -15.29
C ALA A 151 -35.08 -23.77 -15.65
N PHE A 152 -35.05 -24.29 -16.87
CA PHE A 152 -33.92 -25.10 -17.28
C PHE A 152 -33.07 -24.44 -18.36
N ARG A 153 -33.44 -23.24 -18.81
CA ARG A 153 -32.63 -22.55 -19.80
C ARG A 153 -31.39 -21.97 -19.16
N ARG A 154 -30.39 -21.70 -19.99
CA ARG A 154 -29.18 -21.02 -19.54
C ARG A 154 -29.49 -19.53 -19.48
N SER A 155 -29.72 -19.02 -18.29
CA SER A 155 -30.18 -17.66 -18.07
C SER A 155 -29.42 -17.08 -16.89
N PRO A 156 -29.38 -15.75 -16.78
CA PRO A 156 -28.86 -15.15 -15.54
C PRO A 156 -29.78 -15.36 -14.34
N CYS A 157 -31.05 -15.70 -14.58
CA CYS A 157 -32.04 -15.88 -13.54
C CYS A 157 -32.35 -17.33 -13.21
N ASN A 158 -31.51 -18.27 -13.64
CA ASN A 158 -31.58 -19.67 -13.22
C ASN A 158 -30.24 -20.05 -12.63
N LEU A 159 -30.26 -20.70 -11.47
CA LEU A 159 -29.01 -20.97 -10.77
C LEU A 159 -28.34 -22.22 -11.32
N ILE A 160 -29.07 -23.05 -12.04
CA ILE A 160 -28.54 -24.24 -12.68
C ILE A 160 -28.73 -24.11 -14.19
N TYR A 161 -27.78 -24.64 -14.95
CA TYR A 161 -27.99 -25.00 -16.34
C TYR A 161 -27.51 -26.43 -16.49
N PHE A 162 -28.46 -27.35 -16.39
CA PHE A 162 -28.16 -28.78 -16.43
C PHE A 162 -28.40 -29.39 -17.78
N GLY A 163 -28.64 -28.60 -18.82
CA GLY A 163 -29.06 -29.17 -20.08
C GLY A 163 -30.54 -29.45 -20.07
N GLU A 164 -31.00 -30.46 -20.83
CA GLU A 164 -32.40 -30.83 -20.76
C GLU A 164 -32.66 -32.34 -20.85
N HIS A 165 -31.64 -33.17 -20.91
CA HIS A 165 -31.79 -34.62 -20.96
C HIS A 165 -31.32 -35.24 -19.64
N PRO A 166 -31.82 -36.43 -19.27
CA PRO A 166 -31.38 -37.02 -18.00
C PRO A 166 -29.92 -37.45 -17.98
N LEU A 167 -29.30 -37.67 -19.14
CA LEU A 167 -27.85 -37.80 -19.19
C LEU A 167 -27.16 -36.51 -18.80
N SER A 168 -27.70 -35.39 -19.26
CA SER A 168 -27.11 -34.11 -18.94
C SER A 168 -27.31 -33.75 -17.47
N PHE A 169 -28.40 -34.24 -16.87
CA PHE A 169 -28.62 -33.92 -15.46
C PHE A 169 -27.72 -34.79 -14.58
N ALA A 170 -27.44 -36.01 -15.03
CA ALA A 170 -26.56 -36.90 -14.27
C ALA A 170 -25.13 -36.44 -14.31
N ALA A 171 -24.72 -35.86 -15.44
CA ALA A 171 -23.34 -35.44 -15.59
C ALA A 171 -23.03 -34.22 -14.74
N CYS A 172 -24.06 -33.42 -14.43
CA CYS A 172 -23.86 -32.18 -13.71
C CYS A 172 -23.92 -32.32 -12.22
N VAL A 173 -24.54 -33.39 -11.71
CA VAL A 173 -24.62 -33.64 -10.27
C VAL A 173 -23.47 -34.49 -9.78
N ASN A 174 -22.51 -34.79 -10.66
CA ASN A 174 -21.39 -35.72 -10.43
C ASN A 174 -21.90 -37.08 -9.94
N SER A 175 -22.64 -37.77 -10.78
CA SER A 175 -23.11 -39.11 -10.43
C SER A 175 -22.56 -40.07 -11.47
N GLU A 176 -21.43 -40.69 -11.15
CA GLU A 176 -20.78 -41.58 -12.10
C GLU A 176 -21.53 -42.92 -12.22
N GLU A 177 -22.36 -43.24 -11.23
CA GLU A 177 -23.13 -44.49 -11.28
C GLU A 177 -24.38 -44.36 -12.14
N ILE A 178 -25.03 -43.20 -12.09
CA ILE A 178 -26.28 -43.02 -12.82
C ILE A 178 -26.00 -42.77 -14.30
N VAL A 179 -24.87 -42.11 -14.60
CA VAL A 179 -24.51 -41.87 -16.00
C VAL A 179 -24.16 -43.18 -16.70
N ARG A 180 -23.64 -44.16 -15.96
CA ARG A 180 -23.46 -45.48 -16.53
C ARG A 180 -24.81 -46.17 -16.68
N LEU A 181 -25.68 -45.99 -15.68
CA LEU A 181 -26.96 -46.69 -15.64
C LEU A 181 -27.89 -46.23 -16.75
N LEU A 182 -27.79 -44.97 -17.14
CA LEU A 182 -28.65 -44.45 -18.21
C LEU A 182 -28.13 -44.84 -19.58
N ILE A 183 -26.81 -44.82 -19.77
CA ILE A 183 -26.24 -45.21 -21.06
C ILE A 183 -26.43 -46.70 -21.31
N GLU A 184 -26.43 -47.50 -20.25
CA GLU A 184 -26.71 -48.93 -20.43
C GLU A 184 -28.21 -49.21 -20.49
N HIS A 185 -29.06 -48.20 -20.49
CA HIS A 185 -30.47 -48.36 -20.83
C HIS A 185 -30.85 -47.61 -22.10
N GLY A 186 -29.90 -47.00 -22.79
CA GLY A 186 -30.15 -46.45 -24.10
C GLY A 186 -30.16 -44.95 -24.19
N ALA A 187 -29.65 -44.24 -23.19
CA ALA A 187 -29.62 -42.78 -23.26
C ALA A 187 -28.52 -42.33 -24.21
N ASP A 188 -28.88 -41.44 -25.12
CA ASP A 188 -28.05 -41.03 -26.24
C ASP A 188 -27.07 -39.95 -25.77
N ILE A 189 -25.79 -40.15 -26.07
CA ILE A 189 -24.79 -39.15 -25.73
C ILE A 189 -24.65 -38.11 -26.84
N ARG A 190 -25.37 -38.29 -27.94
CA ARG A 190 -25.34 -37.33 -29.02
C ARG A 190 -26.45 -36.29 -28.95
N ALA A 191 -27.26 -36.30 -27.88
CA ALA A 191 -28.43 -35.45 -27.86
C ALA A 191 -28.06 -34.03 -27.50
N GLN A 192 -28.58 -33.07 -28.26
CA GLN A 192 -28.34 -31.66 -28.05
C GLN A 192 -29.58 -31.02 -27.43
N ASP A 193 -29.41 -29.76 -27.01
CA ASP A 193 -30.44 -28.96 -26.39
C ASP A 193 -31.00 -27.97 -27.40
N SER A 194 -31.82 -27.02 -26.90
CA SER A 194 -32.25 -25.92 -27.74
C SER A 194 -31.08 -25.01 -28.09
N LEU A 195 -30.09 -24.92 -27.21
CA LEU A 195 -28.85 -24.21 -27.52
C LEU A 195 -27.90 -25.04 -28.38
N GLY A 196 -28.24 -26.30 -28.66
CA GLY A 196 -27.36 -27.18 -29.40
C GLY A 196 -26.24 -27.77 -28.59
N ASN A 197 -26.20 -27.49 -27.30
CA ASN A 197 -25.15 -28.00 -26.43
C ASN A 197 -25.34 -29.49 -26.19
N THR A 198 -24.34 -30.28 -26.53
CA THR A 198 -24.32 -31.67 -26.12
C THR A 198 -23.82 -31.74 -24.69
N VAL A 199 -23.75 -32.95 -24.12
CA VAL A 199 -23.46 -33.10 -22.69
C VAL A 199 -22.01 -32.70 -22.39
N LEU A 200 -21.16 -32.68 -23.41
CA LEU A 200 -19.78 -32.28 -23.19
C LEU A 200 -19.67 -30.76 -23.10
N HIS A 201 -20.52 -30.05 -23.84
CA HIS A 201 -20.64 -28.61 -23.71
C HIS A 201 -21.13 -28.20 -22.33
N ILE A 202 -22.10 -28.95 -21.80
CA ILE A 202 -22.78 -28.57 -20.57
C ILE A 202 -21.83 -28.70 -19.38
N LEU A 203 -20.93 -29.69 -19.45
CA LEU A 203 -19.96 -29.91 -18.37
C LEU A 203 -18.98 -28.75 -18.24
N ILE A 204 -18.76 -28.03 -19.32
CA ILE A 204 -17.81 -26.91 -19.29
C ILE A 204 -18.44 -25.71 -18.60
N LEU A 205 -19.76 -25.62 -18.65
CA LEU A 205 -20.50 -24.53 -18.05
C LEU A 205 -20.77 -24.73 -16.56
N GLN A 206 -20.09 -25.69 -15.93
CA GLN A 206 -20.40 -26.08 -14.57
C GLN A 206 -19.45 -25.43 -13.56
N PRO A 207 -19.95 -25.08 -12.37
CA PRO A 207 -19.10 -24.34 -11.42
C PRO A 207 -18.03 -25.17 -10.77
N ASN A 208 -18.23 -26.47 -10.60
CA ASN A 208 -17.21 -27.34 -10.05
C ASN A 208 -16.47 -27.95 -11.24
N LYS A 209 -15.32 -27.35 -11.54
CA LYS A 209 -14.64 -27.62 -12.80
C LYS A 209 -13.79 -28.87 -12.71
N THR A 210 -13.51 -29.33 -11.49
CA THR A 210 -12.70 -30.52 -11.32
C THR A 210 -13.54 -31.79 -11.46
N PHE A 211 -14.78 -31.77 -10.96
CA PHE A 211 -15.71 -32.87 -11.22
C PHE A 211 -16.05 -32.96 -12.70
N ALA A 212 -16.03 -31.82 -13.39
CA ALA A 212 -16.35 -31.81 -14.81
C ALA A 212 -15.29 -32.53 -15.62
N CYS A 213 -14.03 -32.48 -15.18
CA CYS A 213 -12.97 -33.17 -15.91
C CYS A 213 -13.09 -34.69 -15.78
N GLN A 214 -13.48 -35.17 -14.60
CA GLN A 214 -13.71 -36.61 -14.43
C GLN A 214 -14.95 -37.04 -15.20
N MET A 215 -15.97 -36.20 -15.22
CA MET A 215 -17.18 -36.55 -15.95
C MET A 215 -17.01 -36.32 -17.44
N TYR A 216 -15.98 -35.57 -17.83
CA TYR A 216 -15.66 -35.43 -19.24
C TYR A 216 -15.13 -36.76 -19.79
N ASN A 217 -14.15 -37.35 -19.09
CA ASN A 217 -13.48 -38.55 -19.58
C ASN A 217 -14.42 -39.73 -19.63
N LEU A 218 -15.33 -39.81 -18.67
CA LEU A 218 -16.27 -40.93 -18.63
C LEU A 218 -17.25 -40.86 -19.78
N LEU A 219 -17.76 -39.66 -20.08
CA LEU A 219 -18.69 -39.52 -21.18
C LEU A 219 -17.98 -39.59 -22.52
N LEU A 220 -16.68 -39.29 -22.54
CA LEU A 220 -15.91 -39.41 -23.77
C LEU A 220 -15.51 -40.86 -23.99
N SER A 221 -15.53 -41.68 -22.92
CA SER A 221 -15.18 -43.09 -23.04
C SER A 221 -16.29 -43.87 -23.73
N TYR A 222 -17.54 -43.43 -23.60
CA TYR A 222 -18.64 -44.09 -24.30
C TYR A 222 -18.74 -43.69 -25.74
N ASP A 223 -17.81 -42.90 -26.26
CA ASP A 223 -17.72 -42.63 -27.69
C ASP A 223 -16.86 -43.69 -28.38
N ARG A 224 -17.21 -44.96 -28.21
CA ARG A 224 -16.60 -46.06 -28.95
C ARG A 224 -16.94 -45.99 -30.43
N HIS A 225 -18.06 -45.37 -30.77
CA HIS A 225 -18.61 -45.44 -32.12
C HIS A 225 -17.77 -44.65 -33.11
N GLY A 226 -17.17 -45.36 -34.05
CA GLY A 226 -16.45 -44.74 -35.14
C GLY A 226 -17.29 -44.69 -36.39
N ASP A 227 -18.60 -44.81 -36.22
CA ASP A 227 -19.56 -44.74 -37.32
C ASP A 227 -20.56 -43.60 -37.14
N HIS A 228 -20.35 -42.74 -36.15
CA HIS A 228 -21.23 -41.60 -35.91
C HIS A 228 -20.68 -40.31 -36.49
N LEU A 229 -19.77 -40.42 -37.46
CA LEU A 229 -19.36 -39.41 -38.44
C LEU A 229 -18.53 -38.27 -37.85
N GLN A 230 -18.47 -38.18 -36.53
CA GLN A 230 -17.85 -37.05 -35.88
C GLN A 230 -17.69 -37.38 -34.39
N PRO A 231 -16.52 -37.12 -33.81
CA PRO A 231 -16.35 -37.41 -32.38
C PRO A 231 -17.14 -36.42 -31.53
N LEU A 232 -17.38 -36.82 -30.27
CA LEU A 232 -18.20 -36.01 -29.39
C LEU A 232 -17.53 -34.71 -29.01
N ASP A 233 -16.20 -34.69 -28.96
CA ASP A 233 -15.51 -33.44 -28.65
C ASP A 233 -15.37 -32.54 -29.87
N LEU A 234 -15.95 -32.92 -31.01
CA LEU A 234 -15.86 -32.14 -32.23
C LEU A 234 -17.22 -31.72 -32.75
N VAL A 235 -18.27 -31.86 -31.96
CA VAL A 235 -19.62 -31.51 -32.38
C VAL A 235 -19.89 -30.07 -31.94
N PRO A 236 -20.23 -29.17 -32.86
CA PRO A 236 -20.47 -27.79 -32.47
C PRO A 236 -21.89 -27.56 -32.00
N ASN A 237 -22.06 -26.51 -31.20
CA ASN A 237 -23.37 -26.05 -30.80
C ASN A 237 -23.91 -25.09 -31.86
N HIS A 238 -24.98 -24.36 -31.53
CA HIS A 238 -25.62 -23.53 -32.54
C HIS A 238 -24.82 -22.25 -32.79
N GLN A 239 -24.00 -21.85 -31.82
CA GLN A 239 -23.03 -20.79 -32.07
C GLN A 239 -21.79 -21.27 -32.81
N GLY A 240 -21.69 -22.57 -33.09
CA GLY A 240 -20.57 -23.11 -33.82
C GLY A 240 -19.33 -23.36 -32.99
N LEU A 241 -19.45 -23.40 -31.67
CA LEU A 241 -18.34 -23.66 -30.78
C LEU A 241 -18.29 -25.14 -30.46
N THR A 242 -17.09 -25.72 -30.50
CA THR A 242 -16.85 -27.06 -30.00
C THR A 242 -16.66 -26.98 -28.50
N PRO A 243 -16.60 -28.12 -27.78
CA PRO A 243 -16.28 -28.02 -26.34
C PRO A 243 -14.92 -27.41 -26.05
N PHE A 244 -13.92 -27.62 -26.90
CA PHE A 244 -12.62 -27.00 -26.71
C PHE A 244 -12.71 -25.48 -26.84
N LYS A 245 -13.43 -25.00 -27.85
CA LYS A 245 -13.57 -23.56 -28.04
C LYS A 245 -14.49 -22.95 -27.00
N LEU A 246 -15.44 -23.73 -26.48
CA LEU A 246 -16.33 -23.21 -25.44
C LEU A 246 -15.60 -23.09 -24.11
N ALA A 247 -14.59 -23.92 -23.88
CA ALA A 247 -13.76 -23.78 -22.69
C ALA A 247 -12.94 -22.50 -22.73
N GLY A 248 -12.56 -22.05 -23.92
CA GLY A 248 -11.81 -20.81 -24.02
C GLY A 248 -12.69 -19.59 -23.82
N VAL A 249 -13.93 -19.64 -24.33
CA VAL A 249 -14.84 -18.51 -24.25
C VAL A 249 -15.31 -18.29 -22.82
N GLU A 250 -15.56 -19.36 -22.08
CA GLU A 250 -16.02 -19.24 -20.72
C GLU A 250 -14.89 -19.00 -19.73
N GLY A 251 -13.64 -19.08 -20.17
CA GLY A 251 -12.54 -18.90 -19.26
C GLY A 251 -12.31 -20.10 -18.37
N ASN A 252 -12.79 -21.25 -18.79
CA ASN A 252 -12.69 -22.48 -18.01
C ASN A 252 -11.28 -23.02 -18.20
N THR A 253 -10.35 -22.50 -17.39
CA THR A 253 -8.93 -22.80 -17.55
C THR A 253 -8.62 -24.23 -17.16
N VAL A 254 -9.44 -24.82 -16.30
CA VAL A 254 -9.22 -26.18 -15.85
C VAL A 254 -9.61 -27.17 -16.94
N MET A 255 -10.78 -26.96 -17.55
CA MET A 255 -11.20 -27.77 -18.67
C MET A 255 -10.35 -27.49 -19.90
N PHE A 256 -9.75 -26.30 -20.00
CA PHE A 256 -8.92 -25.97 -21.15
C PHE A 256 -7.61 -26.75 -21.14
N GLN A 257 -6.98 -26.85 -19.97
CA GLN A 257 -5.72 -27.59 -19.86
C GLN A 257 -5.95 -29.08 -20.06
N HIS A 258 -7.09 -29.58 -19.59
CA HIS A 258 -7.42 -30.99 -19.75
C HIS A 258 -7.67 -31.33 -21.21
N LEU A 259 -8.42 -30.48 -21.90
CA LEU A 259 -8.73 -30.70 -23.31
C LEU A 259 -7.51 -30.55 -24.20
N MET A 260 -6.52 -29.79 -23.76
CA MET A 260 -5.35 -29.53 -24.58
C MET A 260 -4.41 -30.73 -24.59
N GLN A 261 -4.48 -31.57 -23.56
CA GLN A 261 -3.63 -32.74 -23.47
C GLN A 261 -4.00 -33.79 -24.50
N LYS A 262 -5.21 -33.72 -25.05
CA LYS A 262 -5.56 -34.54 -26.21
C LYS A 262 -4.84 -34.02 -27.45
N ARG A 263 -4.48 -32.75 -27.47
CA ARG A 263 -3.86 -32.15 -28.64
C ARG A 263 -2.34 -32.08 -28.55
N LYS A 264 -1.74 -32.43 -27.41
CA LYS A 264 -0.29 -32.50 -27.32
C LYS A 264 0.23 -33.75 -28.01
N HIS A 265 1.52 -33.74 -28.30
CA HIS A 265 2.23 -34.93 -28.75
C HIS A 265 3.70 -34.81 -28.37
N THR A 266 4.12 -35.60 -27.40
CA THR A 266 5.49 -35.53 -26.89
C THR A 266 6.42 -36.21 -27.88
N GLN A 267 7.36 -35.45 -28.44
CA GLN A 267 8.32 -36.02 -29.38
C GLN A 267 9.39 -36.84 -28.65
N TRP A 268 10.08 -36.23 -27.70
CA TRP A 268 11.12 -36.93 -26.98
C TRP A 268 11.29 -36.32 -25.59
N THR A 269 11.99 -37.06 -24.74
CA THR A 269 12.29 -36.68 -23.37
C THR A 269 13.76 -36.92 -23.14
N TYR A 270 14.51 -35.85 -22.96
CA TYR A 270 15.97 -35.91 -22.84
C TYR A 270 16.34 -35.31 -21.49
N GLY A 271 16.36 -36.15 -20.47
CA GLY A 271 16.64 -35.71 -19.12
C GLY A 271 15.54 -34.81 -18.63
N PRO A 272 15.88 -33.57 -18.28
CA PRO A 272 14.84 -32.61 -17.95
C PRO A 272 14.15 -32.02 -19.16
N LEU A 273 14.69 -32.22 -20.36
CA LEU A 273 14.08 -31.65 -21.54
C LEU A 273 12.93 -32.49 -22.03
N THR A 274 11.97 -31.83 -22.68
CA THR A 274 10.82 -32.48 -23.28
C THR A 274 10.36 -31.63 -24.45
N SER A 275 10.38 -32.20 -25.65
CA SER A 275 9.89 -31.52 -26.83
C SER A 275 8.45 -31.95 -27.10
N THR A 276 7.53 -31.01 -27.01
CA THR A 276 6.11 -31.27 -27.14
C THR A 276 5.60 -30.58 -28.38
N LEU A 277 4.72 -31.26 -29.11
CA LEU A 277 4.19 -30.77 -30.37
C LEU A 277 2.69 -30.55 -30.24
N TYR A 278 2.24 -29.33 -30.50
CA TYR A 278 0.88 -28.89 -30.22
C TYR A 278 0.06 -28.79 -31.51
N ASP A 279 -1.23 -29.11 -31.41
CA ASP A 279 -2.01 -29.34 -32.61
C ASP A 279 -2.35 -28.04 -33.33
N LEU A 280 -2.72 -27.00 -32.58
CA LEU A 280 -2.79 -25.61 -33.07
C LEU A 280 -3.84 -25.44 -34.18
N THR A 281 -4.85 -26.31 -34.18
CA THR A 281 -5.82 -26.34 -35.27
C THR A 281 -7.01 -25.43 -35.01
N GLU A 282 -7.66 -25.58 -33.85
CA GLU A 282 -8.76 -24.70 -33.52
C GLU A 282 -8.25 -23.46 -32.80
N ILE A 283 -7.01 -23.48 -32.35
CA ILE A 283 -6.44 -22.35 -31.63
C ILE A 283 -6.06 -21.24 -32.59
N ASP A 284 -5.36 -21.60 -33.66
CA ASP A 284 -4.78 -20.61 -34.54
C ASP A 284 -5.83 -20.05 -35.47
N SER A 285 -5.72 -18.75 -35.76
CA SER A 285 -6.65 -18.03 -36.63
C SER A 285 -6.44 -18.47 -38.07
N SER A 286 -7.32 -19.38 -38.52
CA SER A 286 -7.24 -19.87 -39.88
C SER A 286 -8.00 -18.97 -40.85
N GLY A 287 -8.93 -18.17 -40.32
CA GLY A 287 -9.63 -17.17 -41.11
C GLY A 287 -10.93 -17.63 -41.73
N ASP A 288 -11.11 -18.92 -41.97
CA ASP A 288 -12.36 -19.41 -42.52
C ASP A 288 -13.47 -19.35 -41.47
N GLU A 289 -13.16 -19.77 -40.25
CA GLU A 289 -14.12 -19.75 -39.16
C GLU A 289 -13.48 -18.96 -38.03
N GLN A 290 -14.34 -18.43 -37.15
CA GLN A 290 -13.88 -17.78 -35.93
C GLN A 290 -13.10 -18.76 -35.06
N SER A 291 -11.91 -18.36 -34.65
CA SER A 291 -10.96 -19.23 -33.97
C SER A 291 -10.90 -18.90 -32.50
N LEU A 292 -10.07 -19.65 -31.78
CA LEU A 292 -9.98 -19.50 -30.34
C LEU A 292 -9.34 -18.18 -29.95
N LEU A 293 -8.40 -17.67 -30.76
CA LEU A 293 -7.86 -16.35 -30.49
C LEU A 293 -8.89 -15.26 -30.75
N GLU A 294 -9.71 -15.42 -31.79
CA GLU A 294 -10.70 -14.39 -32.12
C GLU A 294 -11.84 -14.40 -31.12
N LEU A 295 -12.24 -15.57 -30.62
CA LEU A 295 -13.34 -15.66 -29.66
C LEU A 295 -12.98 -15.02 -28.33
N ILE A 296 -11.75 -15.19 -27.88
CA ILE A 296 -11.38 -14.71 -26.55
C ILE A 296 -11.27 -13.19 -26.52
N ILE A 297 -10.76 -12.62 -27.61
CA ILE A 297 -10.61 -11.17 -27.71
C ILE A 297 -11.97 -10.48 -27.71
N THR A 298 -12.96 -11.05 -28.39
CA THR A 298 -14.23 -10.37 -28.61
C THR A 298 -15.27 -10.69 -27.54
N THR A 299 -14.87 -11.29 -26.43
CA THR A 299 -15.85 -11.78 -25.47
C THR A 299 -15.83 -10.92 -24.21
N LYS A 300 -16.90 -10.99 -23.44
CA LYS A 300 -17.07 -10.14 -22.27
C LYS A 300 -16.62 -10.82 -20.98
N LYS A 301 -16.26 -12.11 -21.04
CA LYS A 301 -15.75 -12.78 -19.86
C LYS A 301 -14.37 -12.25 -19.51
N ARG A 302 -14.16 -11.96 -18.23
CA ARG A 302 -12.84 -11.58 -17.77
C ARG A 302 -11.92 -12.79 -17.68
N GLU A 303 -12.48 -13.97 -17.43
CA GLU A 303 -11.64 -15.13 -17.21
C GLU A 303 -11.17 -15.75 -18.51
N ALA A 304 -11.73 -15.34 -19.65
CA ALA A 304 -11.23 -15.82 -20.93
C ALA A 304 -9.82 -15.29 -21.19
N ARG A 305 -9.50 -14.13 -20.64
CA ARG A 305 -8.17 -13.55 -20.77
C ARG A 305 -7.11 -14.40 -20.08
N GLN A 306 -7.52 -15.23 -19.11
CA GLN A 306 -6.60 -16.17 -18.46
C GLN A 306 -6.11 -17.25 -19.41
N ILE A 307 -6.86 -17.53 -20.48
CA ILE A 307 -6.48 -18.56 -21.45
C ILE A 307 -5.24 -18.13 -22.24
N LEU A 308 -4.98 -16.81 -22.34
CA LEU A 308 -3.83 -16.35 -23.10
C LEU A 308 -2.50 -16.72 -22.45
N ASP A 309 -2.50 -17.00 -21.15
CA ASP A 309 -1.28 -17.47 -20.49
C ASP A 309 -1.09 -18.97 -20.56
N GLN A 310 -1.98 -19.72 -21.21
CA GLN A 310 -1.81 -21.15 -21.27
C GLN A 310 -0.78 -21.53 -22.33
N THR A 311 -0.11 -22.67 -22.09
CA THR A 311 1.13 -23.00 -22.80
C THR A 311 1.04 -23.27 -24.30
N PRO A 312 -0.09 -23.60 -24.93
CA PRO A 312 -0.06 -23.49 -26.40
C PRO A 312 -0.28 -22.05 -26.87
N VAL A 313 -1.12 -21.31 -26.15
CA VAL A 313 -1.61 -20.03 -26.65
C VAL A 313 -0.61 -18.93 -26.38
N LYS A 314 0.13 -19.05 -25.29
CA LYS A 314 1.10 -18.01 -24.90
C LYS A 314 2.29 -17.99 -25.84
N GLU A 315 2.85 -19.17 -26.15
CA GLU A 315 3.97 -19.23 -27.08
C GLU A 315 3.54 -18.94 -28.51
N LEU A 316 2.27 -19.20 -28.85
CA LEU A 316 1.80 -18.95 -30.20
C LEU A 316 1.76 -17.46 -30.50
N VAL A 317 1.17 -16.69 -29.58
CA VAL A 317 0.88 -15.32 -29.92
C VAL A 317 2.05 -14.42 -29.56
N SER A 318 2.96 -14.90 -28.72
CA SER A 318 4.17 -14.12 -28.46
C SER A 318 5.17 -14.26 -29.60
N LEU A 319 5.13 -15.38 -30.32
CA LEU A 319 6.06 -15.57 -31.43
C LEU A 319 5.58 -14.89 -32.69
N LYS A 320 4.26 -14.81 -32.90
CA LYS A 320 3.79 -14.09 -34.07
C LYS A 320 3.77 -12.60 -33.83
N TRP A 321 3.88 -12.17 -32.58
CA TRP A 321 4.08 -10.75 -32.33
C TRP A 321 5.53 -10.36 -32.56
N LYS A 322 6.47 -11.15 -32.07
CA LYS A 322 7.89 -10.81 -32.17
C LYS A 322 8.39 -10.98 -33.60
N ARG A 323 7.85 -11.92 -34.34
CA ARG A 323 8.33 -12.11 -35.71
C ARG A 323 7.63 -11.18 -36.68
N TYR A 324 6.32 -11.12 -36.64
CA TYR A 324 5.64 -10.41 -37.71
C TYR A 324 4.70 -9.33 -37.22
N GLY A 325 4.19 -9.44 -36.00
CA GLY A 325 3.19 -8.49 -35.54
C GLY A 325 3.81 -7.15 -35.17
N ARG A 326 4.91 -7.17 -34.44
CA ARG A 326 5.54 -5.92 -34.02
C ARG A 326 6.24 -5.14 -35.14
N PRO A 327 6.94 -5.76 -36.12
CA PRO A 327 7.43 -4.93 -37.24
C PRO A 327 6.34 -4.34 -38.11
N TYR A 328 5.23 -5.03 -38.32
CA TYR A 328 4.17 -4.47 -39.16
C TYR A 328 3.32 -3.47 -38.38
N PHE A 329 3.57 -3.34 -37.08
CA PHE A 329 2.86 -2.37 -36.27
C PHE A 329 3.67 -1.10 -36.11
N CYS A 330 4.99 -1.23 -36.02
CA CYS A 330 5.86 -0.05 -35.95
C CYS A 330 6.02 0.59 -37.30
N MET A 331 6.02 -0.21 -38.37
CA MET A 331 5.97 0.33 -39.72
C MET A 331 4.66 1.04 -39.99
N LEU A 332 3.59 0.58 -39.36
CA LEU A 332 2.28 1.19 -39.58
C LEU A 332 2.11 2.41 -38.71
N GLY A 333 2.94 2.54 -37.68
CA GLY A 333 2.92 3.74 -36.86
C GLY A 333 3.83 4.82 -37.41
N ALA A 334 4.89 4.42 -38.12
CA ALA A 334 5.76 5.41 -38.75
C ALA A 334 5.07 6.06 -39.94
N ILE A 335 4.19 5.33 -40.60
CA ILE A 335 3.39 5.91 -41.68
C ILE A 335 2.37 6.87 -41.12
N TYR A 336 1.75 6.52 -39.99
CA TYR A 336 0.75 7.40 -39.40
C TYR A 336 1.39 8.63 -38.80
N LEU A 337 2.65 8.53 -38.38
CA LEU A 337 3.35 9.69 -37.84
C LEU A 337 3.72 10.66 -38.96
N LEU A 338 4.19 10.15 -40.11
CA LEU A 338 4.49 11.03 -41.23
C LEU A 338 3.24 11.61 -41.84
N TYR A 339 2.12 10.89 -41.76
CA TYR A 339 0.87 11.40 -42.28
C TYR A 339 0.31 12.51 -41.40
N ILE A 340 0.53 12.42 -40.09
CA ILE A 340 -0.09 13.40 -39.21
C ILE A 340 0.80 14.63 -39.13
N ILE A 341 2.08 14.51 -39.48
CA ILE A 341 2.91 15.69 -39.65
C ILE A 341 2.56 16.41 -40.95
N CYS A 342 2.17 15.64 -41.96
CA CYS A 342 1.75 16.22 -43.23
C CYS A 342 0.43 16.94 -43.10
N PHE A 343 -0.49 16.42 -42.28
CA PHE A 343 -1.73 17.14 -42.03
C PHE A 343 -1.50 18.36 -41.17
N THR A 344 -0.54 18.28 -40.24
CA THR A 344 -0.27 19.39 -39.33
C THR A 344 0.26 20.59 -40.09
N MET A 345 1.22 20.36 -41.00
CA MET A 345 1.78 21.44 -41.81
C MET A 345 0.76 22.03 -42.77
N CYS A 346 -0.26 21.27 -43.16
CA CYS A 346 -1.27 21.82 -44.04
C CYS A 346 -2.25 22.70 -43.28
N CYS A 347 -2.23 22.63 -41.96
CA CYS A 347 -3.06 23.51 -41.15
C CYS A 347 -2.27 24.70 -40.65
N ILE A 348 -0.96 24.54 -40.46
CA ILE A 348 -0.10 25.66 -40.09
C ILE A 348 -0.03 26.67 -41.23
N TYR A 349 0.03 26.18 -42.46
CA TYR A 349 0.15 27.01 -43.65
C TYR A 349 -1.19 27.24 -44.34
N ARG A 350 -2.30 27.19 -43.58
CA ARG A 350 -3.61 27.36 -44.17
C ARG A 350 -3.78 28.79 -44.71
N PRO A 351 -4.54 28.99 -45.78
CA PRO A 351 -4.54 30.27 -46.49
C PRO A 351 -5.30 31.33 -45.73
N LEU A 352 -4.65 32.45 -45.44
CA LEU A 352 -5.23 33.51 -44.64
C LEU A 352 -4.91 34.86 -45.27
N LYS A 353 -5.86 35.77 -45.24
CA LYS A 353 -5.70 37.10 -45.80
C LYS A 353 -6.14 38.12 -44.75
N PRO A 354 -5.62 39.35 -44.81
CA PRO A 354 -6.10 40.39 -43.90
C PRO A 354 -7.58 40.69 -44.11
N ARG A 355 -8.25 41.03 -43.01
CA ARG A 355 -9.69 41.21 -43.03
C ARG A 355 -10.06 42.42 -43.88
N THR A 356 -11.31 42.43 -44.34
CA THR A 356 -11.74 43.50 -45.24
C THR A 356 -12.41 44.63 -44.47
N ASN A 357 -13.48 44.32 -43.76
CA ASN A 357 -14.26 45.34 -43.06
C ASN A 357 -13.54 45.85 -41.82
N ASN A 358 -14.09 46.90 -41.24
CA ASN A 358 -13.58 47.42 -39.98
C ASN A 358 -14.20 46.67 -38.81
N ARG A 359 -13.62 46.86 -37.64
CA ARG A 359 -14.03 46.14 -36.44
C ARG A 359 -15.41 46.58 -35.97
N THR A 360 -16.22 45.60 -35.58
CA THR A 360 -17.59 45.89 -35.18
C THR A 360 -17.64 46.56 -33.82
N SER A 361 -16.66 46.28 -32.97
CA SER A 361 -16.62 46.73 -31.59
C SER A 361 -15.18 46.64 -31.13
N PRO A 362 -14.81 47.35 -30.06
CA PRO A 362 -13.42 47.23 -29.58
C PRO A 362 -13.09 45.90 -28.91
N ARG A 363 -14.08 45.01 -28.71
CA ARG A 363 -13.80 43.65 -28.31
C ARG A 363 -13.50 42.73 -29.48
N ASP A 364 -13.50 43.25 -30.70
CA ASP A 364 -13.17 42.42 -31.85
C ASP A 364 -11.66 42.30 -31.95
N ASN A 365 -11.16 41.07 -31.84
CA ASN A 365 -9.73 40.81 -31.80
C ASN A 365 -9.17 40.42 -33.15
N THR A 366 -10.02 40.17 -34.14
CA THR A 366 -9.62 39.46 -35.34
C THR A 366 -8.83 40.37 -36.28
N LEU A 367 -7.72 39.86 -36.79
CA LEU A 367 -6.93 40.53 -37.80
C LEU A 367 -7.06 39.91 -39.19
N LEU A 368 -7.00 38.59 -39.28
CA LEU A 368 -6.91 37.91 -40.55
C LEU A 368 -8.21 37.19 -40.81
N GLN A 369 -8.40 36.75 -42.04
CA GLN A 369 -9.52 35.89 -42.37
C GLN A 369 -9.08 34.95 -43.48
N GLN A 370 -9.81 33.86 -43.62
CA GLN A 370 -9.38 32.84 -44.56
C GLN A 370 -9.77 33.24 -45.98
N LYS A 371 -8.93 32.88 -46.92
CA LYS A 371 -9.13 33.23 -48.31
C LYS A 371 -10.26 32.40 -48.91
N LEU A 372 -10.83 32.90 -50.00
CA LEU A 372 -11.73 32.10 -50.82
C LEU A 372 -10.90 31.10 -51.62
N LEU A 373 -11.61 30.19 -52.32
CA LEU A 373 -10.93 29.09 -53.02
C LEU A 373 -10.09 29.61 -54.18
N GLN A 374 -10.53 30.71 -54.80
CA GLN A 374 -9.80 31.28 -55.93
C GLN A 374 -8.47 31.87 -55.49
N GLU A 375 -8.44 32.49 -54.33
CA GLU A 375 -7.24 33.17 -53.86
C GLU A 375 -6.33 32.21 -53.13
N ALA A 376 -6.83 31.01 -52.81
CA ALA A 376 -6.10 30.11 -51.95
C ALA A 376 -4.94 29.44 -52.68
N TYR A 377 -4.99 29.37 -54.00
CA TYR A 377 -3.95 28.72 -54.79
C TYR A 377 -3.53 29.66 -55.91
N MET A 378 -2.64 30.60 -55.59
CA MET A 378 -2.15 31.60 -56.55
C MET A 378 -0.67 31.90 -56.37
N THR A 379 0.09 30.99 -55.75
CA THR A 379 1.52 31.20 -55.53
C THR A 379 2.19 29.83 -55.50
N PRO A 380 3.51 29.72 -55.68
CA PRO A 380 4.13 28.39 -55.62
C PRO A 380 4.19 27.77 -54.23
N LYS A 381 3.99 28.54 -53.17
CA LYS A 381 3.92 27.93 -51.84
C LYS A 381 2.57 27.27 -51.61
N ASP A 382 1.55 27.68 -52.38
CA ASP A 382 0.23 27.11 -52.21
C ASP A 382 0.10 25.79 -52.96
N ASP A 383 1.05 25.48 -53.83
CA ASP A 383 0.97 24.23 -54.58
C ASP A 383 1.68 23.09 -53.86
N ILE A 384 2.72 23.40 -53.08
CA ILE A 384 3.33 22.40 -52.22
C ILE A 384 2.36 22.00 -51.11
N ARG A 385 1.57 22.97 -50.63
CA ARG A 385 0.52 22.65 -49.66
C ARG A 385 -0.57 21.79 -50.27
N LEU A 386 -0.92 22.05 -51.54
CA LEU A 386 -1.97 21.31 -52.22
C LEU A 386 -1.58 19.84 -52.40
N VAL A 387 -0.28 19.56 -52.51
CA VAL A 387 0.20 18.20 -52.49
C VAL A 387 -0.11 17.53 -51.16
N GLY A 388 0.21 18.21 -50.06
CA GLY A 388 -0.02 17.65 -48.74
C GLY A 388 -1.49 17.61 -48.36
N GLU A 389 -2.29 18.52 -48.91
CA GLU A 389 -3.72 18.50 -48.64
C GLU A 389 -4.39 17.32 -49.32
N LEU A 390 -3.96 16.98 -50.54
CA LEU A 390 -4.51 15.81 -51.22
C LEU A 390 -4.05 14.52 -50.55
N VAL A 391 -2.80 14.48 -50.06
CA VAL A 391 -2.31 13.34 -49.28
C VAL A 391 -3.15 13.19 -48.00
N THR A 392 -3.58 14.31 -47.43
CA THR A 392 -4.44 14.27 -46.27
C THR A 392 -5.84 13.76 -46.61
N VAL A 393 -6.39 14.19 -47.74
CA VAL A 393 -7.73 13.76 -48.15
C VAL A 393 -7.74 12.27 -48.48
N ILE A 394 -6.72 11.79 -49.20
CA ILE A 394 -6.63 10.38 -49.56
C ILE A 394 -6.47 9.52 -48.31
N GLY A 395 -5.61 9.94 -47.39
CA GLY A 395 -5.41 9.17 -46.17
C GLY A 395 -6.63 9.16 -45.26
N ALA A 396 -7.50 10.15 -45.39
CA ALA A 396 -8.72 10.15 -44.59
C ALA A 396 -9.79 9.27 -45.23
N ILE A 397 -9.78 9.16 -46.56
CA ILE A 397 -10.71 8.26 -47.24
C ILE A 397 -10.34 6.81 -46.99
N ILE A 398 -9.04 6.50 -47.03
CA ILE A 398 -8.55 5.14 -46.81
C ILE A 398 -8.88 4.67 -45.40
N ILE A 399 -8.87 5.57 -44.41
CA ILE A 399 -9.37 5.26 -43.08
C ILE A 399 -10.85 4.92 -43.13
N LEU A 400 -11.61 5.69 -43.90
CA LEU A 400 -13.04 5.38 -44.01
C LEU A 400 -13.30 4.17 -44.90
N LEU A 401 -12.32 3.77 -45.72
CA LEU A 401 -12.53 2.60 -46.54
C LEU A 401 -12.21 1.31 -45.78
N VAL A 402 -11.47 1.41 -44.68
CA VAL A 402 -11.08 0.19 -44.00
C VAL A 402 -11.74 0.09 -42.63
N GLU A 403 -12.23 1.21 -42.08
CA GLU A 403 -12.98 1.14 -40.84
C GLU A 403 -14.49 1.09 -41.04
N VAL A 404 -15.02 1.93 -41.92
CA VAL A 404 -16.48 2.00 -42.08
C VAL A 404 -17.11 0.76 -42.69
N PRO A 405 -16.56 0.13 -43.77
CA PRO A 405 -17.16 -1.13 -44.21
C PRO A 405 -16.99 -2.28 -43.25
N ASP A 406 -15.82 -2.40 -42.61
CA ASP A 406 -15.52 -3.62 -41.86
C ASP A 406 -16.23 -3.65 -40.51
N ILE A 407 -16.90 -2.56 -40.13
CA ILE A 407 -17.75 -2.63 -38.94
C ILE A 407 -19.20 -2.90 -39.34
N PHE A 408 -19.52 -2.70 -40.62
CA PHE A 408 -20.87 -3.01 -41.09
C PHE A 408 -21.06 -4.51 -41.23
N ARG A 409 -19.98 -5.23 -41.58
CA ARG A 409 -20.04 -6.68 -41.60
C ARG A 409 -20.07 -7.23 -40.17
N MET A 410 -19.58 -6.45 -39.21
CA MET A 410 -19.78 -6.72 -37.81
C MET A 410 -21.11 -6.10 -37.39
N GLY A 411 -21.34 -5.98 -36.09
CA GLY A 411 -22.49 -5.21 -35.64
C GLY A 411 -22.29 -3.75 -35.94
N VAL A 412 -23.36 -3.09 -36.40
CA VAL A 412 -23.25 -1.71 -36.88
C VAL A 412 -22.97 -0.76 -35.72
N THR A 413 -23.75 -0.87 -34.64
CA THR A 413 -23.53 -0.06 -33.45
C THR A 413 -23.26 -0.91 -32.21
N ARG A 414 -23.89 -2.08 -32.09
CA ARG A 414 -23.79 -2.85 -30.86
C ARG A 414 -22.45 -3.56 -30.75
N PHE A 415 -22.14 -4.46 -31.69
CA PHE A 415 -20.87 -5.16 -31.66
C PHE A 415 -19.72 -4.24 -32.02
N PHE A 416 -20.02 -3.17 -32.78
CA PHE A 416 -19.08 -2.07 -32.89
C PHE A 416 -18.84 -1.43 -31.53
N GLY A 417 -19.93 -1.15 -30.80
CA GLY A 417 -19.80 -0.51 -29.49
C GLY A 417 -19.17 -1.42 -28.45
N GLN A 418 -19.30 -2.73 -28.65
CA GLN A 418 -18.57 -3.67 -27.79
C GLN A 418 -17.09 -3.68 -28.11
N THR A 419 -16.72 -3.24 -29.32
CA THR A 419 -15.32 -3.04 -29.64
C THR A 419 -14.86 -1.64 -29.27
N ILE A 420 -15.76 -0.80 -28.76
CA ILE A 420 -15.34 0.51 -28.26
C ILE A 420 -14.90 0.39 -26.81
N LEU A 421 -15.59 -0.47 -26.04
CA LEU A 421 -15.13 -0.77 -24.68
C LEU A 421 -13.84 -1.59 -24.72
N GLY A 422 -13.62 -2.31 -25.82
CA GLY A 422 -12.31 -2.90 -26.05
C GLY A 422 -11.31 -1.88 -26.57
N GLY A 423 -11.67 -1.12 -27.61
CA GLY A 423 -10.82 -0.08 -28.13
C GLY A 423 -11.52 1.22 -28.47
N PRO A 424 -11.17 2.29 -27.77
CA PRO A 424 -11.72 3.62 -28.11
C PRO A 424 -11.13 4.24 -29.35
N PHE A 425 -10.03 3.70 -29.88
CA PHE A 425 -9.38 4.32 -31.03
C PHE A 425 -10.07 3.97 -32.34
N HIS A 426 -11.10 3.13 -32.30
CA HIS A 426 -12.00 3.00 -33.44
C HIS A 426 -12.78 4.29 -33.68
N VAL A 427 -13.38 4.84 -32.62
CA VAL A 427 -14.14 6.08 -32.74
C VAL A 427 -13.22 7.23 -33.11
N LEU A 428 -12.03 7.27 -32.52
CA LEU A 428 -11.17 8.45 -32.62
C LEU A 428 -10.56 8.61 -34.00
N ILE A 429 -10.35 7.52 -34.74
CA ILE A 429 -9.73 7.70 -36.05
C ILE A 429 -10.79 7.76 -37.14
N ILE A 430 -11.99 7.29 -36.85
CA ILE A 430 -13.12 7.55 -37.76
C ILE A 430 -13.55 9.01 -37.63
N THR A 431 -13.55 9.54 -36.41
CA THR A 431 -13.94 10.93 -36.18
C THR A 431 -12.89 11.88 -36.73
N TYR A 432 -11.62 11.48 -36.68
CA TYR A 432 -10.56 12.23 -37.35
C TYR A 432 -10.81 12.33 -38.84
N ALA A 433 -11.10 11.21 -39.49
CA ALA A 433 -11.23 11.19 -40.94
C ALA A 433 -12.48 11.91 -41.41
N PHE A 434 -13.50 11.96 -40.56
CA PHE A 434 -14.68 12.76 -40.87
C PHE A 434 -14.38 14.24 -40.76
N MET A 435 -13.63 14.66 -39.74
CA MET A 435 -13.30 16.08 -39.56
C MET A 435 -12.40 16.60 -40.68
N VAL A 436 -11.65 15.70 -41.30
CA VAL A 436 -10.81 16.11 -42.42
C VAL A 436 -11.66 16.34 -43.66
N LEU A 437 -12.61 15.45 -43.92
CA LEU A 437 -13.43 15.59 -45.12
C LEU A 437 -14.47 16.69 -44.95
N VAL A 438 -14.82 17.04 -43.72
CA VAL A 438 -15.61 18.24 -43.47
C VAL A 438 -14.80 19.48 -43.82
N THR A 439 -13.51 19.48 -43.46
CA THR A 439 -12.62 20.58 -43.82
C THR A 439 -12.44 20.66 -45.34
N MET A 440 -12.50 19.53 -46.02
CA MET A 440 -12.46 19.53 -47.47
C MET A 440 -13.72 20.17 -48.06
N VAL A 441 -14.90 19.77 -47.56
CA VAL A 441 -16.17 20.28 -48.06
C VAL A 441 -16.30 21.77 -47.75
N MET A 442 -15.82 22.19 -46.58
CA MET A 442 -15.82 23.62 -46.26
C MET A 442 -14.82 24.38 -47.12
N ARG A 443 -13.79 23.70 -47.60
CA ARG A 443 -12.84 24.38 -48.48
C ARG A 443 -13.40 24.51 -49.88
N LEU A 444 -14.25 23.56 -50.30
CA LEU A 444 -14.85 23.59 -51.62
C LEU A 444 -15.91 24.68 -51.75
N ILE A 445 -16.84 24.73 -50.80
CA ILE A 445 -17.94 25.68 -50.88
C ILE A 445 -17.55 26.99 -50.22
N SER A 446 -16.29 27.09 -49.78
CA SER A 446 -15.69 28.31 -49.23
C SER A 446 -16.46 28.85 -48.03
N ALA A 447 -16.65 27.98 -47.04
CA ALA A 447 -17.41 28.33 -45.84
C ALA A 447 -16.47 28.88 -44.78
N SER A 448 -16.94 29.90 -44.07
CA SER A 448 -16.17 30.46 -42.97
C SER A 448 -16.18 29.51 -41.78
N GLY A 449 -15.07 29.50 -41.04
CA GLY A 449 -14.96 28.67 -39.86
C GLY A 449 -14.29 27.34 -40.07
N GLU A 450 -13.24 27.26 -40.90
CA GLU A 450 -12.53 26.01 -41.08
C GLU A 450 -11.65 25.66 -39.90
N VAL A 451 -11.47 26.58 -38.95
CA VAL A 451 -10.64 26.30 -37.80
C VAL A 451 -11.33 25.33 -36.87
N VAL A 452 -12.66 25.23 -36.93
CA VAL A 452 -13.37 24.32 -36.05
C VAL A 452 -13.13 22.84 -36.42
N PRO A 453 -13.32 22.39 -37.66
CA PRO A 453 -12.98 20.97 -37.93
C PRO A 453 -11.50 20.71 -37.98
N MET A 454 -10.67 21.72 -38.25
CA MET A 454 -9.23 21.52 -38.17
C MET A 454 -8.78 21.29 -36.73
N SER A 455 -9.30 22.07 -35.78
CA SER A 455 -8.82 21.97 -34.40
C SER A 455 -9.24 20.67 -33.75
N PHE A 456 -10.44 20.16 -34.09
CA PHE A 456 -10.80 18.82 -33.66
C PHE A 456 -9.89 17.78 -34.28
N ALA A 457 -9.44 18.01 -35.51
CA ALA A 457 -8.68 16.97 -36.20
C ALA A 457 -7.21 16.98 -35.82
N LEU A 458 -6.66 18.16 -35.50
CA LEU A 458 -5.30 18.22 -34.97
C LEU A 458 -5.20 17.52 -33.63
N VAL A 459 -6.22 17.71 -32.79
CA VAL A 459 -6.21 17.10 -31.47
C VAL A 459 -6.45 15.60 -31.58
N LEU A 460 -7.47 15.20 -32.34
CA LEU A 460 -7.78 13.77 -32.51
C LEU A 460 -6.68 13.05 -33.27
N GLY A 461 -6.12 13.69 -34.29
CA GLY A 461 -5.13 13.03 -35.11
C GLY A 461 -3.81 12.84 -34.39
N TRP A 462 -3.46 13.77 -33.50
CA TRP A 462 -2.25 13.59 -32.73
C TRP A 462 -2.46 12.67 -31.55
N CYS A 463 -3.64 12.71 -30.93
CA CYS A 463 -3.87 11.83 -29.80
C CYS A 463 -4.15 10.40 -30.23
N ASN A 464 -4.24 10.14 -31.54
CA ASN A 464 -4.27 8.77 -32.03
C ASN A 464 -2.89 8.16 -32.12
N VAL A 465 -1.82 8.95 -31.93
CA VAL A 465 -0.49 8.38 -31.93
C VAL A 465 -0.28 7.48 -30.71
N MET A 466 -0.98 7.76 -29.61
CA MET A 466 -0.86 6.85 -28.47
C MET A 466 -1.69 5.59 -28.60
N TYR A 467 -2.34 5.34 -29.75
CA TYR A 467 -2.69 3.97 -30.11
C TYR A 467 -1.44 3.13 -30.28
N PHE A 468 -0.38 3.72 -30.84
CA PHE A 468 0.83 2.98 -31.12
C PHE A 468 1.76 2.90 -29.94
N ALA A 469 1.30 3.26 -28.75
CA ALA A 469 2.09 3.05 -27.56
C ALA A 469 2.03 1.61 -27.09
N ARG A 470 1.08 0.83 -27.58
CA ARG A 470 0.91 -0.54 -27.13
C ARG A 470 1.94 -1.47 -27.73
N GLY A 471 2.54 -1.09 -28.85
CA GLY A 471 3.54 -1.92 -29.47
C GLY A 471 4.88 -1.82 -28.77
N PHE A 472 5.03 -0.80 -27.94
CA PHE A 472 6.27 -0.59 -27.21
C PHE A 472 6.05 -1.01 -25.76
N GLN A 473 6.94 -1.88 -25.27
CA GLN A 473 6.77 -2.48 -23.96
C GLN A 473 6.92 -1.45 -22.84
N MET A 474 7.55 -0.31 -23.14
CA MET A 474 7.73 0.72 -22.13
C MET A 474 6.43 1.50 -21.93
N LEU A 475 5.77 1.88 -23.03
CA LEU A 475 4.62 2.76 -23.00
C LEU A 475 3.29 2.02 -22.88
N GLY A 476 3.26 0.74 -23.26
CA GLY A 476 2.04 -0.03 -23.37
C GLY A 476 1.19 -0.19 -22.12
N PRO A 477 1.77 -0.74 -21.04
CA PRO A 477 1.01 -0.81 -19.79
C PRO A 477 0.66 0.53 -19.17
N PHE A 478 1.45 1.57 -19.45
CA PHE A 478 1.14 2.91 -18.98
C PHE A 478 -0.12 3.44 -19.64
N THR A 479 -0.36 3.07 -20.89
CA THR A 479 -1.38 3.75 -21.68
C THR A 479 -2.76 3.15 -21.43
N ILE A 480 -2.84 1.91 -20.97
CA ILE A 480 -4.12 1.33 -20.60
C ILE A 480 -4.65 1.98 -19.32
N MET A 481 -3.74 2.39 -18.44
CA MET A 481 -4.13 3.04 -17.21
C MET A 481 -4.77 4.41 -17.48
N ILE A 482 -4.46 5.01 -18.63
CA ILE A 482 -5.23 6.15 -19.13
C ILE A 482 -6.68 5.77 -19.36
N GLN A 483 -6.90 4.62 -20.01
CA GLN A 483 -8.25 4.21 -20.38
C GLN A 483 -9.08 3.82 -19.17
N LYS A 484 -8.45 3.24 -18.16
CA LYS A 484 -9.17 2.86 -16.95
C LYS A 484 -9.60 4.10 -16.19
N MET A 485 -8.82 5.17 -16.24
CA MET A 485 -9.09 6.30 -15.39
C MET A 485 -9.98 7.33 -16.09
N ILE A 486 -9.93 7.40 -17.43
CA ILE A 486 -10.93 8.25 -18.08
C ILE A 486 -12.31 7.58 -18.02
N PHE A 487 -12.37 6.27 -18.27
CA PHE A 487 -13.68 5.61 -18.24
C PHE A 487 -14.13 5.40 -16.81
N GLY A 488 -13.20 5.46 -15.86
CA GLY A 488 -13.51 5.35 -14.46
C GLY A 488 -13.40 6.67 -13.73
N ASP A 489 -12.34 6.85 -12.95
CA ASP A 489 -12.32 7.80 -11.84
C ASP A 489 -12.41 9.25 -12.31
N LEU A 490 -11.97 9.55 -13.54
CA LEU A 490 -12.05 10.93 -13.99
C LEU A 490 -13.48 11.29 -14.37
N MET A 491 -14.29 10.29 -14.73
CA MET A 491 -15.72 10.58 -14.93
C MET A 491 -16.44 10.79 -13.60
N ARG A 492 -16.07 10.05 -12.56
CA ARG A 492 -16.70 10.24 -11.25
C ARG A 492 -16.38 11.63 -10.72
N PHE A 493 -15.19 12.12 -11.03
CA PHE A 493 -14.78 13.44 -10.58
C PHE A 493 -15.51 14.53 -11.34
N CYS A 494 -15.74 14.32 -12.65
CA CYS A 494 -16.23 15.40 -13.50
C CYS A 494 -17.72 15.63 -13.34
N TRP A 495 -18.47 14.62 -12.89
CA TRP A 495 -19.87 14.88 -12.57
C TRP A 495 -19.98 15.71 -11.30
N LEU A 496 -19.13 15.43 -10.32
CA LEU A 496 -19.15 16.20 -9.09
C LEU A 496 -18.41 17.51 -9.23
N MET A 497 -17.51 17.62 -10.20
CA MET A 497 -16.89 18.89 -10.51
C MET A 497 -17.89 19.85 -11.13
N ALA A 498 -18.72 19.37 -12.04
CA ALA A 498 -19.63 20.24 -12.78
C ALA A 498 -20.76 20.75 -11.90
N VAL A 499 -21.07 20.01 -10.85
CA VAL A 499 -22.06 20.44 -9.87
C VAL A 499 -21.50 21.58 -9.02
N VAL A 500 -20.23 21.46 -8.60
CA VAL A 500 -19.59 22.49 -7.79
C VAL A 500 -19.34 23.73 -8.62
N ILE A 501 -19.00 23.55 -9.91
CA ILE A 501 -18.78 24.68 -10.81
C ILE A 501 -20.08 25.45 -11.03
N LEU A 502 -21.19 24.74 -11.24
CA LEU A 502 -22.46 25.41 -11.50
C LEU A 502 -22.97 26.18 -10.29
N GLY A 503 -22.58 25.77 -9.09
CA GLY A 503 -22.98 26.54 -7.92
C GLY A 503 -22.11 27.75 -7.71
N PHE A 504 -20.81 27.61 -7.93
CA PHE A 504 -19.91 28.70 -7.63
C PHE A 504 -19.79 29.69 -8.78
N ALA A 505 -19.97 29.23 -10.02
CA ALA A 505 -20.00 30.19 -11.13
C ALA A 505 -21.25 31.05 -11.08
N SER A 506 -22.34 30.51 -10.56
CA SER A 506 -23.54 31.29 -10.40
C SER A 506 -23.41 32.27 -9.24
N ALA A 507 -22.74 31.86 -8.17
CA ALA A 507 -22.49 32.77 -7.07
C ALA A 507 -21.49 33.86 -7.47
N PHE A 508 -20.42 33.48 -8.18
CA PHE A 508 -19.44 34.46 -8.62
C PHE A 508 -20.00 35.40 -9.66
N TYR A 509 -20.98 34.94 -10.45
CA TYR A 509 -21.61 35.81 -11.43
C TYR A 509 -22.40 36.91 -10.75
N ILE A 510 -23.19 36.57 -9.73
CA ILE A 510 -24.08 37.55 -9.14
C ILE A 510 -23.35 38.45 -8.17
N ILE A 511 -22.21 37.99 -7.63
CA ILE A 511 -21.41 38.83 -6.77
C ILE A 511 -20.75 39.94 -7.57
N PHE A 512 -20.32 39.64 -8.79
CA PHE A 512 -19.76 40.65 -9.67
C PHE A 512 -20.75 41.16 -10.68
N GLN A 513 -22.03 40.97 -10.45
CA GLN A 513 -23.03 41.40 -11.43
C GLN A 513 -23.26 42.89 -11.33
N THR A 514 -23.01 43.45 -10.15
CA THR A 514 -23.16 44.88 -9.93
C THR A 514 -21.85 45.61 -10.17
N GLU A 515 -20.75 44.89 -10.29
CA GLU A 515 -19.45 45.54 -10.25
C GLU A 515 -19.01 45.94 -11.65
N ASP A 516 -17.97 46.73 -11.70
CA ASP A 516 -17.45 47.15 -13.00
C ASP A 516 -16.56 46.06 -13.57
N PRO A 517 -16.78 45.65 -14.82
CA PRO A 517 -15.99 44.53 -15.36
C PRO A 517 -14.63 44.94 -15.91
N GLU A 518 -14.33 46.24 -15.99
CA GLU A 518 -13.05 46.64 -16.55
C GLU A 518 -11.91 46.42 -15.55
N GLU A 519 -12.23 46.23 -14.27
CA GLU A 519 -11.19 45.88 -13.32
C GLU A 519 -11.05 44.36 -13.18
N LEU A 520 -12.16 43.65 -13.08
CA LEU A 520 -12.13 42.21 -12.82
C LEU A 520 -13.17 41.57 -13.72
N GLY A 521 -12.76 41.14 -14.91
CA GLY A 521 -13.68 40.65 -15.90
C GLY A 521 -13.84 39.15 -15.96
N HIS A 522 -13.46 38.42 -14.92
CA HIS A 522 -13.51 36.96 -14.93
C HIS A 522 -14.93 36.44 -15.07
N PHE A 523 -15.89 37.18 -14.54
CA PHE A 523 -17.27 36.72 -14.46
C PHE A 523 -18.19 37.73 -15.12
N TYR A 524 -17.84 38.22 -16.31
CA TYR A 524 -18.56 39.38 -16.84
C TYR A 524 -19.91 38.98 -17.44
N ASP A 525 -19.95 37.88 -18.17
CA ASP A 525 -21.22 37.25 -18.51
C ASP A 525 -21.21 35.84 -17.97
N TYR A 526 -22.32 35.14 -18.14
CA TYR A 526 -22.44 33.81 -17.56
C TYR A 526 -21.62 32.72 -18.25
N PRO A 527 -21.44 32.68 -19.59
CA PRO A 527 -20.52 31.65 -20.12
C PRO A 527 -19.06 31.87 -19.76
N MET A 528 -18.63 33.11 -19.54
CA MET A 528 -17.24 33.30 -19.12
C MET A 528 -17.08 33.04 -17.62
N ALA A 529 -18.10 33.38 -16.83
CA ALA A 529 -18.08 33.05 -15.40
C ALA A 529 -18.04 31.55 -15.18
N LEU A 530 -18.67 30.81 -16.09
CA LEU A 530 -18.70 29.38 -16.00
C LEU A 530 -17.35 28.79 -16.39
N PHE A 531 -16.68 29.43 -17.32
CA PHE A 531 -15.37 28.96 -17.79
C PHE A 531 -14.25 29.42 -16.86
N SER A 532 -14.41 30.59 -16.24
CA SER A 532 -13.42 31.03 -15.27
C SER A 532 -13.44 30.16 -14.03
N THR A 533 -14.63 29.72 -13.60
CA THR A 533 -14.74 28.90 -12.41
C THR A 533 -14.18 27.51 -12.65
N PHE A 534 -14.31 27.01 -13.88
CA PHE A 534 -13.65 25.77 -14.28
C PHE A 534 -12.14 25.91 -14.23
N GLU A 535 -11.62 27.05 -14.65
CA GLU A 535 -10.18 27.28 -14.60
C GLU A 535 -9.70 27.57 -13.19
N LEU A 536 -10.54 28.18 -12.36
CA LEU A 536 -10.19 28.39 -10.96
C LEU A 536 -10.27 27.10 -10.19
N PHE A 537 -11.13 26.18 -10.62
CA PHE A 537 -11.24 24.89 -9.95
C PHE A 537 -9.96 24.09 -10.13
N LEU A 538 -9.46 24.03 -11.36
CA LEU A 538 -8.25 23.30 -11.69
C LEU A 538 -6.98 24.11 -11.39
N THR A 539 -7.14 25.32 -10.86
CA THR A 539 -6.06 26.25 -10.50
C THR A 539 -5.16 26.57 -11.68
N ILE A 540 -5.72 26.65 -12.87
CA ILE A 540 -4.93 26.96 -14.05
C ILE A 540 -5.02 28.42 -14.44
N ILE A 541 -5.83 29.21 -13.74
CA ILE A 541 -5.71 30.66 -13.74
C ILE A 541 -5.65 31.12 -12.30
N ASP A 542 -5.09 32.31 -12.09
CA ASP A 542 -4.97 32.83 -10.74
C ASP A 542 -6.31 33.30 -10.22
N GLY A 543 -6.39 33.40 -8.90
CA GLY A 543 -7.52 34.01 -8.25
C GLY A 543 -7.69 35.46 -8.66
N PRO A 544 -8.93 35.84 -8.98
CA PRO A 544 -9.23 37.24 -9.28
C PRO A 544 -8.89 38.17 -8.14
N ALA A 545 -8.10 39.19 -8.44
CA ALA A 545 -7.67 40.16 -7.44
C ALA A 545 -7.36 41.46 -8.15
N ASN A 546 -7.66 42.58 -7.48
CA ASN A 546 -7.21 43.85 -8.02
C ASN A 546 -6.28 44.58 -7.06
N TYR A 547 -6.71 44.76 -5.82
CA TYR A 547 -6.11 45.44 -4.67
C TYR A 547 -6.13 46.94 -4.83
N ASN A 548 -6.47 47.48 -5.99
CA ASN A 548 -6.64 48.90 -6.17
C ASN A 548 -8.06 49.35 -5.95
N VAL A 549 -8.99 48.41 -5.87
CA VAL A 549 -10.39 48.71 -5.81
C VAL A 549 -10.97 47.83 -4.72
N ASP A 550 -12.15 48.17 -4.24
CA ASP A 550 -12.82 47.33 -3.25
C ASP A 550 -13.64 46.27 -3.96
N LEU A 551 -13.37 45.03 -3.65
CA LEU A 551 -14.17 43.91 -4.10
C LEU A 551 -15.31 43.69 -3.14
N PRO A 552 -16.38 43.00 -3.56
CA PRO A 552 -17.44 42.65 -2.61
C PRO A 552 -16.91 41.74 -1.51
N PHE A 553 -17.46 41.89 -0.30
CA PHE A 553 -17.03 41.03 0.80
C PHE A 553 -17.55 39.62 0.60
N MET A 554 -18.58 39.47 -0.21
CA MET A 554 -19.15 38.16 -0.45
C MET A 554 -18.24 37.34 -1.36
N TYR A 555 -17.35 38.01 -2.10
CA TYR A 555 -16.41 37.33 -2.97
C TYR A 555 -15.38 36.54 -2.18
N SER A 556 -14.81 37.15 -1.14
CA SER A 556 -13.76 36.49 -0.39
C SER A 556 -14.29 35.32 0.42
N ILE A 557 -15.52 35.45 0.94
CA ILE A 557 -16.16 34.37 1.66
C ILE A 557 -16.45 33.20 0.72
N THR A 558 -16.91 33.50 -0.50
CA THR A 558 -17.27 32.46 -1.43
C THR A 558 -16.04 31.80 -2.03
N TYR A 559 -15.02 32.58 -2.33
CA TYR A 559 -13.84 32.02 -2.98
C TYR A 559 -12.99 31.25 -1.98
N ALA A 560 -13.13 31.55 -0.70
CA ALA A 560 -12.48 30.72 0.31
C ALA A 560 -13.16 29.37 0.42
N ALA A 561 -14.49 29.36 0.39
CA ALA A 561 -15.22 28.10 0.42
C ALA A 561 -15.03 27.32 -0.87
N PHE A 562 -14.92 28.03 -2.00
CA PHE A 562 -14.62 27.39 -3.27
C PHE A 562 -13.26 26.73 -3.26
N ALA A 563 -12.29 27.36 -2.60
CA ALA A 563 -10.93 26.84 -2.59
C ALA A 563 -10.80 25.62 -1.68
N ILE A 564 -11.63 25.54 -0.64
CA ILE A 564 -11.58 24.38 0.24
C ILE A 564 -12.25 23.18 -0.43
N ILE A 565 -13.38 23.41 -1.10
CA ILE A 565 -14.12 22.32 -1.75
C ILE A 565 -13.35 21.78 -2.95
N ALA A 566 -12.64 22.65 -3.66
CA ALA A 566 -11.80 22.18 -4.76
C ALA A 566 -10.60 21.41 -4.25
N THR A 567 -10.00 21.84 -3.13
CA THR A 567 -8.87 21.12 -2.54
C THR A 567 -9.34 19.79 -1.95
N LEU A 568 -10.57 19.75 -1.46
CA LEU A 568 -11.19 18.50 -1.07
C LEU A 568 -11.36 17.56 -2.27
N LEU A 569 -11.98 18.04 -3.34
CA LEU A 569 -12.28 17.17 -4.48
C LEU A 569 -11.03 16.73 -5.23
N MET A 570 -10.08 17.64 -5.44
CA MET A 570 -8.91 17.30 -6.25
C MET A 570 -7.92 16.44 -5.46
N LEU A 571 -8.14 16.30 -4.16
CA LEU A 571 -7.39 15.33 -3.39
C LEU A 571 -8.22 14.07 -3.15
N ASN A 572 -9.54 14.17 -3.26
CA ASN A 572 -10.38 12.98 -3.24
C ASN A 572 -10.17 12.15 -4.50
N LEU A 573 -10.04 12.81 -5.65
CA LEU A 573 -9.71 12.13 -6.89
C LEU A 573 -8.37 11.42 -6.78
N LEU A 574 -7.38 12.10 -6.19
CA LEU A 574 -6.03 11.56 -6.11
C LEU A 574 -5.96 10.36 -5.18
N ILE A 575 -6.87 10.28 -4.21
CA ILE A 575 -7.02 9.06 -3.42
C ILE A 575 -7.77 8.00 -4.21
N ALA A 576 -8.86 8.40 -4.88
CA ALA A 576 -9.65 7.43 -5.64
C ALA A 576 -8.87 6.86 -6.81
N MET A 577 -8.02 7.67 -7.45
CA MET A 577 -7.21 7.17 -8.56
C MET A 577 -6.11 6.24 -8.05
N MET A 578 -5.85 6.27 -6.76
CA MET A 578 -4.75 5.53 -6.17
C MET A 578 -5.09 4.10 -5.81
N GLY A 579 -6.02 3.91 -4.86
CA GLY A 579 -6.31 2.59 -4.36
C GLY A 579 -7.04 1.71 -5.35
N ASP A 580 -7.59 2.31 -6.41
CA ASP A 580 -8.16 1.52 -7.48
C ASP A 580 -7.08 1.03 -8.45
N THR A 581 -5.87 1.59 -8.34
CA THR A 581 -4.83 1.33 -9.33
C THR A 581 -3.48 0.93 -8.74
N HIS A 582 -3.44 0.28 -7.57
CA HIS A 582 -2.17 -0.25 -7.09
C HIS A 582 -2.28 -1.73 -6.79
N TRP A 583 -3.31 -2.19 -6.09
CA TRP A 583 -3.46 -3.63 -5.90
C TRP A 583 -4.74 -4.13 -6.58
N ARG A 584 -5.39 -3.26 -7.35
CA ARG A 584 -6.64 -3.66 -7.97
C ARG A 584 -6.48 -3.88 -9.47
N VAL A 585 -5.81 -2.98 -10.17
CA VAL A 585 -5.69 -3.15 -11.61
C VAL A 585 -4.24 -3.14 -12.08
N ALA A 586 -3.28 -3.18 -11.15
CA ALA A 586 -1.88 -3.15 -11.56
C ALA A 586 -1.43 -4.51 -12.09
N HIS A 587 -2.00 -5.58 -11.55
CA HIS A 587 -1.79 -6.90 -12.14
C HIS A 587 -2.70 -7.11 -13.34
N GLU A 588 -3.75 -6.31 -13.43
CA GLU A 588 -4.69 -6.40 -14.54
C GLU A 588 -4.24 -5.57 -15.73
N ARG A 589 -3.50 -4.47 -15.50
CA ARG A 589 -3.07 -3.63 -16.60
C ARG A 589 -1.99 -4.32 -17.43
N ASP A 590 -1.20 -5.20 -16.80
CA ASP A 590 -0.20 -5.92 -17.58
C ASP A 590 -0.83 -7.11 -18.29
N GLU A 591 -1.88 -7.68 -17.70
CA GLU A 591 -2.62 -8.73 -18.40
C GLU A 591 -3.45 -8.14 -19.54
N LEU A 592 -3.91 -6.90 -19.37
CA LEU A 592 -4.65 -6.27 -20.44
C LEU A 592 -3.71 -5.71 -21.49
N TRP A 593 -2.44 -5.53 -21.16
CA TRP A 593 -1.50 -5.15 -22.20
C TRP A 593 -1.15 -6.33 -23.08
N ARG A 594 -1.02 -7.50 -22.48
CA ARG A 594 -0.81 -8.71 -23.27
C ARG A 594 -2.05 -9.07 -24.06
N ALA A 595 -3.23 -8.70 -23.55
CA ALA A 595 -4.46 -8.93 -24.31
C ALA A 595 -4.59 -7.94 -25.46
N GLN A 596 -3.98 -6.76 -25.36
CA GLN A 596 -4.00 -5.85 -26.49
C GLN A 596 -3.02 -6.25 -27.57
N ILE A 597 -1.91 -6.89 -27.19
CA ILE A 597 -0.99 -7.48 -28.15
C ILE A 597 -1.71 -8.53 -28.99
N VAL A 598 -2.54 -9.35 -28.34
CA VAL A 598 -3.28 -10.38 -29.05
C VAL A 598 -4.36 -9.76 -29.93
N ALA A 599 -5.03 -8.72 -29.42
CA ALA A 599 -6.07 -8.06 -30.21
C ALA A 599 -5.47 -7.29 -31.39
N THR A 600 -4.26 -6.76 -31.21
CA THR A 600 -3.58 -6.10 -32.33
C THR A 600 -3.11 -7.12 -33.34
N THR A 601 -2.62 -8.27 -32.88
CA THR A 601 -2.05 -9.26 -33.79
C THR A 601 -3.13 -9.97 -34.58
N VAL A 602 -4.27 -10.26 -33.95
CA VAL A 602 -5.40 -10.86 -34.65
C VAL A 602 -5.94 -9.89 -35.70
N MET A 603 -5.90 -8.59 -35.39
CA MET A 603 -6.38 -7.60 -36.35
C MET A 603 -5.40 -7.46 -37.51
N LEU A 604 -4.10 -7.45 -37.25
CA LEU A 604 -3.12 -7.28 -38.32
C LEU A 604 -3.02 -8.52 -39.18
N GLU A 605 -3.25 -9.70 -38.61
CA GLU A 605 -3.24 -10.90 -39.43
C GLU A 605 -4.48 -10.96 -40.32
N ARG A 606 -5.57 -10.35 -39.88
CA ARG A 606 -6.83 -10.46 -40.60
C ARG A 606 -6.85 -9.58 -41.85
N LYS A 607 -6.21 -8.42 -41.80
CA LYS A 607 -6.29 -7.47 -42.90
C LYS A 607 -5.04 -7.44 -43.77
N LEU A 608 -4.01 -8.20 -43.44
CA LEU A 608 -2.84 -8.33 -44.28
C LEU A 608 -2.86 -9.67 -45.02
N PRO A 609 -2.34 -9.74 -46.24
CA PRO A 609 -2.41 -10.99 -47.00
C PRO A 609 -1.37 -11.99 -46.51
N ARG A 610 -1.53 -13.23 -47.00
CA ARG A 610 -0.75 -14.36 -46.50
C ARG A 610 0.71 -14.28 -46.95
N CYS A 611 1.00 -13.53 -48.01
CA CYS A 611 2.39 -13.31 -48.39
C CYS A 611 3.10 -12.42 -47.37
N LEU A 612 2.38 -11.46 -46.78
CA LEU A 612 2.98 -10.64 -45.75
C LEU A 612 3.07 -11.38 -44.42
N TRP A 613 2.11 -12.27 -44.16
CA TRP A 613 1.97 -12.97 -42.89
C TRP A 613 2.16 -14.47 -43.11
N PRO A 614 3.35 -15.00 -42.89
CA PRO A 614 3.52 -16.45 -42.93
C PRO A 614 2.79 -17.10 -41.77
N ARG A 615 2.07 -18.17 -42.08
CA ARG A 615 1.21 -18.82 -41.11
C ARG A 615 2.03 -19.46 -40.00
N SER A 616 1.56 -19.32 -38.77
CA SER A 616 2.32 -19.76 -37.61
C SER A 616 2.27 -21.28 -37.45
N GLY A 617 3.37 -21.83 -36.98
CA GLY A 617 3.49 -23.26 -36.88
C GLY A 617 4.29 -23.87 -38.01
N ILE A 618 4.25 -25.20 -38.06
CA ILE A 618 4.85 -25.96 -39.15
C ILE A 618 3.79 -26.90 -39.69
N CYS A 619 3.50 -26.81 -40.98
CA CYS A 619 2.52 -27.70 -41.59
C CYS A 619 3.03 -29.13 -41.61
N GLY A 620 2.12 -30.07 -41.59
CA GLY A 620 2.44 -31.46 -41.80
C GLY A 620 2.60 -31.77 -43.29
N ARG A 621 2.28 -33.02 -43.64
CA ARG A 621 2.19 -33.60 -44.99
C ARG A 621 3.57 -33.79 -45.63
N GLU A 622 4.59 -33.20 -45.05
CA GLU A 622 5.97 -33.55 -45.32
C GLU A 622 6.68 -34.00 -44.07
N TYR A 623 5.93 -34.35 -43.03
CA TYR A 623 6.46 -34.95 -41.81
C TYR A 623 5.56 -36.06 -41.28
N GLY A 624 4.58 -36.50 -42.06
CA GLY A 624 3.72 -37.59 -41.67
C GLY A 624 2.65 -37.23 -40.67
N LEU A 625 2.37 -35.94 -40.47
CA LEU A 625 1.47 -35.50 -39.43
C LEU A 625 0.09 -35.11 -39.96
N GLY A 626 -0.07 -34.99 -41.27
CA GLY A 626 -1.36 -34.65 -41.83
C GLY A 626 -1.36 -33.29 -42.51
N ASP A 627 -2.52 -32.67 -42.53
CA ASP A 627 -2.67 -31.30 -43.01
C ASP A 627 -2.81 -30.29 -41.88
N ARG A 628 -2.39 -30.65 -40.67
CA ARG A 628 -2.49 -29.74 -39.55
C ARG A 628 -1.17 -29.00 -39.34
N TRP A 629 -1.24 -27.85 -38.67
CA TRP A 629 -0.10 -26.98 -38.46
C TRP A 629 0.32 -27.04 -37.00
N PHE A 630 1.59 -27.32 -36.74
CA PHE A 630 2.02 -27.69 -35.39
C PHE A 630 3.02 -26.68 -34.83
N LEU A 631 2.88 -26.41 -33.53
CA LEU A 631 3.80 -25.57 -32.79
C LEU A 631 4.63 -26.42 -31.85
N ARG A 632 5.94 -26.47 -32.08
CA ARG A 632 6.84 -27.21 -31.20
C ARG A 632 7.30 -26.33 -30.05
N VAL A 633 7.12 -26.81 -28.83
CA VAL A 633 7.54 -26.12 -27.62
C VAL A 633 8.47 -27.04 -26.86
N GLU A 634 9.71 -26.61 -26.66
CA GLU A 634 10.69 -27.36 -25.89
C GLU A 634 10.73 -26.80 -24.48
N ASP A 635 10.75 -27.68 -23.49
CA ASP A 635 10.48 -27.31 -22.11
C ASP A 635 11.42 -28.06 -21.20
N ARG A 636 11.73 -27.47 -20.06
CA ARG A 636 12.57 -28.10 -19.06
C ARG A 636 11.75 -28.35 -17.80
N GLN A 637 11.87 -29.56 -17.24
CA GLN A 637 10.89 -30.02 -16.27
C GLN A 637 11.23 -29.60 -14.85
N ASP A 638 12.48 -29.18 -14.61
CA ASP A 638 12.98 -28.71 -13.30
C ASP A 638 12.82 -29.73 -12.19
N GLU B 27 14.19 -16.57 -34.03
CA GLU B 27 13.22 -16.47 -35.12
C GLU B 27 13.52 -17.47 -36.22
N SER B 28 14.47 -17.14 -37.08
CA SER B 28 14.76 -17.98 -38.23
C SER B 28 15.48 -19.25 -37.82
N TRP B 29 16.42 -19.15 -36.88
CA TRP B 29 17.15 -20.33 -36.45
C TRP B 29 16.31 -21.22 -35.54
N ALA B 30 15.41 -20.61 -34.76
CA ALA B 30 14.48 -21.38 -33.96
C ALA B 30 13.44 -22.06 -34.83
N GLN B 31 13.13 -21.46 -35.98
CA GLN B 31 12.33 -22.14 -36.99
C GLN B 31 13.09 -23.32 -37.59
N SER B 32 14.39 -23.17 -37.79
CA SER B 32 15.16 -24.24 -38.41
C SER B 32 15.38 -25.39 -37.44
N ARG B 33 15.44 -25.10 -36.14
CA ARG B 33 15.53 -26.17 -35.16
C ARG B 33 14.24 -26.97 -35.12
N ASP B 34 13.10 -26.28 -35.25
CA ASP B 34 11.80 -26.95 -35.20
C ASP B 34 11.60 -27.89 -36.38
N GLU B 35 12.11 -27.50 -37.56
CA GLU B 35 11.95 -28.35 -38.73
C GLU B 35 12.84 -29.58 -38.65
N GLN B 36 14.01 -29.46 -38.03
CA GLN B 36 14.89 -30.62 -37.91
C GLN B 36 14.36 -31.61 -36.88
N ASN B 37 13.69 -31.12 -35.84
CA ASN B 37 13.12 -32.01 -34.85
C ASN B 37 11.89 -32.74 -35.39
N LEU B 38 11.13 -32.10 -36.28
CA LEU B 38 10.07 -32.81 -36.98
C LEU B 38 10.64 -33.73 -38.05
N LEU B 39 11.79 -33.36 -38.63
CA LEU B 39 12.39 -34.22 -39.64
C LEU B 39 13.00 -35.45 -39.00
N GLN B 40 13.39 -35.36 -37.73
CA GLN B 40 13.87 -36.52 -37.00
C GLN B 40 12.77 -37.56 -36.85
N GLN B 41 11.56 -37.11 -36.51
CA GLN B 41 10.47 -38.04 -36.23
C GLN B 41 9.92 -38.65 -37.50
N LYS B 42 10.06 -37.95 -38.63
CA LYS B 42 9.66 -38.52 -39.91
C LYS B 42 10.61 -39.64 -40.33
N ARG B 43 11.92 -39.41 -40.16
CA ARG B 43 12.90 -40.40 -40.59
C ARG B 43 12.89 -41.63 -39.69
N ILE B 44 12.44 -41.48 -38.45
CA ILE B 44 12.25 -42.65 -37.60
C ILE B 44 11.11 -43.52 -38.12
N TRP B 45 10.01 -42.89 -38.53
CA TRP B 45 8.83 -43.65 -38.93
C TRP B 45 9.02 -44.34 -40.28
N GLU B 46 9.74 -43.70 -41.19
CA GLU B 46 9.95 -44.30 -42.51
C GLU B 46 11.22 -45.12 -42.58
N SER B 47 11.82 -45.47 -41.44
CA SER B 47 12.93 -46.41 -41.40
C SER B 47 12.52 -47.56 -40.48
N PRO B 48 12.50 -48.80 -40.97
CA PRO B 48 12.05 -49.91 -40.12
C PRO B 48 13.05 -50.29 -39.04
N LEU B 49 14.31 -49.85 -39.19
CA LEU B 49 15.28 -50.05 -38.11
C LEU B 49 15.06 -49.04 -36.99
N LEU B 50 14.95 -47.76 -37.35
CA LEU B 50 14.83 -46.71 -36.34
C LEU B 50 13.47 -46.76 -35.64
N LEU B 51 12.43 -47.14 -36.37
CA LEU B 51 11.10 -47.25 -35.77
C LEU B 51 11.04 -48.37 -34.75
N ALA B 52 11.80 -49.44 -34.99
CA ALA B 52 11.79 -50.58 -34.09
C ALA B 52 12.47 -50.24 -32.76
N ALA B 53 13.45 -49.34 -32.79
CA ALA B 53 14.17 -49.00 -31.57
C ALA B 53 13.40 -47.95 -30.77
N LYS B 54 12.48 -47.23 -31.40
CA LYS B 54 11.74 -46.19 -30.69
C LYS B 54 10.72 -46.81 -29.73
N ASP B 55 10.03 -47.85 -30.16
CA ASP B 55 8.98 -48.46 -29.35
C ASP B 55 9.33 -49.87 -28.88
N ASN B 56 10.62 -50.19 -28.83
CA ASN B 56 11.18 -51.32 -28.06
C ASN B 56 10.71 -52.67 -28.62
N ASP B 57 10.47 -52.71 -29.92
CA ASP B 57 10.04 -53.95 -30.59
C ASP B 57 11.27 -54.76 -30.92
N VAL B 58 11.72 -55.58 -29.96
CA VAL B 58 12.98 -56.30 -30.13
C VAL B 58 12.81 -57.44 -31.13
N GLN B 59 11.58 -57.93 -31.30
CA GLN B 59 11.30 -58.94 -32.31
C GLN B 59 11.36 -58.34 -33.70
N ALA B 60 11.11 -57.03 -33.80
CA ALA B 60 11.35 -56.35 -35.07
C ALA B 60 12.84 -56.09 -35.27
N LEU B 61 13.60 -55.99 -34.17
CA LEU B 61 15.06 -55.87 -34.28
C LEU B 61 15.69 -57.17 -34.76
N ASN B 62 15.05 -58.30 -34.50
CA ASN B 62 15.64 -59.57 -34.93
C ASN B 62 15.50 -59.76 -36.43
N LYS B 63 14.34 -59.44 -36.99
CA LYS B 63 14.03 -59.86 -38.35
C LYS B 63 14.74 -58.99 -39.38
N LEU B 64 15.02 -57.73 -39.05
CA LEU B 64 15.83 -56.91 -39.95
C LEU B 64 17.29 -57.34 -39.94
N LEU B 65 17.72 -58.01 -38.88
CA LEU B 65 19.08 -58.56 -38.86
C LEU B 65 19.12 -59.97 -39.42
N LYS B 66 17.98 -60.67 -39.39
CA LYS B 66 17.90 -61.99 -40.04
C LYS B 66 18.01 -61.85 -41.55
N TYR B 67 17.54 -60.73 -42.09
CA TYR B 67 17.53 -60.51 -43.53
C TYR B 67 18.95 -60.33 -44.05
N GLU B 68 19.70 -59.42 -43.44
CA GLU B 68 21.06 -59.12 -43.88
C GLU B 68 21.71 -58.37 -42.73
N ASP B 69 23.04 -58.25 -42.74
CA ASP B 69 23.69 -57.36 -41.77
C ASP B 69 23.71 -55.93 -42.32
N CYS B 70 22.53 -55.33 -42.41
CA CYS B 70 22.13 -54.20 -43.26
C CYS B 70 22.69 -52.89 -42.71
N LYS B 71 22.19 -51.75 -43.17
CA LYS B 71 22.68 -50.45 -42.75
C LYS B 71 22.26 -50.22 -41.29
N VAL B 72 23.13 -50.68 -40.39
CA VAL B 72 23.17 -50.14 -39.04
C VAL B 72 23.79 -48.75 -39.07
N HIS B 73 24.48 -48.41 -40.16
CA HIS B 73 25.00 -47.07 -40.45
C HIS B 73 23.93 -46.30 -41.22
N GLN B 74 22.72 -46.28 -40.67
CA GLN B 74 21.67 -45.36 -41.08
C GLN B 74 21.78 -44.09 -40.25
N ARG B 75 21.94 -42.96 -40.93
CA ARG B 75 21.97 -41.65 -40.29
C ARG B 75 20.62 -41.00 -40.45
N GLY B 76 20.02 -40.58 -39.35
CA GLY B 76 18.75 -39.89 -39.35
C GLY B 76 18.90 -38.44 -39.72
N ALA B 77 17.99 -37.62 -39.19
CA ALA B 77 18.04 -36.20 -39.50
C ALA B 77 19.16 -35.51 -38.74
N MET B 78 19.25 -35.76 -37.45
CA MET B 78 20.35 -35.25 -36.64
C MET B 78 21.52 -36.22 -36.54
N GLY B 79 21.74 -37.05 -37.56
CA GLY B 79 22.83 -38.00 -37.49
C GLY B 79 22.62 -39.11 -36.49
N GLU B 80 21.36 -39.45 -36.21
CA GLU B 80 21.04 -40.52 -35.28
C GLU B 80 21.47 -41.85 -35.86
N THR B 81 21.91 -42.76 -35.00
CA THR B 81 21.89 -44.17 -35.32
C THR B 81 20.78 -44.82 -34.50
N ALA B 82 20.56 -46.10 -34.71
CA ALA B 82 19.48 -46.79 -34.01
C ALA B 82 19.82 -46.98 -32.53
N LEU B 83 21.10 -46.97 -32.18
CA LEU B 83 21.48 -47.01 -30.78
C LEU B 83 21.24 -45.66 -30.12
N HIS B 84 21.41 -44.57 -30.87
CA HIS B 84 21.02 -43.25 -30.39
C HIS B 84 19.52 -43.15 -30.19
N ILE B 85 18.73 -43.81 -31.04
CA ILE B 85 17.29 -43.80 -30.87
C ILE B 85 16.89 -44.63 -29.66
N ALA B 86 17.55 -45.76 -29.44
CA ALA B 86 17.20 -46.62 -28.32
C ALA B 86 17.62 -45.99 -26.99
N ALA B 87 18.67 -45.18 -27.02
CA ALA B 87 19.09 -44.49 -25.80
C ALA B 87 18.18 -43.32 -25.49
N LEU B 88 17.65 -42.67 -26.52
CA LEU B 88 16.82 -41.48 -26.30
C LEU B 88 15.45 -41.85 -25.75
N TYR B 89 14.90 -43.00 -26.15
CA TYR B 89 13.57 -43.40 -25.74
C TYR B 89 13.59 -44.43 -24.61
N ASP B 90 14.74 -44.61 -23.96
CA ASP B 90 14.93 -45.48 -22.77
C ASP B 90 14.52 -46.92 -23.04
N ASN B 91 15.06 -47.48 -24.10
CA ASN B 91 14.73 -48.84 -24.50
C ASN B 91 15.99 -49.69 -24.29
N LEU B 92 15.99 -50.43 -23.18
CA LEU B 92 17.14 -51.26 -22.81
C LEU B 92 17.31 -52.43 -23.77
N GLU B 93 16.24 -53.22 -23.94
CA GLU B 93 16.36 -54.47 -24.70
C GLU B 93 16.50 -54.19 -26.18
N ALA B 94 15.98 -53.05 -26.65
CA ALA B 94 16.20 -52.65 -28.03
C ALA B 94 17.64 -52.23 -28.26
N ALA B 95 18.28 -51.67 -27.22
CA ALA B 95 19.65 -51.19 -27.36
C ALA B 95 20.65 -52.32 -27.35
N MET B 96 20.29 -53.46 -26.74
CA MET B 96 21.19 -54.58 -26.66
C MET B 96 21.40 -55.21 -28.03
N VAL B 97 20.31 -55.35 -28.80
CA VAL B 97 20.36 -56.02 -30.09
C VAL B 97 21.22 -55.25 -31.08
N LEU B 98 21.25 -53.93 -30.95
CA LEU B 98 22.18 -53.13 -31.76
C LEU B 98 23.62 -53.36 -31.34
N MET B 99 23.87 -53.69 -30.07
CA MET B 99 25.25 -53.74 -29.59
C MET B 99 25.92 -55.06 -29.90
N GLU B 100 25.21 -56.19 -29.80
CA GLU B 100 25.82 -57.46 -30.18
C GLU B 100 25.95 -57.57 -31.71
N ALA B 101 24.99 -57.02 -32.45
CA ALA B 101 25.04 -57.13 -33.90
C ALA B 101 26.06 -56.17 -34.51
N ALA B 102 26.22 -54.99 -33.91
CA ALA B 102 27.21 -54.02 -34.35
C ALA B 102 27.77 -53.26 -33.16
N PRO B 103 28.88 -53.71 -32.58
CA PRO B 103 29.46 -52.99 -31.43
C PRO B 103 30.04 -51.63 -31.79
N GLU B 104 30.34 -51.39 -33.07
CA GLU B 104 30.99 -50.15 -33.47
C GLU B 104 30.06 -48.94 -33.40
N LEU B 105 28.77 -49.14 -33.11
CA LEU B 105 27.86 -48.00 -33.01
C LEU B 105 27.95 -47.31 -31.65
N VAL B 106 28.77 -47.84 -30.74
CA VAL B 106 29.02 -47.11 -29.50
C VAL B 106 30.16 -46.12 -29.68
N PHE B 107 30.86 -46.21 -30.80
CA PHE B 107 31.98 -45.31 -31.08
C PHE B 107 31.57 -44.23 -32.06
N GLU B 108 30.26 -44.04 -32.24
CA GLU B 108 29.79 -43.13 -33.26
C GLU B 108 29.06 -41.95 -32.63
N PRO B 109 29.43 -40.73 -32.97
CA PRO B 109 28.66 -39.58 -32.50
C PRO B 109 27.61 -39.15 -33.51
N MET B 110 26.69 -38.29 -33.09
CA MET B 110 25.79 -37.64 -34.03
C MET B 110 26.58 -36.62 -34.84
N THR B 111 26.24 -36.50 -36.12
CA THR B 111 27.05 -35.76 -37.07
C THR B 111 26.48 -34.40 -37.44
N SER B 112 25.24 -34.10 -37.06
CA SER B 112 24.63 -32.84 -37.41
C SER B 112 25.21 -31.70 -36.58
N GLU B 113 24.96 -30.47 -37.03
CA GLU B 113 25.51 -29.30 -36.35
C GLU B 113 24.82 -29.07 -35.00
N LEU B 114 23.60 -29.57 -34.85
CA LEU B 114 22.82 -29.27 -33.65
C LEU B 114 23.24 -30.14 -32.48
N TYR B 115 23.56 -31.40 -32.72
CA TYR B 115 23.95 -32.34 -31.67
C TYR B 115 25.27 -33.03 -32.00
N GLU B 116 26.24 -32.27 -32.49
CA GLU B 116 27.53 -32.80 -32.86
C GLU B 116 28.28 -33.38 -31.66
N GLY B 117 28.90 -34.52 -31.87
CA GLY B 117 29.72 -35.13 -30.84
C GLY B 117 28.98 -36.00 -29.85
N GLN B 118 27.66 -35.90 -29.80
CA GLN B 118 26.89 -36.64 -28.81
C GLN B 118 26.86 -38.11 -29.17
N THR B 119 27.40 -38.95 -28.30
CA THR B 119 27.32 -40.38 -28.45
C THR B 119 26.16 -40.90 -27.64
N ALA B 120 25.94 -42.22 -27.71
CA ALA B 120 24.89 -42.83 -26.90
C ALA B 120 25.28 -42.89 -25.43
N LEU B 121 26.56 -42.68 -25.13
CA LEU B 121 26.99 -42.58 -23.75
C LEU B 121 26.45 -41.31 -23.10
N HIS B 122 26.45 -40.19 -23.84
CA HIS B 122 25.88 -38.94 -23.36
C HIS B 122 24.39 -39.09 -23.07
N ILE B 123 23.69 -39.86 -23.89
CA ILE B 123 22.24 -39.94 -23.80
C ILE B 123 21.81 -40.80 -22.62
N ALA B 124 22.50 -41.93 -22.40
CA ALA B 124 22.13 -42.83 -21.33
C ALA B 124 22.40 -42.22 -19.97
N VAL B 125 23.38 -41.33 -19.91
CA VAL B 125 23.71 -40.64 -18.67
C VAL B 125 22.64 -39.60 -18.34
N VAL B 126 22.21 -38.82 -19.34
CA VAL B 126 21.22 -37.77 -19.13
C VAL B 126 19.86 -38.38 -18.78
N ASN B 127 19.54 -39.54 -19.36
CA ASN B 127 18.32 -40.23 -19.02
C ASN B 127 18.40 -40.98 -17.69
N GLN B 128 19.60 -41.05 -17.10
CA GLN B 128 19.90 -41.84 -15.89
C GLN B 128 19.53 -43.31 -16.09
N ASN B 129 19.79 -43.83 -17.28
CA ASN B 129 19.58 -45.24 -17.58
C ASN B 129 20.89 -45.95 -17.23
N MET B 130 20.91 -46.52 -16.03
CA MET B 130 22.18 -47.01 -15.49
C MET B 130 22.49 -48.41 -16.01
N ASN B 131 21.45 -49.20 -16.31
CA ASN B 131 21.66 -50.50 -16.93
C ASN B 131 22.21 -50.35 -18.35
N LEU B 132 21.85 -49.26 -19.02
CA LEU B 132 22.38 -49.03 -20.36
C LEU B 132 23.80 -48.49 -20.32
N VAL B 133 24.12 -47.66 -19.33
CA VAL B 133 25.43 -47.03 -19.31
C VAL B 133 26.48 -47.99 -18.76
N ARG B 134 26.07 -48.96 -17.94
CA ARG B 134 26.97 -50.05 -17.58
C ARG B 134 27.26 -50.95 -18.78
N ALA B 135 26.26 -51.12 -19.65
CA ALA B 135 26.45 -51.93 -20.85
C ALA B 135 27.34 -51.22 -21.84
N LEU B 136 27.30 -49.89 -21.86
CA LEU B 136 28.15 -49.14 -22.77
C LEU B 136 29.59 -49.13 -22.28
N LEU B 137 29.79 -49.01 -20.97
CA LEU B 137 31.15 -49.01 -20.43
C LEU B 137 31.77 -50.40 -20.49
N ALA B 138 30.93 -51.43 -20.59
CA ALA B 138 31.46 -52.77 -20.81
C ALA B 138 32.02 -52.91 -22.22
N ARG B 139 31.60 -52.05 -23.13
CA ARG B 139 32.04 -52.07 -24.52
C ARG B 139 32.97 -50.94 -24.87
N ARG B 140 33.77 -50.49 -23.89
CA ARG B 140 34.72 -49.37 -23.95
C ARG B 140 34.17 -48.14 -24.69
N ALA B 141 33.05 -47.62 -24.19
CA ALA B 141 32.53 -46.36 -24.68
C ALA B 141 33.42 -45.21 -24.23
N SER B 142 33.70 -44.29 -25.15
CA SER B 142 34.64 -43.21 -24.88
C SER B 142 34.08 -42.22 -23.89
N VAL B 143 34.66 -42.19 -22.69
CA VAL B 143 34.23 -41.26 -21.64
C VAL B 143 34.82 -39.88 -21.81
N SER B 144 35.63 -39.65 -22.84
CA SER B 144 36.18 -38.34 -23.14
C SER B 144 35.58 -37.74 -24.41
N ALA B 145 34.39 -38.20 -24.81
CA ALA B 145 33.79 -37.69 -26.04
C ALA B 145 33.16 -36.33 -25.81
N ARG B 146 33.42 -35.41 -26.72
CA ARG B 146 33.01 -34.02 -26.60
C ARG B 146 31.75 -33.77 -27.42
N ALA B 147 30.63 -33.59 -26.74
CA ALA B 147 29.39 -33.18 -27.41
C ALA B 147 29.49 -31.70 -27.75
N THR B 148 30.02 -31.39 -28.93
CA THR B 148 30.25 -30.02 -29.35
C THR B 148 29.15 -29.47 -30.26
N GLY B 149 27.91 -29.91 -30.07
CA GLY B 149 26.83 -29.42 -30.90
C GLY B 149 26.24 -28.13 -30.39
N THR B 150 25.48 -27.46 -31.26
CA THR B 150 24.96 -26.13 -30.99
C THR B 150 23.92 -26.15 -29.89
N ALA B 151 23.23 -27.29 -29.73
CA ALA B 151 22.26 -27.42 -28.64
C ALA B 151 22.92 -27.71 -27.31
N PHE B 152 24.24 -27.77 -27.26
CA PHE B 152 24.91 -27.96 -25.98
C PHE B 152 25.69 -26.75 -25.52
N ARG B 153 25.70 -25.67 -26.29
CA ARG B 153 26.39 -24.46 -25.88
C ARG B 153 25.58 -23.73 -24.81
N ARG B 154 26.28 -22.89 -24.06
CA ARG B 154 25.61 -22.02 -23.08
C ARG B 154 25.05 -20.83 -23.84
N SER B 155 23.74 -20.85 -24.08
CA SER B 155 23.06 -19.88 -24.92
C SER B 155 21.76 -19.49 -24.25
N PRO B 156 21.20 -18.33 -24.61
CA PRO B 156 19.82 -18.05 -24.17
C PRO B 156 18.78 -18.93 -24.83
N CYS B 157 19.12 -19.58 -25.93
CA CYS B 157 18.20 -20.41 -26.70
C CYS B 157 18.40 -21.91 -26.49
N ASN B 158 19.13 -22.31 -25.44
CA ASN B 158 19.22 -23.70 -25.02
C ASN B 158 18.80 -23.79 -23.57
N LEU B 159 17.94 -24.75 -23.25
CA LEU B 159 17.38 -24.79 -21.91
C LEU B 159 18.33 -25.48 -20.94
N ILE B 160 19.29 -26.23 -21.45
CA ILE B 160 20.31 -26.89 -20.65
C ILE B 160 21.66 -26.34 -21.04
N TYR B 161 22.57 -26.24 -20.08
CA TYR B 161 24.00 -26.18 -20.34
C TYR B 161 24.63 -27.23 -19.44
N PHE B 162 24.87 -28.39 -20.02
CA PHE B 162 25.39 -29.54 -19.29
C PHE B 162 26.88 -29.72 -19.49
N GLY B 163 27.57 -28.76 -20.09
CA GLY B 163 28.96 -28.99 -20.44
C GLY B 163 29.05 -29.74 -21.75
N GLU B 164 30.10 -30.54 -21.96
CA GLU B 164 30.16 -31.37 -23.14
C GLU B 164 30.79 -32.76 -22.93
N HIS B 165 31.13 -33.12 -21.70
CA HIS B 165 31.67 -34.43 -21.39
C HIS B 165 30.65 -35.25 -20.61
N PRO B 166 30.72 -36.60 -20.65
CA PRO B 166 29.73 -37.39 -19.90
C PRO B 166 29.86 -37.28 -18.39
N LEU B 167 31.03 -36.88 -17.87
CA LEU B 167 31.13 -36.49 -16.47
C LEU B 167 30.31 -35.24 -16.19
N SER B 168 30.35 -34.29 -17.10
CA SER B 168 29.60 -33.07 -16.92
C SER B 168 28.11 -33.30 -17.04
N PHE B 169 27.70 -34.30 -17.84
CA PHE B 169 26.28 -34.55 -17.98
C PHE B 169 25.75 -35.30 -16.76
N ALA B 170 26.59 -36.14 -16.16
CA ALA B 170 26.20 -36.87 -14.97
C ALA B 170 26.08 -35.97 -13.77
N ALA B 171 26.93 -34.95 -13.69
CA ALA B 171 26.93 -34.06 -12.54
C ALA B 171 25.71 -33.16 -12.55
N CYS B 172 25.14 -32.90 -13.73
CA CYS B 172 24.04 -31.97 -13.85
C CYS B 172 22.67 -32.61 -13.68
N VAL B 173 22.56 -33.93 -13.87
CA VAL B 173 21.31 -34.64 -13.71
C VAL B 173 21.15 -35.17 -12.29
N ASN B 174 22.09 -34.82 -11.39
CA ASN B 174 22.18 -35.34 -10.02
C ASN B 174 22.20 -36.87 -10.01
N SER B 175 23.23 -37.46 -10.58
CA SER B 175 23.36 -38.91 -10.56
C SER B 175 24.68 -39.23 -9.86
N GLU B 176 24.58 -39.52 -8.56
CA GLU B 176 25.80 -39.77 -7.79
C GLU B 176 26.36 -41.15 -8.07
N GLU B 177 25.55 -42.04 -8.65
CA GLU B 177 26.03 -43.38 -8.97
C GLU B 177 26.79 -43.42 -10.30
N ILE B 178 26.34 -42.63 -11.27
CA ILE B 178 26.97 -42.65 -12.58
C ILE B 178 28.26 -41.85 -12.58
N VAL B 179 28.33 -40.80 -11.75
CA VAL B 179 29.55 -39.99 -11.66
C VAL B 179 30.66 -40.80 -11.01
N ARG B 180 30.31 -41.73 -10.12
CA ARG B 180 31.30 -42.66 -9.60
C ARG B 180 31.68 -43.67 -10.65
N LEU B 181 30.69 -44.14 -11.42
CA LEU B 181 30.89 -45.19 -12.39
C LEU B 181 31.77 -44.74 -13.55
N LEU B 182 31.70 -43.46 -13.90
CA LEU B 182 32.51 -42.95 -15.00
C LEU B 182 33.94 -42.67 -14.55
N ILE B 183 34.11 -42.15 -13.33
CA ILE B 183 35.45 -41.86 -12.82
C ILE B 183 36.21 -43.17 -12.57
N GLU B 184 35.50 -44.23 -12.18
CA GLU B 184 36.15 -45.52 -12.01
C GLU B 184 36.31 -46.26 -13.33
N HIS B 185 35.96 -45.65 -14.46
CA HIS B 185 36.33 -46.16 -15.77
C HIS B 185 37.26 -45.22 -16.52
N GLY B 186 37.69 -44.13 -15.90
CA GLY B 186 38.73 -43.30 -16.46
C GLY B 186 38.31 -41.94 -16.96
N ALA B 187 37.11 -41.47 -16.59
CA ALA B 187 36.68 -40.16 -17.03
C ALA B 187 37.41 -39.08 -16.26
N ASP B 188 37.95 -38.11 -16.99
CA ASP B 188 38.85 -37.10 -16.46
C ASP B 188 38.03 -35.98 -15.83
N ILE B 189 38.39 -35.61 -14.60
CA ILE B 189 37.73 -34.51 -13.93
C ILE B 189 38.40 -33.19 -14.26
N ARG B 190 39.50 -33.23 -15.01
CA ARG B 190 40.18 -32.00 -15.42
C ARG B 190 39.75 -31.50 -16.78
N ALA B 191 38.76 -32.13 -17.41
CA ALA B 191 38.44 -31.79 -18.79
C ALA B 191 37.59 -30.51 -18.84
N GLN B 192 37.99 -29.59 -19.72
CA GLN B 192 37.29 -28.34 -19.91
C GLN B 192 36.48 -28.39 -21.21
N ASP B 193 35.66 -27.36 -21.41
CA ASP B 193 34.80 -27.21 -22.55
C ASP B 193 35.39 -26.20 -23.52
N SER B 194 34.61 -25.80 -24.53
CA SER B 194 35.01 -24.70 -25.38
C SER B 194 35.02 -23.38 -24.61
N LEU B 195 34.16 -23.26 -23.60
CA LEU B 195 34.21 -22.11 -22.70
C LEU B 195 35.30 -22.24 -21.65
N GLY B 196 36.00 -23.38 -21.59
CA GLY B 196 37.00 -23.61 -20.58
C GLY B 196 36.45 -24.03 -19.24
N ASN B 197 35.14 -24.18 -19.14
CA ASN B 197 34.50 -24.56 -17.88
C ASN B 197 34.79 -26.03 -17.57
N THR B 198 35.39 -26.27 -16.41
CA THR B 198 35.50 -27.62 -15.91
C THR B 198 34.16 -27.98 -15.24
N VAL B 199 34.06 -29.21 -14.73
CA VAL B 199 32.77 -29.71 -14.24
C VAL B 199 32.35 -28.98 -12.96
N LEU B 200 33.30 -28.33 -12.28
CA LEU B 200 32.95 -27.58 -11.10
C LEU B 200 32.34 -26.24 -11.47
N HIS B 201 32.79 -25.65 -12.58
CA HIS B 201 32.16 -24.46 -13.13
C HIS B 201 30.73 -24.72 -13.56
N ILE B 202 30.50 -25.88 -14.17
CA ILE B 202 29.21 -26.18 -14.78
C ILE B 202 28.14 -26.37 -13.72
N LEU B 203 28.54 -26.91 -12.56
CA LEU B 203 27.61 -27.13 -11.45
C LEU B 203 27.08 -25.82 -10.87
N ILE B 204 27.85 -24.74 -11.02
CA ILE B 204 27.43 -23.45 -10.48
C ILE B 204 26.37 -22.83 -11.38
N LEU B 205 26.38 -23.19 -12.65
CA LEU B 205 25.44 -22.67 -13.64
C LEU B 205 24.11 -23.43 -13.63
N GLN B 206 23.85 -24.24 -12.62
CA GLN B 206 22.71 -25.15 -12.63
C GLN B 206 21.54 -24.59 -11.83
N PRO B 207 20.31 -24.84 -12.27
CA PRO B 207 19.16 -24.20 -11.60
C PRO B 207 18.83 -24.78 -10.24
N ASN B 208 19.13 -26.05 -9.99
CA ASN B 208 18.91 -26.66 -8.68
C ASN B 208 20.25 -26.55 -7.96
N LYS B 209 20.32 -25.54 -7.09
CA LYS B 209 21.60 -25.13 -6.51
C LYS B 209 21.95 -25.99 -5.31
N THR B 210 20.96 -26.69 -4.76
CA THR B 210 21.21 -27.53 -3.59
C THR B 210 21.79 -28.87 -4.00
N PHE B 211 21.31 -29.44 -5.11
CA PHE B 211 21.93 -30.64 -5.66
C PHE B 211 23.35 -30.35 -6.14
N ALA B 212 23.60 -29.12 -6.56
CA ALA B 212 24.94 -28.75 -7.02
C ALA B 212 25.95 -28.76 -5.89
N CYS B 213 25.52 -28.44 -4.67
CA CYS B 213 26.43 -28.45 -3.54
C CYS B 213 26.84 -29.86 -3.16
N GLN B 214 25.90 -30.81 -3.24
CA GLN B 214 26.25 -32.21 -2.99
C GLN B 214 27.11 -32.77 -4.10
N MET B 215 26.85 -32.36 -5.34
CA MET B 215 27.66 -32.84 -6.45
C MET B 215 28.97 -32.09 -6.53
N TYR B 216 29.06 -30.95 -5.84
CA TYR B 216 30.35 -30.27 -5.75
C TYR B 216 31.32 -31.07 -4.90
N ASN B 217 30.88 -31.50 -3.70
CA ASN B 217 31.76 -32.16 -2.75
C ASN B 217 32.21 -33.51 -3.26
N LEU B 218 31.33 -34.21 -3.99
CA LEU B 218 31.69 -35.51 -4.51
C LEU B 218 32.74 -35.41 -5.60
N LEU B 219 32.60 -34.43 -6.48
CA LEU B 219 33.59 -34.26 -7.54
C LEU B 219 34.87 -33.64 -7.01
N LEU B 220 34.78 -32.93 -5.88
CA LEU B 220 35.97 -32.38 -5.26
C LEU B 220 36.69 -33.45 -4.45
N SER B 221 35.97 -34.52 -4.09
CA SER B 221 36.56 -35.62 -3.32
C SER B 221 37.50 -36.45 -4.19
N TYR B 222 37.22 -36.53 -5.50
CA TYR B 222 38.09 -37.26 -6.40
C TYR B 222 39.32 -36.46 -6.81
N ASP B 223 39.52 -35.27 -6.23
CA ASP B 223 40.78 -34.55 -6.41
C ASP B 223 41.80 -34.97 -5.34
N ARG B 224 42.07 -36.26 -5.25
CA ARG B 224 43.14 -36.78 -4.41
C ARG B 224 44.51 -36.35 -4.92
N HIS B 225 44.62 -36.07 -6.22
CA HIS B 225 45.91 -35.88 -6.87
C HIS B 225 46.56 -34.57 -6.45
N GLY B 226 47.69 -34.69 -5.77
CA GLY B 226 48.50 -33.54 -5.41
C GLY B 226 49.65 -33.37 -6.37
N ASP B 227 49.53 -33.98 -7.55
CA ASP B 227 50.52 -33.88 -8.60
C ASP B 227 49.97 -33.27 -9.88
N HIS B 228 48.75 -32.76 -9.84
CA HIS B 228 48.12 -32.13 -11.00
C HIS B 228 48.21 -30.62 -10.97
N LEU B 229 49.16 -30.09 -10.18
CA LEU B 229 49.73 -28.74 -10.24
C LEU B 229 48.78 -27.65 -9.75
N GLN B 230 47.52 -27.99 -9.56
CA GLN B 230 46.50 -26.99 -9.25
C GLN B 230 45.24 -27.70 -8.82
N PRO B 231 44.60 -27.29 -7.74
CA PRO B 231 43.36 -27.94 -7.33
C PRO B 231 42.21 -27.62 -8.27
N LEU B 232 41.17 -28.47 -8.23
CA LEU B 232 40.05 -28.31 -9.16
C LEU B 232 39.26 -27.06 -8.90
N ASP B 233 39.20 -26.61 -7.64
CA ASP B 233 38.48 -25.38 -7.36
C ASP B 233 39.31 -24.13 -7.66
N LEU B 234 40.51 -24.30 -8.21
CA LEU B 234 41.38 -23.17 -8.51
C LEU B 234 41.72 -23.09 -10.00
N VAL B 235 41.03 -23.83 -10.84
CA VAL B 235 41.30 -23.84 -12.28
C VAL B 235 40.39 -22.81 -12.92
N PRO B 236 40.94 -21.83 -13.63
CA PRO B 236 40.09 -20.82 -14.26
C PRO B 236 39.57 -21.25 -15.61
N ASN B 237 38.46 -20.64 -16.01
CA ASN B 237 37.92 -20.82 -17.34
C ASN B 237 38.58 -19.80 -18.28
N HIS B 238 38.02 -19.63 -19.48
CA HIS B 238 38.68 -18.77 -20.46
C HIS B 238 38.47 -17.30 -20.15
N GLN B 239 37.42 -16.98 -19.39
CA GLN B 239 37.29 -15.64 -18.85
C GLN B 239 38.15 -15.40 -17.62
N GLY B 240 38.86 -16.42 -17.13
CA GLY B 240 39.73 -16.28 -16.00
C GLY B 240 39.05 -16.35 -14.65
N LEU B 241 37.83 -16.85 -14.60
CA LEU B 241 37.07 -17.00 -13.37
C LEU B 241 37.29 -18.40 -12.82
N THR B 242 37.52 -18.50 -11.51
CA THR B 242 37.53 -19.76 -10.81
C THR B 242 36.09 -20.12 -10.46
N PRO B 243 35.81 -21.34 -9.97
CA PRO B 243 34.43 -21.61 -9.52
C PRO B 243 33.94 -20.70 -8.40
N PHE B 244 34.81 -20.28 -7.49
CA PHE B 244 34.42 -19.34 -6.45
C PHE B 244 34.01 -18.00 -7.02
N LYS B 245 34.79 -17.49 -7.97
CA LYS B 245 34.47 -16.20 -8.58
C LYS B 245 33.29 -16.31 -9.52
N LEU B 246 33.07 -17.49 -10.11
CA LEU B 246 31.92 -17.68 -10.99
C LEU B 246 30.62 -17.75 -10.19
N ALA B 247 30.70 -18.22 -8.94
CA ALA B 247 29.53 -18.21 -8.07
C ALA B 247 29.12 -16.79 -7.71
N GLY B 248 30.08 -15.88 -7.63
CA GLY B 248 29.75 -14.49 -7.33
C GLY B 248 29.14 -13.78 -8.52
N VAL B 249 29.63 -14.08 -9.73
CA VAL B 249 29.16 -13.42 -10.94
C VAL B 249 27.74 -13.85 -11.28
N GLU B 250 27.43 -15.12 -11.09
CA GLU B 250 26.10 -15.62 -11.40
C GLU B 250 25.09 -15.35 -10.29
N GLY B 251 25.54 -14.85 -9.15
CA GLY B 251 24.62 -14.62 -8.06
C GLY B 251 24.20 -15.89 -7.36
N ASN B 252 25.00 -16.93 -7.49
CA ASN B 252 24.69 -18.23 -6.92
C ASN B 252 25.06 -18.17 -5.44
N THR B 253 24.11 -17.66 -4.64
CA THR B 253 24.37 -17.39 -3.23
C THR B 253 24.50 -18.68 -2.43
N VAL B 254 23.90 -19.76 -2.93
CA VAL B 254 23.96 -21.04 -2.22
C VAL B 254 25.32 -21.67 -2.41
N MET B 255 25.80 -21.70 -3.65
CA MET B 255 27.16 -22.18 -3.92
C MET B 255 28.22 -21.24 -3.35
N PHE B 256 27.88 -19.96 -3.18
CA PHE B 256 28.85 -19.01 -2.64
C PHE B 256 29.11 -19.26 -1.16
N GLN B 257 28.05 -19.51 -0.39
CA GLN B 257 28.21 -19.78 1.03
C GLN B 257 28.91 -21.10 1.27
N HIS B 258 28.64 -22.09 0.42
CA HIS B 258 29.28 -23.39 0.53
C HIS B 258 30.77 -23.29 0.24
N LEU B 259 31.13 -22.57 -0.82
CA LEU B 259 32.52 -22.42 -1.21
C LEU B 259 33.30 -21.57 -0.21
N MET B 260 32.62 -20.71 0.53
CA MET B 260 33.30 -19.81 1.45
C MET B 260 33.73 -20.55 2.71
N GLN B 261 33.05 -21.66 3.03
CA GLN B 261 33.38 -22.43 4.21
C GLN B 261 34.71 -23.15 4.08
N LYS B 262 35.20 -23.33 2.85
CA LYS B 262 36.57 -23.77 2.66
C LYS B 262 37.56 -22.67 3.01
N ARG B 263 37.13 -21.42 2.95
CA ARG B 263 38.02 -20.30 3.21
C ARG B 263 37.91 -19.76 4.63
N LYS B 264 36.96 -20.24 5.43
CA LYS B 264 36.90 -19.84 6.82
C LYS B 264 37.99 -20.54 7.63
N HIS B 265 38.26 -19.99 8.81
CA HIS B 265 39.09 -20.66 9.80
C HIS B 265 38.69 -20.18 11.19
N THR B 266 38.06 -21.05 11.96
CA THR B 266 37.56 -20.69 13.28
C THR B 266 38.74 -20.65 14.26
N GLN B 267 38.98 -19.48 14.83
CA GLN B 267 40.06 -19.35 15.80
C GLN B 267 39.66 -19.95 17.15
N TRP B 268 38.56 -19.49 17.73
CA TRP B 268 38.13 -20.00 19.02
C TRP B 268 36.61 -19.85 19.14
N THR B 269 36.07 -20.56 20.14
CA THR B 269 34.65 -20.57 20.46
C THR B 269 34.53 -20.35 21.95
N TYR B 270 33.99 -19.20 22.34
CA TYR B 270 33.89 -18.82 23.74
C TYR B 270 32.42 -18.60 24.06
N GLY B 271 31.75 -19.67 24.46
CA GLY B 271 30.34 -19.63 24.75
C GLY B 271 29.56 -19.37 23.48
N PRO B 272 28.81 -18.27 23.45
CA PRO B 272 28.16 -17.87 22.21
C PRO B 272 29.10 -17.20 21.22
N LEU B 273 30.28 -16.80 21.66
CA LEU B 273 31.20 -16.10 20.77
C LEU B 273 31.95 -17.08 19.88
N THR B 274 32.32 -16.61 18.70
CA THR B 274 33.11 -17.38 17.75
C THR B 274 33.92 -16.40 16.91
N SER B 275 35.24 -16.50 16.97
CA SER B 275 36.12 -15.68 16.15
C SER B 275 36.51 -16.46 14.91
N THR B 276 36.09 -15.97 13.75
CA THR B 276 36.30 -16.65 12.48
C THR B 276 37.24 -15.80 11.63
N LEU B 277 38.15 -16.46 10.93
CA LEU B 277 39.17 -15.79 10.14
C LEU B 277 38.97 -16.15 8.68
N TYR B 278 38.79 -15.14 7.83
CA TYR B 278 38.38 -15.31 6.45
C TYR B 278 39.54 -15.07 5.50
N ASP B 279 39.57 -15.82 4.39
CA ASP B 279 40.78 -15.90 3.57
C ASP B 279 40.99 -14.63 2.77
N LEU B 280 39.92 -14.08 2.18
CA LEU B 280 39.89 -12.72 1.62
C LEU B 280 40.87 -12.56 0.44
N THR B 281 41.19 -13.66 -0.23
CA THR B 281 42.21 -13.67 -1.26
C THR B 281 41.66 -13.35 -2.64
N GLU B 282 40.63 -14.09 -3.06
CA GLU B 282 40.00 -13.78 -4.34
C GLU B 282 38.89 -12.75 -4.18
N ILE B 283 38.48 -12.50 -2.95
CA ILE B 283 37.41 -11.54 -2.69
C ILE B 283 37.93 -10.12 -2.78
N ASP B 284 39.06 -9.87 -2.15
CA ASP B 284 39.54 -8.49 -2.01
C ASP B 284 40.22 -8.05 -3.29
N SER B 285 40.04 -6.78 -3.62
CA SER B 285 40.59 -6.17 -4.83
C SER B 285 42.11 -6.02 -4.66
N SER B 286 42.84 -6.97 -5.26
CA SER B 286 44.30 -6.93 -5.19
C SER B 286 44.88 -6.07 -6.31
N GLY B 287 44.11 -5.85 -7.38
CA GLY B 287 44.51 -4.96 -8.44
C GLY B 287 45.25 -5.60 -9.60
N ASP B 288 45.92 -6.72 -9.37
CA ASP B 288 46.61 -7.40 -10.48
C ASP B 288 45.61 -8.06 -11.41
N GLU B 289 44.61 -8.73 -10.85
CA GLU B 289 43.57 -9.39 -11.62
C GLU B 289 42.23 -8.85 -11.14
N GLN B 290 41.23 -8.95 -12.00
CA GLN B 290 39.86 -8.62 -11.64
C GLN B 290 39.39 -9.51 -10.50
N SER B 291 38.86 -8.88 -9.44
CA SER B 291 38.53 -9.56 -8.21
C SER B 291 37.03 -9.72 -8.08
N LEU B 292 36.63 -10.34 -6.97
CA LEU B 292 35.21 -10.65 -6.77
C LEU B 292 34.39 -9.40 -6.54
N LEU B 293 34.98 -8.37 -5.92
CA LEU B 293 34.26 -7.10 -5.79
C LEU B 293 34.12 -6.40 -7.14
N GLU B 294 35.16 -6.48 -7.97
CA GLU B 294 35.10 -5.81 -9.26
C GLU B 294 34.17 -6.52 -10.23
N LEU B 295 34.12 -7.86 -10.18
CA LEU B 295 33.25 -8.62 -11.07
C LEU B 295 31.77 -8.38 -10.78
N ILE B 296 31.40 -8.25 -9.51
CA ILE B 296 29.99 -8.14 -9.15
C ILE B 296 29.45 -6.77 -9.53
N ILE B 297 30.27 -5.74 -9.36
CA ILE B 297 29.85 -4.38 -9.70
C ILE B 297 29.60 -4.22 -11.19
N THR B 298 30.45 -4.83 -12.02
CA THR B 298 30.42 -4.60 -13.46
C THR B 298 29.53 -5.58 -14.21
N THR B 299 28.68 -6.35 -13.51
CA THR B 299 27.96 -7.42 -14.18
C THR B 299 26.48 -7.07 -14.27
N LYS B 300 25.79 -7.75 -15.16
CA LYS B 300 24.39 -7.44 -15.45
C LYS B 300 23.43 -8.31 -14.66
N LYS B 301 23.92 -9.29 -13.92
CA LYS B 301 23.05 -10.11 -13.09
C LYS B 301 22.55 -9.29 -11.92
N ARG B 302 21.25 -9.38 -11.66
CA ARG B 302 20.67 -8.74 -10.49
C ARG B 302 21.02 -9.53 -9.23
N GLU B 303 21.19 -10.84 -9.36
CA GLU B 303 21.39 -11.66 -8.17
C GLU B 303 22.83 -11.63 -7.69
N ALA B 304 23.74 -11.08 -8.48
CA ALA B 304 25.11 -10.91 -8.00
C ALA B 304 25.18 -9.88 -6.88
N ARG B 305 24.25 -8.93 -6.87
CA ARG B 305 24.18 -7.93 -5.83
C ARG B 305 23.81 -8.54 -4.48
N GLN B 306 23.19 -9.73 -4.47
CA GLN B 306 22.91 -10.46 -3.24
C GLN B 306 24.19 -10.93 -2.55
N ILE B 307 25.29 -11.08 -3.30
CA ILE B 307 26.55 -11.54 -2.71
C ILE B 307 27.14 -10.49 -1.79
N LEU B 308 26.78 -9.21 -1.97
CA LEU B 308 27.33 -8.16 -1.12
C LEU B 308 26.85 -8.25 0.31
N ASP B 309 25.73 -8.93 0.57
CA ASP B 309 25.28 -9.14 1.93
C ASP B 309 25.87 -10.38 2.58
N GLN B 310 26.73 -11.13 1.91
CA GLN B 310 27.30 -12.32 2.52
C GLN B 310 28.41 -11.96 3.48
N THR B 311 28.58 -12.81 4.50
CA THR B 311 29.36 -12.44 5.68
C THR B 311 30.86 -12.22 5.51
N PRO B 312 31.58 -12.70 4.48
CA PRO B 312 32.91 -12.10 4.30
C PRO B 312 32.84 -10.76 3.58
N VAL B 313 31.91 -10.62 2.63
CA VAL B 313 31.95 -9.49 1.71
C VAL B 313 31.31 -8.27 2.34
N LYS B 314 30.32 -8.49 3.21
CA LYS B 314 29.60 -7.38 3.83
C LYS B 314 30.48 -6.65 4.83
N GLU B 315 31.17 -7.39 5.69
CA GLU B 315 32.07 -6.77 6.66
C GLU B 315 33.31 -6.18 5.99
N LEU B 316 33.71 -6.73 4.84
CA LEU B 316 34.89 -6.23 4.16
C LEU B 316 34.65 -4.83 3.63
N VAL B 317 33.54 -4.65 2.94
CA VAL B 317 33.37 -3.43 2.17
C VAL B 317 32.72 -2.36 3.03
N SER B 318 32.10 -2.73 4.15
CA SER B 318 31.59 -1.73 5.07
C SER B 318 32.71 -1.15 5.91
N LEU B 319 33.77 -1.92 6.15
CA LEU B 319 34.87 -1.41 6.95
C LEU B 319 35.81 -0.55 6.13
N LYS B 320 35.98 -0.86 4.85
CA LYS B 320 36.84 0.00 4.04
C LYS B 320 36.09 1.24 3.58
N TRP B 321 34.77 1.23 3.69
CA TRP B 321 34.03 2.48 3.46
C TRP B 321 34.12 3.39 4.67
N LYS B 322 33.93 2.84 5.86
CA LYS B 322 33.92 3.66 7.07
C LYS B 322 35.31 4.15 7.44
N ARG B 323 36.34 3.38 7.14
CA ARG B 323 37.68 3.82 7.48
C ARG B 323 38.27 4.72 6.42
N TYR B 324 38.21 4.32 5.17
CA TYR B 324 38.97 5.06 4.17
C TYR B 324 38.13 5.54 3.01
N GLY B 325 37.03 4.87 2.71
CA GLY B 325 36.25 5.22 1.53
C GLY B 325 35.46 6.49 1.73
N ARG B 326 34.78 6.61 2.85
CA ARG B 326 33.94 7.78 3.10
C ARG B 326 34.73 9.07 3.37
N PRO B 327 35.85 9.08 4.12
CA PRO B 327 36.62 10.35 4.18
C PRO B 327 37.24 10.78 2.87
N TYR B 328 37.66 9.87 2.02
CA TYR B 328 38.26 10.28 0.75
C TYR B 328 37.18 10.62 -0.27
N PHE B 329 35.92 10.39 0.07
CA PHE B 329 34.82 10.75 -0.82
C PHE B 329 34.22 12.10 -0.43
N CYS B 330 34.19 12.40 0.87
CA CYS B 330 33.71 13.70 1.31
C CYS B 330 34.77 14.77 1.11
N MET B 331 36.03 14.40 1.22
CA MET B 331 37.12 15.31 0.85
C MET B 331 37.12 15.58 -0.64
N LEU B 332 36.69 14.61 -1.43
CA LEU B 332 36.69 14.77 -2.87
C LEU B 332 35.44 15.51 -3.32
N GLY B 333 34.43 15.56 -2.46
CA GLY B 333 33.25 16.35 -2.76
C GLY B 333 33.38 17.79 -2.32
N ALA B 334 34.19 18.03 -1.27
CA ALA B 334 34.44 19.40 -0.84
C ALA B 334 35.32 20.13 -1.84
N ILE B 335 36.21 19.41 -2.51
CA ILE B 335 37.01 20.00 -3.57
C ILE B 335 36.15 20.32 -4.78
N TYR B 336 35.22 19.43 -5.12
CA TYR B 336 34.36 19.67 -6.27
C TYR B 336 33.37 20.79 -5.99
N LEU B 337 33.00 20.98 -4.71
CA LEU B 337 32.11 22.07 -4.36
C LEU B 337 32.80 23.42 -4.45
N LEU B 338 34.06 23.50 -3.99
CA LEU B 338 34.80 24.74 -4.11
C LEU B 338 35.18 25.03 -5.55
N TYR B 339 35.35 23.99 -6.35
CA TYR B 339 35.66 24.19 -7.76
C TYR B 339 34.45 24.69 -8.53
N ILE B 340 33.26 24.25 -8.15
CA ILE B 340 32.09 24.62 -8.92
C ILE B 340 31.58 25.98 -8.48
N ILE B 341 31.95 26.42 -7.28
CA ILE B 341 31.70 27.80 -6.88
C ILE B 341 32.67 28.74 -7.60
N CYS B 342 33.89 28.27 -7.83
CA CYS B 342 34.89 29.05 -8.56
C CYS B 342 34.50 29.20 -10.03
N PHE B 343 33.93 28.16 -10.63
CA PHE B 343 33.44 28.29 -11.99
C PHE B 343 32.19 29.16 -12.06
N THR B 344 31.35 29.11 -11.03
CA THR B 344 30.12 29.89 -11.03
C THR B 344 30.42 31.37 -10.99
N MET B 345 31.35 31.79 -10.12
CA MET B 345 31.74 33.20 -10.03
C MET B 345 32.42 33.70 -11.30
N CYS B 346 33.06 32.80 -12.05
CA CYS B 346 33.70 33.25 -13.28
C CYS B 346 32.68 33.43 -14.39
N CYS B 347 31.46 32.94 -14.20
CA CYS B 347 30.40 33.18 -15.16
C CYS B 347 29.50 34.33 -14.74
N ILE B 348 29.39 34.56 -13.43
CA ILE B 348 28.66 35.73 -12.94
C ILE B 348 29.37 37.01 -13.32
N TYR B 349 30.70 37.00 -13.26
CA TYR B 349 31.52 38.16 -13.55
C TYR B 349 32.08 38.14 -14.97
N ARG B 350 31.40 37.48 -15.90
CA ARG B 350 31.89 37.38 -17.27
C ARG B 350 31.90 38.75 -17.94
N PRO B 351 32.83 39.02 -18.85
CA PRO B 351 33.05 40.39 -19.32
C PRO B 351 31.97 40.82 -20.30
N LEU B 352 31.31 41.94 -20.00
CA LEU B 352 30.19 42.40 -20.80
C LEU B 352 30.31 43.90 -20.98
N LYS B 353 29.97 44.38 -22.18
CA LYS B 353 30.03 45.80 -22.50
C LYS B 353 28.68 46.19 -23.11
N PRO B 354 28.32 47.48 -23.02
CA PRO B 354 27.10 47.93 -23.70
C PRO B 354 27.19 47.76 -25.20
N ARG B 355 26.05 47.49 -25.82
CA ARG B 355 26.00 47.16 -27.24
C ARG B 355 26.38 48.38 -28.07
N THR B 356 26.80 48.12 -29.31
CA THR B 356 27.27 49.21 -30.15
C THR B 356 26.17 49.73 -31.05
N ASN B 357 25.60 48.87 -31.88
CA ASN B 357 24.60 49.27 -32.85
C ASN B 357 23.25 49.56 -32.18
N ASN B 358 22.35 50.11 -32.98
CA ASN B 358 20.98 50.33 -32.51
C ASN B 358 20.14 49.08 -32.72
N ARG B 359 18.97 49.06 -32.10
CA ARG B 359 18.11 47.88 -32.11
C ARG B 359 17.52 47.65 -33.49
N THR B 360 17.49 46.38 -33.90
CA THR B 360 17.01 46.05 -35.24
C THR B 360 15.50 46.18 -35.33
N SER B 361 14.80 45.98 -34.22
CA SER B 361 13.36 45.95 -34.17
C SER B 361 12.95 46.20 -32.72
N PRO B 362 11.70 46.61 -32.48
CA PRO B 362 11.29 46.81 -31.08
C PRO B 362 11.13 45.52 -30.27
N ARG B 363 11.26 44.35 -30.89
CA ARG B 363 11.35 43.11 -30.14
C ARG B 363 12.77 42.79 -29.71
N ASP B 364 13.74 43.63 -30.02
CA ASP B 364 15.10 43.40 -29.58
C ASP B 364 15.24 43.84 -28.13
N ASN B 365 15.56 42.88 -27.26
CA ASN B 365 15.61 43.13 -25.82
C ASN B 365 17.01 43.40 -25.33
N THR B 366 18.03 43.22 -26.17
CA THR B 366 19.40 43.13 -25.71
C THR B 366 19.96 44.51 -25.37
N LEU B 367 20.62 44.60 -24.22
CA LEU B 367 21.34 45.79 -23.81
C LEU B 367 22.85 45.65 -23.89
N LEU B 368 23.40 44.54 -23.44
CA LEU B 368 24.82 44.39 -23.28
C LEU B 368 25.32 43.39 -24.31
N GLN B 369 26.63 43.35 -24.49
CA GLN B 369 27.24 42.32 -25.31
C GLN B 369 28.60 41.99 -24.74
N GLN B 370 29.11 40.83 -25.09
CA GLN B 370 30.35 40.38 -24.48
C GLN B 370 31.54 41.07 -25.14
N LYS B 371 32.55 41.35 -24.33
CA LYS B 371 33.73 42.04 -24.81
C LYS B 371 34.58 41.12 -25.68
N LEU B 372 35.42 41.73 -26.50
CA LEU B 372 36.47 40.99 -27.18
C LEU B 372 37.57 40.64 -26.19
N LEU B 373 38.54 39.83 -26.64
CA LEU B 373 39.58 39.33 -25.74
C LEU B 373 40.49 40.45 -25.26
N GLN B 374 40.68 41.46 -26.08
CA GLN B 374 41.55 42.58 -25.72
C GLN B 374 40.94 43.41 -24.60
N GLU B 375 39.62 43.60 -24.64
CA GLU B 375 38.95 44.44 -23.65
C GLU B 375 38.61 43.66 -22.40
N ALA B 376 38.72 42.34 -22.47
CA ALA B 376 38.23 41.50 -21.38
C ALA B 376 39.14 41.54 -20.17
N TYR B 377 40.41 41.91 -20.36
CA TYR B 377 41.37 41.93 -19.26
C TYR B 377 42.09 43.28 -19.30
N MET B 378 41.47 44.30 -18.72
CA MET B 378 42.02 45.66 -18.69
C MET B 378 41.74 46.36 -17.37
N THR B 379 41.48 45.61 -16.29
CA THR B 379 41.21 46.22 -14.99
C THR B 379 41.65 45.21 -13.92
N PRO B 380 41.85 45.63 -12.66
CA PRO B 380 42.27 44.64 -11.65
C PRO B 380 41.19 43.67 -11.23
N LYS B 381 39.91 43.93 -11.55
CA LYS B 381 38.88 42.94 -11.26
C LYS B 381 38.90 41.82 -12.29
N ASP B 382 39.48 42.09 -13.46
CA ASP B 382 39.51 41.08 -14.51
C ASP B 382 40.67 40.11 -14.31
N ASP B 383 41.60 40.45 -13.42
CA ASP B 383 42.74 39.57 -13.19
C ASP B 383 42.46 38.57 -12.07
N ILE B 384 41.62 38.94 -11.10
CA ILE B 384 41.16 37.98 -10.10
C ILE B 384 40.26 36.94 -10.76
N ARG B 385 39.47 37.36 -11.76
CA ARG B 385 38.67 36.41 -12.52
C ARG B 385 39.55 35.49 -13.35
N LEU B 386 40.64 36.02 -13.91
CA LEU B 386 41.54 35.23 -14.74
C LEU B 386 42.22 34.12 -13.94
N VAL B 387 42.42 34.36 -12.64
CA VAL B 387 42.88 33.30 -11.74
C VAL B 387 41.86 32.18 -11.67
N GLY B 388 40.58 32.52 -11.46
CA GLY B 388 39.55 31.51 -11.35
C GLY B 388 39.21 30.86 -12.67
N GLU B 389 39.40 31.58 -13.77
CA GLU B 389 39.17 30.99 -15.08
C GLU B 389 40.21 29.93 -15.42
N LEU B 390 41.47 30.18 -15.05
CA LEU B 390 42.51 29.18 -15.26
C LEU B 390 42.33 27.98 -14.35
N VAL B 391 41.89 28.21 -13.11
CA VAL B 391 41.54 27.11 -12.20
C VAL B 391 40.41 26.29 -12.79
N THR B 392 39.48 26.94 -13.48
CA THR B 392 38.40 26.23 -14.14
C THR B 392 38.90 25.42 -15.32
N VAL B 393 39.82 25.98 -16.12
CA VAL B 393 40.35 25.29 -17.29
C VAL B 393 41.17 24.07 -16.87
N ILE B 394 42.01 24.24 -15.85
CA ILE B 394 42.84 23.15 -15.35
C ILE B 394 41.98 22.02 -14.78
N GLY B 395 40.97 22.38 -14.00
CA GLY B 395 40.09 21.38 -13.42
C GLY B 395 39.23 20.66 -14.45
N ALA B 396 39.01 21.28 -15.61
CA ALA B 396 38.27 20.60 -16.66
C ALA B 396 39.18 19.67 -17.46
N ILE B 397 40.46 20.01 -17.57
CA ILE B 397 41.41 19.13 -18.25
C ILE B 397 41.68 17.88 -17.41
N ILE B 398 41.82 18.07 -16.09
CA ILE B 398 42.08 16.96 -15.17
C ILE B 398 40.92 15.96 -15.17
N ILE B 399 39.69 16.45 -15.33
CA ILE B 399 38.55 15.56 -15.53
C ILE B 399 38.72 14.79 -16.83
N LEU B 400 39.17 15.45 -17.89
CA LEU B 400 39.38 14.74 -19.15
C LEU B 400 40.64 13.88 -19.11
N LEU B 401 41.54 14.13 -18.17
CA LEU B 401 42.72 13.28 -18.08
C LEU B 401 42.45 12.01 -17.29
N VAL B 402 41.39 11.99 -16.49
CA VAL B 402 41.17 10.82 -15.65
C VAL B 402 39.93 10.06 -16.08
N GLU B 403 39.02 10.70 -16.83
CA GLU B 403 37.88 9.98 -17.36
C GLU B 403 38.09 9.49 -18.80
N VAL B 404 38.62 10.33 -19.67
CA VAL B 404 38.74 9.96 -21.09
C VAL B 404 39.75 8.85 -21.35
N PRO B 405 40.98 8.84 -20.77
CA PRO B 405 41.83 7.66 -20.99
C PRO B 405 41.33 6.39 -20.35
N ASP B 406 40.77 6.47 -19.13
CA ASP B 406 40.50 5.26 -18.37
C ASP B 406 39.24 4.54 -18.86
N ILE B 407 38.50 5.15 -19.81
CA ILE B 407 37.41 4.42 -20.44
C ILE B 407 37.87 3.83 -21.76
N PHE B 408 39.00 4.31 -22.28
CA PHE B 408 39.56 3.73 -23.51
C PHE B 408 40.22 2.39 -23.23
N ARG B 409 40.79 2.23 -22.03
CA ARG B 409 41.30 0.93 -21.62
C ARG B 409 40.17 -0.02 -21.31
N MET B 410 39.00 0.52 -20.99
CA MET B 410 37.77 -0.26 -20.92
C MET B 410 37.17 -0.29 -22.32
N GLY B 411 35.90 -0.68 -22.43
CA GLY B 411 35.22 -0.55 -23.69
C GLY B 411 34.99 0.91 -24.00
N VAL B 412 35.19 1.29 -25.27
CA VAL B 412 35.16 2.70 -25.66
C VAL B 412 33.73 3.25 -25.57
N THR B 413 32.77 2.53 -26.13
CA THR B 413 31.37 2.93 -26.05
C THR B 413 30.51 1.88 -25.38
N ARG B 414 30.80 0.59 -25.59
CA ARG B 414 29.91 -0.46 -25.10
C ARG B 414 30.06 -0.67 -23.59
N PHE B 415 31.25 -1.06 -23.14
CA PHE B 415 31.46 -1.26 -21.71
C PHE B 415 31.49 0.07 -20.98
N PHE B 416 31.83 1.15 -21.67
CA PHE B 416 31.54 2.49 -21.16
C PHE B 416 30.05 2.69 -20.98
N GLY B 417 29.25 2.33 -22.00
CA GLY B 417 27.82 2.50 -21.92
C GLY B 417 27.15 1.57 -20.93
N GLN B 418 27.80 0.43 -20.64
CA GLN B 418 27.32 -0.43 -19.57
C GLN B 418 27.63 0.17 -18.21
N THR B 419 28.61 1.07 -18.15
CA THR B 419 28.83 1.83 -16.92
C THR B 419 28.00 3.10 -16.90
N ILE B 420 27.23 3.37 -17.95
CA ILE B 420 26.30 4.50 -17.91
C ILE B 420 24.98 4.07 -17.29
N LEU B 421 24.56 2.84 -17.57
CA LEU B 421 23.39 2.28 -16.89
C LEU B 421 23.72 2.00 -15.42
N GLY B 422 25.00 1.80 -15.11
CA GLY B 422 25.43 1.81 -13.73
C GLY B 422 25.55 3.21 -13.16
N GLY B 423 26.26 4.09 -13.87
CA GLY B 423 26.39 5.47 -13.46
C GLY B 423 26.26 6.49 -14.57
N PRO B 424 25.23 7.33 -14.50
CA PRO B 424 25.08 8.42 -15.47
C PRO B 424 26.04 9.58 -15.26
N PHE B 425 26.71 9.65 -14.12
CA PHE B 425 27.58 10.79 -13.83
C PHE B 425 28.92 10.68 -14.54
N HIS B 426 29.18 9.57 -15.23
CA HIS B 426 30.30 9.53 -16.17
C HIS B 426 30.07 10.48 -17.34
N VAL B 427 28.89 10.42 -17.95
CA VAL B 427 28.57 11.30 -19.07
C VAL B 427 28.51 12.74 -18.61
N LEU B 428 27.95 12.99 -17.44
CA LEU B 428 27.64 14.35 -17.02
C LEU B 428 28.87 15.15 -16.65
N ILE B 429 29.94 14.50 -16.20
CA ILE B 429 31.11 15.30 -15.83
C ILE B 429 32.11 15.35 -16.97
N ILE B 430 32.00 14.44 -17.93
CA ILE B 430 32.76 14.59 -19.17
C ILE B 430 32.13 15.69 -20.02
N THR B 431 30.81 15.74 -20.05
CA THR B 431 30.11 16.76 -20.83
C THR B 431 30.29 18.14 -20.21
N TYR B 432 30.39 18.20 -18.88
CA TYR B 432 30.76 19.44 -18.20
C TYR B 432 32.11 19.94 -18.64
N ALA B 433 33.11 19.06 -18.64
CA ALA B 433 34.49 19.47 -18.92
C ALA B 433 34.67 19.84 -20.38
N PHE B 434 33.85 19.26 -21.26
CA PHE B 434 33.86 19.66 -22.66
C PHE B 434 33.25 21.04 -22.84
N MET B 435 32.15 21.33 -22.14
CA MET B 435 31.49 22.64 -22.26
C MET B 435 32.35 23.75 -21.71
N VAL B 436 33.25 23.43 -20.78
CA VAL B 436 34.16 24.44 -20.27
C VAL B 436 35.25 24.76 -21.28
N LEU B 437 35.80 23.74 -21.93
CA LEU B 437 36.86 23.98 -22.88
C LEU B 437 36.33 24.54 -24.19
N VAL B 438 35.05 24.32 -24.49
CA VAL B 438 34.40 25.04 -25.58
C VAL B 438 34.29 26.52 -25.25
N THR B 439 33.97 26.84 -24.00
CA THR B 439 33.92 28.23 -23.55
C THR B 439 35.30 28.86 -23.58
N MET B 440 36.34 28.06 -23.35
CA MET B 440 37.71 28.54 -23.50
C MET B 440 38.03 28.89 -24.95
N VAL B 441 37.70 27.97 -25.87
CA VAL B 441 38.00 28.16 -27.29
C VAL B 441 37.19 29.32 -27.86
N MET B 442 35.94 29.47 -27.40
CA MET B 442 35.15 30.62 -27.81
C MET B 442 35.68 31.92 -27.21
N ARG B 443 36.36 31.83 -26.08
CA ARG B 443 36.97 33.03 -25.50
C ARG B 443 38.23 33.42 -26.25
N LEU B 444 38.95 32.43 -26.78
CA LEU B 444 40.18 32.68 -27.53
C LEU B 444 39.91 33.33 -28.87
N ILE B 445 39.02 32.75 -29.66
CA ILE B 445 38.77 33.25 -31.00
C ILE B 445 37.69 34.32 -30.98
N SER B 446 37.24 34.69 -29.77
CA SER B 446 36.30 35.79 -29.52
C SER B 446 34.99 35.60 -30.28
N ALA B 447 34.35 34.46 -30.07
CA ALA B 447 33.12 34.11 -30.74
C ALA B 447 31.92 34.56 -29.92
N SER B 448 30.91 35.08 -30.60
CA SER B 448 29.69 35.47 -29.92
C SER B 448 28.89 34.24 -29.49
N GLY B 449 28.21 34.36 -28.36
CA GLY B 449 27.39 33.28 -27.85
C GLY B 449 28.05 32.40 -26.81
N GLU B 450 28.86 32.96 -25.91
CA GLU B 450 29.47 32.15 -24.86
C GLU B 450 28.48 31.75 -23.78
N VAL B 451 27.27 32.33 -23.79
CA VAL B 451 26.28 31.99 -22.79
C VAL B 451 25.75 30.58 -23.02
N VAL B 452 25.84 30.07 -24.25
CA VAL B 452 25.34 28.73 -24.52
C VAL B 452 26.18 27.63 -23.87
N PRO B 453 27.52 27.58 -24.06
CA PRO B 453 28.25 26.53 -23.33
C PRO B 453 28.40 26.81 -21.85
N MET B 454 28.30 28.07 -21.42
CA MET B 454 28.29 28.36 -19.99
C MET B 454 27.03 27.84 -19.32
N SER B 455 25.87 28.04 -19.94
CA SER B 455 24.61 27.66 -19.30
C SER B 455 24.45 26.16 -19.22
N PHE B 456 24.94 25.42 -20.21
CA PHE B 456 25.00 23.97 -20.09
C PHE B 456 25.94 23.56 -18.97
N ALA B 457 27.01 24.32 -18.76
CA ALA B 457 28.02 23.89 -17.81
C ALA B 457 27.66 24.27 -16.38
N LEU B 458 26.96 25.39 -16.18
CA LEU B 458 26.44 25.72 -14.86
C LEU B 458 25.43 24.70 -14.40
N VAL B 459 24.57 24.26 -15.32
CA VAL B 459 23.55 23.28 -14.96
C VAL B 459 24.17 21.91 -14.72
N LEU B 460 25.02 21.47 -15.64
CA LEU B 460 25.68 20.16 -15.49
C LEU B 460 26.65 20.15 -14.33
N GLY B 461 27.38 21.23 -14.13
CA GLY B 461 28.37 21.25 -13.07
C GLY B 461 27.76 21.30 -11.69
N TRP B 462 26.62 21.95 -11.56
CA TRP B 462 25.95 21.95 -10.26
C TRP B 462 25.16 20.67 -10.04
N CYS B 463 24.57 20.11 -11.08
CA CYS B 463 23.81 18.87 -10.89
C CYS B 463 24.72 17.66 -10.75
N ASN B 464 26.03 17.84 -10.91
CA ASN B 464 26.96 16.77 -10.55
C ASN B 464 27.27 16.74 -9.07
N VAL B 465 26.81 17.72 -8.30
CA VAL B 465 27.01 17.68 -6.86
C VAL B 465 26.18 16.56 -6.25
N MET B 466 25.06 16.20 -6.86
CA MET B 466 24.30 15.07 -6.32
C MET B 466 24.86 13.71 -6.71
N TYR B 467 26.02 13.65 -7.38
CA TYR B 467 26.84 12.45 -7.32
C TYR B 467 27.29 12.19 -5.90
N PHE B 468 27.61 13.24 -5.15
CA PHE B 468 28.14 13.10 -3.81
C PHE B 468 27.05 12.95 -2.77
N ALA B 469 25.81 12.72 -3.18
CA ALA B 469 24.77 12.42 -2.23
C ALA B 469 24.82 10.97 -1.77
N ARG B 470 25.57 10.13 -2.49
CA ARG B 470 25.61 8.70 -2.16
C ARG B 470 26.50 8.44 -0.95
N GLY B 471 27.42 9.35 -0.65
CA GLY B 471 28.29 9.14 0.49
C GLY B 471 27.59 9.47 1.79
N PHE B 472 26.46 10.13 1.72
CA PHE B 472 25.70 10.50 2.90
C PHE B 472 24.50 9.58 3.00
N GLN B 473 24.34 8.97 4.17
CA GLN B 473 23.31 7.94 4.35
C GLN B 473 21.91 8.54 4.31
N MET B 474 21.80 9.85 4.51
CA MET B 474 20.49 10.49 4.45
C MET B 474 20.03 10.67 3.00
N LEU B 475 20.93 11.16 2.14
CA LEU B 475 20.59 11.52 0.77
C LEU B 475 20.75 10.39 -0.22
N GLY B 476 21.54 9.37 0.11
CA GLY B 476 21.91 8.31 -0.81
C GLY B 476 20.79 7.48 -1.40
N PRO B 477 19.98 6.84 -0.56
CA PRO B 477 18.83 6.09 -1.10
C PRO B 477 17.78 6.96 -1.79
N PHE B 478 17.69 8.23 -1.40
CA PHE B 478 16.78 9.17 -2.07
C PHE B 478 17.20 9.42 -3.51
N THR B 479 18.51 9.42 -3.76
CA THR B 479 19.01 9.93 -5.03
C THR B 479 18.99 8.86 -6.11
N ILE B 480 18.99 7.58 -5.73
CA ILE B 480 18.83 6.52 -6.72
C ILE B 480 17.42 6.50 -7.26
N MET B 481 16.45 6.88 -6.43
CA MET B 481 15.07 6.92 -6.87
C MET B 481 14.85 7.99 -7.93
N ILE B 482 15.72 9.02 -7.96
CA ILE B 482 15.79 9.92 -9.11
C ILE B 482 16.14 9.16 -10.37
N GLN B 483 17.15 8.29 -10.30
CA GLN B 483 17.63 7.59 -11.49
C GLN B 483 16.63 6.58 -12.00
N LYS B 484 15.89 5.94 -11.09
CA LYS B 484 14.89 4.98 -11.52
C LYS B 484 13.74 5.66 -12.23
N MET B 485 13.42 6.89 -11.83
CA MET B 485 12.22 7.52 -12.36
C MET B 485 12.53 8.35 -13.59
N ILE B 486 13.75 8.88 -13.74
CA ILE B 486 14.07 9.50 -15.02
C ILE B 486 14.25 8.43 -16.09
N PHE B 487 14.93 7.32 -15.77
CA PHE B 487 15.14 6.29 -16.78
C PHE B 487 13.86 5.49 -16.97
N GLY B 488 12.96 5.53 -16.00
CA GLY B 488 11.68 4.88 -16.10
C GLY B 488 10.54 5.84 -16.34
N ASP B 489 9.75 6.11 -15.29
CA ASP B 489 8.38 6.60 -15.44
C ASP B 489 8.32 8.00 -16.04
N LEU B 490 9.36 8.80 -15.86
CA LEU B 490 9.30 10.15 -16.43
C LEU B 490 9.54 10.10 -17.94
N MET B 491 10.22 9.07 -18.43
CA MET B 491 10.31 8.90 -19.89
C MET B 491 8.99 8.42 -20.48
N ARG B 492 8.27 7.54 -19.77
CA ARG B 492 6.98 7.07 -20.27
C ARG B 492 5.99 8.23 -20.35
N PHE B 493 6.12 9.17 -19.42
CA PHE B 493 5.24 10.32 -19.40
C PHE B 493 5.57 11.28 -20.52
N CYS B 494 6.86 11.46 -20.82
CA CYS B 494 7.28 12.51 -21.73
C CYS B 494 7.06 12.16 -23.19
N TRP B 495 6.99 10.86 -23.52
CA TRP B 495 6.60 10.52 -24.88
C TRP B 495 5.12 10.80 -25.10
N LEU B 496 4.30 10.52 -24.10
CA LEU B 496 2.87 10.78 -24.22
C LEU B 496 2.55 12.24 -23.95
N MET B 497 3.42 12.96 -23.25
CA MET B 497 3.27 14.40 -23.11
C MET B 497 3.51 15.12 -24.43
N ALA B 498 4.55 14.70 -25.17
CA ALA B 498 4.93 15.40 -26.38
C ALA B 498 3.93 15.19 -27.50
N VAL B 499 3.20 14.08 -27.44
CA VAL B 499 2.14 13.81 -28.38
C VAL B 499 0.95 14.72 -28.12
N VAL B 500 0.59 14.90 -26.85
CA VAL B 500 -0.53 15.76 -26.47
C VAL B 500 -0.18 17.23 -26.72
N ILE B 501 1.09 17.59 -26.50
CA ILE B 501 1.53 18.96 -26.76
C ILE B 501 1.49 19.27 -28.25
N LEU B 502 1.92 18.34 -29.10
CA LEU B 502 1.94 18.58 -30.54
C LEU B 502 0.53 18.70 -31.11
N GLY B 503 -0.45 18.08 -30.48
CA GLY B 503 -1.82 18.24 -30.95
C GLY B 503 -2.44 19.53 -30.50
N PHE B 504 -2.18 19.91 -29.25
CA PHE B 504 -2.85 21.09 -28.72
C PHE B 504 -2.11 22.38 -29.06
N ALA B 505 -0.78 22.32 -29.23
CA ALA B 505 -0.08 23.51 -29.69
C ALA B 505 -0.43 23.83 -31.13
N SER B 506 -0.73 22.82 -31.93
CA SER B 506 -1.15 23.05 -33.29
C SER B 506 -2.57 23.58 -33.34
N ALA B 507 -3.43 23.09 -32.45
CA ALA B 507 -4.79 23.62 -32.37
C ALA B 507 -4.78 25.05 -31.83
N PHE B 508 -3.99 25.31 -30.79
CA PHE B 508 -3.92 26.65 -30.21
C PHE B 508 -3.26 27.64 -31.17
N TYR B 509 -2.36 27.15 -32.04
CA TYR B 509 -1.75 28.03 -33.03
C TYR B 509 -2.77 28.51 -34.04
N ILE B 510 -3.61 27.60 -34.55
CA ILE B 510 -4.50 27.98 -35.64
C ILE B 510 -5.72 28.71 -35.11
N ILE B 511 -6.07 28.50 -33.84
CA ILE B 511 -7.18 29.23 -33.24
C ILE B 511 -6.80 30.70 -33.07
N PHE B 512 -5.57 30.98 -32.72
CA PHE B 512 -5.09 32.34 -32.61
C PHE B 512 -4.31 32.80 -33.82
N GLN B 513 -4.47 32.12 -34.95
CA GLN B 513 -3.69 32.48 -36.12
C GLN B 513 -4.30 33.69 -36.80
N THR B 514 -5.61 33.87 -36.62
CA THR B 514 -6.31 35.01 -37.19
C THR B 514 -6.35 36.18 -36.20
N GLU B 515 -5.98 35.96 -34.96
CA GLU B 515 -6.24 36.96 -33.94
C GLU B 515 -5.07 37.91 -33.83
N ASP B 516 -5.29 38.99 -33.09
CA ASP B 516 -4.22 39.96 -32.89
C ASP B 516 -3.30 39.48 -31.77
N PRO B 517 -1.99 39.45 -31.99
CA PRO B 517 -1.11 38.92 -30.96
C PRO B 517 -0.73 39.92 -29.88
N GLU B 518 -1.10 41.19 -30.01
CA GLU B 518 -0.71 42.16 -29.00
C GLU B 518 -1.58 42.02 -27.75
N GLU B 519 -2.70 41.33 -27.84
CA GLU B 519 -3.48 41.05 -26.63
C GLU B 519 -3.08 39.73 -26.00
N LEU B 520 -2.92 38.68 -26.81
CA LEU B 520 -2.67 37.34 -26.30
C LEU B 520 -1.60 36.71 -27.18
N GLY B 521 -0.35 36.85 -26.80
CA GLY B 521 0.75 36.44 -27.63
C GLY B 521 1.34 35.09 -27.31
N HIS B 522 0.61 34.23 -26.59
CA HIS B 522 1.13 32.93 -26.17
C HIS B 522 1.44 32.04 -27.36
N PHE B 523 0.69 32.18 -28.44
CA PHE B 523 0.78 31.29 -29.59
C PHE B 523 1.05 32.08 -30.85
N TYR B 524 1.98 33.03 -30.81
CA TYR B 524 2.07 33.98 -31.92
C TYR B 524 2.77 33.36 -33.13
N ASP B 525 3.85 32.62 -32.91
CA ASP B 525 4.39 31.75 -33.94
C ASP B 525 4.37 30.32 -33.43
N TYR B 526 4.78 29.40 -34.27
CA TYR B 526 4.69 27.99 -33.90
C TYR B 526 5.72 27.54 -32.86
N PRO B 527 6.99 27.99 -32.83
CA PRO B 527 7.83 27.56 -31.70
C PRO B 527 7.44 28.14 -30.36
N MET B 528 6.78 29.30 -30.31
CA MET B 528 6.32 29.80 -29.02
C MET B 528 5.02 29.15 -28.62
N ALA B 529 4.16 28.83 -29.58
CA ALA B 529 2.93 28.09 -29.30
C ALA B 529 3.26 26.71 -28.75
N LEU B 530 4.35 26.14 -29.22
CA LEU B 530 4.77 24.83 -28.78
C LEU B 530 5.33 24.90 -27.37
N PHE B 531 6.00 26.01 -27.05
CA PHE B 531 6.59 26.18 -25.73
C PHE B 531 5.57 26.65 -24.72
N SER B 532 4.59 27.43 -25.15
CA SER B 532 3.51 27.84 -24.26
C SER B 532 2.66 26.65 -23.84
N THR B 533 2.41 25.72 -24.78
CA THR B 533 1.57 24.57 -24.48
C THR B 533 2.29 23.62 -23.54
N PHE B 534 3.60 23.53 -23.65
CA PHE B 534 4.41 22.79 -22.69
C PHE B 534 4.31 23.41 -21.30
N GLU B 535 4.31 24.74 -21.22
CA GLU B 535 4.19 25.40 -19.94
C GLU B 535 2.76 25.36 -19.41
N LEU B 536 1.78 25.34 -20.31
CA LEU B 536 0.40 25.20 -19.87
C LEU B 536 0.11 23.77 -19.44
N PHE B 537 0.84 22.81 -20.01
CA PHE B 537 0.66 21.42 -19.62
C PHE B 537 1.12 21.21 -18.19
N LEU B 538 2.28 21.72 -17.85
CA LEU B 538 2.84 21.60 -16.51
C LEU B 538 2.28 22.64 -15.55
N THR B 539 1.36 23.48 -16.01
CA THR B 539 0.71 24.55 -15.25
C THR B 539 1.69 25.52 -14.64
N ILE B 540 2.79 25.79 -15.34
CA ILE B 540 3.78 26.72 -14.83
C ILE B 540 3.64 28.10 -15.42
N ILE B 541 2.71 28.30 -16.35
CA ILE B 541 2.21 29.62 -16.70
C ILE B 541 0.69 29.57 -16.61
N ASP B 542 0.08 30.73 -16.43
CA ASP B 542 -1.37 30.80 -16.34
C ASP B 542 -2.02 30.60 -17.68
N GLY B 543 -3.29 30.23 -17.65
CA GLY B 543 -4.11 30.17 -18.82
C GLY B 543 -4.23 31.52 -19.49
N PRO B 544 -4.06 31.54 -20.81
CA PRO B 544 -4.26 32.77 -21.58
C PRO B 544 -5.66 33.33 -21.41
N ALA B 545 -5.73 34.60 -21.02
CA ALA B 545 -7.00 35.28 -20.82
C ALA B 545 -6.80 36.76 -21.02
N ASN B 546 -7.81 37.42 -21.58
CA ASN B 546 -7.74 38.87 -21.63
C ASN B 546 -8.89 39.52 -20.86
N TYR B 547 -10.13 39.13 -21.17
CA TYR B 547 -11.44 39.55 -20.69
C TYR B 547 -11.82 40.94 -21.20
N ASN B 548 -10.91 41.65 -21.84
CA ASN B 548 -11.23 42.93 -22.47
C ASN B 548 -11.59 42.76 -23.92
N VAL B 549 -11.35 41.59 -24.49
CA VAL B 549 -11.51 41.37 -25.90
C VAL B 549 -12.22 40.03 -26.03
N ASP B 550 -12.79 39.78 -27.20
CA ASP B 550 -13.42 38.50 -27.45
C ASP B 550 -12.39 37.51 -27.95
N LEU B 551 -12.26 36.40 -27.27
CA LEU B 551 -11.43 35.29 -27.72
C LEU B 551 -12.26 34.39 -28.62
N PRO B 552 -11.63 33.57 -29.45
CA PRO B 552 -12.40 32.59 -30.22
C PRO B 552 -13.12 31.61 -29.31
N PHE B 553 -14.30 31.16 -29.74
CA PHE B 553 -15.03 30.19 -28.93
C PHE B 553 -14.36 28.84 -28.99
N MET B 554 -13.55 28.61 -30.00
CA MET B 554 -12.85 27.34 -30.16
C MET B 554 -11.72 27.22 -29.16
N TYR B 555 -11.26 28.36 -28.62
CA TYR B 555 -10.20 28.35 -27.61
C TYR B 555 -10.68 27.76 -26.29
N SER B 556 -11.86 28.14 -25.85
CA SER B 556 -12.34 27.68 -24.54
C SER B 556 -12.68 26.19 -24.59
N ILE B 557 -13.23 25.73 -25.71
CA ILE B 557 -13.51 24.31 -25.90
C ILE B 557 -12.23 23.50 -25.91
N THR B 558 -11.20 24.01 -26.57
CA THR B 558 -9.95 23.27 -26.70
C THR B 558 -9.16 23.29 -25.41
N TYR B 559 -9.15 24.44 -24.72
CA TYR B 559 -8.36 24.55 -23.51
C TYR B 559 -9.02 23.82 -22.35
N ALA B 560 -10.34 23.62 -22.43
CA ALA B 560 -10.99 22.79 -21.43
C ALA B 560 -10.62 21.33 -21.63
N ALA B 561 -10.59 20.87 -22.89
CA ALA B 561 -10.17 19.51 -23.17
C ALA B 561 -8.70 19.32 -22.89
N PHE B 562 -7.88 20.35 -23.15
CA PHE B 562 -6.47 20.28 -22.82
C PHE B 562 -6.26 20.17 -21.32
N ALA B 563 -7.09 20.84 -20.53
CA ALA B 563 -6.92 20.84 -19.08
C ALA B 563 -7.35 19.52 -18.47
N ILE B 564 -8.28 18.82 -19.10
CA ILE B 564 -8.71 17.52 -18.58
C ILE B 564 -7.67 16.46 -18.91
N ILE B 565 -7.12 16.48 -20.12
CA ILE B 565 -6.14 15.50 -20.56
C ILE B 565 -4.83 15.67 -19.81
N ALA B 566 -4.46 16.91 -19.49
CA ALA B 566 -3.27 17.15 -18.68
C ALA B 566 -3.47 16.69 -17.25
N THR B 567 -4.67 16.91 -16.70
CA THR B 567 -4.98 16.46 -15.33
C THR B 567 -5.07 14.94 -15.28
N LEU B 568 -5.51 14.33 -16.37
CA LEU B 568 -5.44 12.88 -16.51
C LEU B 568 -3.99 12.39 -16.50
N LEU B 569 -3.15 12.97 -17.36
CA LEU B 569 -1.79 12.46 -17.52
C LEU B 569 -0.93 12.74 -16.29
N MET B 570 -1.05 13.94 -15.70
CA MET B 570 -0.17 14.29 -14.60
C MET B 570 -0.61 13.62 -13.30
N LEU B 571 -1.78 12.99 -13.31
CA LEU B 571 -2.17 12.13 -12.20
C LEU B 571 -1.95 10.67 -12.56
N ASN B 572 -1.89 10.35 -13.84
CA ASN B 572 -1.48 9.00 -14.25
C ASN B 572 -0.02 8.75 -13.94
N LEU B 573 0.83 9.75 -14.16
CA LEU B 573 2.23 9.68 -13.78
C LEU B 573 2.37 9.47 -12.28
N LEU B 574 1.58 10.21 -11.50
CA LEU B 574 1.70 10.17 -10.04
C LEU B 574 1.24 8.81 -9.49
N ILE B 575 0.36 8.13 -10.21
CA ILE B 575 0.05 6.74 -9.87
C ILE B 575 1.15 5.81 -10.33
N ALA B 576 1.65 6.01 -11.56
CA ALA B 576 2.69 5.14 -12.09
C ALA B 576 3.99 5.28 -11.31
N MET B 577 4.31 6.50 -10.85
CA MET B 577 5.52 6.69 -10.05
C MET B 577 5.37 6.08 -8.67
N MET B 578 4.14 5.77 -8.28
CA MET B 578 3.86 5.29 -6.93
C MET B 578 4.01 3.79 -6.76
N GLY B 579 3.19 3.01 -7.47
CA GLY B 579 3.18 1.58 -7.26
C GLY B 579 4.42 0.88 -7.78
N ASP B 580 5.19 1.57 -8.61
CA ASP B 580 6.48 1.02 -9.02
C ASP B 580 7.55 1.28 -7.98
N THR B 581 7.26 2.14 -7.00
CA THR B 581 8.27 2.59 -6.05
C THR B 581 7.86 2.50 -4.59
N HIS B 582 6.99 1.56 -4.20
CA HIS B 582 6.71 1.37 -2.79
C HIS B 582 6.95 -0.07 -2.39
N TRP B 583 6.45 -1.06 -3.12
CA TRP B 583 6.79 -2.44 -2.80
C TRP B 583 7.59 -3.09 -3.91
N ARG B 584 8.02 -2.29 -4.89
CA ARG B 584 8.74 -2.87 -6.01
C ARG B 584 10.21 -2.52 -5.97
N VAL B 585 10.56 -1.26 -5.71
CA VAL B 585 11.98 -0.91 -5.70
C VAL B 585 12.40 -0.25 -4.40
N ALA B 586 11.54 -0.27 -3.38
CA ALA B 586 11.92 0.36 -2.11
C ALA B 586 12.90 -0.51 -1.33
N HIS B 587 12.77 -1.82 -1.46
CA HIS B 587 13.77 -2.72 -0.91
C HIS B 587 14.97 -2.82 -1.84
N GLU B 588 14.78 -2.43 -3.10
CA GLU B 588 15.85 -2.48 -4.08
C GLU B 588 16.68 -1.20 -4.06
N ARG B 589 16.08 -0.06 -3.69
CA ARG B 589 16.82 1.19 -3.67
C ARG B 589 17.83 1.22 -2.54
N ASP B 590 17.55 0.51 -1.45
CA ASP B 590 18.53 0.46 -0.36
C ASP B 590 19.61 -0.57 -0.66
N GLU B 591 19.26 -1.62 -1.41
CA GLU B 591 20.28 -2.56 -1.85
C GLU B 591 21.13 -1.96 -2.95
N LEU B 592 20.54 -1.08 -3.76
CA LEU B 592 21.34 -0.41 -4.78
C LEU B 592 22.13 0.74 -4.20
N TRP B 593 21.75 1.22 -3.02
CA TRP B 593 22.58 2.22 -2.38
C TRP B 593 23.82 1.58 -1.78
N ARG B 594 23.67 0.38 -1.21
CA ARG B 594 24.84 -0.34 -0.72
C ARG B 594 25.69 -0.82 -1.88
N ALA B 595 25.10 -1.07 -3.04
CA ALA B 595 25.89 -1.43 -4.21
C ALA B 595 26.63 -0.23 -4.78
N GLN B 596 26.12 0.99 -4.57
CA GLN B 596 26.85 2.16 -5.02
C GLN B 596 28.00 2.48 -4.09
N ILE B 597 27.87 2.18 -2.80
CA ILE B 597 28.99 2.28 -1.86
C ILE B 597 30.13 1.38 -2.30
N VAL B 598 29.82 0.16 -2.74
CA VAL B 598 30.84 -0.76 -3.20
C VAL B 598 31.44 -0.28 -4.52
N ALA B 599 30.61 0.23 -5.42
CA ALA B 599 31.11 0.73 -6.70
C ALA B 599 31.95 1.98 -6.51
N THR B 600 31.61 2.81 -5.53
CA THR B 600 32.42 3.98 -5.22
C THR B 600 33.73 3.57 -4.58
N THR B 601 33.69 2.57 -3.70
CA THR B 601 34.89 2.20 -2.95
C THR B 601 35.88 1.47 -3.84
N VAL B 602 35.38 0.61 -4.75
CA VAL B 602 36.25 -0.07 -5.71
C VAL B 602 36.90 0.95 -6.65
N MET B 603 36.16 2.00 -6.99
CA MET B 603 36.71 3.03 -7.85
C MET B 603 37.76 3.87 -7.13
N LEU B 604 37.51 4.23 -5.86
CA LEU B 604 38.45 5.06 -5.12
C LEU B 604 39.69 4.28 -4.73
N GLU B 605 39.57 2.98 -4.52
CA GLU B 605 40.75 2.18 -4.23
C GLU B 605 41.61 2.01 -5.47
N ARG B 606 40.98 2.03 -6.64
CA ARG B 606 41.68 1.76 -7.88
C ARG B 606 42.56 2.92 -8.32
N LYS B 607 42.11 4.15 -8.08
CA LYS B 607 42.81 5.33 -8.58
C LYS B 607 43.61 6.05 -7.52
N LEU B 608 43.56 5.62 -6.27
CA LEU B 608 44.41 6.18 -5.23
C LEU B 608 45.56 5.23 -4.92
N PRO B 609 46.73 5.75 -4.54
CA PRO B 609 47.88 4.87 -4.31
C PRO B 609 47.77 4.18 -2.95
N ARG B 610 48.66 3.19 -2.77
CA ARG B 610 48.58 2.29 -1.62
C ARG B 610 48.97 3.00 -0.32
N CYS B 611 49.71 4.11 -0.40
CA CYS B 611 49.98 4.90 0.79
C CYS B 611 48.71 5.59 1.30
N LEU B 612 47.84 6.00 0.38
CA LEU B 612 46.58 6.60 0.81
C LEU B 612 45.59 5.53 1.27
N TRP B 613 45.66 4.34 0.68
CA TRP B 613 44.71 3.26 0.93
C TRP B 613 45.43 2.07 1.56
N PRO B 614 45.42 1.94 2.88
CA PRO B 614 45.96 0.72 3.49
C PRO B 614 45.10 -0.47 3.15
N ARG B 615 45.76 -1.56 2.76
CA ARG B 615 45.07 -2.74 2.27
C ARG B 615 44.26 -3.40 3.39
N SER B 616 43.06 -3.85 3.04
CA SER B 616 42.13 -4.35 4.04
C SER B 616 42.51 -5.75 4.48
N GLY B 617 42.25 -6.02 5.75
CA GLY B 617 42.65 -7.27 6.34
C GLY B 617 43.93 -7.17 7.14
N ILE B 618 44.44 -8.34 7.52
CA ILE B 618 45.73 -8.45 8.20
C ILE B 618 46.55 -9.47 7.44
N CYS B 619 47.73 -9.06 6.98
CA CYS B 619 48.61 -9.97 6.28
C CYS B 619 49.14 -11.06 7.21
N GLY B 620 49.43 -12.22 6.64
CA GLY B 620 50.13 -13.26 7.37
C GLY B 620 51.62 -12.98 7.44
N ARG B 621 52.39 -14.08 7.50
CA ARG B 621 53.86 -14.18 7.44
C ARG B 621 54.53 -13.67 8.72
N GLU B 622 53.77 -12.99 9.56
CA GLU B 622 54.15 -12.74 10.94
C GLU B 622 53.13 -13.32 11.89
N TYR B 623 52.28 -14.23 11.41
CA TYR B 623 51.34 -14.96 12.25
C TYR B 623 51.24 -16.41 11.82
N GLY B 624 52.13 -16.89 10.95
CA GLY B 624 52.13 -18.27 10.52
C GLY B 624 51.06 -18.64 9.52
N LEU B 625 50.44 -17.67 8.88
CA LEU B 625 49.30 -17.92 8.01
C LEU B 625 49.66 -17.87 6.53
N GLY B 626 50.86 -17.40 6.18
CA GLY B 626 51.26 -17.35 4.79
C GLY B 626 51.42 -15.93 4.30
N ASP B 627 51.22 -15.77 2.99
CA ASP B 627 51.20 -14.45 2.37
C ASP B 627 49.79 -13.97 2.04
N ARG B 628 48.79 -14.54 2.69
CA ARG B 628 47.41 -14.14 2.44
C ARG B 628 46.97 -13.11 3.47
N TRP B 629 45.94 -12.34 3.12
CA TRP B 629 45.42 -11.25 3.95
C TRP B 629 44.08 -11.64 4.53
N PHE B 630 43.93 -11.55 5.84
CA PHE B 630 42.80 -12.17 6.54
C PHE B 630 41.92 -11.13 7.21
N LEU B 631 40.62 -11.36 7.15
CA LEU B 631 39.62 -10.55 7.84
C LEU B 631 39.04 -11.32 9.00
N ARG B 632 39.27 -10.86 10.22
CA ARG B 632 38.71 -11.48 11.41
C ARG B 632 37.33 -10.93 11.69
N VAL B 633 36.35 -11.82 11.83
CA VAL B 633 34.98 -11.46 12.14
C VAL B 633 34.57 -12.21 13.40
N GLU B 634 34.25 -11.47 14.45
CA GLU B 634 33.78 -12.06 15.70
C GLU B 634 32.26 -12.00 15.73
N ASP B 635 31.64 -13.10 16.14
CA ASP B 635 30.22 -13.31 15.93
C ASP B 635 29.63 -13.96 17.17
N ARG B 636 28.35 -13.71 17.40
CA ARG B 636 27.63 -14.31 18.51
C ARG B 636 26.53 -15.22 17.97
N GLN B 637 26.44 -16.43 18.53
CA GLN B 637 25.69 -17.48 17.87
C GLN B 637 24.21 -17.46 18.22
N ASP B 638 23.83 -16.74 19.28
CA ASP B 638 22.46 -16.58 19.76
C ASP B 638 21.76 -17.90 20.06
N GLU C 27 37.68 1.33 14.61
CA GLU C 27 38.67 1.45 13.54
C GLU C 27 40.05 1.03 14.00
N SER C 28 40.74 1.93 14.71
CA SER C 28 42.11 1.65 15.10
C SER C 28 42.17 0.64 16.23
N TRP C 29 41.25 0.74 17.19
CA TRP C 29 41.27 -0.19 18.30
C TRP C 29 40.71 -1.55 17.91
N ALA C 30 39.77 -1.58 16.96
CA ALA C 30 39.29 -2.84 16.43
C ALA C 30 40.35 -3.50 15.56
N GLN C 31 41.22 -2.70 14.95
CA GLN C 31 42.40 -3.24 14.28
C GLN C 31 43.38 -3.83 15.29
N SER C 32 43.51 -3.19 16.45
CA SER C 32 44.46 -3.67 17.45
C SER C 32 43.95 -4.93 18.13
N ARG C 33 42.63 -5.07 18.25
CA ARG C 33 42.09 -6.31 18.80
C ARG C 33 42.32 -7.47 17.83
N ASP C 34 42.21 -7.21 16.52
CA ASP C 34 42.39 -8.25 15.53
C ASP C 34 43.83 -8.75 15.50
N GLU C 35 44.79 -7.86 15.72
CA GLU C 35 46.19 -8.28 15.70
C GLU C 35 46.54 -9.09 16.93
N GLN C 36 45.92 -8.79 18.07
CA GLN C 36 46.20 -9.55 19.27
C GLN C 36 45.59 -10.94 19.21
N ASN C 37 44.44 -11.08 18.54
CA ASN C 37 43.82 -12.40 18.41
C ASN C 37 44.58 -13.26 17.43
N LEU C 38 45.18 -12.66 16.40
CA LEU C 38 46.09 -13.43 15.55
C LEU C 38 47.42 -13.69 16.26
N LEU C 39 47.83 -12.79 17.14
CA LEU C 39 49.07 -13.00 17.86
C LEU C 39 48.92 -14.09 18.91
N GLN C 40 47.69 -14.29 19.40
CA GLN C 40 47.41 -15.41 20.30
C GLN C 40 47.62 -16.74 19.61
N GLN C 41 47.15 -16.86 18.38
CA GLN C 41 47.20 -18.14 17.67
C GLN C 41 48.62 -18.45 17.21
N LYS C 42 49.42 -17.42 16.97
CA LYS C 42 50.83 -17.64 16.63
C LYS C 42 51.61 -18.17 17.83
N ARG C 43 51.38 -17.59 19.01
CA ARG C 43 52.13 -17.98 20.20
C ARG C 43 51.71 -19.36 20.68
N ILE C 44 50.49 -19.79 20.36
CA ILE C 44 50.10 -21.17 20.65
C ILE C 44 50.89 -22.15 19.80
N TRP C 45 51.06 -21.83 18.52
CA TRP C 45 51.70 -22.78 17.60
C TRP C 45 53.20 -22.87 17.84
N GLU C 46 53.83 -21.77 18.20
CA GLU C 46 55.27 -21.79 18.43
C GLU C 46 55.63 -22.07 19.89
N SER C 47 54.69 -22.53 20.70
CA SER C 47 54.97 -23.01 22.05
C SER C 47 54.51 -24.46 22.13
N PRO C 48 55.40 -25.40 22.45
CA PRO C 48 54.98 -26.81 22.47
C PRO C 48 54.10 -27.16 23.67
N LEU C 49 54.08 -26.30 24.70
CA LEU C 49 53.15 -26.50 25.80
C LEU C 49 51.75 -26.05 25.39
N LEU C 50 51.64 -24.85 24.84
CA LEU C 50 50.32 -24.29 24.52
C LEU C 50 49.69 -25.01 23.34
N LEU C 51 50.51 -25.46 22.38
CA LEU C 51 49.98 -26.20 21.25
C LEU C 51 49.42 -27.55 21.68
N ALA C 52 50.02 -28.16 22.70
CA ALA C 52 49.55 -29.47 23.16
C ALA C 52 48.20 -29.37 23.84
N ALA C 53 47.92 -28.22 24.48
CA ALA C 53 46.65 -28.08 25.19
C ALA C 53 45.53 -27.69 24.24
N LYS C 54 45.88 -27.16 23.06
CA LYS C 54 44.84 -26.73 22.13
C LYS C 54 44.16 -27.92 21.46
N ASP C 55 44.93 -28.94 21.09
CA ASP C 55 44.39 -30.10 20.40
C ASP C 55 44.44 -31.37 21.22
N ASN C 56 44.50 -31.24 22.55
CA ASN C 56 44.16 -32.29 23.52
C ASN C 56 45.15 -33.46 23.45
N ASP C 57 46.40 -33.16 23.09
CA ASP C 57 47.45 -34.17 22.98
C ASP C 57 48.05 -34.35 24.37
N VAL C 58 47.43 -35.24 25.17
CA VAL C 58 47.85 -35.40 26.56
C VAL C 58 49.17 -36.14 26.64
N GLN C 59 49.50 -36.92 25.62
CA GLN C 59 50.80 -37.58 25.57
C GLN C 59 51.89 -36.58 25.25
N ALA C 60 51.54 -35.48 24.60
CA ALA C 60 52.48 -34.37 24.46
C ALA C 60 52.58 -33.59 25.76
N LEU C 61 51.52 -33.60 26.57
CA LEU C 61 51.58 -32.97 27.88
C LEU C 61 52.49 -33.73 28.83
N ASN C 62 52.64 -35.04 28.63
CA ASN C 62 53.47 -35.83 29.53
C ASN C 62 54.95 -35.53 29.29
N LYS C 63 55.36 -35.47 28.02
CA LYS C 63 56.78 -35.50 27.70
C LYS C 63 57.45 -34.15 27.97
N LEU C 64 56.70 -33.05 27.89
CA LEU C 64 57.26 -31.76 28.27
C LEU C 64 57.40 -31.65 29.79
N LEU C 65 56.63 -32.45 30.53
CA LEU C 65 56.81 -32.47 31.98
C LEU C 65 57.82 -33.53 32.40
N LYS C 66 58.06 -34.53 31.56
CA LYS C 66 59.11 -35.51 31.82
C LYS C 66 60.48 -34.86 31.71
N TYR C 67 60.59 -33.84 30.85
CA TYR C 67 61.87 -33.19 30.59
C TYR C 67 62.29 -32.38 31.81
N GLU C 68 61.40 -31.52 32.31
CA GLU C 68 61.71 -30.66 33.43
C GLU C 68 60.37 -30.15 33.94
N ASP C 69 60.33 -29.59 35.16
CA ASP C 69 59.13 -28.90 35.60
C ASP C 69 59.14 -27.45 35.10
N CYS C 70 59.01 -27.29 33.78
CA CYS C 70 59.43 -26.14 32.95
C CYS C 70 58.44 -24.99 33.13
N LYS C 71 58.49 -24.00 32.24
CA LYS C 71 57.63 -22.83 32.34
C LYS C 71 56.19 -23.24 32.05
N VAL C 72 55.51 -23.65 33.12
CA VAL C 72 54.06 -23.60 33.14
C VAL C 72 53.60 -22.14 33.28
N HIS C 73 54.50 -21.27 33.68
CA HIS C 73 54.30 -19.82 33.71
C HIS C 73 54.75 -19.24 32.38
N GLN C 74 54.23 -19.82 31.30
CA GLN C 74 54.30 -19.23 29.98
C GLN C 74 53.08 -18.34 29.77
N ARG C 75 53.32 -17.07 29.48
CA ARG C 75 52.27 -16.11 29.17
C ARG C 75 52.20 -15.93 27.67
N GLY C 76 51.02 -16.13 27.11
CA GLY C 76 50.78 -15.96 25.69
C GLY C 76 50.62 -14.49 25.33
N ALA C 77 49.84 -14.27 24.27
CA ALA C 77 49.64 -12.89 23.82
C ALA C 77 48.70 -12.15 24.75
N MET C 78 47.56 -12.76 25.08
CA MET C 78 46.62 -12.21 26.04
C MET C 78 46.87 -12.69 27.45
N GLY C 79 48.12 -13.01 27.81
CA GLY C 79 48.39 -13.52 29.14
C GLY C 79 47.82 -14.89 29.41
N GLU C 80 47.68 -15.70 28.38
CA GLU C 80 47.19 -17.06 28.52
C GLU C 80 48.19 -17.91 29.27
N THR C 81 47.70 -18.83 30.08
CA THR C 81 48.49 -19.98 30.47
C THR C 81 47.95 -21.19 29.73
N ALA C 82 48.59 -22.34 29.92
CA ALA C 82 48.16 -23.54 29.20
C ALA C 82 46.85 -24.08 29.74
N LEU C 83 46.52 -23.74 30.99
CA LEU C 83 45.22 -24.11 31.53
C LEU C 83 44.12 -23.22 30.94
N HIS C 84 44.46 -21.95 30.68
CA HIS C 84 43.54 -21.08 29.96
C HIS C 84 43.32 -21.56 28.53
N ILE C 85 44.34 -22.14 27.90
CA ILE C 85 44.19 -22.67 26.55
C ILE C 85 43.34 -23.93 26.58
N ALA C 86 43.54 -24.78 27.59
CA ALA C 86 42.77 -26.02 27.66
C ALA C 86 41.31 -25.76 28.02
N ALA C 87 41.05 -24.67 28.75
CA ALA C 87 39.68 -24.33 29.06
C ALA C 87 38.98 -23.71 27.88
N LEU C 88 39.71 -22.97 27.04
CA LEU C 88 39.10 -22.29 25.91
C LEU C 88 38.71 -23.26 24.80
N TYR C 89 39.49 -24.32 24.61
CA TYR C 89 39.23 -25.26 23.54
C TYR C 89 38.54 -26.53 24.00
N ASP C 90 37.98 -26.51 25.23
CA ASP C 90 37.17 -27.59 25.81
C ASP C 90 37.92 -28.92 25.86
N ASN C 91 39.13 -28.89 26.42
CA ASN C 91 39.96 -30.07 26.50
C ASN C 91 40.06 -30.46 27.97
N LEU C 92 39.28 -31.47 28.35
CA LEU C 92 39.23 -31.94 29.73
C LEU C 92 40.53 -32.60 30.14
N GLU C 93 40.97 -33.60 29.38
CA GLU C 93 42.10 -34.42 29.79
C GLU C 93 43.40 -33.63 29.67
N ALA C 94 43.44 -32.66 28.76
CA ALA C 94 44.60 -31.78 28.67
C ALA C 94 44.66 -30.84 29.87
N ALA C 95 43.50 -30.47 30.42
CA ALA C 95 43.47 -29.54 31.53
C ALA C 95 43.85 -30.20 32.84
N MET C 96 43.67 -31.53 32.92
CA MET C 96 44.00 -32.24 34.15
C MET C 96 45.49 -32.27 34.39
N VAL C 97 46.26 -32.51 33.31
CA VAL C 97 47.71 -32.68 33.41
C VAL C 97 48.37 -31.37 33.86
N LEU C 98 47.79 -30.23 33.49
CA LEU C 98 48.27 -28.95 34.01
C LEU C 98 47.96 -28.80 35.50
N MET C 99 46.87 -29.43 35.97
CA MET C 99 46.44 -29.16 37.34
C MET C 99 47.19 -30.00 38.37
N GLU C 100 47.49 -31.28 38.06
CA GLU C 100 48.29 -32.05 39.00
C GLU C 100 49.76 -31.60 38.97
N ALA C 101 50.27 -31.21 37.81
CA ALA C 101 51.67 -30.81 37.73
C ALA C 101 51.90 -29.42 38.31
N ALA C 102 50.93 -28.52 38.15
CA ALA C 102 51.01 -27.18 38.73
C ALA C 102 49.63 -26.72 39.15
N PRO C 103 49.23 -26.93 40.42
CA PRO C 103 47.91 -26.47 40.86
C PRO C 103 47.77 -24.96 40.92
N GLU C 104 48.89 -24.23 40.99
CA GLU C 104 48.84 -22.78 41.16
C GLU C 104 48.35 -22.05 39.90
N LEU C 105 48.14 -22.76 38.79
CA LEU C 105 47.65 -22.10 37.59
C LEU C 105 46.15 -21.90 37.61
N VAL C 106 45.47 -22.38 38.66
CA VAL C 106 44.05 -22.07 38.80
C VAL C 106 43.88 -20.75 39.53
N PHE C 107 44.96 -20.22 40.10
CA PHE C 107 44.91 -18.96 40.82
C PHE C 107 45.45 -17.82 39.98
N GLU C 108 45.56 -18.04 38.68
CA GLU C 108 46.20 -17.06 37.82
C GLU C 108 45.19 -16.48 36.84
N PRO C 109 45.09 -15.16 36.74
CA PRO C 109 44.25 -14.56 35.72
C PRO C 109 45.04 -14.20 34.47
N MET C 110 44.35 -13.90 33.38
CA MET C 110 45.01 -13.32 32.23
C MET C 110 45.41 -11.89 32.54
N THR C 111 46.57 -11.49 32.04
CA THR C 111 47.21 -10.25 32.44
C THR C 111 47.07 -9.12 31.44
N SER C 112 46.61 -9.39 30.22
CA SER C 112 46.52 -8.37 29.20
C SER C 112 45.34 -7.45 29.48
N GLU C 113 45.33 -6.30 28.80
CA GLU C 113 44.28 -5.31 29.03
C GLU C 113 42.94 -5.77 28.48
N LEU C 114 42.97 -6.68 27.50
CA LEU C 114 41.74 -7.06 26.82
C LEU C 114 40.94 -8.08 27.62
N TYR C 115 41.62 -9.00 28.31
CA TYR C 115 40.96 -10.04 29.08
C TYR C 115 41.50 -10.10 30.50
N GLU C 116 41.69 -8.93 31.12
CA GLU C 116 42.24 -8.84 32.47
C GLU C 116 41.31 -9.50 33.48
N GLY C 117 41.90 -10.23 34.42
CA GLY C 117 41.14 -10.83 35.49
C GLY C 117 40.53 -12.16 35.19
N GLN C 118 40.43 -12.54 33.93
CA GLN C 118 39.77 -13.78 33.55
C GLN C 118 40.62 -14.97 33.95
N THR C 119 40.09 -15.80 34.82
CA THR C 119 40.73 -17.05 35.20
C THR C 119 40.16 -18.17 34.35
N ALA C 120 40.67 -19.38 34.56
CA ALA C 120 40.13 -20.55 33.86
C ALA C 120 38.78 -20.94 34.42
N LEU C 121 38.42 -20.42 35.59
CA LEU C 121 37.08 -20.63 36.13
C LEU C 121 36.04 -19.90 35.29
N HIS C 122 36.35 -18.68 34.86
CA HIS C 122 35.46 -17.94 33.98
C HIS C 122 35.23 -18.67 32.66
N ILE C 123 36.27 -19.32 32.14
CA ILE C 123 36.22 -19.90 30.81
C ILE C 123 35.41 -21.19 30.82
N ALA C 124 35.60 -22.03 31.85
CA ALA C 124 34.91 -23.30 31.92
C ALA C 124 33.42 -23.10 32.14
N VAL C 125 33.05 -22.02 32.79
CA VAL C 125 31.66 -21.69 33.02
C VAL C 125 30.98 -21.24 31.74
N VAL C 126 31.65 -20.38 30.97
CA VAL C 126 31.08 -19.86 29.71
C VAL C 126 30.97 -20.98 28.67
N ASN C 127 31.92 -21.91 28.67
CA ASN C 127 31.83 -23.06 27.78
C ASN C 127 30.86 -24.11 28.25
N GLN C 128 30.32 -23.97 29.47
CA GLN C 128 29.47 -24.95 30.14
C GLN C 128 30.16 -26.31 30.25
N ASN C 129 31.46 -26.29 30.52
CA ASN C 129 32.23 -27.51 30.74
C ASN C 129 32.15 -27.82 32.23
N MET C 130 31.21 -28.71 32.57
CA MET C 130 30.89 -28.87 33.99
C MET C 130 31.86 -29.83 34.67
N ASN C 131 32.41 -30.79 33.91
CA ASN C 131 33.46 -31.66 34.43
C ASN C 131 34.72 -30.88 34.73
N LEU C 132 34.97 -29.81 33.98
CA LEU C 132 36.15 -28.99 34.24
C LEU C 132 35.93 -28.05 35.40
N VAL C 133 34.71 -27.54 35.57
CA VAL C 133 34.48 -26.53 36.60
C VAL C 133 34.30 -27.22 37.96
N ARG C 134 33.86 -28.48 37.98
CA ARG C 134 33.90 -29.25 39.21
C ARG C 134 35.33 -29.55 39.62
N ALA C 135 36.21 -29.76 38.64
CA ALA C 135 37.61 -30.02 38.94
C ALA C 135 38.31 -28.76 39.42
N LEU C 136 37.87 -27.60 38.97
CA LEU C 136 38.46 -26.35 39.43
C LEU C 136 37.99 -26.00 40.83
N LEU C 137 36.71 -26.26 41.13
CA LEU C 137 36.21 -25.98 42.47
C LEU C 137 36.74 -26.97 43.49
N ALA C 138 37.21 -28.14 43.03
CA ALA C 138 37.87 -29.08 43.92
C ALA C 138 39.25 -28.55 44.32
N ARG C 139 39.80 -27.62 43.55
CA ARG C 139 41.11 -27.05 43.80
C ARG C 139 41.04 -25.61 44.28
N ARG C 140 39.96 -25.27 45.00
CA ARG C 140 39.64 -23.93 45.54
C ARG C 140 39.91 -22.80 44.53
N ALA C 141 39.25 -22.89 43.39
CA ALA C 141 39.28 -21.78 42.43
C ALA C 141 38.45 -20.62 42.96
N SER C 142 38.99 -19.41 42.82
CA SER C 142 38.37 -18.23 43.40
C SER C 142 37.08 -17.87 42.66
N VAL C 143 35.96 -18.04 43.34
CA VAL C 143 34.66 -17.71 42.77
C VAL C 143 34.33 -16.23 42.86
N SER C 144 35.21 -15.43 43.43
CA SER C 144 35.04 -13.98 43.49
C SER C 144 36.03 -13.25 42.60
N ALA C 145 36.55 -13.91 41.58
CA ALA C 145 37.53 -13.27 40.70
C ALA C 145 36.85 -12.37 39.70
N ARG C 146 37.39 -11.16 39.55
CA ARG C 146 36.78 -10.11 38.74
C ARG C 146 37.46 -10.05 37.39
N ALA C 147 36.76 -10.49 36.34
CA ALA C 147 37.25 -10.33 34.98
C ALA C 147 37.06 -8.88 34.55
N THR C 148 38.06 -8.05 34.81
CA THR C 148 37.97 -6.61 34.54
C THR C 148 38.65 -6.21 33.24
N GLY C 149 38.61 -7.08 32.22
CA GLY C 149 39.23 -6.73 30.96
C GLY C 149 38.29 -5.96 30.05
N THR C 150 38.88 -5.36 29.02
CA THR C 150 38.15 -4.44 28.15
C THR C 150 37.13 -5.18 27.29
N ALA C 151 37.37 -6.47 27.03
CA ALA C 151 36.41 -7.26 26.28
C ALA C 151 35.25 -7.74 27.16
N PHE C 152 35.23 -7.35 28.43
CA PHE C 152 34.11 -7.72 29.27
C PHE C 152 33.25 -6.53 29.67
N ARG C 153 33.60 -5.31 29.25
CA ARG C 153 32.79 -4.15 29.56
C ARG C 153 31.54 -4.13 28.69
N ARG C 154 30.53 -3.40 29.16
CA ARG C 154 29.32 -3.19 28.38
C ARG C 154 29.61 -2.08 27.38
N SER C 155 29.84 -2.46 26.13
CA SER C 155 30.30 -1.56 25.09
C SER C 155 29.53 -1.88 23.82
N PRO C 156 29.46 -0.94 22.87
CA PRO C 156 28.95 -1.29 21.54
C PRO C 156 29.88 -2.21 20.76
N CYS C 157 31.14 -2.30 21.16
CA CYS C 157 32.15 -3.10 20.47
C CYS C 157 32.47 -4.43 21.15
N ASN C 158 31.63 -4.87 22.09
CA ASN C 158 31.72 -6.20 22.67
C ASN C 158 30.39 -6.89 22.48
N LEU C 159 30.42 -8.14 22.01
CA LEU C 159 29.17 -8.81 21.66
C LEU C 159 28.51 -9.42 22.88
N ILE C 160 29.26 -9.57 23.97
CA ILE C 160 28.73 -10.07 25.22
C ILE C 160 28.91 -9.00 26.28
N TYR C 161 27.96 -8.93 27.21
CA TYR C 161 28.18 -8.30 28.51
C TYR C 161 27.71 -9.30 29.55
N PHE C 162 28.67 -10.06 30.06
CA PHE C 162 28.38 -11.13 31.01
C PHE C 162 28.62 -10.72 32.44
N GLY C 163 28.85 -9.45 32.72
CA GLY C 163 29.27 -9.07 34.05
C GLY C 163 30.76 -9.27 34.23
N GLU C 164 31.22 -9.55 35.45
CA GLU C 164 32.63 -9.87 35.63
C GLU C 164 32.90 -10.95 36.67
N HIS C 165 31.87 -11.56 37.26
CA HIS C 165 32.04 -12.63 38.23
C HIS C 165 31.59 -13.97 37.62
N PRO C 166 32.11 -15.10 38.11
CA PRO C 166 31.67 -16.39 37.52
C PRO C 166 30.22 -16.73 37.78
N LEU C 167 29.60 -16.16 38.82
CA LEU C 167 28.14 -16.25 38.94
C LEU C 167 27.45 -15.51 37.81
N SER C 168 27.98 -14.36 37.44
CA SER C 168 27.37 -13.59 36.37
C SER C 168 27.57 -14.27 35.02
N PHE C 169 28.66 -15.02 34.87
CA PHE C 169 28.89 -15.68 33.58
C PHE C 169 28.00 -16.92 33.47
N ALA C 170 27.73 -17.57 34.61
CA ALA C 170 26.87 -18.74 34.61
C ALA C 170 25.43 -18.38 34.35
N ALA C 171 25.01 -17.21 34.84
CA ALA C 171 23.62 -16.81 34.68
C ALA C 171 23.31 -16.43 33.25
N CYS C 172 24.33 -16.01 32.50
CA CYS C 172 24.11 -15.52 31.15
C CYS C 172 24.19 -16.60 30.09
N VAL C 173 24.82 -17.74 30.38
CA VAL C 173 24.91 -18.84 29.45
C VAL C 173 23.76 -19.83 29.62
N ASN C 174 22.80 -19.50 30.50
CA ASN C 174 21.70 -20.37 30.92
C ASN C 174 22.22 -21.72 31.43
N SER C 175 22.96 -21.70 32.51
CA SER C 175 23.45 -22.94 33.11
C SER C 175 22.90 -23.01 34.53
N GLU C 176 21.78 -23.70 34.69
CA GLU C 176 21.14 -23.77 35.99
C GLU C 176 21.88 -24.72 36.93
N GLU C 177 22.74 -25.59 36.39
CA GLU C 177 23.50 -26.50 37.22
C GLU C 177 24.76 -25.84 37.79
N ILE C 178 25.40 -24.98 37.00
CA ILE C 178 26.65 -24.36 37.45
C ILE C 178 26.36 -23.21 38.41
N VAL C 179 25.21 -22.53 38.23
CA VAL C 179 24.85 -21.44 39.14
C VAL C 179 24.51 -21.99 40.52
N ARG C 180 24.00 -23.23 40.59
CA ARG C 180 23.84 -23.87 41.88
C ARG C 180 25.19 -24.29 42.43
N LEU C 181 26.06 -24.79 41.55
CA LEU C 181 27.35 -25.34 41.96
C LEU C 181 28.28 -24.26 42.51
N LEU C 182 28.16 -23.04 42.00
CA LEU C 182 29.01 -21.96 42.48
C LEU C 182 28.49 -21.37 43.78
N ILE C 183 27.16 -21.25 43.93
CA ILE C 183 26.59 -20.71 45.16
C ILE C 183 26.80 -21.69 46.31
N GLU C 184 26.80 -22.99 46.02
CA GLU C 184 27.11 -23.96 47.07
C GLU C 184 28.60 -24.14 47.29
N HIS C 185 29.45 -23.34 46.63
CA HIS C 185 30.85 -23.24 46.99
C HIS C 185 31.23 -21.85 47.48
N GLY C 186 30.27 -20.94 47.62
CA GLY C 186 30.51 -19.67 48.27
C GLY C 186 30.50 -18.46 47.37
N ALA C 187 29.99 -18.56 46.15
CA ALA C 187 29.94 -17.42 45.26
C ALA C 187 28.85 -16.47 45.70
N ASP C 188 29.19 -15.20 45.82
CA ASP C 188 28.34 -14.17 46.40
C ASP C 188 27.37 -13.66 45.36
N ILE C 189 26.09 -13.62 45.72
CA ILE C 189 25.07 -13.09 44.82
C ILE C 189 24.92 -11.58 45.00
N ARG C 190 25.64 -11.00 45.95
CA ARG C 190 25.60 -9.57 46.16
C ARG C 190 26.70 -8.82 45.43
N ALA C 191 27.51 -9.51 44.63
CA ALA C 191 28.68 -8.86 44.05
C ALA C 191 28.28 -8.00 42.86
N GLN C 192 28.79 -6.77 42.83
CA GLN C 192 28.55 -5.84 41.75
C GLN C 192 29.77 -5.73 40.86
N ASP C 193 29.60 -5.04 39.73
CA ASP C 193 30.63 -4.83 38.73
C ASP C 193 31.18 -3.41 38.86
N SER C 194 31.98 -3.01 37.88
CA SER C 194 32.40 -1.61 37.79
C SER C 194 31.23 -0.71 37.49
N LEU C 195 30.23 -1.21 36.75
CA LEU C 195 28.99 -0.47 36.55
C LEU C 195 28.05 -0.57 37.73
N GLY C 196 28.39 -1.35 38.76
CA GLY C 196 27.52 -1.55 39.89
C GLY C 196 26.41 -2.55 39.66
N ASN C 197 26.36 -3.15 38.49
CA ASN C 197 25.33 -4.11 38.17
C ASN C 197 25.53 -5.40 38.93
N THR C 198 24.53 -5.81 39.71
CA THR C 198 24.53 -7.12 40.30
C THR C 198 24.04 -8.11 39.25
N VAL C 199 23.98 -9.40 39.59
CA VAL C 199 23.69 -10.43 38.60
C VAL C 199 22.25 -10.34 38.11
N LEU C 200 21.39 -9.67 38.88
CA LEU C 200 20.01 -9.52 38.47
C LEU C 200 19.89 -8.43 37.42
N HIS C 201 20.73 -7.39 37.53
CA HIS C 201 20.83 -6.38 36.49
C HIS C 201 21.33 -6.95 35.18
N ILE C 202 22.31 -7.85 35.25
CA ILE C 202 22.98 -8.35 34.06
C ILE C 202 22.04 -9.23 33.25
N LEU C 203 21.15 -9.95 33.93
CA LEU C 203 20.19 -10.82 33.25
C LEU C 203 19.19 -10.03 32.41
N ILE C 204 18.95 -8.78 32.77
CA ILE C 204 18.01 -7.96 32.04
C ILE C 204 18.63 -7.47 30.73
N LEU C 205 19.95 -7.36 30.70
CA LEU C 205 20.68 -6.91 29.53
C LEU C 205 20.95 -8.02 28.52
N GLN C 206 20.28 -9.16 28.67
CA GLN C 206 20.61 -10.34 27.88
C GLN C 206 19.65 -10.51 26.69
N PRO C 207 20.15 -11.00 25.55
CA PRO C 207 19.30 -11.06 24.35
C PRO C 207 18.22 -12.12 24.39
N ASN C 208 18.45 -13.22 25.10
CA ASN C 208 17.43 -14.25 25.25
C ASN C 208 16.70 -13.95 26.55
N LYS C 209 15.55 -13.31 26.40
CA LYS C 209 14.87 -12.71 27.54
C LYS C 209 14.03 -13.74 28.28
N THR C 210 13.76 -14.88 27.64
CA THR C 210 12.95 -15.90 28.29
C THR C 210 13.81 -16.77 29.21
N PHE C 211 15.05 -17.07 28.81
CA PHE C 211 15.98 -17.73 29.71
C PHE C 211 16.32 -16.85 30.90
N ALA C 212 16.29 -15.53 30.69
CA ALA C 212 16.61 -14.60 31.77
C ALA C 212 15.54 -14.64 32.86
N CYS C 213 14.28 -14.90 32.49
CA CYS C 213 13.23 -14.96 33.50
C CYS C 213 13.36 -16.21 34.38
N GLN C 214 13.77 -17.33 33.79
CA GLN C 214 14.01 -18.53 34.59
C GLN C 214 15.25 -18.36 35.45
N MET C 215 16.27 -17.70 34.92
CA MET C 215 17.48 -17.48 35.70
C MET C 215 17.29 -16.34 36.68
N TYR C 216 16.25 -15.53 36.50
CA TYR C 216 15.93 -14.52 37.50
C TYR C 216 15.41 -15.19 38.77
N ASN C 217 14.44 -16.10 38.63
CA ASN C 217 13.78 -16.70 39.77
C ASN C 217 14.73 -17.56 40.57
N LEU C 218 15.65 -18.24 39.89
CA LEU C 218 16.59 -19.11 40.57
C LEU C 218 17.57 -18.30 41.40
N LEU C 219 18.07 -17.20 40.86
CA LEU C 219 19.00 -16.36 41.60
C LEU C 219 18.28 -15.55 42.67
N LEU C 220 16.98 -15.33 42.50
CA LEU C 220 16.20 -14.64 43.53
C LEU C 220 15.82 -15.62 44.63
N SER C 221 15.85 -16.92 44.34
CA SER C 221 15.52 -17.93 45.34
C SER C 221 16.62 -18.06 46.37
N TYR C 222 17.87 -17.81 45.98
CA TYR C 222 18.97 -17.85 46.94
C TYR C 222 19.07 -16.60 47.79
N ASP C 223 18.13 -15.68 47.67
CA ASP C 223 18.04 -14.56 48.59
C ASP C 223 17.18 -14.92 49.80
N ARG C 224 17.54 -16.01 50.50
CA ARG C 224 16.94 -16.37 51.77
C ARG C 224 17.27 -15.36 52.85
N HIS C 225 18.39 -14.65 52.71
CA HIS C 225 18.94 -13.84 53.78
C HIS C 225 18.09 -12.59 54.03
N GLY C 226 17.48 -12.54 55.21
CA GLY C 226 16.75 -11.38 55.65
C GLY C 226 17.59 -10.52 56.57
N ASP C 227 18.91 -10.71 56.51
CA ASP C 227 19.86 -9.94 57.30
C ASP C 227 20.85 -9.18 56.42
N HIS C 228 20.63 -9.15 55.11
CA HIS C 228 21.50 -8.44 54.19
C HIS C 228 20.94 -7.08 53.80
N LEU C 229 20.02 -6.54 54.62
CA LEU C 229 19.61 -5.15 54.72
C LEU C 229 18.77 -4.67 53.54
N GLN C 230 18.71 -5.45 52.48
CA GLN C 230 18.09 -5.01 51.25
C GLN C 230 17.93 -6.21 50.32
N PRO C 231 16.76 -6.42 49.72
CA PRO C 231 16.60 -7.56 48.81
C PRO C 231 17.37 -7.34 47.52
N LEU C 232 17.63 -8.45 46.81
CA LEU C 232 18.45 -8.40 45.61
C LEU C 232 17.76 -7.64 44.49
N ASP C 233 16.44 -7.68 44.44
CA ASP C 233 15.74 -6.93 43.41
C ASP C 233 15.58 -5.46 43.76
N LEU C 234 16.16 -5.01 44.87
CA LEU C 234 16.06 -3.62 45.30
C LEU C 234 17.41 -2.94 45.43
N VAL C 235 18.47 -3.57 44.91
CA VAL C 235 19.81 -3.02 44.99
C VAL C 235 20.06 -2.19 43.72
N PRO C 236 20.39 -0.92 43.85
CA PRO C 236 20.61 -0.10 42.65
C PRO C 236 22.05 -0.22 42.15
N ASN C 237 22.20 0.07 40.86
CA ASN C 237 23.52 0.17 40.26
C ASN C 237 24.03 1.60 40.44
N HIS C 238 25.10 1.95 39.72
CA HIS C 238 25.73 3.25 39.95
C HIS C 238 24.93 4.37 39.32
N GLN C 239 24.10 4.06 38.33
CA GLN C 239 23.12 5.02 37.83
C GLN C 239 21.89 5.11 38.72
N GLY C 240 21.79 4.30 39.77
CA GLY C 240 20.68 4.35 40.67
C GLY C 240 19.44 3.61 40.22
N LEU C 241 19.57 2.73 39.23
CA LEU C 241 18.46 1.95 38.71
C LEU C 241 18.43 0.61 39.42
N THR C 242 17.24 0.18 39.82
CA THR C 242 17.01 -1.17 40.32
C THR C 242 16.82 -2.08 39.12
N PRO C 243 16.77 -3.42 39.30
CA PRO C 243 16.45 -4.27 38.15
C PRO C 243 15.10 -4.01 37.52
N PHE C 244 14.10 -3.63 38.31
CA PHE C 244 12.78 -3.29 37.77
C PHE C 244 12.86 -2.04 36.89
N LYS C 245 13.58 -1.02 37.36
CA LYS C 245 13.70 0.21 36.58
C LYS C 245 14.62 0.01 35.39
N LEU C 246 15.58 -0.91 35.48
CA LEU C 246 16.47 -1.17 34.35
C LEU C 246 15.74 -1.94 33.25
N ALA C 247 14.74 -2.74 33.62
CA ALA C 247 13.92 -3.40 32.63
C ALA C 247 13.08 -2.41 31.83
N GLY C 248 12.68 -1.30 32.45
CA GLY C 248 11.93 -0.29 31.73
C GLY C 248 12.80 0.52 30.79
N VAL C 249 14.03 0.80 31.21
CA VAL C 249 14.94 1.63 30.41
C VAL C 249 15.41 0.89 29.17
N GLU C 250 15.67 -0.40 29.31
CA GLU C 250 16.13 -1.19 28.18
C GLU C 250 15.01 -1.65 27.28
N GLY C 251 13.76 -1.44 27.67
CA GLY C 251 12.65 -1.90 26.86
C GLY C 251 12.44 -3.39 26.96
N ASN C 252 12.93 -4.00 28.02
CA ASN C 252 12.85 -5.44 28.21
C ASN C 252 11.44 -5.75 28.71
N THR C 253 10.51 -5.88 27.75
CA THR C 253 9.10 -6.02 28.09
C THR C 253 8.80 -7.37 28.71
N VAL C 254 9.63 -8.36 28.42
CA VAL C 254 9.42 -9.70 28.97
C VAL C 254 9.81 -9.74 30.44
N MET C 255 10.98 -9.19 30.75
CA MET C 255 11.41 -9.07 32.14
C MET C 255 10.53 -8.07 32.90
N PHE C 256 9.94 -7.11 32.20
CA PHE C 256 9.10 -6.12 32.88
C PHE C 256 7.80 -6.73 33.37
N GLN C 257 7.17 -7.57 32.55
CA GLN C 257 5.92 -8.22 32.95
C GLN C 257 6.15 -9.23 34.06
N HIS C 258 7.30 -9.91 34.02
CA HIS C 258 7.65 -10.87 35.05
C HIS C 258 7.89 -10.19 36.38
N LEU C 259 8.64 -9.09 36.36
CA LEU C 259 8.94 -8.35 37.58
C LEU C 259 7.72 -7.67 38.16
N MET C 260 6.71 -7.38 37.34
CA MET C 260 5.55 -6.66 37.80
C MET C 260 4.62 -7.58 38.59
N GLN C 261 4.71 -8.88 38.35
CA GLN C 261 3.86 -9.85 39.04
C GLN C 261 4.24 -9.98 40.51
N LYS C 262 5.45 -9.56 40.86
CA LYS C 262 5.79 -9.44 42.28
C LYS C 262 5.08 -8.24 42.91
N ARG C 263 4.70 -7.27 42.09
CA ARG C 263 4.07 -6.06 42.60
C ARG C 263 2.55 -6.09 42.50
N LYS C 264 1.96 -7.08 41.85
CA LYS C 264 0.51 -7.21 41.83
C LYS C 264 0.00 -7.73 43.17
N HIS C 265 -1.30 -7.55 43.39
CA HIS C 265 -2.00 -8.18 44.50
C HIS C 265 -3.46 -8.34 44.14
N THR C 266 -3.88 -9.57 43.91
CA THR C 266 -5.24 -9.85 43.49
C THR C 266 -6.17 -9.74 44.69
N GLN C 267 -7.12 -8.81 44.62
CA GLN C 267 -8.08 -8.65 45.70
C GLN C 267 -9.13 -9.75 45.69
N TRP C 268 -9.83 -9.91 44.56
CA TRP C 268 -10.87 -10.92 44.47
C TRP C 268 -11.03 -11.35 43.02
N THR C 269 -11.72 -12.48 42.86
CA THR C 269 -12.02 -13.07 41.56
C THR C 269 -13.49 -13.41 41.54
N TYR C 270 -14.26 -12.71 40.72
CA TYR C 270 -15.70 -12.86 40.66
C TYR C 270 -16.08 -13.27 39.25
N GLY C 271 -16.08 -14.58 39.00
CA GLY C 271 -16.36 -15.11 37.69
C GLY C 271 -15.27 -14.73 36.74
N PRO C 272 -15.62 -14.01 35.67
CA PRO C 272 -14.59 -13.48 34.79
C PRO C 272 -13.91 -12.24 35.35
N LEU C 273 -14.45 -11.63 36.38
CA LEU C 273 -13.85 -10.42 36.92
C LEU C 273 -12.69 -10.73 37.84
N THR C 274 -11.74 -9.80 37.89
CA THR C 274 -10.58 -9.90 38.77
C THR C 274 -10.14 -8.50 39.12
N SER C 275 -10.16 -8.16 40.40
CA SER C 275 -9.67 -6.86 40.87
C SER C 275 -8.25 -7.01 41.34
N THR C 276 -7.33 -6.34 40.66
CA THR C 276 -5.90 -6.45 40.92
C THR C 276 -5.40 -5.11 41.43
N LEU C 277 -4.52 -5.15 42.41
CA LEU C 277 -4.01 -3.96 43.07
C LEU C 277 -2.50 -3.87 42.82
N TYR C 278 -2.06 -2.76 42.23
CA TYR C 278 -0.70 -2.59 41.73
C TYR C 278 0.10 -1.68 42.64
N ASP C 279 1.40 -1.98 42.78
CA ASP C 279 2.19 -1.36 43.84
C ASP C 279 2.51 0.09 43.54
N LEU C 280 2.87 0.41 42.30
CA LEU C 280 2.93 1.78 41.77
C LEU C 280 3.97 2.63 42.50
N THR C 281 4.99 1.99 43.07
CA THR C 281 5.96 2.68 43.92
C THR C 281 7.14 3.21 43.13
N GLU C 282 7.79 2.35 42.35
CA GLU C 282 8.88 2.83 41.52
C GLU C 282 8.37 3.31 40.16
N ILE C 283 7.13 2.98 39.83
CA ILE C 283 6.55 3.39 38.56
C ILE C 283 6.15 4.85 38.59
N ASP C 284 5.46 5.25 39.64
CA ASP C 284 4.86 6.57 39.66
C ASP C 284 5.91 7.61 40.02
N SER C 285 5.77 8.78 39.40
CA SER C 285 6.70 9.90 39.59
C SER C 285 6.49 10.49 40.98
N SER C 286 7.37 10.11 41.90
CA SER C 286 7.30 10.61 43.27
C SER C 286 8.05 11.93 43.41
N GLY C 287 8.98 12.21 42.50
CA GLY C 287 9.66 13.49 42.46
C GLY C 287 10.96 13.55 43.22
N ASP C 288 11.15 12.71 44.24
CA ASP C 288 12.41 12.71 44.97
C ASP C 288 13.52 12.08 44.13
N GLU C 289 13.22 10.98 43.47
CA GLU C 289 14.17 10.30 42.61
C GLU C 289 13.54 10.16 41.24
N GLN C 290 14.39 10.00 40.23
CA GLN C 290 13.93 9.72 38.88
C GLN C 290 13.16 8.40 38.85
N SER C 291 11.96 8.44 38.28
CA SER C 291 11.04 7.32 38.33
C SER C 291 10.97 6.62 36.99
N LEU C 292 10.15 5.58 36.93
CA LEU C 292 10.07 4.77 35.73
C LEU C 292 9.41 5.51 34.58
N LEU C 293 8.47 6.42 34.88
CA LEU C 293 7.92 7.25 33.81
C LEU C 293 8.93 8.26 33.31
N GLU C 294 9.75 8.82 34.20
CA GLU C 294 10.73 9.81 33.79
C GLU C 294 11.87 9.18 33.02
N LEU C 295 12.29 7.97 33.40
CA LEU C 295 13.39 7.29 32.72
C LEU C 295 13.04 6.92 31.29
N ILE C 296 11.80 6.48 31.05
CA ILE C 296 11.44 5.98 29.73
C ILE C 296 11.30 7.13 28.74
N ILE C 297 10.78 8.27 29.20
CA ILE C 297 10.63 9.44 28.34
C ILE C 297 11.97 9.98 27.89
N THR C 298 12.96 9.99 28.77
CA THR C 298 14.23 10.65 28.50
C THR C 298 15.28 9.74 27.88
N THR C 299 14.90 8.56 27.41
CA THR C 299 15.89 7.58 27.00
C THR C 299 15.85 7.42 25.49
N LYS C 300 16.94 6.88 24.94
CA LYS C 300 17.09 6.77 23.49
C LYS C 300 16.66 5.42 22.95
N LYS C 301 16.31 4.47 23.83
CA LYS C 301 15.81 3.20 23.37
C LYS C 301 14.43 3.36 22.76
N ARG C 302 14.22 2.75 21.60
CA ARG C 302 12.89 2.74 21.00
C ARG C 302 11.99 1.74 21.72
N GLU C 303 12.56 0.69 22.29
CA GLU C 303 11.74 -0.35 22.87
C GLU C 303 11.26 0.01 24.27
N ALA C 304 11.82 1.06 24.86
CA ALA C 304 11.31 1.52 26.15
C ALA C 304 9.90 2.08 26.02
N ARG C 305 9.57 2.60 24.84
CA ARG C 305 8.23 3.12 24.59
C ARG C 305 7.18 2.01 24.60
N GLN C 306 7.60 0.76 24.39
CA GLN C 306 6.69 -0.39 24.50
C GLN C 306 6.21 -0.60 25.94
N ILE C 307 6.96 -0.12 26.93
CA ILE C 307 6.57 -0.29 28.33
C ILE C 307 5.34 0.54 28.67
N LEU C 308 5.07 1.61 27.89
CA LEU C 308 3.90 2.44 28.18
C LEU C 308 2.59 1.72 27.92
N ASP C 309 2.59 0.67 27.12
CA ASP C 309 1.39 -0.12 26.92
C ASP C 309 1.19 -1.22 27.94
N GLN C 310 2.10 -1.37 28.91
CA GLN C 310 1.94 -2.43 29.90
C GLN C 310 0.91 -2.04 30.95
N THR C 311 0.26 -3.07 31.50
CA THR C 311 -0.98 -2.88 32.25
C THR C 311 -0.90 -2.11 33.58
N PRO C 312 0.23 -1.95 34.27
CA PRO C 312 0.20 -0.92 35.32
C PRO C 312 0.40 0.47 34.76
N VAL C 313 1.23 0.60 33.72
CA VAL C 313 1.72 1.90 33.28
C VAL C 313 0.70 2.56 32.36
N LYS C 314 -0.04 1.75 31.61
CA LYS C 314 -1.01 2.28 30.65
C LYS C 314 -2.20 2.90 31.36
N GLU C 315 -2.75 2.20 32.35
CA GLU C 315 -3.87 2.74 33.11
C GLU C 315 -3.45 3.89 34.01
N LEU C 316 -2.19 3.91 34.43
CA LEU C 316 -1.72 4.98 35.30
C LEU C 316 -1.70 6.30 34.57
N VAL C 317 -1.11 6.32 33.38
CA VAL C 317 -0.83 7.58 32.75
C VAL C 317 -2.00 8.03 31.89
N SER C 318 -2.91 7.12 31.57
CA SER C 318 -4.13 7.54 30.87
C SER C 318 -5.13 8.15 31.84
N LEU C 319 -5.08 7.75 33.11
CA LEU C 319 -6.01 8.32 34.08
C LEU C 319 -5.54 9.66 34.60
N LYS C 320 -4.24 9.86 34.70
CA LYS C 320 -3.76 11.17 35.14
C LYS C 320 -3.76 12.16 33.99
N TRP C 321 -3.87 11.68 32.76
CA TRP C 321 -4.08 12.60 31.65
C TRP C 321 -5.54 13.04 31.58
N LYS C 322 -6.47 12.09 31.72
CA LYS C 322 -7.88 12.42 31.59
C LYS C 322 -8.40 13.21 32.78
N ARG C 323 -7.85 12.96 33.96
CA ARG C 323 -8.33 13.70 35.12
C ARG C 323 -7.64 15.04 35.26
N TYR C 324 -6.33 15.08 35.19
CA TYR C 324 -5.66 16.32 35.55
C TYR C 324 -4.73 16.83 34.47
N GLY C 325 -4.21 15.96 33.61
CA GLY C 325 -3.24 16.41 32.63
C GLY C 325 -3.86 17.19 31.50
N ARG C 326 -4.95 16.69 30.96
CA ARG C 326 -5.60 17.37 29.83
C ARG C 326 -6.30 18.68 30.20
N PRO C 327 -7.00 18.83 31.34
CA PRO C 327 -7.50 20.18 31.66
C PRO C 327 -6.42 21.20 31.94
N TYR C 328 -5.30 20.82 32.54
CA TYR C 328 -4.25 21.80 32.82
C TYR C 328 -3.42 22.07 31.58
N PHE C 329 -3.66 21.33 30.50
CA PHE C 329 -2.95 21.56 29.26
C PHE C 329 -3.77 22.41 28.31
N CYS C 330 -5.10 22.25 28.34
CA CYS C 330 -5.97 23.09 27.52
C CYS C 330 -6.15 24.46 28.15
N MET C 331 -6.14 24.53 29.47
CA MET C 331 -6.10 25.81 30.16
C MET C 331 -4.80 26.55 29.90
N LEU C 332 -3.72 25.79 29.72
CA LEU C 332 -2.43 26.41 29.49
C LEU C 332 -2.25 26.78 28.03
N GLY C 333 -3.09 26.22 27.16
CA GLY C 333 -3.08 26.61 25.77
C GLY C 333 -4.00 27.77 25.49
N ALA C 334 -5.05 27.92 26.29
CA ALA C 334 -5.94 29.07 26.14
C ALA C 334 -5.26 30.34 26.63
N ILE C 335 -4.37 30.22 27.62
CA ILE C 335 -3.59 31.37 28.05
C ILE C 335 -2.56 31.75 27.00
N TYR C 336 -1.94 30.76 26.36
CA TYR C 336 -0.94 31.07 25.34
C TYR C 336 -1.61 31.61 24.08
N LEU C 337 -2.85 31.25 23.83
CA LEU C 337 -3.56 31.78 22.69
C LEU C 337 -3.95 33.24 22.91
N LEU C 338 -4.41 33.59 24.11
CA LEU C 338 -4.73 34.97 24.40
C LEU C 338 -3.48 35.83 24.50
N TYR C 339 -2.37 35.23 24.90
CA TYR C 339 -1.11 35.97 24.96
C TYR C 339 -0.56 36.25 23.57
N ILE C 340 -0.77 35.34 22.64
CA ILE C 340 -0.17 35.53 21.32
C ILE C 340 -1.06 36.41 20.46
N ILE C 341 -2.34 36.53 20.81
CA ILE C 341 -3.20 37.54 20.18
C ILE C 341 -2.85 38.92 20.71
N CYS C 342 -2.46 38.99 21.99
CA CYS C 342 -2.05 40.25 22.59
C CYS C 342 -0.73 40.74 22.01
N PHE C 343 0.19 39.83 21.73
CA PHE C 343 1.43 40.22 21.06
C PHE C 343 1.19 40.60 19.61
N THR C 344 0.24 39.93 18.95
CA THR C 344 -0.03 40.19 17.55
C THR C 344 -0.58 41.60 17.36
N MET C 345 -1.55 42.00 18.21
CA MET C 345 -2.12 43.34 18.14
C MET C 345 -1.10 44.42 18.47
N CYS C 346 -0.09 44.09 19.26
CA CYS C 346 0.91 45.10 19.58
C CYS C 346 1.90 45.29 18.43
N CYS C 347 1.87 44.38 17.46
CA CYS C 347 2.71 44.54 16.28
C CYS C 347 1.91 45.11 15.12
N ILE C 348 0.59 44.86 15.09
CA ILE C 348 -0.27 45.47 14.09
C ILE C 348 -0.35 46.98 14.31
N TYR C 349 -0.41 47.40 15.57
CA TYR C 349 -0.54 48.79 15.93
C TYR C 349 0.79 49.43 16.31
N ARG C 350 1.89 48.92 15.77
CA ARG C 350 3.22 49.44 16.09
C ARG C 350 3.36 50.87 15.58
N PRO C 351 4.12 51.72 16.28
CA PRO C 351 4.09 53.16 15.99
C PRO C 351 4.86 53.49 14.72
N LEU C 352 4.20 54.16 13.79
CA LEU C 352 4.78 54.45 12.49
C LEU C 352 4.43 55.87 12.10
N LYS C 353 5.38 56.57 11.48
CA LYS C 353 5.19 57.94 11.05
C LYS C 353 5.63 58.05 9.59
N PRO C 354 5.10 59.02 8.85
CA PRO C 354 5.58 59.24 7.48
C PRO C 354 7.05 59.61 7.44
N ARG C 355 7.72 59.18 6.38
CA ARG C 355 9.16 59.34 6.28
C ARG C 355 9.53 60.81 6.14
N THR C 356 10.76 61.13 6.48
CA THR C 356 11.18 62.53 6.48
C THR C 356 11.84 62.91 5.16
N ASN C 357 12.93 62.22 4.82
CA ASN C 357 13.69 62.55 3.62
C ASN C 357 12.96 62.14 2.35
N ASN C 358 13.52 62.57 1.23
CA ASN C 358 13.01 62.16 -0.08
C ASN C 358 13.64 60.83 -0.49
N ARG C 359 13.06 60.21 -1.52
CA ARG C 359 13.48 58.90 -1.95
C ARG C 359 14.85 58.94 -2.60
N THR C 360 15.68 57.95 -2.27
CA THR C 360 17.05 57.92 -2.77
C THR C 360 17.09 57.55 -4.25
N SER C 361 16.11 56.79 -4.71
CA SER C 361 16.09 56.24 -6.06
C SER C 361 14.64 55.86 -6.34
N PRO C 362 14.27 55.71 -7.62
CA PRO C 362 12.88 55.30 -7.90
C PRO C 362 12.57 53.85 -7.56
N ARG C 363 13.57 53.05 -7.13
CA ARG C 363 13.30 51.75 -6.57
C ARG C 363 13.00 51.80 -5.07
N ASP C 364 13.00 52.98 -4.47
CA ASP C 364 12.67 53.09 -3.06
C ASP C 364 11.15 53.04 -2.90
N ASN C 365 10.66 52.03 -2.19
CA ASN C 365 9.24 51.79 -2.06
C ASN C 365 8.69 52.35 -0.76
N THR C 366 9.53 52.81 0.15
CA THR C 366 9.13 53.04 1.53
C THR C 366 8.33 54.34 1.65
N LEU C 367 7.22 54.26 2.39
CA LEU C 367 6.42 55.43 2.73
C LEU C 367 6.55 55.84 4.18
N LEU C 368 6.51 54.89 5.11
CA LEU C 368 6.42 55.19 6.52
C LEU C 368 7.73 54.83 7.18
N GLN C 369 7.91 55.28 8.40
CA GLN C 369 9.04 54.85 9.20
C GLN C 369 8.62 54.83 10.66
N GLN C 370 9.35 54.10 11.46
CA GLN C 370 8.93 53.92 12.85
C GLN C 370 9.32 55.15 13.67
N LYS C 371 8.46 55.48 14.63
CA LYS C 371 8.66 56.64 15.46
C LYS C 371 9.80 56.41 16.45
N LEU C 372 10.36 57.50 16.95
CA LEU C 372 11.25 57.42 18.10
C LEU C 372 10.44 57.16 19.36
N LEU C 373 11.15 56.92 20.47
CA LEU C 373 10.48 56.53 21.71
C LEU C 373 9.64 57.67 22.27
N GLN C 374 10.06 58.91 22.03
CA GLN C 374 9.33 60.07 22.54
C GLN C 374 7.99 60.23 21.83
N GLU C 375 7.96 59.95 20.52
CA GLU C 375 6.76 60.15 19.74
C GLU C 375 5.85 58.93 19.81
N ALA C 376 6.36 57.83 20.34
CA ALA C 376 5.64 56.57 20.27
C ALA C 376 4.49 56.51 21.25
N TYR C 377 4.54 57.33 22.31
CA TYR C 377 3.50 57.33 23.33
C TYR C 377 3.07 58.77 23.58
N MET C 378 2.17 59.27 22.74
CA MET C 378 1.67 60.63 22.83
C MET C 378 0.19 60.73 22.51
N THR C 379 -0.56 59.64 22.62
CA THR C 379 -1.99 59.65 22.31
C THR C 379 -2.65 58.57 23.18
N PRO C 380 -3.97 58.60 23.39
CA PRO C 380 -4.58 57.53 24.21
C PRO C 380 -4.63 56.17 23.55
N LYS C 381 -4.43 56.07 22.24
CA LYS C 381 -4.35 54.75 21.62
C LYS C 381 -2.99 54.11 21.86
N ASP C 382 -1.99 54.93 22.19
CA ASP C 382 -0.65 54.38 22.42
C ASP C 382 -0.51 53.86 23.84
N ASP C 383 -1.46 54.17 24.71
CA ASP C 383 -1.37 53.71 26.09
C ASP C 383 -2.07 52.36 26.27
N ILE C 384 -3.11 52.10 25.48
CA ILE C 384 -3.71 50.77 25.47
C ILE C 384 -2.73 49.76 24.88
N ARG C 385 -1.95 50.19 23.88
CA ARG C 385 -0.90 49.34 23.34
C ARG C 385 0.21 49.09 24.36
N LEU C 386 0.54 50.11 25.15
CA LEU C 386 1.60 49.98 26.16
C LEU C 386 1.23 48.98 27.24
N VAL C 387 -0.07 48.82 27.51
CA VAL C 387 -0.55 47.76 28.39
C VAL C 387 -0.22 46.40 27.79
N GLY C 388 -0.55 46.21 26.50
CA GLY C 388 -0.30 44.92 25.87
C GLY C 388 1.17 44.66 25.60
N GLU C 389 1.95 45.73 25.42
CA GLU C 389 3.39 45.55 25.23
C GLU C 389 4.07 45.09 26.51
N LEU C 390 3.63 45.62 27.66
CA LEU C 390 4.18 45.16 28.93
C LEU C 390 3.75 43.74 29.24
N VAL C 391 2.51 43.38 28.91
CA VAL C 391 2.03 42.00 29.04
C VAL C 391 2.87 41.07 28.16
N THR C 392 3.29 41.56 27.00
CA THR C 392 4.16 40.79 26.13
C THR C 392 5.56 40.63 26.72
N VAL C 393 6.10 41.70 27.31
CA VAL C 393 7.44 41.65 27.89
C VAL C 393 7.47 40.72 29.11
N ILE C 394 6.45 40.81 29.96
CA ILE C 394 6.37 39.97 31.15
C ILE C 394 6.22 38.50 30.76
N GLY C 395 5.36 38.21 29.78
CA GLY C 395 5.17 36.84 29.34
C GLY C 395 6.38 36.25 28.65
N ALA C 396 7.26 37.11 28.11
CA ALA C 396 8.48 36.60 27.50
C ALA C 396 9.55 36.35 28.55
N ILE C 397 9.53 37.12 29.64
CA ILE C 397 10.48 36.89 30.73
C ILE C 397 10.13 35.61 31.48
N ILE C 398 8.83 35.39 31.72
CA ILE C 398 8.35 34.19 32.42
C ILE C 398 8.69 32.92 31.65
N ILE C 399 8.66 32.99 30.31
CA ILE C 399 9.18 31.88 29.50
C ILE C 399 10.67 31.68 29.75
N LEU C 400 11.42 32.76 29.84
CA LEU C 400 12.84 32.63 30.11
C LEU C 400 13.11 32.28 31.57
N LEU C 401 12.14 32.49 32.46
CA LEU C 401 12.35 32.12 33.85
C LEU C 401 12.05 30.65 34.10
N VAL C 402 11.31 30.01 33.20
CA VAL C 402 10.93 28.62 33.46
C VAL C 402 11.61 27.67 32.48
N GLU C 403 12.08 28.18 31.34
CA GLU C 403 12.84 27.32 30.43
C GLU C 403 14.34 27.44 30.61
N VAL C 404 14.87 28.65 30.74
CA VAL C 404 16.33 28.83 30.81
C VAL C 404 16.96 28.27 32.08
N PRO C 405 16.42 28.49 33.30
CA PRO C 405 17.03 27.82 34.46
C PRO C 405 16.87 26.31 34.46
N ASP C 406 15.71 25.80 34.06
CA ASP C 406 15.42 24.38 34.27
C ASP C 406 16.13 23.49 33.25
N ILE C 407 16.80 24.07 32.26
CA ILE C 407 17.64 23.27 31.39
C ILE C 407 19.10 23.34 31.86
N PHE C 408 19.41 24.32 32.70
CA PHE C 408 20.76 24.40 33.27
C PHE C 408 20.97 23.35 34.34
N ARG C 409 19.90 23.01 35.08
CA ARG C 409 19.97 21.90 36.03
C ARG C 409 20.01 20.57 35.29
N MET C 410 19.52 20.55 34.06
CA MET C 410 19.72 19.43 33.16
C MET C 410 21.04 19.66 32.43
N GLY C 411 21.28 18.91 31.36
CA GLY C 411 22.42 19.21 30.52
C GLY C 411 22.21 20.52 29.81
N VAL C 412 23.26 21.34 29.72
CA VAL C 412 23.14 22.70 29.20
C VAL C 412 22.86 22.67 27.71
N THR C 413 23.63 21.89 26.95
CA THR C 413 23.42 21.75 25.52
C THR C 413 23.16 20.30 25.12
N ARG C 414 23.81 19.34 25.78
CA ARG C 414 23.71 17.95 25.34
C ARG C 414 22.37 17.32 25.72
N PHE C 415 22.09 17.24 27.01
CA PHE C 415 20.82 16.67 27.44
C PHE C 415 19.66 17.61 27.14
N PHE C 416 19.95 18.91 27.03
CA PHE C 416 18.99 19.81 26.40
C PHE C 416 18.76 19.42 24.96
N GLY C 417 19.84 19.17 24.20
CA GLY C 417 19.70 18.82 22.80
C GLY C 417 19.09 17.44 22.59
N GLN C 418 19.22 16.57 23.59
CA GLN C 418 18.52 15.29 23.54
C GLN C 418 17.03 15.49 23.80
N THR C 419 16.66 16.59 24.44
CA THR C 419 15.25 16.93 24.56
C THR C 419 14.78 17.77 23.37
N ILE C 420 15.68 18.09 22.43
CA ILE C 420 15.25 18.76 21.21
C ILE C 420 14.82 17.73 20.18
N LEU C 421 15.50 16.58 20.15
CA LEU C 421 15.06 15.47 19.30
C LEU C 421 13.78 14.86 19.87
N GLY C 422 13.56 15.02 21.18
CA GLY C 422 12.26 14.71 21.74
C GLY C 422 11.24 15.81 21.48
N GLY C 423 11.60 17.06 21.78
CA GLY C 423 10.73 18.18 21.51
C GLY C 423 11.42 19.40 20.93
N PRO C 424 11.06 19.77 19.70
CA PRO C 424 11.60 21.00 19.10
C PRO C 424 10.99 22.28 19.66
N PHE C 425 9.90 22.20 20.41
CA PHE C 425 9.23 23.40 20.89
C PHE C 425 9.93 23.99 22.11
N HIS C 426 10.97 23.33 22.62
CA HIS C 426 11.86 23.98 23.58
C HIS C 426 12.63 25.12 22.93
N VAL C 427 13.23 24.87 21.75
CA VAL C 427 13.97 25.90 21.05
C VAL C 427 13.04 27.01 20.59
N LEU C 428 11.85 26.65 20.12
CA LEU C 428 10.99 27.61 19.44
C LEU C 428 10.37 28.61 20.39
N ILE C 429 10.17 28.25 21.66
CA ILE C 429 9.54 29.22 22.55
C ILE C 429 10.60 29.99 23.33
N ILE C 430 11.81 29.46 23.41
CA ILE C 430 12.92 30.25 23.93
C ILE C 430 13.34 31.29 22.89
N THR C 431 13.35 30.90 21.62
CA THR C 431 13.72 31.82 20.55
C THR C 431 12.65 32.89 20.36
N TYR C 432 11.38 32.54 20.59
CA TYR C 432 10.33 33.54 20.62
C TYR C 432 10.57 34.58 21.69
N ALA C 433 10.87 34.15 22.91
CA ALA C 433 10.99 35.06 24.04
C ALA C 433 12.23 35.92 23.92
N PHE C 434 13.26 35.43 23.23
CA PHE C 434 14.43 36.24 22.95
C PHE C 434 14.12 37.31 21.91
N MET C 435 13.36 36.97 20.86
CA MET C 435 13.02 37.92 19.82
C MET C 435 12.12 39.03 20.34
N VAL C 436 11.36 38.75 21.39
CA VAL C 436 10.52 39.78 21.99
C VAL C 436 11.37 40.76 22.79
N LEU C 437 12.32 40.25 23.56
CA LEU C 437 13.13 41.14 24.37
C LEU C 437 14.17 41.89 23.54
N VAL C 438 14.52 41.36 22.36
CA VAL C 438 15.30 42.12 21.40
C VAL C 438 14.47 43.29 20.87
N THR C 439 13.19 43.04 20.60
CA THR C 439 12.28 44.11 20.17
C THR C 439 12.10 45.15 21.27
N MET C 440 12.17 44.71 22.53
CA MET C 440 12.13 45.66 23.65
C MET C 440 13.37 46.53 23.67
N VAL C 441 14.55 45.92 23.55
CA VAL C 441 15.81 46.66 23.59
C VAL C 441 15.95 47.59 22.40
N MET C 442 15.47 47.15 21.23
CA MET C 442 15.45 48.03 20.06
C MET C 442 14.44 49.16 20.23
N ARG C 443 13.40 48.94 21.03
CA ARG C 443 12.44 50.01 21.28
C ARG C 443 13.01 51.03 22.27
N LEU C 444 13.85 50.58 23.19
CA LEU C 444 14.46 51.46 24.18
C LEU C 444 15.51 52.38 23.57
N ILE C 445 16.44 51.82 22.81
CA ILE C 445 17.53 52.61 22.26
C ILE C 445 17.13 53.19 20.91
N SER C 446 15.88 52.96 20.51
CA SER C 446 15.26 53.54 19.31
C SER C 446 16.03 53.18 18.04
N ALA C 447 16.24 51.88 17.84
CA ALA C 447 16.98 51.38 16.70
C ALA C 447 16.06 51.11 15.53
N SER C 448 16.52 51.43 14.34
CA SER C 448 15.74 51.15 13.13
C SER C 448 15.77 49.65 12.83
N GLY C 449 14.67 49.16 12.29
CA GLY C 449 14.56 47.76 11.92
C GLY C 449 13.90 46.87 12.94
N GLU C 450 12.86 47.34 13.63
CA GLU C 450 12.15 46.49 14.58
C GLU C 450 11.28 45.45 13.91
N VAL C 451 11.09 45.55 12.59
CA VAL C 451 10.26 44.58 11.88
C VAL C 451 10.98 43.25 11.80
N VAL C 452 12.30 43.23 11.91
CA VAL C 452 13.02 41.96 11.82
C VAL C 452 12.79 41.07 13.05
N PRO C 453 12.99 41.53 14.30
CA PRO C 453 12.66 40.61 15.41
C PRO C 453 11.18 40.43 15.63
N MET C 454 10.35 41.36 15.19
CA MET C 454 8.91 41.15 15.25
C MET C 454 8.46 40.05 14.31
N SER C 455 8.97 40.04 13.08
CA SER C 455 8.51 39.07 12.08
C SER C 455 8.94 37.65 12.44
N PHE C 456 10.14 37.50 13.01
CA PHE C 456 10.52 36.19 13.55
C PHE C 456 9.62 35.79 14.69
N ALA C 457 9.15 36.76 15.48
CA ALA C 457 8.41 36.40 16.68
C ALA C 457 6.94 36.15 16.39
N LEU C 458 6.37 36.84 15.39
CA LEU C 458 5.02 36.53 14.96
C LEU C 458 4.93 35.13 14.38
N VAL C 459 5.95 34.74 13.61
CA VAL C 459 5.96 33.43 13.00
C VAL C 459 6.20 32.35 14.04
N LEU C 460 7.22 32.54 14.88
CA LEU C 460 7.53 31.57 15.93
C LEU C 460 6.45 31.50 16.99
N GLY C 461 5.89 32.64 17.35
CA GLY C 461 4.89 32.65 18.41
C GLY C 461 3.58 32.03 17.98
N TRP C 462 3.23 32.17 16.72
CA TRP C 462 2.02 31.52 16.24
C TRP C 462 2.24 30.06 15.93
N CYS C 463 3.42 29.70 15.43
CA CYS C 463 3.67 28.30 15.12
C CYS C 463 3.96 27.49 16.38
N ASN C 464 4.05 28.13 17.54
CA ASN C 464 4.09 27.40 18.80
C ASN C 464 2.70 26.98 19.28
N VAL C 465 1.64 27.45 18.62
CA VAL C 465 0.31 27.00 18.99
C VAL C 465 0.12 25.53 18.65
N MET C 466 0.82 25.04 17.63
CA MET C 466 0.71 23.61 17.34
C MET C 466 1.55 22.73 18.25
N TYR C 467 2.20 23.29 19.28
CA TYR C 467 2.55 22.49 20.44
C TYR C 467 1.31 21.94 21.12
N PHE C 468 0.25 22.74 21.16
CA PHE C 468 -0.96 22.35 21.86
C PHE C 468 -1.89 21.51 21.01
N ALA C 469 -1.43 21.02 19.87
CA ALA C 469 -2.21 20.09 19.10
C ALA C 469 -2.14 18.69 19.66
N ARG C 470 -1.17 18.42 20.55
CA ARG C 470 -0.99 17.08 21.08
C ARG C 470 -2.02 16.75 22.15
N GLY C 471 -2.62 17.76 22.76
CA GLY C 471 -3.62 17.51 23.77
C GLY C 471 -4.95 17.12 23.17
N PHE C 472 -5.11 17.36 21.88
CA PHE C 472 -6.35 17.04 21.19
C PHE C 472 -6.12 15.79 20.36
N GLN C 473 -7.01 14.80 20.55
CA GLN C 473 -6.82 13.50 19.93
C GLN C 473 -6.99 13.56 18.41
N MET C 474 -7.63 14.62 17.91
CA MET C 474 -7.80 14.77 16.48
C MET C 474 -6.51 15.24 15.82
N LEU C 475 -5.87 16.24 16.40
CA LEU C 475 -4.71 16.90 15.81
C LEU C 475 -3.39 16.27 16.19
N GLY C 476 -3.34 15.54 17.31
CA GLY C 476 -2.11 15.03 17.88
C GLY C 476 -1.27 14.11 17.02
N PRO C 477 -1.84 13.00 16.56
CA PRO C 477 -1.07 12.13 15.65
C PRO C 477 -0.72 12.76 14.31
N PHE C 478 -1.53 13.73 13.86
CA PHE C 478 -1.23 14.46 12.63
C PHE C 478 0.03 15.30 12.79
N THR C 479 0.27 15.83 13.98
CA THR C 479 1.28 16.87 14.14
C THR C 479 2.67 16.26 14.33
N ILE C 480 2.76 15.01 14.79
CA ILE C 480 4.05 14.35 14.87
C ILE C 480 4.57 14.02 13.47
N MET C 481 3.66 13.76 12.54
CA MET C 481 4.06 13.46 11.18
C MET C 481 4.67 14.69 10.50
N ILE C 482 4.35 15.90 10.99
CA ILE C 482 5.11 17.09 10.63
C ILE C 482 6.57 16.96 11.05
N GLN C 483 6.79 16.51 12.29
CA GLN C 483 8.15 16.44 12.83
C GLN C 483 8.99 15.37 12.15
N LYS C 484 8.35 14.26 11.76
CA LYS C 484 9.09 13.22 11.07
C LYS C 484 9.52 13.66 9.69
N MET C 485 8.71 14.51 9.05
CA MET C 485 8.99 14.83 7.66
C MET C 485 9.86 16.07 7.54
N ILE C 486 9.81 16.99 8.51
CA ILE C 486 10.80 18.06 8.46
C ILE C 486 12.17 17.53 8.84
N PHE C 487 12.26 16.69 9.87
CA PHE C 487 13.56 16.19 10.27
C PHE C 487 14.03 15.10 9.30
N GLY C 488 13.09 14.52 8.55
CA GLY C 488 13.41 13.54 7.55
C GLY C 488 13.30 14.09 6.14
N ASP C 489 12.23 13.70 5.43
CA ASP C 489 12.20 13.73 3.97
C ASP C 489 12.28 15.14 3.40
N LEU C 490 11.83 16.14 4.14
CA LEU C 490 11.90 17.49 3.60
C LEU C 490 13.32 18.03 3.66
N MET C 491 14.16 17.51 4.56
CA MET C 491 15.57 17.86 4.53
C MET C 491 16.29 17.18 3.38
N ARG C 492 15.95 15.93 3.06
CA ARG C 492 16.58 15.25 1.93
C ARG C 492 16.25 15.96 0.64
N PHE C 493 15.05 16.52 0.56
CA PHE C 493 14.63 17.23 -0.63
C PHE C 493 15.33 18.57 -0.75
N CYS C 494 15.56 19.25 0.37
CA CYS C 494 16.04 20.62 0.33
C CYS C 494 17.54 20.71 0.05
N TRP C 495 18.29 19.66 0.36
CA TRP C 495 19.70 19.66 -0.06
C TRP C 495 19.80 19.48 -1.57
N LEU C 496 18.96 18.64 -2.14
CA LEU C 496 18.97 18.42 -3.57
C LEU C 496 18.22 19.50 -4.31
N MET C 497 17.32 20.21 -3.63
CA MET C 497 16.68 21.38 -4.22
C MET C 497 17.67 22.52 -4.37
N ALA C 498 18.51 22.75 -3.35
CA ALA C 498 19.40 23.90 -3.35
C ALA C 498 20.52 23.73 -4.36
N VAL C 499 20.85 22.49 -4.69
CA VAL C 499 21.83 22.20 -5.72
C VAL C 499 21.27 22.52 -7.09
N VAL C 500 20.01 22.13 -7.34
CA VAL C 500 19.36 22.40 -8.61
C VAL C 500 19.09 23.89 -8.79
N ILE C 501 18.75 24.57 -7.68
CA ILE C 501 18.52 26.01 -7.73
C ILE C 501 19.81 26.76 -8.05
N LEU C 502 20.92 26.36 -7.45
CA LEU C 502 22.19 27.05 -7.68
C LEU C 502 22.69 26.87 -9.10
N GLY C 503 22.32 25.78 -9.76
CA GLY C 503 22.70 25.60 -11.14
C GLY C 503 21.82 26.39 -12.09
N PHE C 504 20.53 26.41 -11.82
CA PHE C 504 19.62 27.05 -12.76
C PHE C 504 19.49 28.53 -12.51
N ALA C 505 19.67 29.00 -11.26
CA ALA C 505 19.68 30.44 -11.04
C ALA C 505 20.92 31.08 -11.64
N SER C 506 22.02 30.33 -11.69
CA SER C 506 23.22 30.84 -12.32
C SER C 506 23.08 30.85 -13.83
N ALA C 507 22.42 29.83 -14.38
CA ALA C 507 22.15 29.82 -15.82
C ALA C 507 21.16 30.90 -16.20
N PHE C 508 20.09 31.06 -15.42
CA PHE C 508 19.09 32.08 -15.71
C PHE C 508 19.65 33.48 -15.51
N TYR C 509 20.62 33.64 -14.62
CA TYR C 509 21.24 34.94 -14.44
C TYR C 509 22.03 35.36 -15.67
N ILE C 510 22.82 34.44 -16.23
CA ILE C 510 23.71 34.83 -17.31
C ILE C 510 22.96 34.87 -18.63
N ILE C 511 21.84 34.16 -18.75
CA ILE C 511 21.02 34.24 -19.95
C ILE C 511 20.35 35.61 -20.05
N PHE C 512 19.93 36.16 -18.93
CA PHE C 512 19.34 37.48 -18.90
C PHE C 512 20.33 38.55 -18.45
N GLN C 513 21.62 38.26 -18.52
CA GLN C 513 22.61 39.22 -18.04
C GLN C 513 22.82 40.31 -19.08
N THR C 514 22.58 39.97 -20.35
CA THR C 514 22.71 40.93 -21.44
C THR C 514 21.39 41.62 -21.73
N GLU C 515 20.29 41.13 -21.16
CA GLU C 515 18.99 41.59 -21.60
C GLU C 515 18.55 42.80 -20.79
N ASP C 516 17.49 43.44 -21.26
CA ASP C 516 16.96 44.59 -20.55
C ASP C 516 16.08 44.11 -19.39
N PRO C 517 16.30 44.60 -18.17
CA PRO C 517 15.52 44.09 -17.05
C PRO C 517 14.16 44.75 -16.88
N GLU C 518 13.85 45.79 -17.66
CA GLU C 518 12.55 46.44 -17.48
C GLU C 518 11.43 45.62 -18.10
N GLU C 519 11.76 44.65 -18.95
CA GLU C 519 10.73 43.75 -19.45
C GLU C 519 10.59 42.52 -18.57
N LEU C 520 11.71 41.91 -18.19
CA LEU C 520 11.70 40.65 -17.47
C LEU C 520 12.74 40.74 -16.37
N GLY C 521 12.33 41.17 -15.19
CA GLY C 521 13.25 41.45 -14.12
C GLY C 521 13.43 40.35 -13.11
N HIS C 522 13.05 39.11 -13.43
CA HIS C 522 13.11 38.01 -12.47
C HIS C 522 14.54 37.71 -12.04
N PHE C 523 15.50 37.93 -12.92
CA PHE C 523 16.87 37.56 -12.69
C PHE C 523 17.79 38.76 -12.84
N TYR C 524 17.43 39.90 -12.25
CA TYR C 524 18.14 41.13 -12.60
C TYR C 524 19.48 41.22 -11.89
N ASP C 525 19.54 40.86 -10.61
CA ASP C 525 20.81 40.61 -9.95
C ASP C 525 20.82 39.17 -9.46
N TYR C 526 21.93 38.78 -8.88
CA TYR C 526 22.08 37.38 -8.47
C TYR C 526 21.26 36.99 -7.24
N PRO C 527 21.08 37.81 -6.18
CA PRO C 527 20.17 37.35 -5.12
C PRO C 527 18.70 37.28 -5.52
N MET C 528 18.26 38.07 -6.49
CA MET C 528 16.86 37.94 -6.93
C MET C 528 16.71 36.78 -7.91
N ALA C 529 17.73 36.53 -8.73
CA ALA C 529 17.73 35.37 -9.61
C ALA C 529 17.70 34.08 -8.81
N LEU C 530 18.33 34.10 -7.65
CA LEU C 530 18.37 32.94 -6.79
C LEU C 530 17.03 32.73 -6.11
N PHE C 531 16.34 33.83 -5.80
CA PHE C 531 15.05 33.75 -5.14
C PHE C 531 13.93 33.49 -6.13
N SER C 532 14.07 33.99 -7.36
CA SER C 532 13.08 33.69 -8.39
C SER C 532 13.11 32.23 -8.78
N THR C 533 14.30 31.63 -8.82
CA THR C 533 14.43 30.24 -9.21
C THR C 533 13.88 29.32 -8.12
N PHE C 534 14.01 29.73 -6.87
CA PHE C 534 13.37 29.03 -5.76
C PHE C 534 11.85 29.08 -5.88
N GLU C 535 11.32 30.23 -6.30
CA GLU C 535 9.88 30.36 -6.47
C GLU C 535 9.40 29.66 -7.74
N LEU C 536 10.25 29.62 -8.77
CA LEU C 536 9.89 28.87 -9.96
C LEU C 536 9.99 27.38 -9.73
N PHE C 537 10.85 26.96 -8.80
CA PHE C 537 10.97 25.54 -8.49
C PHE C 537 9.70 25.04 -7.82
N LEU C 538 9.20 25.78 -6.85
CA LEU C 538 7.99 25.43 -6.13
C LEU C 538 6.73 25.83 -6.87
N THR C 539 6.87 26.42 -8.06
CA THR C 539 5.78 26.90 -8.93
C THR C 539 4.88 27.89 -8.24
N ILE C 540 5.44 28.73 -7.37
CA ILE C 540 4.63 29.72 -6.67
C ILE C 540 4.71 31.08 -7.31
N ILE C 541 5.51 31.24 -8.37
CA ILE C 541 5.39 32.35 -9.29
C ILE C 541 5.32 31.77 -10.70
N ASP C 542 4.74 32.53 -11.62
CA ASP C 542 4.62 32.07 -12.99
C ASP C 542 5.96 32.11 -13.70
N GLY C 543 6.06 31.33 -14.77
CA GLY C 543 7.18 31.38 -15.66
C GLY C 543 7.34 32.76 -16.28
N PRO C 544 8.56 33.26 -16.28
CA PRO C 544 8.85 34.53 -16.95
C PRO C 544 8.51 34.51 -18.43
N ALA C 545 7.70 35.47 -18.85
CA ALA C 545 7.28 35.57 -20.24
C ALA C 545 6.95 37.02 -20.55
N ASN C 546 7.24 37.43 -21.77
CA ASN C 546 6.78 38.76 -22.18
C ASN C 546 5.84 38.69 -23.38
N TYR C 547 6.27 38.03 -24.45
CA TYR C 547 5.67 37.80 -25.76
C TYR C 547 5.68 39.05 -26.62
N ASN C 548 6.02 40.21 -26.07
CA ASN C 548 6.16 41.42 -26.85
C ASN C 548 7.58 41.63 -27.31
N VAL C 549 8.52 40.87 -26.77
CA VAL C 549 9.93 41.07 -27.03
C VAL C 549 10.52 39.70 -27.27
N ASP C 550 11.70 39.67 -27.87
CA ASP C 550 12.38 38.40 -28.09
C ASP C 550 13.20 38.05 -26.86
N LEU C 551 12.94 36.89 -26.31
CA LEU C 551 13.74 36.33 -25.23
C LEU C 551 14.89 35.55 -25.83
N PRO C 552 15.96 35.32 -25.07
CA PRO C 552 17.03 34.44 -25.57
C PRO C 552 16.52 33.04 -25.83
N PHE C 553 17.07 32.38 -26.86
CA PHE C 553 16.65 31.01 -27.13
C PHE C 553 17.18 30.06 -26.08
N MET C 554 18.21 30.47 -25.36
CA MET C 554 18.79 29.64 -24.34
C MET C 554 17.89 29.59 -23.11
N TYR C 555 17.00 30.56 -22.97
CA TYR C 555 16.05 30.59 -21.86
C TYR C 555 15.02 29.48 -21.96
N SER C 556 14.46 29.27 -23.14
CA SER C 556 13.41 28.27 -23.29
C SER C 556 13.97 26.86 -23.15
N ILE C 557 15.19 26.63 -23.64
CA ILE C 557 15.86 25.35 -23.48
C ILE C 557 16.14 25.07 -22.02
N THR C 558 16.59 26.09 -21.29
CA THR C 558 16.96 25.90 -19.90
C THR C 558 15.74 25.77 -19.00
N TYR C 559 14.70 26.55 -19.28
CA TYR C 559 13.53 26.53 -18.43
C TYR C 559 12.69 25.28 -18.69
N ALA C 560 12.83 24.69 -19.87
CA ALA C 560 12.19 23.40 -20.09
C ALA C 560 12.90 22.30 -19.32
N ALA C 561 14.22 22.32 -19.29
CA ALA C 561 14.96 21.36 -18.49
C ALA C 561 14.77 21.59 -17.01
N PHE C 562 14.66 22.86 -16.60
CA PHE C 562 14.36 23.18 -15.21
C PHE C 562 12.99 22.66 -14.80
N ALA C 563 12.02 22.70 -15.71
CA ALA C 563 10.66 22.29 -15.37
C ALA C 563 10.55 20.78 -15.28
N ILE C 564 11.39 20.05 -16.02
CA ILE C 564 11.35 18.60 -15.95
C ILE C 564 12.03 18.11 -14.66
N ILE C 565 13.16 18.72 -14.31
CA ILE C 565 13.91 18.33 -13.12
C ILE C 565 13.14 18.68 -11.85
N ALA C 566 12.41 19.79 -11.86
CA ALA C 566 11.58 20.14 -10.72
C ALA C 566 10.39 19.20 -10.59
N THR C 567 9.80 18.80 -11.73
CA THR C 567 8.68 17.86 -11.72
C THR C 567 9.14 16.47 -11.31
N LEU C 568 10.39 16.14 -11.66
CA LEU C 568 11.02 14.93 -11.15
C LEU C 568 11.18 14.99 -9.63
N LEU C 569 11.79 16.06 -9.13
CA LEU C 569 12.11 16.13 -7.70
C LEU C 569 10.86 16.26 -6.84
N MET C 570 9.90 17.09 -7.26
CA MET C 570 8.73 17.33 -6.41
C MET C 570 7.76 16.17 -6.46
N LEU C 571 7.98 15.22 -7.37
CA LEU C 571 7.25 13.98 -7.33
C LEU C 571 8.09 12.87 -6.70
N ASN C 572 9.41 13.03 -6.68
CA ASN C 572 10.26 12.12 -5.93
C ASN C 572 10.04 12.28 -4.44
N LEU C 573 9.90 13.53 -3.98
CA LEU C 573 9.58 13.80 -2.59
C LEU C 573 8.24 13.19 -2.22
N LEU C 574 7.25 13.31 -3.10
CA LEU C 574 5.91 12.84 -2.81
C LEU C 574 5.85 11.31 -2.75
N ILE C 575 6.77 10.64 -3.44
CA ILE C 575 6.93 9.20 -3.26
C ILE C 575 7.69 8.91 -1.98
N ALA C 576 8.76 9.66 -1.72
CA ALA C 576 9.57 9.42 -0.52
C ALA C 576 8.79 9.72 0.75
N MET C 577 7.93 10.75 0.72
CA MET C 577 7.12 11.06 1.89
C MET C 577 6.03 10.02 2.11
N MET C 578 5.77 9.21 1.10
CA MET C 578 4.68 8.25 1.14
C MET C 578 5.04 6.92 1.78
N GLY C 579 5.97 6.19 1.17
CA GLY C 579 6.27 4.85 1.64
C GLY C 579 7.00 4.82 2.97
N ASP C 580 7.54 5.97 3.38
CA ASP C 580 8.12 6.06 4.71
C ASP C 580 7.05 6.30 5.76
N THR C 581 5.84 6.65 5.33
CA THR C 581 4.80 7.08 6.25
C THR C 581 3.45 6.38 6.06
N HIS C 582 3.42 5.14 5.59
CA HIS C 582 2.16 4.41 5.57
C HIS C 582 2.27 3.09 6.29
N TRP C 583 3.32 2.29 6.04
CA TRP C 583 3.48 1.08 6.84
C TRP C 583 4.75 1.14 7.67
N ARG C 584 5.39 2.31 7.70
CA ARG C 584 6.66 2.41 8.42
C ARG C 584 6.48 3.20 9.71
N VAL C 585 5.80 4.35 9.67
CA VAL C 585 5.69 5.14 10.89
C VAL C 585 4.22 5.43 11.23
N ALA C 586 3.27 4.79 10.55
CA ALA C 586 1.88 5.06 10.85
C ALA C 586 1.44 4.37 12.14
N HIS C 587 2.02 3.21 12.42
CA HIS C 587 1.81 2.58 13.73
C HIS C 587 2.73 3.20 14.76
N GLU C 588 3.78 3.89 14.31
CA GLU C 588 4.71 4.53 15.22
C GLU C 588 4.24 5.94 15.60
N ARG C 589 3.49 6.62 14.71
CA ARG C 589 3.04 7.97 15.02
C ARG C 589 1.98 7.96 16.10
N ASP C 590 1.20 6.88 16.18
CA ASP C 590 0.20 6.82 17.25
C ASP C 590 0.84 6.38 18.55
N GLU C 591 1.90 5.57 18.47
CA GLU C 591 2.64 5.23 19.68
C GLU C 591 3.46 6.41 20.16
N LEU C 592 3.91 7.26 19.24
CA LEU C 592 4.64 8.44 19.65
C LEU C 592 3.70 9.54 20.09
N TRP C 593 2.43 9.45 19.72
CA TRP C 593 1.47 10.40 20.27
C TRP C 593 1.14 10.06 21.71
N ARG C 594 1.01 8.78 22.01
CA ARG C 594 0.82 8.36 23.39
C ARG C 594 2.06 8.61 24.22
N ALA C 595 3.24 8.57 23.60
CA ALA C 595 4.47 8.90 24.32
C ALA C 595 4.58 10.40 24.57
N GLN C 596 3.97 11.23 23.72
CA GLN C 596 3.97 12.65 23.99
C GLN C 596 3.00 13.04 25.09
N ILE C 597 1.89 12.29 25.21
CA ILE C 597 0.97 12.45 26.34
C ILE C 597 1.70 12.20 27.64
N VAL C 598 2.53 11.16 27.68
CA VAL C 598 3.29 10.84 28.88
C VAL C 598 4.35 11.89 29.14
N ALA C 599 5.02 12.36 28.09
CA ALA C 599 6.05 13.39 28.26
C ALA C 599 5.44 14.71 28.66
N THR C 600 4.23 15.00 28.20
CA THR C 600 3.54 16.21 28.63
C THR C 600 3.06 16.09 30.07
N THR C 601 2.60 14.91 30.45
CA THR C 601 2.03 14.74 31.78
C THR C 601 3.11 14.72 32.85
N VAL C 602 4.25 14.09 32.54
CA VAL C 602 5.39 14.10 33.46
C VAL C 602 5.92 15.52 33.64
N MET C 603 5.87 16.31 32.57
CA MET C 603 6.33 17.70 32.65
C MET C 603 5.36 18.55 33.46
N LEU C 604 4.05 18.38 33.25
CA LEU C 604 3.07 19.19 33.97
C LEU C 604 2.96 18.79 35.43
N GLU C 605 3.22 17.53 35.75
CA GLU C 605 3.21 17.12 37.15
C GLU C 605 4.45 17.67 37.87
N ARG C 606 5.54 17.86 37.13
CA ARG C 606 6.80 18.26 37.74
C ARG C 606 6.80 19.73 38.14
N LYS C 607 6.15 20.59 37.35
CA LYS C 607 6.21 22.02 37.58
C LYS C 607 4.96 22.59 38.23
N LEU C 608 3.95 21.78 38.47
CA LEU C 608 2.78 22.23 39.20
C LEU C 608 2.81 21.67 40.63
N PRO C 609 2.28 22.41 41.61
CA PRO C 609 2.35 21.94 43.00
C PRO C 609 1.34 20.84 43.28
N ARG C 610 1.51 20.22 44.45
CA ARG C 610 0.74 19.03 44.79
C ARG C 610 -0.73 19.36 45.09
N CYS C 611 -1.03 20.61 45.42
CA CYS C 611 -2.42 21.02 45.56
C CYS C 611 -3.14 21.02 44.21
N LEU C 612 -2.43 21.40 43.15
CA LEU C 612 -3.04 21.35 41.83
C LEU C 612 -3.11 19.92 41.29
N TRP C 613 -2.14 19.09 41.67
CA TRP C 613 -2.00 17.74 41.15
C TRP C 613 -2.17 16.73 42.28
N PRO C 614 -3.35 16.18 42.46
CA PRO C 614 -3.51 15.08 43.43
C PRO C 614 -2.77 13.85 42.95
N ARG C 615 -2.04 13.24 43.88
CA ARG C 615 -1.16 12.13 43.55
C ARG C 615 -1.98 10.90 43.13
N SER C 616 -1.50 10.22 42.10
CA SER C 616 -2.26 9.13 41.50
C SER C 616 -2.19 7.88 42.35
N GLY C 617 -3.28 7.14 42.34
CA GLY C 617 -3.40 5.97 43.19
C GLY C 617 -4.18 6.24 44.46
N ILE C 618 -4.14 5.26 45.35
CA ILE C 618 -4.74 5.36 46.68
C ILE C 618 -3.66 5.00 47.68
N CYS C 619 -3.38 5.91 48.61
CA CYS C 619 -2.40 5.64 49.65
C CYS C 619 -2.90 4.56 50.60
N GLY C 620 -1.97 3.81 51.18
CA GLY C 620 -2.28 2.90 52.25
C GLY C 620 -2.45 3.62 53.57
N ARG C 621 -2.11 2.89 54.65
CA ARG C 621 -2.02 3.32 56.05
C ARG C 621 -3.40 3.58 56.67
N GLU C 622 -4.44 3.65 55.85
CA GLU C 622 -5.81 3.54 56.29
C GLU C 622 -6.51 2.37 55.62
N TYR C 623 -5.74 1.44 55.05
CA TYR C 623 -6.27 0.21 54.52
C TYR C 623 -5.36 -0.97 54.82
N GLY C 624 -4.37 -0.81 55.70
CA GLY C 624 -3.50 -1.88 56.09
C GLY C 624 -2.43 -2.24 55.09
N LEU C 625 -2.17 -1.38 54.12
CA LEU C 625 -1.27 -1.70 53.02
C LEU C 625 0.11 -1.07 53.17
N GLY C 626 0.27 -0.13 54.11
CA GLY C 626 1.55 0.52 54.31
C GLY C 626 1.53 1.98 53.94
N ASP C 627 2.69 2.48 53.56
CA ASP C 627 2.82 3.84 53.05
C ASP C 627 2.95 3.88 51.53
N ARG C 628 2.55 2.84 50.84
CA ARG C 628 2.64 2.80 49.39
C ARG C 628 1.32 3.23 48.76
N TRP C 629 1.38 3.66 47.51
CA TRP C 629 0.23 4.19 46.78
C TRP C 629 -0.18 3.19 45.72
N PHE C 630 -1.45 2.79 45.70
CA PHE C 630 -1.88 1.65 44.92
C PHE C 630 -2.88 2.04 43.84
N LEU C 631 -2.74 1.41 42.67
CA LEU C 631 -3.67 1.58 41.56
C LEU C 631 -4.49 0.31 41.39
N ARG C 632 -5.79 0.40 41.61
CA ARG C 632 -6.68 -0.73 41.42
C ARG C 632 -7.16 -0.80 39.97
N VAL C 633 -6.97 -1.96 39.35
CA VAL C 633 -7.39 -2.21 37.98
C VAL C 633 -8.30 -3.43 37.99
N GLU C 634 -9.55 -3.22 37.57
CA GLU C 634 -10.52 -4.31 37.47
C GLU C 634 -10.56 -4.79 36.02
N ASP C 635 -10.56 -6.10 35.83
CA ASP C 635 -10.29 -6.70 34.55
C ASP C 635 -11.22 -7.88 34.33
N ARG C 636 -11.54 -8.17 33.08
CA ARG C 636 -12.37 -9.30 32.73
C ARG C 636 -11.54 -10.29 31.93
N GLN C 637 -11.65 -11.58 32.28
CA GLN C 637 -10.66 -12.55 31.83
C GLN C 637 -11.00 -13.14 30.47
N ASP C 638 -12.25 -12.98 30.03
CA ASP C 638 -12.75 -13.47 28.73
C ASP C 638 -12.57 -14.98 28.53
N GLU D 27 -14.17 9.16 36.74
CA GLU D 27 -13.20 9.94 37.51
C GLU D 27 -13.48 9.89 39.00
N SER D 28 -14.46 10.68 39.44
CA SER D 28 -14.75 10.79 40.87
C SER D 28 -15.45 9.54 41.38
N TRP D 29 -16.37 8.99 40.59
CA TRP D 29 -17.10 7.81 41.04
C TRP D 29 -16.25 6.55 40.90
N ALA D 30 -15.36 6.53 39.92
CA ALA D 30 -14.41 5.43 39.79
C ALA D 30 -13.37 5.48 40.90
N GLN D 31 -13.07 6.68 41.39
CA GLN D 31 -12.27 6.82 42.60
C GLN D 31 -13.02 6.30 43.82
N SER D 32 -14.32 6.53 43.88
CA SER D 32 -15.09 6.11 45.04
C SER D 32 -15.28 4.60 45.05
N ARG D 33 -15.35 3.99 43.87
CA ARG D 33 -15.42 2.53 43.81
C ARG D 33 -14.12 1.91 44.28
N ASP D 34 -12.99 2.53 43.95
CA ASP D 34 -11.69 1.99 44.33
C ASP D 34 -11.49 2.04 45.83
N GLU D 35 -12.01 3.09 46.48
CA GLU D 35 -11.83 3.20 47.93
C GLU D 35 -12.71 2.20 48.67
N GLN D 36 -13.88 1.89 48.11
CA GLN D 36 -14.75 0.91 48.77
C GLN D 36 -14.21 -0.50 48.63
N ASN D 37 -13.54 -0.79 47.51
CA ASN D 37 -12.96 -2.11 47.32
C ASN D 37 -11.73 -2.31 48.21
N LEU D 38 -10.98 -1.23 48.47
CA LEU D 38 -9.91 -1.32 49.46
C LEU D 38 -10.49 -1.34 50.87
N LEU D 39 -11.62 -0.69 51.08
CA LEU D 39 -12.23 -0.70 52.41
C LEU D 39 -12.83 -2.06 52.72
N GLN D 40 -13.22 -2.81 51.69
CA GLN D 40 -13.68 -4.18 51.89
C GLN D 40 -12.56 -5.06 52.44
N GLN D 41 -11.37 -4.92 51.88
CA GLN D 41 -10.26 -5.80 52.26
C GLN D 41 -9.72 -5.44 53.63
N LYS D 42 -9.85 -4.18 54.04
CA LYS D 42 -9.46 -3.79 55.38
C LYS D 42 -10.40 -4.39 56.42
N ARG D 43 -11.71 -4.33 56.16
CA ARG D 43 -12.69 -4.81 57.13
C ARG D 43 -12.66 -6.34 57.23
N ILE D 44 -12.21 -7.02 56.19
CA ILE D 44 -12.00 -8.46 56.28
C ILE D 44 -10.87 -8.77 57.24
N TRP D 45 -9.77 -8.02 57.16
CA TRP D 45 -8.59 -8.34 57.94
C TRP D 45 -8.77 -8.00 59.41
N GLU D 46 -9.49 -6.92 59.70
CA GLU D 46 -9.70 -6.54 61.09
C GLU D 46 -10.98 -7.14 61.69
N SER D 47 -11.57 -8.13 61.04
CA SER D 47 -12.67 -8.90 61.61
C SER D 47 -12.24 -10.35 61.65
N PRO D 48 -12.22 -10.99 62.83
CA PRO D 48 -11.74 -12.38 62.88
C PRO D 48 -12.74 -13.37 62.32
N LEU D 49 -14.00 -12.97 62.15
CA LEU D 49 -14.97 -13.81 61.46
C LEU D 49 -14.75 -13.77 59.95
N LEU D 50 -14.66 -12.55 59.40
CA LEU D 50 -14.54 -12.41 57.95
C LEU D 50 -13.19 -12.88 57.44
N LEU D 51 -12.13 -12.68 58.24
CA LEU D 51 -10.81 -13.14 57.85
C LEU D 51 -10.74 -14.66 57.80
N ALA D 52 -11.49 -15.32 58.67
CA ALA D 52 -11.47 -16.78 58.70
C ALA D 52 -12.14 -17.38 57.48
N ALA D 53 -13.13 -16.68 56.93
CA ALA D 53 -13.85 -17.21 55.77
C ALA D 53 -13.09 -16.93 54.48
N LYS D 54 -12.18 -15.96 54.50
CA LYS D 54 -11.44 -15.62 53.28
C LYS D 54 -10.41 -16.69 52.94
N ASP D 55 -9.70 -17.21 53.94
CA ASP D 55 -8.65 -18.20 53.72
C ASP D 55 -8.98 -19.57 54.27
N ASN D 56 -10.28 -19.87 54.44
CA ASN D 56 -10.82 -21.22 54.58
C ASN D 56 -10.34 -21.90 55.87
N ASP D 57 -10.11 -21.09 56.90
CA ASP D 57 -9.66 -21.59 58.19
C ASP D 57 -10.90 -22.01 58.98
N VAL D 58 -11.34 -23.26 58.79
CA VAL D 58 -12.58 -23.71 59.39
C VAL D 58 -12.40 -23.95 60.88
N GLN D 59 -11.17 -24.19 61.31
CA GLN D 59 -10.89 -24.32 62.75
C GLN D 59 -10.95 -22.95 63.42
N ALA D 60 -10.72 -21.88 62.65
CA ALA D 60 -10.98 -20.55 63.17
C ALA D 60 -12.47 -20.25 63.17
N LEU D 61 -13.22 -20.88 62.27
CA LEU D 61 -14.67 -20.73 62.28
C LEU D 61 -15.30 -21.42 63.49
N ASN D 62 -14.65 -22.44 64.02
CA ASN D 62 -15.23 -23.15 65.17
C ASN D 62 -15.10 -22.32 66.43
N LYS D 63 -13.94 -21.71 66.65
CA LYS D 63 -13.63 -21.14 67.95
C LYS D 63 -14.35 -19.82 68.19
N LEU D 64 -14.65 -19.08 67.12
CA LEU D 64 -15.46 -17.88 67.29
C LEU D 64 -16.92 -18.22 67.56
N LEU D 65 -17.34 -19.44 67.18
CA LEU D 65 -18.69 -19.87 67.52
C LEU D 65 -18.72 -20.59 68.86
N LYS D 66 -17.58 -21.13 69.30
CA LYS D 66 -17.49 -21.71 70.63
C LYS D 66 -17.60 -20.65 71.71
N TYR D 67 -17.15 -19.43 71.39
CA TYR D 67 -17.15 -18.33 72.35
C TYR D 67 -18.57 -17.87 72.63
N GLU D 68 -19.33 -17.58 71.58
CA GLU D 68 -20.69 -17.08 71.73
C GLU D 68 -21.34 -17.25 70.37
N ASP D 69 -22.67 -17.17 70.30
CA ASP D 69 -23.33 -17.12 68.99
C ASP D 69 -23.36 -15.68 68.49
N CYS D 70 -22.19 -15.15 68.17
CA CYS D 70 -21.80 -13.72 68.09
C CYS D 70 -22.37 -13.09 66.82
N LYS D 71 -21.88 -11.92 66.44
CA LYS D 71 -22.38 -11.20 65.28
C LYS D 71 -21.96 -11.96 64.01
N VAL D 72 -22.82 -12.90 63.63
CA VAL D 72 -22.87 -13.35 62.24
C VAL D 72 -23.50 -12.28 61.38
N HIS D 73 -24.18 -11.32 62.00
CA HIS D 73 -24.72 -10.13 61.35
C HIS D 73 -23.66 -9.02 61.43
N GLN D 74 -22.46 -9.36 61.00
CA GLN D 74 -21.42 -8.38 60.72
C GLN D 74 -21.53 -7.95 59.27
N ARG D 75 -21.70 -6.64 59.06
CA ARG D 75 -21.75 -6.05 57.73
C ARG D 75 -20.40 -5.43 57.43
N GLY D 76 -19.81 -5.83 56.31
CA GLY D 76 -18.54 -5.28 55.87
C GLY D 76 -18.71 -3.94 55.21
N ALA D 77 -17.80 -3.64 54.27
CA ALA D 77 -17.85 -2.36 53.60
C ALA D 77 -18.99 -2.33 52.58
N MET D 78 -19.08 -3.36 51.75
CA MET D 78 -20.18 -3.50 50.81
C MET D 78 -21.33 -4.31 51.36
N GLY D 79 -21.55 -4.28 52.67
CA GLY D 79 -22.63 -5.07 53.24
C GLY D 79 -22.39 -6.56 53.18
N GLU D 80 -21.14 -6.99 53.18
CA GLU D 80 -20.80 -8.41 53.17
C GLU D 80 -21.22 -9.05 54.47
N THR D 81 -21.65 -10.31 54.40
CA THR D 81 -21.61 -11.18 55.56
C THR D 81 -20.50 -12.18 55.34
N ALA D 82 -20.28 -13.04 56.33
CA ALA D 82 -19.19 -14.01 56.23
C ALA D 82 -19.51 -15.10 55.22
N LEU D 83 -20.80 -15.34 54.95
CA LEU D 83 -21.16 -16.28 53.90
C LEU D 83 -20.93 -15.67 52.53
N HIS D 84 -21.12 -14.36 52.40
CA HIS D 84 -20.74 -13.65 51.18
C HIS D 84 -19.24 -13.68 50.95
N ILE D 85 -18.46 -13.65 52.03
CA ILE D 85 -17.01 -13.73 51.91
C ILE D 85 -16.60 -15.13 51.50
N ALA D 86 -17.25 -16.15 52.08
CA ALA D 86 -16.88 -17.53 51.76
C ALA D 86 -17.31 -17.91 50.35
N ALA D 87 -18.37 -17.28 49.84
CA ALA D 87 -18.79 -17.55 48.48
C ALA D 87 -17.88 -16.83 47.48
N LEU D 88 -17.36 -15.66 47.84
CA LEU D 88 -16.54 -14.90 46.91
C LEU D 88 -15.16 -15.53 46.73
N TYR D 89 -14.61 -16.14 47.77
CA TYR D 89 -13.27 -16.70 47.71
C TYR D 89 -13.28 -18.21 47.51
N ASP D 90 -14.43 -18.78 47.13
CA ASP D 90 -14.60 -20.20 46.77
C ASP D 90 -14.18 -21.13 47.90
N ASN D 91 -14.72 -20.88 49.09
CA ASN D 91 -14.38 -21.67 50.27
C ASN D 91 -15.63 -22.46 50.66
N LEU D 92 -15.62 -23.74 50.29
CA LEU D 92 -16.76 -24.62 50.56
C LEU D 92 -16.92 -24.89 52.03
N GLU D 93 -15.85 -25.39 52.67
CA GLU D 93 -15.95 -25.84 54.06
C GLU D 93 -16.11 -24.68 55.01
N ALA D 94 -15.60 -23.51 54.63
CA ALA D 94 -15.83 -22.31 55.44
C ALA D 94 -17.28 -21.86 55.33
N ALA D 95 -17.92 -22.11 54.19
CA ALA D 95 -19.28 -21.66 53.99
C ALA D 95 -20.28 -22.54 54.72
N MET D 96 -19.90 -23.79 54.97
CA MET D 96 -20.80 -24.72 55.65
C MET D 96 -21.01 -24.32 57.10
N VAL D 97 -19.92 -23.92 57.77
CA VAL D 97 -19.96 -23.60 59.19
C VAL D 97 -20.83 -22.38 59.45
N LEU D 98 -20.89 -21.44 58.49
CA LEU D 98 -21.81 -20.33 58.61
C LEU D 98 -23.26 -20.79 58.45
N MET D 99 -23.49 -21.85 57.67
CA MET D 99 -24.87 -22.21 57.35
C MET D 99 -25.54 -23.04 58.45
N GLU D 100 -24.81 -23.97 59.08
CA GLU D 100 -25.42 -24.68 60.20
C GLU D 100 -25.54 -23.79 61.43
N ALA D 101 -24.59 -22.88 61.66
CA ALA D 101 -24.66 -22.03 62.83
C ALA D 101 -25.69 -20.92 62.67
N ALA D 102 -25.84 -20.41 61.46
CA ALA D 102 -26.86 -19.39 61.18
C ALA D 102 -27.41 -19.58 59.78
N PRO D 103 -28.52 -20.31 59.63
CA PRO D 103 -29.09 -20.50 58.29
C PRO D 103 -29.68 -19.24 57.70
N GLU D 104 -30.00 -18.24 58.52
CA GLU D 104 -30.66 -17.03 58.03
C GLU D 104 -29.74 -16.14 57.20
N LEU D 105 -28.45 -16.47 57.09
CA LEU D 105 -27.55 -15.66 56.28
C LEU D 105 -27.65 -16.00 54.80
N VAL D 106 -28.45 -17.01 54.44
CA VAL D 106 -28.70 -17.26 53.02
C VAL D 106 -29.85 -16.39 52.52
N PHE D 107 -30.56 -15.74 53.44
CA PHE D 107 -31.68 -14.88 53.07
C PHE D 107 -31.28 -13.42 53.12
N GLU D 108 -29.99 -13.14 53.14
CA GLU D 108 -29.52 -11.79 53.33
C GLU D 108 -28.80 -11.29 52.08
N PRO D 109 -29.18 -10.14 51.56
CA PRO D 109 -28.42 -9.55 50.46
C PRO D 109 -27.38 -8.57 50.94
N MET D 110 -26.46 -8.18 50.07
CA MET D 110 -25.58 -7.06 50.37
C MET D 110 -26.38 -5.76 50.33
N THR D 111 -26.05 -4.84 51.23
CA THR D 111 -26.86 -3.67 51.48
C THR D 111 -26.31 -2.40 50.88
N SER D 112 -25.07 -2.40 50.40
CA SER D 112 -24.47 -1.19 49.85
C SER D 112 -25.05 -0.87 48.49
N GLU D 113 -24.82 0.37 48.03
CA GLU D 113 -25.38 0.81 46.76
C GLU D 113 -24.69 0.13 45.58
N LEU D 114 -23.46 -0.35 45.78
CA LEU D 114 -22.68 -0.87 44.67
C LEU D 114 -23.09 -2.30 44.34
N TYR D 115 -23.40 -3.12 45.34
CA TYR D 115 -23.78 -4.51 45.15
C TYR D 115 -25.09 -4.84 45.84
N GLU D 116 -26.06 -3.95 45.72
CA GLU D 116 -27.36 -4.13 46.36
C GLU D 116 -28.10 -5.35 45.81
N GLY D 117 -28.70 -6.10 46.72
CA GLY D 117 -29.51 -7.23 46.32
C GLY D 117 -28.76 -8.53 46.12
N GLN D 118 -27.44 -8.48 46.02
CA GLN D 118 -26.66 -9.68 45.74
C GLN D 118 -26.62 -10.57 46.96
N THR D 119 -27.16 -11.77 46.83
CA THR D 119 -27.06 -12.77 47.88
C THR D 119 -25.89 -13.68 47.59
N ALA D 120 -25.66 -14.64 48.49
CA ALA D 120 -24.60 -15.61 48.26
C ALA D 120 -24.98 -16.61 47.19
N LEU D 121 -26.27 -16.66 46.82
CA LEU D 121 -26.70 -17.47 45.69
C LEU D 121 -26.16 -16.91 44.38
N HIS D 122 -26.18 -15.58 44.23
CA HIS D 122 -25.61 -14.93 43.05
C HIS D 122 -24.13 -15.23 42.92
N ILE D 123 -23.42 -15.28 44.05
CA ILE D 123 -21.96 -15.38 44.02
C ILE D 123 -21.52 -16.79 43.67
N ALA D 124 -22.20 -17.79 44.24
CA ALA D 124 -21.81 -19.19 44.00
C ALA D 124 -22.09 -19.59 42.56
N VAL D 125 -23.08 -18.96 41.95
CA VAL D 125 -23.41 -19.23 40.55
C VAL D 125 -22.36 -18.64 39.63
N VAL D 126 -21.94 -17.40 39.89
CA VAL D 126 -20.94 -16.73 39.05
C VAL D 126 -19.58 -17.40 39.17
N ASN D 127 -19.25 -17.91 40.36
CA ASN D 127 -18.02 -18.65 40.55
C ASN D 127 -18.09 -20.07 40.01
N GLN D 128 -19.29 -20.53 39.61
CA GLN D 128 -19.57 -21.90 39.19
C GLN D 128 -19.20 -22.90 40.29
N ASN D 129 -19.46 -22.53 41.54
CA ASN D 129 -19.24 -23.42 42.68
C ASN D 129 -20.54 -24.20 42.87
N MET D 130 -20.55 -25.41 42.31
CA MET D 130 -21.81 -26.14 42.23
C MET D 130 -22.11 -26.88 43.53
N ASN D 131 -21.07 -27.28 44.26
CA ASN D 131 -21.25 -27.87 45.58
C ASN D 131 -21.82 -26.85 46.56
N LEU D 132 -21.48 -25.58 46.38
CA LEU D 132 -22.01 -24.54 47.25
C LEU D 132 -23.43 -24.17 46.88
N VAL D 133 -23.76 -24.18 45.59
CA VAL D 133 -25.08 -23.72 45.17
C VAL D 133 -26.12 -24.82 45.37
N ARG D 134 -25.69 -26.09 45.36
CA ARG D 134 -26.59 -27.16 45.80
C ARG D 134 -26.86 -27.07 47.29
N ALA D 135 -25.86 -26.64 48.07
CA ALA D 135 -26.05 -26.49 49.51
C ALA D 135 -26.96 -25.31 49.81
N LEU D 136 -26.92 -24.28 48.97
CA LEU D 136 -27.79 -23.13 49.19
C LEU D 136 -29.23 -23.44 48.80
N LEU D 137 -29.43 -24.20 47.73
CA LEU D 137 -30.77 -24.56 47.32
C LEU D 137 -31.38 -25.59 48.26
N ALA D 138 -30.54 -26.32 49.00
CA ALA D 138 -31.05 -27.20 50.04
C ALA D 138 -31.62 -26.40 51.21
N ARG D 139 -31.21 -25.15 51.34
CA ARG D 139 -31.65 -24.29 52.42
C ARG D 139 -32.60 -23.19 51.96
N ARG D 140 -33.39 -23.49 50.91
CA ARG D 140 -34.36 -22.60 50.25
C ARG D 140 -33.81 -21.18 50.02
N ALA D 141 -32.71 -21.10 49.30
CA ALA D 141 -32.20 -19.81 48.86
C ALA D 141 -33.10 -19.23 47.78
N SER D 142 -33.39 -17.94 47.88
CA SER D 142 -34.34 -17.30 47.00
C SER D 142 -33.78 -17.17 45.59
N VAL D 143 -34.35 -17.93 44.65
CA VAL D 143 -33.93 -17.90 43.26
C VAL D 143 -34.53 -16.73 42.49
N SER D 144 -35.35 -15.90 43.13
CA SER D 144 -35.92 -14.71 42.53
C SER D 144 -35.34 -13.43 43.11
N ALA D 145 -34.14 -13.51 43.70
CA ALA D 145 -33.55 -12.33 44.31
C ALA D 145 -32.92 -11.42 43.26
N ARG D 146 -33.20 -10.13 43.37
CA ARG D 146 -32.80 -9.15 42.37
C ARG D 146 -31.55 -8.41 42.83
N ALA D 147 -30.42 -8.70 42.20
CA ALA D 147 -29.20 -7.96 42.44
C ALA D 147 -29.30 -6.60 41.75
N THR D 148 -29.84 -5.61 42.45
CA THR D 148 -30.08 -4.29 41.89
C THR D 148 -29.00 -3.28 42.24
N GLY D 149 -27.75 -3.72 42.36
CA GLY D 149 -26.68 -2.80 42.68
C GLY D 149 -26.10 -2.14 41.45
N THR D 150 -25.35 -1.06 41.70
CA THR D 150 -24.84 -0.21 40.62
C THR D 150 -23.79 -0.93 39.79
N ALA D 151 -23.10 -1.90 40.39
CA ALA D 151 -22.12 -2.68 39.64
C ALA D 151 -22.78 -3.77 38.82
N PHE D 152 -24.10 -3.86 38.83
CA PHE D 152 -24.76 -4.84 37.97
C PHE D 152 -25.54 -4.22 36.83
N ARG D 153 -25.57 -2.89 36.74
CA ARG D 153 -26.26 -2.24 35.64
C ARG D 153 -25.46 -2.37 34.35
N ARG D 154 -26.15 -2.22 33.23
CA ARG D 154 -25.49 -2.18 31.93
C ARG D 154 -24.95 -0.78 31.73
N SER D 155 -23.64 -0.63 31.92
CA SER D 155 -22.98 0.67 31.95
C SER D 155 -21.67 0.55 31.18
N PRO D 156 -21.12 1.67 30.70
CA PRO D 156 -19.74 1.61 30.18
C PRO D 156 -18.70 1.38 31.25
N CYS D 157 -19.03 1.59 32.52
CA CYS D 157 -18.11 1.46 33.63
C CYS D 157 -18.29 0.17 34.43
N ASN D 158 -19.01 -0.82 33.90
CA ASN D 158 -19.10 -2.15 34.47
C ASN D 158 -18.67 -3.15 33.42
N LEU D 159 -17.80 -4.08 33.80
CA LEU D 159 -17.25 -4.98 32.79
C LEU D 159 -18.17 -6.15 32.50
N ILE D 160 -19.14 -6.38 33.38
CA ILE D 160 -20.14 -7.42 33.19
C ILE D 160 -21.51 -6.76 33.15
N TYR D 161 -22.40 -7.31 32.34
CA TYR D 161 -23.84 -7.11 32.50
C TYR D 161 -24.47 -8.49 32.50
N PHE D 162 -24.68 -9.01 33.69
CA PHE D 162 -25.20 -10.36 33.88
C PHE D 162 -26.69 -10.39 34.14
N GLY D 163 -27.38 -9.28 33.99
CA GLY D 163 -28.77 -9.24 34.42
C GLY D 163 -28.86 -8.96 35.90
N GLU D 164 -29.91 -9.46 36.57
CA GLU D 164 -29.97 -9.32 38.02
C GLU D 164 -30.57 -10.53 38.74
N HIS D 165 -30.91 -11.61 38.05
CA HIS D 165 -31.44 -12.81 38.66
C HIS D 165 -30.42 -13.94 38.58
N PRO D 166 -30.47 -14.94 39.48
CA PRO D 166 -29.47 -16.02 39.41
C PRO D 166 -29.60 -16.91 38.18
N LEU D 167 -30.76 -16.95 37.54
CA LEU D 167 -30.85 -17.56 36.21
C LEU D 167 -30.05 -16.78 35.19
N SER D 168 -30.10 -15.45 35.29
CA SER D 168 -29.36 -14.64 34.34
C SER D 168 -27.87 -14.72 34.58
N PHE D 169 -27.46 -14.96 35.84
CA PHE D 169 -26.03 -15.05 36.11
C PHE D 169 -25.49 -16.40 35.66
N ALA D 170 -26.33 -17.44 35.74
CA ALA D 170 -25.92 -18.77 35.31
C ALA D 170 -25.80 -18.85 33.80
N ALA D 171 -26.67 -18.12 33.09
CA ALA D 171 -26.67 -18.19 31.64
C ALA D 171 -25.45 -17.49 31.06
N CYS D 172 -24.89 -16.52 31.80
CA CYS D 172 -23.80 -15.73 31.28
C CYS D 172 -22.42 -16.31 31.57
N VAL D 173 -22.30 -17.19 32.56
CA VAL D 173 -21.05 -17.83 32.89
C VAL D 173 -20.87 -19.14 32.13
N ASN D 174 -21.81 -19.47 31.23
CA ASN D 174 -21.90 -20.75 30.52
C ASN D 174 -21.90 -21.93 31.49
N SER D 175 -22.93 -22.02 32.32
CA SER D 175 -23.05 -23.14 33.24
C SER D 175 -24.36 -23.85 32.92
N GLU D 176 -24.27 -24.89 32.10
CA GLU D 176 -25.46 -25.60 31.67
C GLU D 176 -26.01 -26.48 32.79
N GLU D 177 -25.20 -26.79 33.80
CA GLU D 177 -25.67 -27.61 34.91
C GLU D 177 -26.43 -26.79 35.95
N ILE D 178 -25.99 -25.55 36.18
CA ILE D 178 -26.63 -24.73 37.22
C ILE D 178 -27.93 -24.12 36.68
N VAL D 179 -28.00 -23.86 35.38
CA VAL D 179 -29.23 -23.32 34.79
C VAL D 179 -30.33 -24.37 34.82
N ARG D 180 -29.96 -25.65 34.74
CA ARG D 180 -30.95 -26.70 34.94
C ARG D 180 -31.32 -26.80 36.40
N LEU D 181 -30.33 -26.65 37.28
CA LEU D 181 -30.52 -26.83 38.71
C LEU D 181 -31.41 -25.75 39.30
N LEU D 182 -31.35 -24.54 38.75
CA LEU D 182 -32.18 -23.46 39.27
C LEU D 182 -33.61 -23.54 38.74
N ILE D 183 -33.78 -23.93 37.48
CA ILE D 183 -35.12 -24.06 36.91
C ILE D 183 -35.87 -25.22 37.55
N GLU D 184 -35.14 -26.28 37.94
CA GLU D 184 -35.78 -27.37 38.65
C GLU D 184 -35.93 -27.10 40.14
N HIS D 185 -35.59 -25.89 40.60
CA HIS D 185 -35.97 -25.44 41.93
C HIS D 185 -36.91 -24.24 41.91
N GLY D 186 -37.35 -23.82 40.73
CA GLY D 186 -38.40 -22.82 40.62
C GLY D 186 -37.98 -21.47 40.13
N ALA D 187 -36.80 -21.34 39.54
CA ALA D 187 -36.37 -20.05 39.02
C ALA D 187 -37.11 -19.73 37.74
N ASP D 188 -37.66 -18.52 37.69
CA ASP D 188 -38.57 -18.10 36.62
C ASP D 188 -37.77 -17.63 35.42
N ILE D 189 -38.11 -18.16 34.24
CA ILE D 189 -37.46 -17.74 33.02
C ILE D 189 -38.15 -16.52 32.42
N ARG D 190 -39.25 -16.08 33.02
CA ARG D 190 -39.94 -14.89 32.55
C ARG D 190 -39.52 -13.63 33.26
N ALA D 191 -38.53 -13.69 34.15
CA ALA D 191 -38.21 -12.54 34.97
C ALA D 191 -37.39 -11.52 34.20
N GLN D 192 -37.79 -10.25 34.28
CA GLN D 192 -37.11 -9.16 33.62
C GLN D 192 -36.31 -8.36 34.63
N ASP D 193 -35.49 -7.44 34.12
CA ASP D 193 -34.63 -6.57 34.90
C ASP D 193 -35.25 -5.18 34.98
N SER D 194 -34.47 -4.22 35.50
CA SER D 194 -34.87 -2.83 35.44
C SER D 194 -34.90 -2.32 34.00
N LEU D 195 -34.04 -2.87 33.15
CA LEU D 195 -34.10 -2.58 31.72
C LEU D 195 -35.18 -3.37 31.00
N GLY D 196 -35.87 -4.27 31.69
CA GLY D 196 -36.86 -5.12 31.08
C GLY D 196 -36.30 -6.29 30.32
N ASN D 197 -34.99 -6.46 30.34
CA ASN D 197 -34.34 -7.55 29.62
C ASN D 197 -34.62 -8.87 30.32
N THR D 198 -35.21 -9.82 29.60
CA THR D 198 -35.30 -11.18 30.08
C THR D 198 -33.96 -11.87 29.81
N VAL D 199 -33.84 -13.14 30.21
CA VAL D 199 -32.55 -13.82 30.14
C VAL D 199 -32.13 -14.08 28.70
N LEU D 200 -33.09 -14.03 27.77
CA LEU D 200 -32.74 -14.23 26.36
C LEU D 200 -32.14 -12.95 25.79
N HIS D 201 -32.61 -11.79 26.27
CA HIS D 201 -31.99 -10.52 25.91
C HIS D 201 -30.56 -10.43 26.40
N ILE D 202 -30.31 -10.92 27.62
CA ILE D 202 -29.02 -10.74 28.28
C ILE D 202 -27.95 -11.56 27.58
N LEU D 203 -28.34 -12.73 27.05
CA LEU D 203 -27.41 -13.60 26.33
C LEU D 203 -26.89 -12.96 25.05
N ILE D 204 -27.66 -12.06 24.47
CA ILE D 204 -27.25 -11.41 23.24
C ILE D 204 -26.20 -10.34 23.50
N LEU D 205 -26.22 -9.79 24.72
CA LEU D 205 -25.28 -8.76 25.12
C LEU D 205 -23.95 -9.33 25.60
N GLN D 206 -23.68 -10.61 25.37
CA GLN D 206 -22.52 -11.27 25.95
C GLN D 206 -21.37 -11.36 24.97
N PRO D 207 -20.13 -11.25 25.45
CA PRO D 207 -18.98 -11.19 24.53
C PRO D 207 -18.65 -12.51 23.87
N ASN D 208 -18.93 -13.63 24.51
CA ASN D 208 -18.70 -14.94 23.89
C ASN D 208 -20.02 -15.35 23.27
N LYS D 209 -20.12 -15.12 21.96
CA LYS D 209 -21.38 -15.20 21.26
C LYS D 209 -21.72 -16.63 20.88
N THR D 210 -20.74 -17.52 20.92
CA THR D 210 -20.98 -18.91 20.56
C THR D 210 -21.54 -19.69 21.76
N PHE D 211 -21.05 -19.40 22.97
CA PHE D 211 -21.67 -19.96 24.16
C PHE D 211 -23.10 -19.45 24.34
N ALA D 212 -23.36 -18.23 23.87
CA ALA D 212 -24.69 -17.66 23.99
C ALA D 212 -25.71 -18.42 23.14
N CYS D 213 -25.28 -18.95 21.99
CA CYS D 213 -26.19 -19.69 21.14
C CYS D 213 -26.59 -21.03 21.76
N GLN D 214 -25.63 -21.70 22.44
CA GLN D 214 -25.96 -22.93 23.14
C GLN D 214 -26.83 -22.64 24.35
N MET D 215 -26.58 -21.54 25.04
CA MET D 215 -27.38 -21.19 26.20
C MET D 215 -28.70 -20.57 25.78
N TYR D 216 -28.80 -20.15 24.52
CA TYR D 216 -30.10 -19.70 24.01
C TYR D 216 -31.05 -20.88 23.88
N ASN D 217 -30.60 -21.96 23.24
CA ASN D 217 -31.47 -23.10 22.94
C ASN D 217 -31.92 -23.80 24.20
N LEU D 218 -31.04 -23.85 25.20
CA LEU D 218 -31.38 -24.53 26.46
C LEU D 218 -32.44 -23.75 27.21
N LEU D 219 -32.31 -22.43 27.27
CA LEU D 219 -33.31 -21.62 27.97
C LEU D 219 -34.58 -21.51 27.16
N LEU D 220 -34.50 -21.69 25.84
CA LEU D 220 -35.70 -21.69 25.02
C LEU D 220 -36.40 -23.03 25.08
N SER D 221 -35.67 -24.08 25.49
CA SER D 221 -36.25 -25.41 25.63
C SER D 221 -37.18 -25.50 26.83
N TYR D 222 -36.90 -24.72 27.87
CA TYR D 222 -37.78 -24.70 29.04
C TYR D 222 -39.01 -23.83 28.84
N ASP D 223 -39.22 -23.31 27.64
CA ASP D 223 -40.49 -22.66 27.31
C ASP D 223 -41.50 -23.66 26.76
N ARG D 224 -41.76 -24.72 27.52
CA ARG D 224 -42.83 -25.66 27.22
C ARG D 224 -44.19 -25.02 27.34
N HIS D 225 -44.30 -23.96 28.15
CA HIS D 225 -45.59 -23.42 28.54
C HIS D 225 -46.27 -22.68 27.37
N GLY D 226 -47.40 -23.23 26.93
CA GLY D 226 -48.20 -22.59 25.91
C GLY D 226 -49.36 -21.85 26.54
N ASP D 227 -49.25 -21.56 27.84
CA ASP D 227 -50.25 -20.81 28.57
C ASP D 227 -49.70 -19.51 29.16
N HIS D 228 -48.48 -19.14 28.80
CA HIS D 228 -47.87 -17.91 29.28
C HIS D 228 -47.98 -16.77 28.28
N LEU D 229 -48.92 -16.89 27.33
CA LEU D 229 -49.51 -15.83 26.52
C LEU D 229 -48.57 -15.29 25.43
N GLN D 230 -47.29 -15.66 25.51
CA GLN D 230 -46.29 -15.08 24.63
C GLN D 230 -45.01 -15.89 24.76
N PRO D 231 -44.38 -16.27 23.65
CA PRO D 231 -43.12 -17.03 23.75
C PRO D 231 -41.98 -16.16 24.27
N LEU D 232 -40.95 -16.82 24.77
CA LEU D 232 -39.83 -16.10 25.38
C LEU D 232 -39.04 -15.30 24.37
N ASP D 233 -38.99 -15.77 23.12
CA ASP D 233 -38.28 -15.01 22.11
C ASP D 233 -39.12 -13.88 21.54
N LEU D 234 -40.32 -13.65 22.06
CA LEU D 234 -41.21 -12.59 21.58
C LEU D 234 -41.55 -11.58 22.66
N VAL D 235 -40.85 -11.61 23.78
CA VAL D 235 -41.13 -10.69 24.89
C VAL D 235 -40.23 -9.46 24.71
N PRO D 236 -40.79 -8.27 24.63
CA PRO D 236 -39.95 -7.08 24.45
C PRO D 236 -39.44 -6.53 25.76
N ASN D 237 -38.33 -5.80 25.67
CA ASN D 237 -37.80 -5.07 26.80
C ASN D 237 -38.47 -3.70 26.86
N HIS D 238 -37.91 -2.79 27.66
CA HIS D 238 -38.58 -1.51 27.87
C HIS D 238 -38.39 -0.58 26.68
N GLN D 239 -37.33 -0.82 25.89
CA GLN D 239 -37.22 -0.14 24.61
C GLN D 239 -38.08 -0.76 23.52
N GLY D 240 -38.77 -1.85 23.80
CA GLY D 240 -39.64 -2.48 22.85
C GLY D 240 -38.95 -3.41 21.87
N LEU D 241 -37.72 -3.82 22.15
CA LEU D 241 -36.97 -4.71 21.30
C LEU D 241 -37.17 -6.13 21.78
N THR D 242 -37.40 -7.05 20.84
CA THR D 242 -37.39 -8.48 21.12
C THR D 242 -35.95 -8.96 21.09
N PRO D 243 -35.64 -10.20 21.48
CA PRO D 243 -34.27 -10.69 21.32
C PRO D 243 -33.77 -10.72 19.88
N PHE D 244 -34.66 -10.98 18.91
CA PHE D 244 -34.27 -10.94 17.52
C PHE D 244 -33.88 -9.54 17.08
N LYS D 245 -34.66 -8.54 17.48
CA LYS D 245 -34.36 -7.16 17.12
C LYS D 245 -33.17 -6.63 17.91
N LEU D 246 -32.95 -7.15 19.12
CA LEU D 246 -31.79 -6.72 19.90
C LEU D 246 -30.50 -7.28 19.33
N ALA D 247 -30.57 -8.44 18.68
CA ALA D 247 -29.39 -8.98 18.01
C ALA D 247 -28.99 -8.13 16.82
N GLY D 248 -29.96 -7.49 16.16
CA GLY D 248 -29.63 -6.61 15.05
C GLY D 248 -29.04 -5.30 15.50
N VAL D 249 -29.54 -4.77 16.61
CA VAL D 249 -29.08 -3.46 17.11
C VAL D 249 -27.66 -3.56 17.64
N GLU D 250 -27.33 -4.65 18.32
CA GLU D 250 -26.00 -4.82 18.87
C GLU D 250 -24.99 -5.31 17.85
N GLY D 251 -25.43 -5.68 16.65
CA GLY D 251 -24.52 -6.19 15.66
C GLY D 251 -24.08 -7.61 15.95
N ASN D 252 -24.87 -8.33 16.72
CA ASN D 252 -24.54 -9.69 17.13
C ASN D 252 -24.90 -10.60 15.96
N THR D 253 -23.96 -10.72 15.02
CA THR D 253 -24.23 -11.43 13.77
C THR D 253 -24.34 -12.93 13.99
N VAL D 254 -23.72 -13.43 15.05
CA VAL D 254 -23.77 -14.86 15.35
C VAL D 254 -25.13 -15.24 15.90
N MET D 255 -25.62 -14.46 16.87
CA MET D 255 -26.97 -14.67 17.39
C MET D 255 -28.03 -14.33 16.35
N PHE D 256 -27.71 -13.45 15.39
CA PHE D 256 -28.69 -13.09 14.37
C PHE D 256 -28.93 -14.23 13.40
N GLN D 257 -27.87 -14.91 12.98
CA GLN D 257 -28.02 -16.04 12.06
C GLN D 257 -28.70 -17.21 12.73
N HIS D 258 -28.43 -17.41 14.02
CA HIS D 258 -29.07 -18.48 14.77
C HIS D 258 -30.56 -18.23 14.94
N LEU D 259 -30.93 -17.00 15.29
CA LEU D 259 -32.33 -16.65 15.49
C LEU D 259 -33.11 -16.65 14.18
N MET D 260 -32.42 -16.46 13.05
CA MET D 260 -33.11 -16.38 11.77
C MET D 260 -33.53 -17.76 11.29
N GLN D 261 -32.85 -18.80 11.76
CA GLN D 261 -33.16 -20.17 11.34
C GLN D 261 -34.48 -20.64 11.92
N LYS D 262 -34.97 -19.98 12.97
CA LYS D 262 -36.34 -20.22 13.42
C LYS D 262 -37.35 -19.61 12.45
N ARG D 263 -36.92 -18.61 11.68
CA ARG D 263 -37.82 -17.93 10.76
C ARG D 263 -37.71 -18.43 9.33
N LYS D 264 -36.75 -19.29 9.02
CA LYS D 264 -36.69 -19.89 7.70
C LYS D 264 -37.77 -20.96 7.53
N HIS D 265 -38.05 -21.31 6.28
CA HIS D 265 -38.86 -22.47 5.96
C HIS D 265 -38.47 -22.99 4.59
N THR D 266 -37.81 -24.14 4.55
CA THR D 266 -37.32 -24.72 3.30
C THR D 266 -38.48 -25.33 2.55
N GLN D 267 -38.75 -24.81 1.35
CA GLN D 267 -39.81 -25.35 0.52
C GLN D 267 -39.42 -26.67 -0.13
N TRP D 268 -38.32 -26.67 -0.87
CA TRP D 268 -37.86 -27.89 -1.52
C TRP D 268 -36.36 -27.85 -1.72
N THR D 269 -35.81 -29.02 -2.02
CA THR D 269 -34.39 -29.22 -2.26
C THR D 269 -34.26 -30.02 -3.55
N TYR D 270 -33.73 -29.38 -4.59
CA TYR D 270 -33.62 -29.98 -5.91
C TYR D 270 -32.15 -30.02 -6.29
N GLY D 271 -31.47 -31.09 -5.92
CA GLY D 271 -30.06 -31.23 -6.16
C GLY D 271 -29.29 -30.21 -5.36
N PRO D 272 -28.55 -29.35 -6.05
CA PRO D 272 -27.90 -28.23 -5.35
C PRO D 272 -28.86 -27.09 -5.04
N LEU D 273 -30.04 -27.07 -5.63
CA LEU D 273 -30.97 -25.98 -5.39
C LEU D 273 -31.72 -26.17 -4.08
N THR D 274 -32.10 -25.04 -3.48
CA THR D 274 -32.88 -25.02 -2.25
C THR D 274 -33.70 -23.75 -2.24
N SER D 275 -35.02 -23.87 -2.21
CA SER D 275 -35.91 -22.72 -2.12
C SER D 275 -36.31 -22.52 -0.67
N THR D 276 -35.89 -21.41 -0.09
CA THR D 276 -36.11 -21.10 1.31
C THR D 276 -37.04 -19.91 1.42
N LEU D 277 -37.96 -19.97 2.38
CA LEU D 277 -38.98 -18.96 2.56
C LEU D 277 -38.79 -18.29 3.90
N TYR D 278 -38.62 -16.97 3.90
CA TYR D 278 -38.21 -16.21 5.07
C TYR D 278 -39.38 -15.42 5.64
N ASP D 279 -39.40 -15.29 6.97
CA ASP D 279 -40.62 -14.82 7.64
C ASP D 279 -40.84 -13.34 7.45
N LEU D 280 -39.78 -12.53 7.54
CA LEU D 280 -39.77 -11.13 7.10
C LEU D 280 -40.76 -10.26 7.89
N THR D 281 -41.06 -10.67 9.12
CA THR D 281 -42.10 -10.01 9.91
C THR D 281 -41.54 -8.88 10.76
N GLU D 282 -40.51 -9.16 11.56
CA GLU D 282 -39.90 -8.10 12.33
C GLU D 282 -38.79 -7.40 11.54
N ILE D 283 -38.38 -8.01 10.44
CA ILE D 283 -37.31 -7.43 9.62
C ILE D 283 -37.85 -6.29 8.78
N ASP D 284 -38.97 -6.51 8.13
CA ASP D 284 -39.46 -5.55 7.15
C ASP D 284 -40.16 -4.40 7.84
N SER D 285 -39.99 -3.21 7.27
CA SER D 285 -40.55 -1.97 7.81
C SER D 285 -42.07 -1.98 7.59
N SER D 286 -42.79 -2.32 8.65
CA SER D 286 -44.25 -2.35 8.57
C SER D 286 -44.84 -0.98 8.88
N GLY D 287 -44.08 -0.12 9.56
CA GLY D 287 -44.49 1.25 9.79
C GLY D 287 -45.23 1.50 11.09
N ASP D 288 -45.89 0.49 11.64
CA ASP D 288 -46.58 0.67 12.92
C ASP D 288 -45.57 0.78 14.06
N GLU D 289 -44.56 -0.08 14.06
CA GLU D 289 -43.53 -0.08 15.07
C GLU D 289 -42.19 0.04 14.35
N GLN D 290 -41.19 0.51 15.08
CA GLN D 290 -39.82 0.55 14.59
C GLN D 290 -39.34 -0.86 14.28
N SER D 291 -38.82 -1.05 13.07
CA SER D 291 -38.47 -2.37 12.56
C SER D 291 -36.97 -2.57 12.57
N LEU D 292 -36.55 -3.74 12.11
CA LEU D 292 -35.15 -4.09 12.16
C LEU D 292 -34.32 -3.28 11.17
N LEU D 293 -34.92 -2.90 10.03
CA LEU D 293 -34.22 -2.01 9.11
C LEU D 293 -34.09 -0.60 9.69
N GLU D 294 -35.13 -0.13 10.39
CA GLU D 294 -35.09 1.22 10.95
C GLU D 294 -34.14 1.30 12.14
N LEU D 295 -34.08 0.25 12.95
CA LEU D 295 -33.20 0.25 14.12
C LEU D 295 -31.73 0.27 13.75
N ILE D 296 -31.37 -0.46 12.70
CA ILE D 296 -29.95 -0.60 12.35
C ILE D 296 -29.42 0.70 11.75
N ILE D 297 -30.25 1.38 10.95
CA ILE D 297 -29.85 2.63 10.33
C ILE D 297 -29.61 3.72 11.38
N THR D 298 -30.45 3.78 12.41
CA THR D 298 -30.43 4.88 13.35
C THR D 298 -29.52 4.63 14.56
N THR D 299 -28.68 3.61 14.51
CA THR D 299 -27.95 3.22 15.71
C THR D 299 -26.47 3.56 15.56
N LYS D 300 -25.77 3.62 16.67
CA LYS D 300 -24.38 4.06 16.69
C LYS D 300 -23.40 2.90 16.65
N LYS D 301 -23.89 1.67 16.71
CA LYS D 301 -23.01 0.52 16.61
C LYS D 301 -22.50 0.39 15.18
N ARG D 302 -21.20 0.16 15.03
CA ARG D 302 -20.63 -0.10 13.73
C ARG D 302 -20.96 -1.52 13.28
N GLU D 303 -21.13 -2.44 14.22
CA GLU D 303 -21.31 -3.83 13.84
C GLU D 303 -22.74 -4.13 13.45
N ALA D 304 -23.68 -3.21 13.70
CA ALA D 304 -25.04 -3.40 13.24
C ALA D 304 -25.11 -3.34 11.72
N ARG D 305 -24.19 -2.60 11.09
CA ARG D 305 -24.13 -2.51 9.64
C ARG D 305 -23.76 -3.85 9.01
N GLN D 306 -23.12 -4.75 9.77
CA GLN D 306 -22.84 -6.11 9.30
C GLN D 306 -24.10 -6.93 9.08
N ILE D 307 -25.20 -6.57 9.74
CA ILE D 307 -26.46 -7.31 9.61
C ILE D 307 -27.06 -7.11 8.23
N LEU D 308 -26.70 -6.01 7.54
CA LEU D 308 -27.25 -5.76 6.21
C LEU D 308 -26.77 -6.75 5.16
N ASP D 309 -25.65 -7.42 5.42
CA ASP D 309 -25.19 -8.46 4.51
C ASP D 309 -25.76 -9.83 4.80
N GLN D 310 -26.61 -9.98 5.81
CA GLN D 310 -27.17 -11.28 6.12
C GLN D 310 -28.28 -11.64 5.15
N THR D 311 -28.45 -12.95 4.91
CA THR D 311 -29.22 -13.44 3.77
C THR D 311 -30.73 -13.17 3.77
N PRO D 312 -31.43 -12.88 4.87
CA PRO D 312 -32.78 -12.32 4.62
C PRO D 312 -32.73 -10.83 4.32
N VAL D 313 -31.80 -10.10 4.93
CA VAL D 313 -31.85 -8.65 4.92
C VAL D 313 -31.22 -8.11 3.65
N LYS D 314 -30.23 -8.83 3.12
CA LYS D 314 -29.52 -8.38 1.93
C LYS D 314 -30.39 -8.47 0.69
N GLU D 315 -31.08 -9.59 0.52
CA GLU D 315 -31.99 -9.76 -0.62
C GLU D 315 -33.22 -8.88 -0.48
N LEU D 316 -33.63 -8.58 0.74
CA LEU D 316 -34.82 -7.75 0.94
C LEU D 316 -34.59 -6.34 0.46
N VAL D 317 -33.48 -5.74 0.87
CA VAL D 317 -33.33 -4.32 0.66
C VAL D 317 -32.68 -4.05 -0.68
N SER D 318 -32.05 -5.06 -1.30
CA SER D 318 -31.56 -4.87 -2.65
C SER D 318 -32.67 -4.98 -3.67
N LEU D 319 -33.73 -5.73 -3.35
CA LEU D 319 -34.82 -5.87 -4.30
C LEU D 319 -35.78 -4.70 -4.22
N LYS D 320 -35.95 -4.10 -3.03
CA LYS D 320 -36.81 -2.94 -2.96
C LYS D 320 -36.09 -1.69 -3.41
N TRP D 321 -34.76 -1.75 -3.50
CA TRP D 321 -34.04 -0.65 -4.13
C TRP D 321 -34.14 -0.72 -5.64
N LYS D 322 -33.93 -1.92 -6.20
CA LYS D 322 -33.91 -2.06 -7.65
C LYS D 322 -35.31 -1.94 -8.25
N ARG D 323 -36.33 -2.36 -7.52
CA ARG D 323 -37.68 -2.26 -8.06
C ARG D 323 -38.28 -0.88 -7.83
N TYR D 324 -38.23 -0.39 -6.61
CA TYR D 324 -38.99 0.82 -6.33
C TYR D 324 -38.16 1.94 -5.75
N GLY D 325 -37.05 1.63 -5.09
CA GLY D 325 -36.29 2.68 -4.42
C GLY D 325 -35.50 3.53 -5.39
N ARG D 326 -34.82 2.90 -6.33
CA ARG D 326 -34.00 3.65 -7.28
C ARG D 326 -34.80 4.45 -8.32
N PRO D 327 -35.91 3.96 -8.89
CA PRO D 327 -36.69 4.87 -9.75
C PRO D 327 -37.32 6.06 -9.03
N TYR D 328 -37.75 5.90 -7.78
CA TYR D 328 -38.34 7.03 -7.08
C TYR D 328 -37.27 7.96 -6.51
N PHE D 329 -36.00 7.58 -6.64
CA PHE D 329 -34.92 8.43 -6.19
C PHE D 329 -34.33 9.21 -7.35
N CYS D 330 -34.29 8.61 -8.54
CA CYS D 330 -33.82 9.33 -9.73
C CYS D 330 -34.89 10.27 -10.25
N MET D 331 -36.15 9.90 -10.11
CA MET D 331 -37.24 10.82 -10.40
C MET D 331 -37.27 11.98 -9.43
N LEU D 332 -36.82 11.75 -8.21
CA LEU D 332 -36.83 12.81 -7.21
C LEU D 332 -35.58 13.67 -7.34
N GLY D 333 -34.57 13.17 -8.05
CA GLY D 333 -33.41 13.98 -8.32
C GLY D 333 -33.56 14.78 -9.59
N ALA D 334 -34.35 14.30 -10.54
CA ALA D 334 -34.62 15.05 -11.75
C ALA D 334 -35.51 16.25 -11.46
N ILE D 335 -36.39 16.12 -10.47
CA ILE D 335 -37.21 17.25 -10.05
C ILE D 335 -36.34 18.28 -9.33
N TYR D 336 -35.41 17.83 -8.51
CA TYR D 336 -34.56 18.77 -7.78
C TYR D 336 -33.57 19.44 -8.73
N LEU D 337 -33.21 18.77 -9.81
CA LEU D 337 -32.32 19.39 -10.79
C LEU D 337 -33.04 20.47 -11.58
N LEU D 338 -34.28 20.22 -11.99
CA LEU D 338 -35.04 21.24 -12.70
C LEU D 338 -35.43 22.40 -11.78
N TYR D 339 -35.60 22.11 -10.49
CA TYR D 339 -35.91 23.17 -9.54
C TYR D 339 -34.71 24.06 -9.28
N ILE D 340 -33.50 23.49 -9.29
CA ILE D 340 -32.34 24.28 -8.95
C ILE D 340 -31.85 25.05 -10.17
N ILE D 341 -32.22 24.61 -11.37
CA ILE D 341 -31.97 25.41 -12.57
C ILE D 341 -32.96 26.57 -12.61
N CYS D 342 -34.17 26.34 -12.12
CA CYS D 342 -35.17 27.40 -12.07
C CYS D 342 -34.81 28.47 -11.04
N PHE D 343 -34.23 28.08 -9.92
CA PHE D 343 -33.74 29.06 -8.96
C PHE D 343 -32.51 29.78 -9.48
N THR D 344 -31.66 29.08 -10.23
CA THR D 344 -30.43 29.68 -10.74
C THR D 344 -30.75 30.80 -11.73
N MET D 345 -31.67 30.55 -12.67
CA MET D 345 -32.08 31.56 -13.64
C MET D 345 -32.77 32.75 -12.98
N CYS D 346 -33.40 32.55 -11.83
CA CYS D 346 -34.05 33.67 -11.17
C CYS D 346 -33.04 34.54 -10.44
N CYS D 347 -31.80 34.05 -10.29
CA CYS D 347 -30.76 34.86 -9.70
C CYS D 347 -29.87 35.48 -10.77
N ILE D 348 -29.75 34.82 -11.93
CA ILE D 348 -29.03 35.39 -13.05
C ILE D 348 -29.75 36.61 -13.58
N TYR D 349 -31.08 36.55 -13.61
CA TYR D 349 -31.92 37.63 -14.14
C TYR D 349 -32.49 38.51 -13.05
N ARG D 350 -31.80 38.62 -11.91
CA ARG D 350 -32.28 39.42 -10.79
C ARG D 350 -32.31 40.90 -11.17
N PRO D 351 -33.26 41.68 -10.64
CA PRO D 351 -33.49 43.03 -11.16
C PRO D 351 -32.41 44.00 -10.69
N LEU D 352 -31.76 44.67 -11.64
CA LEU D 352 -30.65 45.55 -11.34
C LEU D 352 -30.79 46.81 -12.17
N LYS D 353 -30.45 47.95 -11.57
CA LYS D 353 -30.52 49.24 -12.23
C LYS D 353 -29.19 49.96 -12.03
N PRO D 354 -28.84 50.88 -12.91
CA PRO D 354 -27.62 51.67 -12.70
C PRO D 354 -27.72 52.52 -11.44
N ARG D 355 -26.58 52.71 -10.80
CA ARG D 355 -26.53 53.38 -9.51
C ARG D 355 -26.92 54.84 -9.65
N THR D 356 -27.35 55.44 -8.54
CA THR D 356 -27.83 56.81 -8.59
C THR D 356 -26.73 57.80 -8.24
N ASN D 357 -26.17 57.68 -7.04
CA ASN D 357 -25.17 58.62 -6.57
C ASN D 357 -23.82 58.42 -7.28
N ASN D 358 -22.92 59.36 -7.02
CA ASN D 358 -21.56 59.25 -7.53
C ASN D 358 -20.71 58.42 -6.56
N ARG D 359 -19.54 58.02 -7.03
CA ARG D 359 -18.66 57.15 -6.27
C ARG D 359 -18.07 57.87 -5.06
N THR D 360 -18.03 57.16 -3.93
CA THR D 360 -17.56 57.77 -2.70
C THR D 360 -16.05 57.94 -2.71
N SER D 361 -15.36 57.08 -3.44
CA SER D 361 -13.90 57.03 -3.46
C SER D 361 -13.49 56.30 -4.73
N PRO D 362 -12.25 56.46 -5.18
CA PRO D 362 -11.83 55.73 -6.38
C PRO D 362 -11.65 54.23 -6.17
N ARG D 363 -11.77 53.72 -4.94
CA ARG D 363 -11.85 52.29 -4.71
C ARG D 363 -13.27 51.75 -4.83
N ASP D 364 -14.24 52.59 -5.14
CA ASP D 364 -15.60 52.11 -5.32
C ASP D 364 -15.74 51.51 -6.70
N ASN D 365 -16.05 50.22 -6.76
CA ASN D 365 -16.10 49.48 -8.01
C ASN D 365 -17.50 49.36 -8.56
N THR D 366 -18.52 49.75 -7.79
CA THR D 366 -19.89 49.38 -8.08
C THR D 366 -20.45 50.20 -9.23
N LEU D 367 -21.11 49.52 -10.17
CA LEU D 367 -21.84 50.15 -11.25
C LEU D 367 -23.34 50.10 -11.10
N LEU D 368 -23.89 48.94 -10.72
CA LEU D 368 -25.32 48.72 -10.74
C LEU D 368 -25.81 48.62 -9.31
N GLN D 369 -27.11 48.68 -9.14
CA GLN D 369 -27.71 48.42 -7.85
C GLN D 369 -29.07 47.79 -8.07
N GLN D 370 -29.57 47.13 -7.05
CA GLN D 370 -30.81 46.37 -7.22
C GLN D 370 -32.00 47.31 -7.16
N LYS D 371 -33.02 47.00 -7.95
CA LYS D 371 -34.20 47.83 -8.03
C LYS D 371 -35.05 47.68 -6.77
N LEU D 372 -35.90 48.66 -6.54
CA LEU D 372 -36.95 48.52 -5.53
C LEU D 372 -38.04 47.61 -6.06
N LEU D 373 -39.00 47.27 -5.20
CA LEU D 373 -40.02 46.30 -5.55
C LEU D 373 -40.95 46.83 -6.65
N GLN D 374 -41.16 48.14 -6.67
CA GLN D 374 -42.03 48.75 -7.67
C GLN D 374 -41.42 48.67 -9.06
N GLU D 375 -40.10 48.84 -9.15
CA GLU D 375 -39.44 48.87 -10.44
C GLU D 375 -39.08 47.47 -10.90
N ALA D 376 -39.19 46.49 -10.01
CA ALA D 376 -38.68 45.16 -10.29
C ALA D 376 -39.58 44.40 -11.24
N TYR D 377 -40.85 44.79 -11.32
CA TYR D 377 -41.83 44.10 -12.18
C TYR D 377 -42.56 45.14 -13.02
N MET D 378 -41.93 45.56 -14.12
CA MET D 378 -42.51 46.56 -15.02
C MET D 378 -42.23 46.25 -16.48
N THR D 379 -41.95 44.99 -16.83
CA THR D 379 -41.68 44.62 -18.21
C THR D 379 -42.11 43.16 -18.39
N PRO D 380 -42.31 42.67 -19.61
CA PRO D 380 -42.71 41.25 -19.74
C PRO D 380 -41.62 40.25 -19.43
N LYS D 381 -40.35 40.66 -19.38
CA LYS D 381 -39.31 39.73 -18.96
C LYS D 381 -39.33 39.54 -17.45
N ASP D 382 -39.90 40.50 -16.72
CA ASP D 382 -39.94 40.39 -15.27
C ASP D 382 -41.08 39.51 -14.80
N ASP D 383 -42.01 39.18 -15.69
CA ASP D 383 -43.15 38.35 -15.30
C ASP D 383 -42.85 36.87 -15.51
N ILE D 384 -42.01 36.55 -16.49
CA ILE D 384 -41.54 35.17 -16.63
C ILE D 384 -40.63 34.81 -15.46
N ARG D 385 -39.85 35.77 -14.97
CA ARG D 385 -39.04 35.56 -13.78
C ARG D 385 -39.91 35.38 -12.55
N LEU D 386 -41.02 36.13 -12.46
CA LEU D 386 -41.90 36.05 -11.31
C LEU D 386 -42.58 34.68 -11.21
N VAL D 387 -42.77 34.02 -12.35
CA VAL D 387 -43.23 32.63 -12.35
C VAL D 387 -42.19 31.74 -11.69
N GLY D 388 -40.92 31.88 -12.08
CA GLY D 388 -39.88 31.04 -11.52
C GLY D 388 -39.53 31.39 -10.09
N GLU D 389 -39.74 32.65 -9.70
CA GLU D 389 -39.50 33.05 -8.33
C GLU D 389 -40.53 32.46 -7.39
N LEU D 390 -41.79 32.39 -7.82
CA LEU D 390 -42.83 31.77 -7.01
C LEU D 390 -42.63 30.26 -6.94
N VAL D 391 -42.20 29.63 -8.03
CA VAL D 391 -41.84 28.22 -8.02
C VAL D 391 -40.69 27.96 -7.05
N THR D 392 -39.78 28.93 -6.94
CA THR D 392 -38.69 28.82 -5.98
C THR D 392 -39.19 28.96 -4.55
N VAL D 393 -40.10 29.90 -4.30
CA VAL D 393 -40.64 30.11 -2.96
C VAL D 393 -41.45 28.90 -2.49
N ILE D 394 -42.29 28.36 -3.38
CA ILE D 394 -43.11 27.20 -3.04
C ILE D 394 -42.23 25.99 -2.76
N GLY D 395 -41.21 25.76 -3.60
CA GLY D 395 -40.32 24.63 -3.39
C GLY D 395 -39.47 24.75 -2.15
N ALA D 396 -39.26 25.97 -1.66
CA ALA D 396 -38.52 26.14 -0.43
C ALA D 396 -39.41 25.94 0.79
N ILE D 397 -40.70 26.26 0.66
CA ILE D 397 -41.65 26.01 1.76
C ILE D 397 -41.90 24.51 1.91
N ILE D 398 -42.05 23.80 0.78
CA ILE D 398 -42.29 22.36 0.79
C ILE D 398 -41.13 21.61 1.43
N ILE D 399 -39.89 22.10 1.23
CA ILE D 399 -38.74 21.56 1.96
C ILE D 399 -38.91 21.81 3.45
N LEU D 400 -39.37 22.99 3.84
CA LEU D 400 -39.58 23.26 5.25
C LEU D 400 -40.83 22.56 5.79
N LEU D 401 -41.73 22.13 4.91
CA LEU D 401 -42.91 21.42 5.39
C LEU D 401 -42.63 19.94 5.61
N VAL D 402 -41.56 19.42 5.01
CA VAL D 402 -41.32 17.98 5.12
C VAL D 402 -40.08 17.69 5.93
N GLU D 403 -39.18 18.68 6.08
CA GLU D 403 -38.04 18.48 6.97
C GLU D 403 -38.24 19.03 8.37
N VAL D 404 -38.78 20.23 8.50
CA VAL D 404 -38.91 20.86 9.82
C VAL D 404 -39.91 20.16 10.74
N PRO D 405 -41.13 19.77 10.31
CA PRO D 405 -41.99 19.01 11.24
C PRO D 405 -41.46 17.62 11.57
N ASP D 406 -40.90 16.92 10.58
CA ASP D 406 -40.61 15.49 10.78
C ASP D 406 -39.34 15.28 11.61
N ILE D 407 -38.62 16.35 11.94
CA ILE D 407 -37.53 16.21 12.89
C ILE D 407 -37.99 16.61 14.29
N PHE D 408 -39.13 17.31 14.38
CA PHE D 408 -39.68 17.65 15.69
C PHE D 408 -40.33 16.44 16.34
N ARG D 409 -40.89 15.54 15.53
CA ARG D 409 -41.39 14.28 16.06
C ARG D 409 -40.24 13.35 16.44
N MET D 410 -39.08 13.57 15.83
CA MET D 410 -37.84 12.95 16.27
C MET D 410 -37.24 13.84 17.36
N GLY D 411 -35.98 13.61 17.70
CA GLY D 411 -35.29 14.54 18.57
C GLY D 411 -35.08 15.86 17.87
N VAL D 412 -35.29 16.96 18.60
CA VAL D 412 -35.27 18.29 17.99
C VAL D 412 -33.86 18.66 17.56
N THR D 413 -32.89 18.49 18.44
CA THR D 413 -31.49 18.75 18.12
C THR D 413 -30.61 17.52 18.29
N ARG D 414 -30.89 16.67 19.28
CA ARG D 414 -30.00 15.56 19.58
C ARG D 414 -30.14 14.43 18.57
N PHE D 415 -31.33 13.84 18.47
CA PHE D 415 -31.53 12.76 17.51
C PHE D 415 -31.56 13.29 16.09
N PHE D 416 -31.92 14.58 15.93
CA PHE D 416 -31.65 15.26 14.67
C PHE D 416 -30.15 15.30 14.40
N GLY D 417 -29.36 15.70 15.42
CA GLY D 417 -27.92 15.80 15.24
C GLY D 417 -27.25 14.46 15.08
N GLN D 418 -27.87 13.40 15.60
CA GLN D 418 -27.39 12.05 15.33
C GLN D 418 -27.69 11.63 13.90
N THR D 419 -28.68 12.27 13.27
CA THR D 419 -28.91 12.06 11.86
C THR D 419 -28.09 13.02 11.00
N ILE D 420 -27.32 13.91 11.63
CA ILE D 420 -26.41 14.76 10.87
C ILE D 420 -25.08 14.04 10.67
N LEU D 421 -24.65 13.27 11.69
CA LEU D 421 -23.48 12.42 11.52
C LEU D 421 -23.79 11.27 10.58
N GLY D 422 -25.07 10.90 10.47
CA GLY D 422 -25.49 10.00 9.41
C GLY D 422 -25.63 10.71 8.07
N GLY D 423 -26.35 11.84 8.05
CA GLY D 423 -26.48 12.62 6.84
C GLY D 423 -26.37 14.12 7.04
N PRO D 424 -25.35 14.72 6.43
CA PRO D 424 -25.21 16.19 6.48
C PRO D 424 -26.18 16.93 5.57
N PHE D 425 -26.85 16.24 4.65
CA PHE D 425 -27.72 16.92 3.71
C PHE D 425 -29.07 17.27 4.32
N HIS D 426 -29.32 16.88 5.56
CA HIS D 426 -30.44 17.44 6.31
C HIS D 426 -30.23 18.92 6.59
N VAL D 427 -29.05 19.28 7.10
CA VAL D 427 -28.74 20.68 7.39
C VAL D 427 -28.69 21.49 6.11
N LEU D 428 -28.13 20.92 5.05
CA LEU D 428 -27.83 21.70 3.85
C LEU D 428 -29.07 22.06 3.06
N ILE D 429 -30.13 21.27 3.14
CA ILE D 429 -31.30 21.61 2.34
C ILE D 429 -32.31 22.39 3.18
N ILE D 430 -32.20 22.31 4.50
CA ILE D 430 -32.96 23.21 5.36
C ILE D 430 -32.35 24.61 5.30
N THR D 431 -31.02 24.69 5.28
CA THR D 431 -30.34 25.98 5.21
C THR D 431 -30.52 26.62 3.84
N TYR D 432 -30.62 25.81 2.79
CA TYR D 432 -31.00 26.32 1.48
C TYR D 432 -32.36 26.97 1.50
N ALA D 433 -33.35 26.29 2.07
CA ALA D 433 -34.73 26.77 2.02
C ALA D 433 -34.93 27.98 2.91
N PHE D 434 -34.10 28.12 3.94
CA PHE D 434 -34.12 29.33 4.75
C PHE D 434 -33.52 30.51 4.00
N MET D 435 -32.42 30.29 3.27
CA MET D 435 -31.78 31.36 2.53
C MET D 435 -32.64 31.86 1.39
N VAL D 436 -33.54 31.01 0.89
CA VAL D 436 -34.46 31.44 -0.16
C VAL D 436 -35.55 32.33 0.42
N LEU D 437 -36.10 31.95 1.57
CA LEU D 437 -37.17 32.75 2.15
C LEU D 437 -36.64 34.03 2.78
N VAL D 438 -35.35 34.06 3.15
CA VAL D 438 -34.71 35.32 3.53
C VAL D 438 -34.63 36.24 2.31
N THR D 439 -34.30 35.68 1.15
CA THR D 439 -34.26 36.45 -0.09
C THR D 439 -35.65 36.94 -0.48
N MET D 440 -36.68 36.17 -0.12
CA MET D 440 -38.05 36.63 -0.32
C MET D 440 -38.38 37.81 0.58
N VAL D 441 -38.05 37.71 1.87
CA VAL D 441 -38.35 38.77 2.82
C VAL D 441 -37.56 40.04 2.51
N MET D 442 -36.31 39.87 2.05
CA MET D 442 -35.53 41.02 1.62
C MET D 442 -36.07 41.62 0.35
N ARG D 443 -36.75 40.81 -0.47
CA ARG D 443 -37.35 41.35 -1.68
C ARG D 443 -38.63 42.12 -1.36
N LEU D 444 -39.34 41.70 -0.31
CA LEU D 444 -40.57 42.36 0.10
C LEU D 444 -40.32 43.73 0.71
N ILE D 445 -39.43 43.80 1.68
CA ILE D 445 -39.18 45.04 2.39
C ILE D 445 -38.11 45.86 1.67
N SER D 446 -37.65 45.37 0.52
CA SER D 446 -36.74 46.06 -0.39
C SER D 446 -35.42 46.42 0.30
N ALA D 447 -34.78 45.41 0.89
CA ALA D 447 -33.54 45.60 1.61
C ALA D 447 -32.35 45.42 0.68
N SER D 448 -31.34 46.26 0.88
CA SER D 448 -30.12 46.14 0.10
C SER D 448 -29.31 44.93 0.57
N GLY D 449 -28.63 44.30 -0.38
CA GLY D 449 -27.80 43.14 -0.08
C GLY D 449 -28.44 41.81 -0.30
N GLU D 450 -29.25 41.64 -1.35
CA GLU D 450 -29.85 40.34 -1.63
C GLU D 450 -28.85 39.35 -2.20
N VAL D 451 -27.65 39.80 -2.56
CA VAL D 451 -26.65 38.90 -3.11
C VAL D 451 -26.11 37.99 -2.03
N VAL D 452 -26.21 38.39 -0.76
CA VAL D 452 -25.69 37.55 0.31
C VAL D 452 -26.52 36.28 0.51
N PRO D 453 -27.86 36.34 0.70
CA PRO D 453 -28.57 35.06 0.82
C PRO D 453 -28.73 34.32 -0.49
N MET D 454 -28.63 35.01 -1.62
CA MET D 454 -28.62 34.31 -2.91
C MET D 454 -27.35 33.50 -3.09
N SER D 455 -26.19 34.06 -2.75
CA SER D 455 -24.92 33.37 -3.00
C SER D 455 -24.76 32.16 -2.09
N PHE D 456 -25.24 32.24 -0.85
CA PHE D 456 -25.29 31.04 -0.01
C PHE D 456 -26.22 30.00 -0.60
N ALA D 457 -27.30 30.45 -1.24
CA ALA D 457 -28.30 29.49 -1.70
C ALA D 457 -27.94 28.86 -3.03
N LEU D 458 -27.24 29.60 -3.90
CA LEU D 458 -26.73 29.00 -5.13
C LEU D 458 -25.70 27.94 -4.84
N VAL D 459 -24.85 28.20 -3.85
CA VAL D 459 -23.82 27.23 -3.50
C VAL D 459 -24.42 26.03 -2.80
N LEU D 460 -25.28 26.27 -1.81
CA LEU D 460 -25.92 25.17 -1.08
C LEU D 460 -26.87 24.40 -1.94
N GLY D 461 -27.62 25.09 -2.80
CA GLY D 461 -28.61 24.42 -3.61
C GLY D 461 -28.00 23.57 -4.70
N TRP D 462 -26.85 23.99 -5.23
CA TRP D 462 -26.19 23.16 -6.22
C TRP D 462 -25.38 22.05 -5.57
N CYS D 463 -24.80 22.29 -4.42
CA CYS D 463 -24.02 21.24 -3.77
C CYS D 463 -24.91 20.21 -3.09
N ASN D 464 -26.23 20.44 -3.06
CA ASN D 464 -27.15 19.39 -2.66
C ASN D 464 -27.45 18.40 -3.76
N VAL D 465 -27.00 18.66 -4.99
CA VAL D 465 -27.20 17.69 -6.07
C VAL D 465 -26.35 16.45 -5.81
N MET D 466 -25.22 16.58 -5.12
CA MET D 466 -24.46 15.38 -4.80
C MET D 466 -25.01 14.58 -3.63
N TYR D 467 -26.16 14.96 -3.08
CA TYR D 467 -26.98 14.00 -2.34
C TYR D 467 -27.42 12.88 -3.26
N PHE D 468 -27.74 13.19 -4.50
CA PHE D 468 -28.27 12.22 -5.44
C PHE D 468 -27.18 11.44 -6.14
N ALA D 469 -25.94 11.55 -5.69
CA ALA D 469 -24.88 10.71 -6.22
C ALA D 469 -24.92 9.31 -5.64
N ARG D 470 -25.66 9.11 -4.54
CA ARG D 470 -25.70 7.81 -3.87
C ARG D 470 -26.57 6.82 -4.62
N GLY D 471 -27.50 7.32 -5.44
CA GLY D 471 -28.36 6.42 -6.17
C GLY D 471 -27.67 5.83 -7.39
N PHE D 472 -26.54 6.41 -7.76
CA PHE D 472 -25.78 5.93 -8.90
C PHE D 472 -24.57 5.18 -8.39
N GLN D 473 -24.40 3.95 -8.88
CA GLN D 473 -23.36 3.06 -8.37
C GLN D 473 -21.97 3.56 -8.72
N MET D 474 -21.87 4.43 -9.72
CA MET D 474 -20.57 4.97 -10.09
C MET D 474 -20.12 6.04 -9.11
N LEU D 475 -21.02 6.96 -8.75
CA LEU D 475 -20.69 8.13 -7.94
C LEU D 475 -20.84 7.90 -6.45
N GLY D 476 -21.61 6.90 -6.05
CA GLY D 476 -21.99 6.68 -4.67
C GLY D 476 -20.86 6.44 -3.68
N PRO D 477 -20.03 5.41 -3.91
CA PRO D 477 -18.88 5.21 -3.03
C PRO D 477 -17.85 6.32 -3.05
N PHE D 478 -17.77 7.05 -4.18
CA PHE D 478 -16.87 8.20 -4.27
C PHE D 478 -17.30 9.31 -3.33
N THR D 479 -18.60 9.46 -3.13
CA THR D 479 -19.12 10.67 -2.49
C THR D 479 -19.09 10.55 -0.97
N ILE D 480 -19.08 9.32 -0.45
CA ILE D 480 -18.92 9.15 1.00
C ILE D 480 -17.50 9.50 1.42
N MET D 481 -16.54 9.26 0.54
CA MET D 481 -15.16 9.59 0.85
C MET D 481 -14.95 11.10 0.96
N ILE D 482 -15.82 11.89 0.34
CA ILE D 482 -15.91 13.32 0.62
C ILE D 482 -16.26 13.55 2.08
N GLN D 483 -17.26 12.83 2.59
CA GLN D 483 -17.74 13.06 3.95
C GLN D 483 -16.73 12.61 4.99
N LYS D 484 -15.98 11.56 4.71
CA LYS D 484 -14.97 11.10 5.66
C LYS D 484 -13.83 12.10 5.75
N MET D 485 -13.53 12.78 4.65
CA MET D 485 -12.34 13.62 4.64
C MET D 485 -12.65 15.05 5.06
N ILE D 486 -13.88 15.52 4.83
CA ILE D 486 -14.22 16.82 5.42
C ILE D 486 -14.39 16.69 6.92
N PHE D 487 -15.05 15.64 7.39
CA PHE D 487 -15.25 15.50 8.82
C PHE D 487 -13.97 15.02 9.50
N GLY D 488 -13.07 14.44 8.71
CA GLY D 488 -11.78 14.01 9.20
C GLY D 488 -10.66 14.92 8.76
N ASP D 489 -9.85 14.44 7.79
CA ASP D 489 -8.50 14.94 7.59
C ASP D 489 -8.45 16.39 7.14
N LEU D 490 -9.50 16.88 6.48
CA LEU D 490 -9.45 18.27 6.06
C LEU D 490 -9.69 19.21 7.23
N MET D 491 -10.37 18.74 8.29
CA MET D 491 -10.47 19.54 9.50
C MET D 491 -9.15 19.57 10.26
N ARG D 492 -8.41 18.44 10.30
CA ARG D 492 -7.11 18.43 10.97
C ARG D 492 -6.15 19.38 10.28
N PHE D 493 -6.27 19.48 8.97
CA PHE D 493 -5.40 20.36 8.20
C PHE D 493 -5.75 21.81 8.44
N CYS D 494 -7.04 22.13 8.56
CA CYS D 494 -7.47 23.52 8.58
C CYS D 494 -7.25 24.19 9.92
N TRP D 495 -7.18 23.42 11.01
CA TRP D 495 -6.79 24.03 12.27
C TRP D 495 -5.31 24.40 12.25
N LEU D 496 -4.49 23.56 11.66
CA LEU D 496 -3.07 23.84 11.58
C LEU D 496 -2.75 24.78 10.43
N MET D 497 -3.63 24.88 9.44
CA MET D 497 -3.49 25.89 8.40
C MET D 497 -3.74 27.28 8.95
N ALA D 498 -4.77 27.43 9.79
CA ALA D 498 -5.18 28.74 10.26
C ALA D 498 -4.17 29.31 11.25
N VAL D 499 -3.43 28.43 11.92
CA VAL D 499 -2.37 28.85 12.81
C VAL D 499 -1.18 29.39 12.02
N VAL D 500 -0.83 28.70 10.93
CA VAL D 500 0.29 29.13 10.08
C VAL D 500 -0.08 30.41 9.33
N ILE D 501 -1.34 30.53 8.93
CA ILE D 501 -1.81 31.74 8.25
C ILE D 501 -1.76 32.94 9.18
N LEU D 502 -2.19 32.77 10.43
CA LEU D 502 -2.21 33.88 11.38
C LEU D 502 -0.81 34.36 11.73
N GLY D 503 0.17 33.49 11.65
CA GLY D 503 1.53 33.92 11.91
C GLY D 503 2.14 34.63 10.73
N PHE D 504 1.89 34.11 9.52
CA PHE D 504 2.55 34.68 8.36
C PHE D 504 1.79 35.87 7.80
N ALA D 505 0.47 35.93 7.96
CA ALA D 505 -0.25 37.12 7.54
C ALA D 505 0.09 38.30 8.43
N SER D 506 0.40 38.04 9.69
CA SER D 506 0.82 39.11 10.59
C SER D 506 2.23 39.56 10.29
N ALA D 507 3.11 38.62 9.92
CA ALA D 507 4.45 38.99 9.51
C ALA D 507 4.44 39.72 8.17
N PHE D 508 3.65 39.25 7.21
CA PHE D 508 3.56 39.90 5.91
C PHE D 508 2.90 41.27 6.01
N TYR D 509 2.00 41.45 6.99
CA TYR D 509 1.37 42.74 7.18
C TYR D 509 2.38 43.78 7.64
N ILE D 510 3.22 43.42 8.61
CA ILE D 510 4.11 44.42 9.20
C ILE D 510 5.33 44.64 8.33
N ILE D 511 5.68 43.67 7.48
CA ILE D 511 6.78 43.86 6.55
C ILE D 511 6.41 44.87 5.48
N PHE D 512 5.16 44.84 5.03
CA PHE D 512 4.67 45.80 4.07
C PHE D 512 3.89 46.93 4.70
N GLN D 513 4.04 47.14 6.00
CA GLN D 513 3.27 48.16 6.68
C GLN D 513 3.86 49.53 6.41
N THR D 514 5.16 49.57 6.14
CA THR D 514 5.85 50.81 5.84
C THR D 514 5.88 51.07 4.34
N GLU D 515 5.52 50.09 3.54
CA GLU D 515 5.78 50.20 2.10
C GLU D 515 4.60 50.84 1.40
N ASP D 516 4.81 51.20 0.16
CA ASP D 516 3.74 51.80 -0.63
C ASP D 516 2.83 50.70 -1.17
N PRO D 517 1.52 50.81 -0.98
CA PRO D 517 0.63 49.73 -1.42
C PRO D 517 0.25 49.79 -2.89
N GLU D 518 0.61 50.86 -3.60
CA GLU D 518 0.22 50.94 -5.01
C GLU D 518 1.10 50.04 -5.88
N GLU D 519 2.23 49.57 -5.36
CA GLU D 519 3.01 48.59 -6.11
C GLU D 519 2.62 47.17 -5.74
N LEU D 520 2.47 46.88 -4.45
CA LEU D 520 2.23 45.53 -3.97
C LEU D 520 1.17 45.61 -2.89
N GLY D 521 -0.09 45.46 -3.27
CA GLY D 521 -1.19 45.67 -2.36
C GLY D 521 -1.76 44.43 -1.73
N HIS D 522 -1.03 43.31 -1.73
CA HIS D 522 -1.53 42.05 -1.22
C HIS D 522 -1.84 42.13 0.28
N PHE D 523 -1.09 42.94 1.00
CA PHE D 523 -1.17 43.00 2.45
C PHE D 523 -1.45 44.41 2.91
N TYR D 524 -2.40 45.11 2.27
CA TYR D 524 -2.51 46.55 2.51
C TYR D 524 -3.21 46.85 3.83
N ASP D 525 -4.27 46.13 4.15
CA ASP D 525 -4.80 46.13 5.50
C ASP D 525 -4.77 44.70 6.02
N TYR D 526 -5.18 44.54 7.27
CA TYR D 526 -5.07 43.22 7.89
C TYR D 526 -6.09 42.19 7.39
N PRO D 527 -7.36 42.51 7.08
CA PRO D 527 -8.21 41.45 6.50
C PRO D 527 -7.80 41.02 5.10
N MET D 528 -7.17 41.90 4.31
CA MET D 528 -6.71 41.44 2.99
C MET D 528 -5.39 40.69 3.10
N ALA D 529 -4.53 41.08 4.05
CA ALA D 529 -3.30 40.34 4.31
C ALA D 529 -3.60 38.94 4.78
N LEU D 530 -4.70 38.80 5.51
CA LEU D 530 -5.10 37.50 6.01
C LEU D 530 -5.66 36.64 4.90
N PHE D 531 -6.33 37.27 3.94
CA PHE D 531 -6.92 36.55 2.83
C PHE D 531 -5.90 36.26 1.74
N SER D 532 -4.93 37.15 1.57
CA SER D 532 -3.86 36.89 0.61
C SER D 532 -2.99 35.73 1.07
N THR D 533 -2.73 35.63 2.36
CA THR D 533 -1.88 34.57 2.88
C THR D 533 -2.59 33.22 2.78
N PHE D 534 -3.91 33.21 2.93
CA PHE D 534 -4.69 32.02 2.67
C PHE D 534 -4.60 31.59 1.21
N GLU D 535 -4.62 32.56 0.30
CA GLU D 535 -4.50 32.24 -1.12
C GLU D 535 -3.06 31.88 -1.49
N LEU D 536 -2.08 32.45 -0.81
CA LEU D 536 -0.70 32.08 -1.04
C LEU D 536 -0.41 30.72 -0.45
N PHE D 537 -1.12 30.34 0.61
CA PHE D 537 -0.93 29.02 1.21
C PHE D 537 -1.37 27.94 0.25
N LEU D 538 -2.55 28.09 -0.35
CA LEU D 538 -3.09 27.14 -1.28
C LEU D 538 -2.55 27.31 -2.69
N THR D 539 -1.64 28.27 -2.89
CA THR D 539 -0.98 28.61 -4.15
C THR D 539 -1.98 28.95 -5.25
N ILE D 540 -3.08 29.59 -4.88
CA ILE D 540 -4.08 29.95 -5.87
C ILE D 540 -3.95 31.40 -6.31
N ILE D 541 -3.02 32.16 -5.74
CA ILE D 541 -2.54 33.40 -6.31
C ILE D 541 -1.02 33.33 -6.35
N ASP D 542 -0.42 34.10 -7.24
CA ASP D 542 1.03 34.09 -7.37
C ASP D 542 1.67 34.82 -6.21
N GLY D 543 2.95 34.52 -6.00
CA GLY D 543 3.77 35.24 -5.07
C GLY D 543 3.87 36.70 -5.43
N PRO D 544 3.69 37.57 -4.43
CA PRO D 544 3.88 39.01 -4.63
C PRO D 544 5.27 39.34 -5.13
N ALA D 545 5.33 40.06 -6.25
CA ALA D 545 6.60 40.46 -6.84
C ALA D 545 6.39 41.72 -7.65
N ASN D 546 7.38 42.60 -7.65
CA ASN D 546 7.30 43.75 -8.55
C ASN D 546 8.45 43.75 -9.55
N TYR D 547 9.69 43.67 -9.06
CA TYR D 547 11.00 43.70 -9.71
C TYR D 547 11.37 45.08 -10.21
N ASN D 548 10.45 46.04 -10.19
CA ASN D 548 10.75 47.41 -10.52
C ASN D 548 11.12 48.23 -9.31
N VAL D 549 10.88 47.70 -8.12
CA VAL D 549 11.04 48.44 -6.90
C VAL D 549 11.76 47.51 -5.94
N ASP D 550 12.32 48.08 -4.89
CA ASP D 550 12.97 47.26 -3.87
C ASP D 550 11.93 46.83 -2.84
N LEU D 551 11.82 45.54 -2.65
CA LEU D 551 11.01 44.96 -1.58
C LEU D 551 11.84 44.86 -0.33
N PRO D 552 11.21 44.77 0.85
CA PRO D 552 11.99 44.52 2.07
C PRO D 552 12.72 43.19 1.99
N PHE D 553 13.90 43.14 2.61
CA PHE D 553 14.64 41.88 2.61
C PHE D 553 13.98 40.87 3.54
N MET D 554 13.17 41.35 4.47
CA MET D 554 12.50 40.48 5.40
C MET D 554 11.37 39.73 4.71
N TYR D 555 10.90 40.23 3.57
CA TYR D 555 9.85 39.58 2.81
C TYR D 555 10.33 38.29 2.18
N SER D 556 11.52 38.30 1.58
CA SER D 556 11.99 37.11 0.90
C SER D 556 12.36 36.01 1.89
N ILE D 557 12.89 36.38 3.05
CA ILE D 557 13.20 35.43 4.10
C ILE D 557 11.92 34.79 4.63
N THR D 558 10.88 35.60 4.82
CA THR D 558 9.65 35.11 5.39
C THR D 558 8.86 34.28 4.38
N TYR D 559 8.84 34.72 3.13
CA TYR D 559 8.04 34.02 2.13
C TYR D 559 8.72 32.72 1.71
N ALA D 560 10.03 32.63 1.89
CA ALA D 560 10.70 31.35 1.67
C ALA D 560 10.35 30.36 2.76
N ALA D 561 10.31 30.82 4.02
CA ALA D 561 9.91 29.97 5.11
C ALA D 561 8.43 29.62 5.03
N PHE D 562 7.62 30.56 4.56
CA PHE D 562 6.20 30.29 4.35
C PHE D 562 5.99 29.23 3.28
N ALA D 563 6.83 29.24 2.25
CA ALA D 563 6.66 28.30 1.14
C ALA D 563 7.10 26.90 1.53
N ILE D 564 8.04 26.79 2.46
CA ILE D 564 8.48 25.47 2.90
C ILE D 564 7.45 24.85 3.84
N ILE D 565 6.90 25.65 4.75
CA ILE D 565 5.93 25.17 5.71
C ILE D 565 4.60 24.81 5.03
N ALA D 566 4.24 25.54 4.00
CA ALA D 566 3.05 25.19 3.23
C ALA D 566 3.26 23.92 2.42
N THR D 567 4.46 23.74 1.85
CA THR D 567 4.77 22.53 1.10
C THR D 567 4.88 21.33 2.04
N LEU D 568 5.33 21.57 3.27
CA LEU D 568 5.26 20.56 4.32
C LEU D 568 3.82 20.16 4.63
N LEU D 569 2.97 21.15 4.92
CA LEU D 569 1.61 20.85 5.36
C LEU D 569 0.76 20.26 4.24
N MET D 570 0.86 20.80 3.02
CA MET D 570 -0.01 20.34 1.95
C MET D 570 0.44 19.00 1.39
N LEU D 571 1.61 18.54 1.80
CA LEU D 571 2.01 17.17 1.51
C LEU D 571 1.81 16.28 2.72
N ASN D 572 1.74 16.87 3.91
CA ASN D 572 1.34 16.10 5.09
C ASN D 572 -0.12 15.69 5.03
N LEU D 573 -0.98 16.58 4.55
CA LEU D 573 -2.37 16.27 4.31
C LEU D 573 -2.51 15.15 3.30
N LEU D 574 -1.73 15.21 2.23
CA LEU D 574 -1.82 14.24 1.14
C LEU D 574 -1.36 12.86 1.59
N ILE D 575 -0.47 12.80 2.58
CA ILE D 575 -0.14 11.53 3.21
C ILE D 575 -1.24 11.11 4.17
N ALA D 576 -1.74 12.05 4.97
CA ALA D 576 -2.78 11.72 5.95
C ALA D 576 -4.08 11.30 5.27
N MET D 577 -4.42 11.93 4.13
CA MET D 577 -5.62 11.55 3.40
C MET D 577 -5.45 10.19 2.73
N MET D 578 -4.23 9.72 2.63
CA MET D 578 -3.93 8.49 1.91
C MET D 578 -4.07 7.23 2.74
N GLY D 579 -3.24 7.09 3.78
CA GLY D 579 -3.21 5.86 4.55
C GLY D 579 -4.45 5.66 5.41
N ASP D 580 -5.24 6.71 5.60
CA ASP D 580 -6.52 6.56 6.27
C ASP D 580 -7.59 6.06 5.30
N THR D 581 -7.30 6.09 4.00
CA THR D 581 -8.32 5.82 2.99
C THR D 581 -7.90 4.81 1.93
N HIS D 582 -7.02 3.85 2.23
CA HIS D 582 -6.74 2.78 1.28
C HIS D 582 -6.95 1.43 1.90
N TRP D 583 -6.45 1.16 3.10
CA TRP D 583 -6.77 -0.11 3.74
C TRP D 583 -7.58 0.10 5.01
N ARG D 584 -8.01 1.34 5.25
CA ARG D 584 -8.73 1.62 6.48
C ARG D 584 -10.21 1.84 6.23
N VAL D 585 -10.57 2.63 5.21
CA VAL D 585 -11.99 2.89 4.99
C VAL D 585 -12.42 2.54 3.58
N ALA D 586 -11.55 1.88 2.80
CA ALA D 586 -11.92 1.54 1.43
C ALA D 586 -12.89 0.36 1.39
N HIS D 587 -12.75 -0.56 2.33
CA HIS D 587 -13.75 -1.61 2.49
C HIS D 587 -14.94 -1.10 3.28
N GLU D 588 -14.76 0.01 4.00
CA GLU D 588 -15.84 0.61 4.78
C GLU D 588 -16.68 1.56 3.93
N ARG D 589 -16.09 2.19 2.91
CA ARG D 589 -16.85 3.13 2.10
C ARG D 589 -17.85 2.41 1.22
N ASP D 590 -17.56 1.17 0.85
CA ASP D 590 -18.52 0.43 0.05
C ASP D 590 -19.60 -0.18 0.94
N GLU D 591 -19.25 -0.50 2.19
CA GLU D 591 -20.26 -0.95 3.13
C GLU D 591 -21.12 0.22 3.59
N LEU D 592 -20.56 1.42 3.64
CA LEU D 592 -21.35 2.58 3.99
C LEU D 592 -22.15 3.08 2.81
N TRP D 593 -21.77 2.69 1.60
CA TRP D 593 -22.61 3.03 0.46
C TRP D 593 -23.84 2.14 0.43
N ARG D 594 -23.68 0.87 0.75
CA ARG D 594 -24.84 -0.01 0.85
C ARG D 594 -25.69 0.36 2.06
N ALA D 595 -25.09 0.92 3.09
CA ALA D 595 -25.89 1.39 4.22
C ALA D 595 -26.64 2.68 3.90
N GLN D 596 -26.14 3.47 2.95
CA GLN D 596 -26.88 4.65 2.54
C GLN D 596 -28.04 4.29 1.62
N ILE D 597 -27.90 3.22 0.83
CA ILE D 597 -29.02 2.69 0.06
C ILE D 597 -30.15 2.28 0.97
N VAL D 598 -29.83 1.62 2.09
CA VAL D 598 -30.85 1.20 3.04
C VAL D 598 -31.45 2.41 3.74
N ALA D 599 -30.63 3.40 4.10
CA ALA D 599 -31.14 4.59 4.75
C ALA D 599 -31.99 5.42 3.81
N THR D 600 -31.65 5.42 2.52
CA THR D 600 -32.47 6.11 1.53
C THR D 600 -33.78 5.38 1.31
N THR D 601 -33.73 4.05 1.28
CA THR D 601 -34.92 3.27 0.96
C THR D 601 -35.91 3.27 2.11
N VAL D 602 -35.41 3.21 3.35
CA VAL D 602 -36.27 3.30 4.52
C VAL D 602 -36.93 4.67 4.58
N MET D 603 -36.20 5.70 4.16
CA MET D 603 -36.76 7.05 4.17
C MET D 603 -37.81 7.21 3.07
N LEU D 604 -37.56 6.68 1.88
CA LEU D 604 -38.51 6.83 0.78
C LEU D 604 -39.75 5.97 0.98
N GLU D 605 -39.61 4.83 1.66
CA GLU D 605 -40.78 4.02 1.95
C GLU D 605 -41.65 4.68 3.01
N ARG D 606 -41.02 5.46 3.90
CA ARG D 606 -41.72 6.04 5.03
C ARG D 606 -42.61 7.21 4.61
N LYS D 607 -42.18 8.00 3.64
CA LYS D 607 -42.89 9.21 3.26
C LYS D 607 -43.70 9.08 1.99
N LEU D 608 -43.64 7.94 1.31
CA LEU D 608 -44.47 7.69 0.16
C LEU D 608 -45.62 6.75 0.52
N PRO D 609 -46.80 6.90 -0.08
CA PRO D 609 -47.93 6.06 0.30
C PRO D 609 -47.82 4.65 -0.29
N ARG D 610 -48.70 3.78 0.21
CA ARG D 610 -48.61 2.36 -0.09
C ARG D 610 -48.99 2.05 -1.53
N CYS D 611 -49.74 2.95 -2.18
CA CYS D 611 -50.02 2.79 -3.61
C CYS D 611 -48.76 2.99 -4.44
N LEU D 612 -47.88 3.91 -4.02
CA LEU D 612 -46.63 4.10 -4.73
C LEU D 612 -45.64 2.99 -4.40
N TRP D 613 -45.70 2.46 -3.18
CA TRP D 613 -44.73 1.48 -2.68
C TRP D 613 -45.44 0.17 -2.39
N PRO D 614 -45.42 -0.79 -3.31
CA PRO D 614 -45.96 -2.12 -2.99
C PRO D 614 -45.08 -2.80 -1.96
N ARG D 615 -45.73 -3.39 -0.97
CA ARG D 615 -45.03 -3.98 0.18
C ARG D 615 -44.22 -5.19 -0.26
N SER D 616 -43.00 -5.29 0.29
CA SER D 616 -42.07 -6.31 -0.15
C SER D 616 -42.43 -7.67 0.41
N GLY D 617 -42.17 -8.69 -0.38
CA GLY D 617 -42.56 -10.04 -0.02
C GLY D 617 -43.83 -10.49 -0.69
N ILE D 618 -44.34 -11.62 -0.24
CA ILE D 618 -45.61 -12.17 -0.68
C ILE D 618 -46.43 -12.46 0.57
N CYS D 619 -47.62 -11.86 0.66
CA CYS D 619 -48.50 -12.11 1.79
C CYS D 619 -49.00 -13.54 1.77
N GLY D 620 -49.30 -14.07 2.95
CA GLY D 620 -49.97 -15.34 3.07
C GLY D 620 -51.47 -15.20 2.85
N ARG D 621 -52.23 -16.07 3.52
CA ARG D 621 -53.70 -16.13 3.63
C ARG D 621 -54.36 -16.57 2.33
N GLU D 622 -53.61 -16.59 1.23
CA GLU D 622 -53.99 -17.29 0.02
C GLU D 622 -52.96 -18.34 -0.34
N TYR D 623 -52.10 -18.71 0.61
CA TYR D 623 -51.16 -19.80 0.45
C TYR D 623 -51.04 -20.64 1.71
N GLY D 624 -51.92 -20.44 2.69
CA GLY D 624 -51.91 -21.23 3.90
C GLY D 624 -50.85 -20.85 4.90
N LEU D 625 -50.24 -19.69 4.76
CA LEU D 625 -49.11 -19.32 5.59
C LEU D 625 -49.47 -18.33 6.69
N GLY D 626 -50.66 -17.75 6.66
CA GLY D 626 -51.08 -16.81 7.68
C GLY D 626 -51.25 -15.41 7.15
N ASP D 627 -51.06 -14.45 8.04
CA ASP D 627 -51.06 -13.04 7.66
C ASP D 627 -49.65 -12.46 7.60
N ARG D 628 -48.63 -13.29 7.47
CA ARG D 628 -47.27 -12.82 7.40
C ARG D 628 -46.82 -12.69 5.94
N TRP D 629 -45.80 -11.87 5.72
CA TRP D 629 -45.30 -11.56 4.38
C TRP D 629 -43.95 -12.23 4.19
N PHE D 630 -43.80 -13.00 3.12
CA PHE D 630 -42.66 -13.90 2.99
C PHE D 630 -41.79 -13.54 1.80
N LEU D 631 -40.48 -13.66 1.99
CA LEU D 631 -39.50 -13.47 0.93
C LEU D 631 -38.90 -14.81 0.54
N ARG D 632 -39.13 -15.24 -0.68
CA ARG D 632 -38.56 -16.48 -1.19
C ARG D 632 -37.18 -16.23 -1.78
N VAL D 633 -36.19 -16.99 -1.30
CA VAL D 633 -34.82 -16.91 -1.78
C VAL D 633 -34.41 -18.28 -2.26
N GLU D 634 -34.08 -18.39 -3.55
CA GLU D 634 -33.61 -19.64 -4.12
C GLU D 634 -32.08 -19.60 -4.19
N ASP D 635 -31.46 -20.70 -3.79
CA ASP D 635 -30.04 -20.72 -3.50
C ASP D 635 -29.44 -22.01 -4.03
N ARG D 636 -28.15 -21.95 -4.37
CA ARG D 636 -27.42 -23.12 -4.84
C ARG D 636 -26.33 -23.45 -3.84
N GLN D 637 -26.22 -24.74 -3.48
CA GLN D 637 -25.46 -25.11 -2.31
C GLN D 637 -23.98 -25.30 -2.59
N ASP D 638 -23.61 -25.45 -3.87
CA ASP D 638 -22.22 -25.62 -4.34
C ASP D 638 -21.51 -26.82 -3.72
C1 ECL E . 5.60 6.33 -29.38
N1 ECL E . 9.96 7.12 -31.54
C2 ECL E . 5.80 7.55 -28.76
CL2 ECL E . 2.17 8.45 -27.33
C3 ECL E . 9.39 8.22 -31.99
CL4 ECL E . 11.27 2.60 -24.98
C5 ECL E . 9.69 4.49 -26.21
C6 ECL E . 10.14 7.20 -33.71
C7 ECL E . 10.45 6.45 -32.58
C8 ECL E . 6.78 5.65 -30.05
CL8 ECL E . 11.21 3.41 -30.38
C9 ECL E . 3.29 6.38 -28.75
C10 ECL E . 4.35 5.73 -29.37
C11 ECL E . 3.50 7.60 -28.14
C13 ECL E . 4.75 8.19 -28.14
C14 ECL E . 10.63 3.49 -26.39
C15 ECL E . 11.08 3.17 -27.66
C16 ECL E . 10.60 3.85 -28.76
C17 ECL E . 9.67 4.84 -28.59
C19 ECL E . 10.08 6.72 -30.16
N19 ECL E . 9.49 8.27 -33.30
C20 ECL E . 9.11 5.59 -29.79
O20 ECL E . 7.90 6.14 -29.39
C21 ECL E . 9.21 5.16 -27.33
CAA Y01 F . -2.11 9.48 -48.88
CBA Y01 F . -1.80 8.32 -47.95
CAB Y01 F . -0.45 7.71 -48.29
CAN Y01 F . -1.86 8.76 -46.49
CAJ Y01 F . -1.36 7.74 -45.49
CAO Y01 F . -2.48 6.95 -44.84
CBB Y01 F . -2.08 6.18 -43.58
CAC Y01 F . -1.28 7.07 -42.64
CBE Y01 F . -3.33 5.59 -42.91
CAP Y01 F . -4.34 5.01 -43.94
CAQ Y01 F . -5.09 3.86 -43.24
CBG Y01 F . -4.64 3.96 -41.79
CBI Y01 F . -3.18 4.45 -41.86
CAE Y01 F . -2.23 3.37 -42.41
CAU Y01 F . -2.77 4.87 -40.44
CAS Y01 F . -3.01 3.76 -39.41
CBF Y01 F . -4.45 3.21 -39.43
CBD Y01 F . -4.87 2.78 -40.85
CAK Y01 F . -6.33 2.36 -40.87
CAI Y01 F . -6.67 1.45 -39.74
CAZ Y01 F . -6.00 1.38 -38.60
CAV Y01 F . -6.51 0.52 -37.46
CBH Y01 F . -4.68 2.11 -38.35
CAD Y01 F . -3.54 1.08 -38.35
CAT Y01 F . -4.76 2.81 -36.98
CAR Y01 F . -5.28 1.91 -35.84
CBC Y01 F . -6.63 1.33 -36.19
OAW Y01 F . -7.03 0.41 -35.13
CAY Y01 F . -7.60 0.93 -34.04
OAG Y01 F . -7.57 2.09 -33.76
CAM Y01 F . -8.26 -0.13 -33.20
CAL Y01 F . -8.90 0.35 -31.92
CAX Y01 F . -8.38 -0.32 -30.66
OAH Y01 F . -8.25 -1.56 -30.67
OAF Y01 F . -8.11 0.39 -29.67
CAA Y01 G . -10.31 20.44 -30.35
CBA Y01 G . -10.75 19.78 -29.05
CAB Y01 G . -11.93 20.54 -28.45
CAN Y01 G . -11.09 18.31 -29.26
CAJ Y01 G . -12.22 17.76 -28.43
CAO Y01 G . -11.76 16.80 -27.37
CBB Y01 G . -12.14 15.33 -27.61
CAC Y01 G . -13.02 15.19 -28.84
CBE Y01 G . -10.86 14.47 -27.68
CAP Y01 G . -9.57 15.33 -27.55
CAQ Y01 G . -8.47 14.40 -27.04
CBG Y01 G . -9.13 13.03 -26.89
CBI Y01 G . -10.63 13.33 -26.65
CAE Y01 G . -10.89 13.87 -25.22
CAU Y01 G . -11.37 12.01 -26.87
CAS Y01 G . -10.83 10.90 -25.97
CBF Y01 G . -9.32 10.70 -26.05
CBD Y01 G . -8.55 12.03 -25.92
CAK Y01 G . -7.06 11.80 -26.19
CAI Y01 G . -6.53 10.56 -25.57
CAZ Y01 G . -7.27 9.59 -25.04
CAV Y01 G . -6.63 8.41 -24.36
CBH Y01 G . -8.80 9.61 -25.05
CAD Y01 G . -9.27 9.90 -23.62
CAT Y01 G . -9.31 8.23 -25.50
CAR Y01 G . -8.65 7.06 -24.77
CBC Y01 G . -7.16 7.09 -24.87
OAW Y01 G . -6.60 6.05 -24.02
CAY Y01 G . -5.90 5.08 -24.60
OAG Y01 G . -4.84 5.25 -25.14
CAM Y01 G . -6.61 3.75 -24.50
CAL Y01 G . -5.84 2.65 -23.78
CAX Y01 G . -4.83 1.92 -24.63
OAH Y01 G . -3.65 1.84 -24.22
OAF Y01 G . -5.21 1.43 -25.71
CAA Y01 H . -15.59 15.33 -18.75
CBA Y01 H . -14.49 16.37 -18.92
CAB Y01 H . -13.94 16.33 -20.34
CAN Y01 H . -14.98 17.77 -18.56
CAJ Y01 H . -15.60 17.90 -17.19
CAO Y01 H . -16.72 18.93 -17.14
CBB Y01 H . -17.17 19.46 -18.50
CAC Y01 H . -18.32 18.61 -19.06
CBE Y01 H . -17.51 20.95 -18.41
CAP Y01 H . -17.22 21.54 -17.00
CAQ Y01 H . -16.85 23.03 -17.20
CBG Y01 H . -17.18 23.28 -18.67
CBI Y01 H . -16.80 21.95 -19.37
CAE Y01 H . -15.28 21.70 -19.37
CAU Y01 H . -17.34 22.02 -20.80
CAS Y01 H . -16.90 23.29 -21.54
CBF Y01 H . -17.25 24.58 -20.76
CBD Y01 H . -16.65 24.53 -19.35
CAK Y01 H . -17.03 25.77 -18.54
CAI Y01 H . -17.57 26.89 -19.36
CAZ Y01 H . -17.37 27.04 -20.65
CAV Y01 H . -17.57 28.38 -21.33
CBH Y01 H . -16.93 25.88 -21.53
CAD Y01 H . -15.42 26.02 -21.83
CAT Y01 H . -17.73 25.90 -22.86
CAR Y01 H . -17.84 27.29 -23.50
CBC Y01 H . -18.46 28.26 -22.54
OAW Y01 H . -18.54 29.59 -23.14
CAY Y01 H . -18.61 29.69 -24.46
OAG Y01 H . -19.43 29.15 -25.13
CAM Y01 H . -17.53 30.58 -25.01
CAL Y01 H . -16.31 30.79 -24.12
CAX Y01 H . -16.57 31.55 -22.84
OAH Y01 H . -16.06 31.11 -21.79
OAF Y01 H . -17.27 32.58 -22.87
C310 POV I . -18.18 21.42 -38.23
C311 POV I . -17.37 20.70 -37.11
C312 POV I . -18.07 20.75 -35.73
C313 POV I . -18.37 19.34 -35.16
C31 POV I . -16.17 30.72 -36.64
C32 POV I . -17.64 30.24 -36.61
C33 POV I . -17.76 28.71 -36.87
C34 POV I . -19.23 28.25 -36.96
C35 POV I . -19.41 27.00 -37.86
C36 POV I . -18.44 25.86 -37.45
C37 POV I . -18.02 24.99 -38.66
C38 POV I . -18.97 23.79 -38.88
C39 POV I . -18.85 22.74 -37.75
N POV J . -28.76 39.79 -18.87
P POV J . -25.90 35.99 -19.75
C1 POV J . -27.80 34.22 -19.42
C2 POV J . -27.99 32.92 -20.20
C3 POV J . -28.71 31.93 -19.29
C210 POV J . -22.27 23.08 -19.01
C310 POV J . -27.72 21.18 -15.97
C11 POV J . -27.36 37.74 -18.39
O11 POV J . -26.42 34.47 -19.39
C211 POV J . -21.99 23.13 -17.49
C311 POV J . -26.84 19.91 -16.08
C12 POV J . -28.77 38.39 -18.36
O12 POV J . -27.20 37.01 -19.59
C212 POV J . -21.49 21.77 -16.94
C312 POV J . -26.50 19.32 -14.70
C13 POV J . -28.89 39.73 -20.33
O13 POV J . -24.81 36.42 -18.79
C213 POV J . -22.41 20.59 -17.37
C313 POV J . -25.09 18.66 -14.69
C14 POV J . -29.95 40.45 -18.30
O14 POV J . -25.36 36.05 -21.16
C214 POV J . -21.59 19.41 -17.96
C314 POV J . -24.80 17.92 -13.37
C15 POV J . -27.62 40.68 -18.57
C215 POV J . -22.19 18.02 -17.60
C315 POV J . -25.56 16.58 -13.30
C216 POV J . -21.20 16.86 -17.89
C316 POV J . -26.63 16.57 -12.19
C217 POV J . -20.15 16.66 -16.77
C218 POV J . -19.30 15.39 -16.98
C21 POV J . -26.67 31.61 -21.68
O21 POV J . -26.72 32.46 -20.54
C22 POV J . -26.42 30.10 -21.49
O22 POV J . -26.80 32.06 -22.77
C23 POV J . -24.99 29.80 -20.97
C24 POV J . -24.84 28.48 -20.18
C25 POV J . -25.96 27.43 -20.46
C26 POV J . -25.45 25.97 -20.30
C27 POV J . -24.64 25.79 -18.98
C28 POV J . -24.42 24.31 -18.62
C29 POV J . -23.37 23.62 -19.53
C31 POV J . -28.40 30.73 -17.28
O31 POV J . -27.83 31.60 -18.24
C32 POV J . -29.15 29.46 -17.74
O32 POV J . -28.33 30.97 -16.12
C33 POV J . -28.31 28.17 -17.54
C34 POV J . -28.40 27.67 -16.07
C35 POV J . -27.30 26.63 -15.77
C36 POV J . -27.92 25.33 -15.18
C37 POV J . -27.26 24.07 -15.77
C38 POV J . -28.03 23.52 -17.00
C39 POV J . -27.66 22.03 -17.28
C2 POV K . -9.54 28.00 -58.94
C210 POV K . -8.41 21.22 -49.76
C211 POV K . -8.70 20.88 -48.27
C212 POV K . -7.96 19.59 -47.84
C213 POV K . -8.14 19.31 -46.33
C214 POV K . -7.53 20.47 -45.51
C215 POV K . -6.16 20.08 -44.92
C216 POV K . -5.58 21.23 -44.07
C21 POV K . -8.72 25.79 -58.58
O21 POV K . -9.85 26.63 -58.74
C22 POV K . -8.88 24.43 -57.83
O22 POV K . -7.67 26.11 -59.02
C23 POV K . -8.24 24.42 -56.42
C24 POV K . -7.40 23.14 -56.15
C25 POV K . -8.21 22.02 -55.46
C26 POV K . -8.62 22.37 -54.00
C27 POV K . -8.46 21.17 -53.04
C28 POV K . -9.62 21.08 -52.02
C29 POV K . -9.23 20.33 -50.73
C1 POV L . 7.13 28.27 -46.30
C2 POV L . 7.71 26.86 -46.28
C3 POV L . 7.03 26.01 -47.36
O11 POV L . 7.85 29.08 -45.40
C31 POV L . 4.99 24.82 -47.11
O31 POV L . 6.33 24.97 -46.71
C32 POV L . 4.37 23.42 -47.07
O32 POV L . 4.35 25.76 -47.48
C33 POV L . 2.88 23.39 -46.66
C34 POV L . 2.36 21.96 -46.38
C35 POV L . 3.34 20.81 -46.71
C36 POV L . 2.70 19.42 -46.54
C37 POV L . 3.69 18.29 -46.89
C38 POV L . 3.96 18.19 -48.41
C39 POV L . 4.16 16.73 -48.88
CA CA M . -0.17 32.77 -11.97
CL CL N . -0.01 2.32 -0.86
C1 ECL O . 25.34 17.09 -0.23
N1 ECL O . 27.10 19.99 3.39
C2 ECL O . 24.34 18.04 -0.35
CL2 ECL O . 22.68 17.16 -3.87
C3 ECL O . 27.13 20.92 2.46
CL4 ECL O . 22.52 14.30 6.81
C5 ECL O . 23.02 15.82 4.57
C6 ECL O . 29.10 20.84 3.28
C7 ECL O . 28.31 19.91 3.93
C8 ECL O . 26.20 17.11 1.03
CL8 ECL O . 27.30 16.76 5.88
C9 ECL O . 24.72 16.16 -2.33
C10 ECL O . 25.53 16.14 -1.21
C11 ECL O . 23.73 17.12 -2.44
C13 ECL O . 23.54 18.06 -1.46
C14 ECL O . 23.52 15.32 5.76
C15 ECL O . 24.82 15.61 6.14
C16 ECL O . 25.62 16.41 5.35
C17 ECL O . 25.12 16.91 4.16
C19 ECL O . 25.95 19.21 3.77
N19 ECL O . 28.34 21.44 2.38
C20 ECL O . 25.99 17.78 3.27
O20 ECL O . 25.43 17.73 1.99
C21 ECL O . 23.83 16.63 3.78
CAA Y01 P . 42.53 23.65 -10.75
CBA Y01 P . 42.05 22.43 -9.99
CAB Y01 P . 42.58 22.44 -8.56
CAN Y01 P . 40.53 22.32 -10.01
CAJ Y01 P . 39.94 21.27 -9.11
CAO Y01 P . 39.60 19.99 -9.84
CBB Y01 P . 38.69 19.02 -9.07
CAC Y01 P . 37.50 19.76 -8.45
CBE Y01 P . 38.27 17.86 -9.98
CAP Y01 P . 39.44 17.34 -10.86
CAQ Y01 P . 39.18 15.84 -11.11
CBG Y01 P . 37.79 15.61 -10.55
CBI Y01 P . 37.69 16.57 -9.34
CAE Y01 P . 38.57 16.11 -8.17
CAU Y01 P . 36.21 16.60 -8.92
CAS Y01 P . 35.64 15.21 -8.68
CBF Y01 P . 35.84 14.24 -9.86
CBD Y01 P . 37.32 14.19 -10.27
CAK Y01 P . 37.49 13.33 -11.52
CAI Y01 P . 36.75 12.03 -11.41
CAZ Y01 P . 35.71 11.83 -10.62
CAV Y01 P . 34.93 10.52 -10.71
CBH Y01 P . 35.21 12.84 -9.59
CAD Y01 P . 35.57 12.31 -8.18
CAT Y01 P . 33.68 12.97 -9.72
CAR Y01 P . 32.94 11.64 -9.80
CBC Y01 P . 33.46 10.78 -10.91
OAW Y01 P . 32.79 9.49 -10.89
CAY Y01 P . 31.59 9.39 -11.46
OAG Y01 P . 30.92 10.33 -11.78
CAM Y01 P . 31.16 7.96 -11.63
CAL Y01 P . 29.79 7.76 -12.25
CAX Y01 P . 28.84 6.92 -11.40
OAH Y01 P . 29.28 5.86 -10.91
OAF Y01 P . 27.67 7.32 -11.24
CAA Y01 Q . 21.33 24.47 -19.76
CBA Y01 Q . 20.34 23.33 -19.83
CAB Y01 Q . 19.53 23.40 -21.11
CAN Y01 Q . 21.04 21.98 -19.68
CAJ Y01 Q . 20.45 20.85 -20.50
CAO Y01 Q . 19.79 19.79 -19.65
CBB Y01 Q . 20.52 18.44 -19.57
CAC Y01 Q . 21.72 18.42 -20.51
CBE Y01 Q . 20.92 18.15 -18.10
CAP Y01 Q . 20.50 19.29 -17.15
CAQ Y01 Q . 20.36 18.68 -15.74
CBG Y01 Q . 20.69 17.20 -15.94
CBI Y01 Q . 20.34 16.88 -17.40
CAE Y01 Q . 18.82 16.79 -17.63
CAU Y01 Q . 21.02 15.55 -17.71
CAS Y01 Q . 20.56 14.44 -16.74
CBF Y01 Q . 20.70 14.80 -15.25
CBD Y01 Q . 20.14 16.19 -14.94
CAK Y01 Q . 20.47 16.60 -13.51
CAI Y01 Q . 20.32 15.47 -12.54
CAZ Y01 Q . 20.14 14.20 -12.87
CAV Y01 Q . 19.91 13.15 -11.80
CBH Y01 Q . 20.14 13.71 -14.31
CAD Y01 Q . 18.69 13.34 -14.68
CAT Y01 Q . 21.04 12.45 -14.41
CAR Y01 Q . 20.73 11.39 -13.34
CBC Y01 Q . 20.84 11.98 -11.95
OAW Y01 Q . 20.41 10.96 -11.00
CAY Y01 Q . 21.28 10.55 -10.09
OAG Y01 Q . 21.71 11.24 -9.21
CAM Y01 Q . 21.66 9.11 -10.29
CAL Y01 Q . 21.34 8.17 -9.14
CAX Y01 Q . 22.39 8.11 -8.05
OAH Y01 Q . 22.04 8.33 -6.89
OAF Y01 Q . 23.56 7.85 -8.39
CAA Y01 R . 12.31 14.37 -21.68
CBA Y01 R . 12.12 15.73 -21.04
CAB Y01 R . 13.47 16.32 -20.65
CAN Y01 R . 11.33 16.68 -21.94
CAJ Y01 R . 9.92 16.26 -22.26
CAO Y01 R . 9.49 16.65 -23.66
CBB Y01 R . 10.56 17.38 -24.48
CAC Y01 R . 11.30 16.39 -25.38
CBE Y01 R . 9.95 18.55 -25.25
CAP Y01 R . 8.43 18.70 -24.98
CAQ Y01 R . 8.08 20.19 -25.15
CBG Y01 R . 9.36 20.79 -25.71
CBI Y01 R . 10.49 20.00 -25.01
CAE Y01 R . 10.57 20.28 -23.51
CAU Y01 R . 11.81 20.34 -25.70
CAS Y01 R . 12.05 21.84 -25.80
CBF Y01 R . 10.87 22.59 -26.44
CBD Y01 R . 9.56 22.31 -25.70
CAK Y01 R . 8.36 22.99 -26.36
CAI Y01 R . 8.74 24.06 -27.34
CAZ Y01 R . 9.91 24.70 -27.35
CAV Y01 R . 10.07 26.02 -28.05
CBH Y01 R . 11.13 24.11 -26.66
CAD Y01 R . 11.36 24.85 -25.33
CAT Y01 R . 12.37 24.29 -27.58
CAR Y01 R . 12.49 25.67 -28.21
CBC Y01 R . 11.25 26.01 -28.99
OAW Y01 R . 11.35 27.34 -29.56
CAY Y01 R . 12.55 27.84 -29.83
OAG Y01 R . 13.37 27.29 -30.51
CAM Y01 R . 12.76 29.18 -29.18
CAL Y01 R . 11.89 29.48 -27.97
CAX Y01 R . 10.41 29.64 -28.26
OAH Y01 R . 9.60 29.06 -27.51
OAF Y01 R . 10.07 30.32 -29.24
C310 POV S . 28.38 25.28 -28.42
C311 POV S . 27.58 24.54 -27.30
C312 POV S . 26.27 23.88 -27.82
C313 POV S . 26.23 22.35 -27.56
C31 POV S . 23.64 33.62 -29.30
C32 POV S . 23.82 32.70 -30.53
C33 POV S . 24.59 31.40 -30.19
C34 POV S . 24.81 30.50 -31.43
C35 POV S . 26.08 29.63 -31.31
C36 POV S . 26.11 28.83 -29.98
C37 POV S . 27.55 28.60 -29.45
C38 POV S . 28.18 27.30 -30.00
C39 POV S . 27.47 26.03 -29.42
N POV T . 3.82 31.54 -41.94
P POV T . 5.97 29.44 -38.14
C1 POV T . 6.29 27.12 -39.33
C2 POV T . 7.47 26.17 -39.19
C3 POV T . 6.95 24.74 -39.44
C210 POV T . 9.77 19.04 -30.53
C310 POV T . 7.60 14.52 -34.72
C11 POV T . 4.09 30.04 -39.90
O11 POV T . 6.16 27.79 -38.10
C211 POV T . 8.33 18.67 -30.11
C311 POV T . 8.14 13.72 -33.50
C12 POV T . 3.85 30.13 -41.43
O12 POV T . 5.46 29.85 -39.66
C212 POV T . 8.29 17.46 -29.14
C312 POV T . 7.02 12.89 -32.82
C13 POV T . 5.23 31.92 -42.19
O13 POV T . 4.92 29.86 -37.13
C213 POV T . 9.11 16.26 -29.67
C313 POV T . 7.27 12.77 -31.30
C14 POV T . 3.07 31.52 -43.20
O14 POV T . 7.27 30.12 -37.81
C214 POV T . 10.06 15.69 -28.61
C314 POV T . 6.28 11.79 -30.61
C15 POV T . 3.23 32.60 -41.10
C215 POV T . 10.22 14.15 -28.68
C315 POV T . 6.68 10.32 -30.89
C216 POV T . 10.89 13.55 -27.42
C316 POV T . 5.64 9.59 -31.77
C217 POV T . 9.91 13.36 -26.23
C218 POV T . 10.56 12.60 -25.06
C21 POV T . 9.31 25.94 -37.69
O21 POV T . 7.95 26.30 -37.89
C22 POV T . 9.66 24.62 -36.96
O22 POV T . 10.16 26.66 -38.09
C23 POV T . 9.28 24.69 -35.46
C24 POV T . 9.00 23.31 -34.81
C25 POV T . 9.62 22.10 -35.55
C26 POV T . 9.97 20.93 -34.59
C27 POV T . 8.81 20.63 -33.61
C28 POV T . 8.97 19.27 -32.90
C29 POV T . 10.07 19.32 -31.82
C31 POV T . 5.47 23.15 -38.54
O31 POV T . 6.08 24.41 -38.39
C32 POV T . 6.34 21.92 -38.90
O32 POV T . 4.30 23.02 -38.41
C33 POV T . 6.60 20.99 -37.69
C34 POV T . 5.40 20.07 -37.41
C35 POV T . 5.51 19.40 -36.02
C36 POV T . 5.42 17.86 -36.14
C37 POV T . 6.39 17.15 -35.19
C38 POV T . 7.75 16.81 -35.86
C39 POV T . 8.51 15.72 -35.08
C2 POV U . 45.48 40.79 -24.83
C210 POV U . 39.26 32.15 -20.49
C211 POV U . 37.98 31.28 -20.48
C212 POV U . 38.02 30.24 -19.33
C213 POV U . 36.70 29.44 -19.25
C214 POV U . 35.53 30.40 -18.93
C215 POV U . 35.12 30.35 -17.45
C216 POV U . 33.93 31.26 -17.16
C21 POV U . 45.94 38.99 -23.33
O21 POV U . 45.79 39.41 -24.67
C22 POV U . 45.71 37.50 -22.96
O22 POV U . 46.25 39.76 -22.49
C23 POV U . 44.39 37.25 -22.19
C24 POV U . 44.56 36.32 -20.97
C25 POV U . 44.31 34.81 -21.29
C26 POV U . 42.83 34.50 -21.61
C27 POV U . 42.35 33.18 -20.96
C28 POV U . 41.41 32.38 -21.88
C29 POV U . 40.48 31.41 -21.11
C1 POV V . 33.57 42.55 -7.75
C2 POV V . 34.04 41.48 -6.76
C3 POV V . 35.32 40.85 -7.28
O11 POV V . 32.41 43.17 -7.22
C31 POV V . 35.50 38.99 -8.75
O31 POV V . 35.08 39.47 -7.49
C32 POV V . 35.89 37.50 -8.84
O32 POV V . 35.57 39.70 -9.69
C33 POV V . 35.65 36.87 -10.23
C34 POV V . 35.84 35.33 -10.23
C35 POV V . 36.60 34.78 -8.99
C36 POV V . 36.85 33.25 -9.11
C37 POV V . 37.59 32.70 -7.86
C38 POV V . 39.04 33.23 -7.76
C39 POV V . 40.00 32.16 -7.17
C1 ECL W . -5.75 23.74 18.38
N1 ECL W . -10.14 25.69 19.54
C2 ECL W . -5.96 24.26 17.12
CL2 ECL W . -2.34 24.07 15.44
C3 ECL W . -9.58 26.82 19.16
CL4 ECL W . -11.37 17.99 17.46
C5 ECL W . -9.82 20.25 17.17
C6 ECL W . -10.33 27.16 21.14
C7 ECL W . -10.62 25.86 20.76
C8 ECL W . -6.93 23.63 19.33
CL8 ECL W . -11.33 22.10 21.05
C9 ECL W . -3.44 23.39 17.86
C10 ECL W . -4.50 23.28 18.75
C11 ECL W . -3.66 23.93 16.61
C13 ECL W . -4.91 24.37 16.23
C14 ECL W . -10.74 19.59 17.95
C15 ECL W . -11.20 20.16 19.13
C16 ECL W . -10.72 21.38 19.54
C17 ECL W . -9.80 22.05 18.75
C19 ECL W . -10.23 24.48 18.75
N19 ECL W . -9.69 27.71 20.12
C20 ECL W . -9.26 23.40 19.19
O20 ECL W . -8.05 23.58 18.52
C21 ECL W . -9.34 21.48 17.57
CAA Y01 X . 1.86 38.78 31.23
CBA Y01 X . 1.56 37.29 31.26
CAB Y01 X . 0.22 37.03 31.91
CAN Y01 X . 1.62 36.69 29.86
CAJ Y01 X . 1.14 35.26 29.74
CAO Y01 X . 2.26 34.26 29.75
CBB Y01 X . 1.88 32.84 29.29
CAC Y01 X . 1.06 32.91 28.01
CBE Y01 X . 3.14 31.98 29.16
CAP Y01 X . 4.15 32.21 30.32
CAQ Y01 X . 4.91 30.89 30.52
CBG Y01 X . 4.47 30.03 29.35
CBI Y01 X . 3.00 30.43 29.10
CAE Y01 X . 2.06 29.95 30.21
CAU Y01 X . 2.58 29.83 27.75
CAS Y01 X . 2.85 28.32 27.67
CBF Y01 X . 4.28 27.93 28.04
CBD Y01 X . 4.70 28.52 29.40
CAK Y01 X . 6.18 28.22 29.67
CAI Y01 X . 6.52 26.80 29.40
CAZ Y01 X . 5.85 26.00 28.58
CAV Y01 X . 6.38 24.62 28.26
CBH Y01 X . 4.53 26.39 27.92
CAD Y01 X . 3.40 25.59 28.59
CAT Y01 X . 4.60 26.03 26.42
CAR Y01 X . 5.14 24.62 26.13
CBC Y01 X . 6.49 24.41 26.76
OAW Y01 X . 6.91 23.04 26.54
CAY Y01 X . 7.48 22.73 25.38
OAG Y01 X . 7.45 23.44 24.41
CAM Y01 X . 8.16 21.39 25.43
CAL Y01 X . 8.79 20.94 24.12
CAX Y01 X . 8.28 19.61 23.59
OAH Y01 X . 8.15 18.67 24.40
OAF Y01 X . 8.00 19.53 22.38
CAA Y01 Y . 10.03 35.30 9.97
CBA Y01 Y . 10.48 33.95 9.40
CAB Y01 Y . 11.63 34.15 8.45
CAN Y01 Y . 10.82 32.97 10.51
CAJ Y01 Y . 11.96 32.03 10.21
CAO Y01 Y . 11.52 30.61 10.01
CBB Y01 Y . 11.92 29.62 11.13
CAC Y01 Y . 12.83 30.31 12.15
CBE Y01 Y . 10.66 29.01 11.77
CAP Y01 Y . 9.37 29.58 11.14
CAQ Y01 Y . 8.25 28.53 11.37
CBG Y01 Y . 8.95 27.39 12.11
CBI Y01 Y . 10.43 27.47 11.70
CAE Y01 Y . 10.67 26.97 10.27
CAU Y01 Y . 11.20 26.60 12.70
CAS Y01 Y . 10.67 25.17 12.74
CBF Y01 Y . 9.15 25.05 12.95
CBD Y01 Y . 8.37 25.99 12.02
CAK Y01 Y . 6.89 25.99 12.41
CAI Y01 Y . 6.37 24.64 12.75
CAZ Y01 Y . 7.12 23.56 12.93
CAV Y01 Y . 6.48 22.20 13.17
CBH Y01 Y . 8.65 23.58 12.88
CAD Y01 Y . 9.09 22.90 11.57
CAT Y01 Y . 9.19 22.80 14.09
CAR Y01 Y . 8.55 21.42 14.28
CBC Y01 Y . 7.05 21.52 14.39
OAW Y01 Y . 6.50 20.17 14.43
CAY Y01 Y . 5.80 19.81 15.48
OAG Y01 Y . 4.73 20.29 15.77
CAM Y01 Y . 6.49 18.74 16.27
CAL Y01 Y . 5.73 17.43 16.41
CAX Y01 Y . 4.73 17.39 17.55
OAH Y01 Y . 3.55 17.07 17.29
OAF Y01 Y . 5.13 17.68 18.70
CAA Y01 Z . 15.28 23.94 4.49
CBA Y01 Z . 14.22 24.89 3.95
CAB Y01 Z . 13.64 25.74 5.08
CAN Y01 Z . 14.77 25.76 2.83
CAJ Y01 Z . 15.20 25.03 1.58
CAO Y01 Z . 16.39 25.66 0.90
CBB Y01 Z . 16.91 26.94 1.58
CAC Y01 Z . 18.09 26.63 2.48
CBE Y01 Z . 17.22 28.02 0.53
CAP Y01 Z . 16.92 27.54 -0.93
CAQ Y01 Z . 16.55 28.79 -1.74
CBG Y01 Z . 16.87 29.94 -0.79
CBI Y01 Z . 16.50 29.39 0.60
CAE Y01 Z . 14.99 29.18 0.77
CAU Y01 Z . 17.04 30.38 1.65
CAS Y01 Z . 16.60 31.82 1.38
CBF Y01 Z . 16.94 32.29 -0.04
CBD Y01 Z . 16.33 31.33 -1.09
CAK Y01 Z . 16.71 31.75 -2.51
CAI Y01 Z . 17.25 33.14 -2.62
CAZ Y01 Z . 17.03 34.10 -1.73
CAV Y01 Z . 17.22 35.56 -2.10
CBH Y01 Z . 16.60 33.78 -0.30
CAD Y01 Z . 15.10 34.07 -0.16
CAT Y01 Z . 17.40 34.67 0.68
CAR Y01 Z . 17.50 36.14 0.28
CBC Y01 Z . 18.11 36.26 -1.10
OAW Y01 Z . 18.18 37.65 -1.50
CAY Y01 Z . 18.25 38.59 -0.56
OAG Y01 Z . 19.09 38.62 0.29
CAM Y01 Z . 17.16 39.62 -0.71
CAL Y01 Z . 15.93 39.19 -1.50
CAX Y01 Z . 16.17 38.92 -2.97
OAH Y01 Z . 15.66 37.90 -3.47
OAF Y01 Z . 16.85 39.75 -3.62
C310 POV AA . 17.85 41.20 15.32
C311 POV AA . 17.05 39.93 14.93
C312 POV AA . 17.77 39.08 13.84
C313 POV AA . 18.06 37.63 14.30
C31 POV AA . 15.76 47.27 8.12
C32 POV AA . 17.23 46.90 8.43
C33 POV AA . 17.36 45.92 9.60
C34 POV AA . 18.84 45.60 9.95
C35 POV AA . 19.04 45.21 11.44
C36 POV AA . 18.07 44.08 11.87
C37 POV AA . 17.64 44.21 13.35
C38 POV AA . 18.61 43.44 14.30
C39 POV AA . 18.52 41.91 14.10
N POV BA . 28.34 42.85 -11.37
P POV BA . 25.52 40.48 -8.24
C1 POV BA . 27.44 38.93 -7.33
C2 POV BA . 27.62 38.44 -5.90
C3 POV BA . 28.35 37.10 -5.96
C210 POV BA . 21.99 30.11 -0.47
C310 POV BA . 27.49 26.74 -1.57
C11 POV BA . 26.98 40.95 -10.41
O11 POV BA . 26.05 39.09 -7.52
C211 POV BA . 21.72 29.15 -1.65
C311 POV BA . 26.64 25.83 -0.66
C12 POV BA . 28.37 41.46 -10.83
O12 POV BA . 26.80 41.17 -9.01
C212 POV BA . 21.23 27.76 -1.19
C312 POV BA . 26.27 24.50 -1.38
C13 POV BA . 28.43 43.76 -10.20
O13 POV BA . 24.43 40.16 -9.24
C213 POV BA . 22.16 27.15 -0.10
C313 POV BA . 24.88 23.98 -0.91
C14 POV BA . 29.52 43.00 -12.22
O14 POV BA . 24.96 41.41 -7.20
C214 POV BA . 21.34 26.60 1.11
C314 POV BA . 24.59 22.56 -1.44
C15 POV BA . 27.18 43.30 -12.17
C215 POV BA . 21.95 25.33 1.73
C315 POV BA . 25.36 21.50 -0.63
C216 POV BA . 20.98 24.62 2.70
C316 POV BA . 26.43 20.78 -1.47
C217 POV BA . 19.94 23.73 1.98
C218 POV BA . 19.09 22.90 2.97
C21 POV BA . 26.29 38.37 -3.93
O21 POV BA . 26.35 38.28 -5.35
C22 POV BA . 26.07 37.09 -3.09
O22 POV BA . 26.40 39.42 -3.40
C23 POV BA . 24.64 36.53 -3.28
C24 POV BA . 24.52 35.00 -3.03
C25 POV BA . 25.64 34.39 -2.15
C26 POV BA . 25.14 33.17 -1.35
C27 POV BA . 24.35 32.17 -2.24
C28 POV BA . 24.13 30.80 -1.55
C29 POV BA . 23.09 30.86 -0.42
C31 POV BA . 28.05 34.88 -6.74
O31 POV BA . 27.47 36.16 -6.54
C32 POV BA . 28.86 34.22 -5.61
O32 POV BA . 27.94 34.34 -7.79
C33 POV BA . 28.06 33.08 -4.92
C34 POV BA . 28.05 31.77 -5.75
C35 POV BA . 27.01 30.77 -5.21
C36 POV BA . 27.68 29.44 -4.85
C37 POV BA . 27.04 28.78 -3.61
C38 POV BA . 27.76 29.19 -2.29
C39 POV BA . 27.40 28.23 -1.13
C2 POV CA . 9.07 59.52 26.90
C210 POV CA . 8.04 48.37 24.30
C211 POV CA . 8.33 47.16 23.39
C212 POV CA . 7.59 45.89 23.89
C213 POV CA . 7.79 44.70 22.93
C214 POV CA . 7.20 45.03 21.55
C215 POV CA . 5.81 44.38 21.36
C216 POV CA . 5.24 44.70 19.96
C21 POV CA . 8.29 57.60 28.08
O21 POV CA . 9.40 58.36 27.65
C22 POV CA . 8.47 56.08 28.40
O22 POV CA . 7.23 58.11 28.22
C23 POV CA . 7.87 55.16 27.31
C24 POV CA . 7.03 54.00 27.91
C25 POV CA . 7.83 52.68 28.11
C26 POV CA . 8.25 52.01 26.77
C27 POV CA . 8.09 50.47 26.82
C28 POV CA . 9.26 49.74 26.11
C29 POV CA . 8.89 48.33 25.61
C1 POV DA . -7.54 51.41 17.14
C2 POV DA . -8.12 50.33 18.05
C3 POV DA . -7.41 50.37 19.40
O11 POV DA . -8.27 51.42 15.93
C31 POV DA . -5.39 49.28 19.98
O31 POV DA . -6.73 49.15 19.58
C32 POV DA . -4.78 48.13 20.81
O32 POV DA . -4.75 50.24 19.71
C33 POV DA . -3.26 47.96 20.62
C34 POV DA . -2.71 46.66 21.29
C35 POV DA . -3.67 46.01 22.32
C36 POV DA . -3.02 44.80 23.04
C37 POV DA . -4.00 44.15 24.04
C38 POV DA . -4.29 45.07 25.26
C39 POV DA . -4.48 44.26 26.57
C1 POV EA . -33.99 37.18 -21.41
C2 POV EA . -34.44 35.72 -21.49
C3 POV EA . -35.74 35.55 -20.70
O11 POV EA . -32.85 37.35 -22.23
C31 POV EA . -35.90 35.10 -18.38
O31 POV EA . -35.48 34.65 -19.64
C32 POV EA . -36.32 34.04 -17.33
O32 POV EA . -35.95 36.26 -18.11
C33 POV EA . -35.96 34.42 -15.88
C34 POV EA . -36.18 33.25 -14.88
C35 POV EA . -36.93 32.02 -15.46
C36 POV EA . -37.20 30.93 -14.39
C37 POV EA . -37.92 29.70 -15.00
C38 POV EA . -39.39 30.02 -15.39
C39 POV EA . -40.33 28.82 -15.15
C1 ECL FA . -25.49 12.97 -10.78
N1 ECL FA . -27.25 12.82 -15.39
C2 ECL FA . -24.49 13.77 -11.30
CL2 ECL FA . -22.85 15.39 -8.03
C3 ECL FA . -27.28 14.12 -15.25
CL4 ECL FA . -22.59 6.32 -14.35
C5 ECL FA . -23.11 8.93 -13.62
C6 ECL FA . -29.26 13.52 -15.84
C7 ECL FA . -28.46 12.40 -15.77
C8 ECL FA . -26.34 12.16 -11.74
CL8 ECL FA . -27.39 8.74 -15.20
C9 ECL FA . -24.88 13.62 -8.56
C10 ECL FA . -25.68 12.88 -9.41
C11 ECL FA . -23.89 14.42 -9.10
C13 ECL FA . -23.69 14.51 -10.46
C14 ECL FA . -23.62 7.78 -14.20
C15 ECL FA . -24.91 7.73 -14.68
C16 ECL FA . -25.72 8.84 -14.58
C17 ECL FA . -25.23 9.99 -14.00
C19 ECL FA . -26.09 11.98 -15.20
N19 ECL FA . -28.50 14.57 -15.53
C20 ECL FA . -26.11 11.22 -13.88
O20 ECL FA . -25.57 12.02 -12.89
C21 ECL FA . -23.94 10.03 -13.52
CAA Y01 GA . -42.77 24.60 -6.90
CBA Y01 GA . -42.28 23.17 -6.70
CAB Y01 GA . -42.80 22.28 -7.81
CAN Y01 GA . -40.76 23.12 -6.62
CAJ Y01 GA . -40.16 21.73 -6.63
CAO Y01 GA . -39.82 21.23 -5.25
CBB Y01 GA . -38.88 20.01 -5.22
CAC Y01 GA . -37.70 20.20 -6.16
CBE Y01 GA . -38.46 19.71 -3.77
CAP Y01 GA . -39.63 19.87 -2.77
CAQ Y01 GA . -39.37 18.89 -1.60
CBG Y01 GA . -37.96 18.37 -1.89
CBI Y01 GA . -37.87 18.32 -3.42
CAE Y01 GA . -38.74 17.21 -4.02
CAU Y01 GA . -36.39 18.10 -3.77
CAS Y01 GA . -35.80 16.87 -3.06
CBF Y01 GA . -36.00 16.89 -1.54
CBD Y01 GA . -37.48 17.11 -1.17
CAK Y01 GA . -37.64 17.26 0.33
CAI Y01 GA . -36.89 16.21 1.08
CAZ Y01 GA . -35.84 15.54 0.61
CAV Y01 GA . -35.06 14.61 1.51
CBH Y01 GA . -35.35 15.66 -0.83
CAD Y01 GA . -35.70 14.34 -1.56
CAT Y01 GA . -33.82 15.86 -0.82
CAR Y01 GA . -33.07 14.90 0.09
CBC Y01 GA . -33.58 14.95 1.50
OAW Y01 GA . -32.90 13.95 2.31
CAY Y01 GA . -31.71 14.26 2.80
OAG Y01 GA . -31.05 15.19 2.43
CAM Y01 GA . -31.27 13.30 3.87
CAL Y01 GA . -29.90 13.54 4.46
CAX Y01 GA . -28.94 12.38 4.33
OAH Y01 GA . -29.35 11.24 4.59
OAF Y01 GA . -27.77 12.62 3.96
CAA Y01 HA . -21.63 31.24 -0.61
CBA Y01 HA . -20.62 30.40 0.18
CAB Y01 HA . -19.82 31.29 1.10
CAN Y01 HA . -21.32 29.28 0.94
CAJ Y01 HA . -20.73 28.95 2.28
CAO Y01 HA . -20.05 27.60 2.30
CBB Y01 HA . -20.77 26.50 3.10
CAC Y01 HA . -21.98 27.08 3.84
CBE Y01 HA . -21.14 25.32 2.19
CAP Y01 HA . -20.73 25.60 0.72
CAQ Y01 HA . -20.58 24.22 0.03
CBG Y01 HA . -20.89 23.20 1.14
CBI Y01 HA . -20.54 23.91 2.46
CAE Y01 HA . -19.02 24.02 2.68
CAU Y01 HA . -21.19 23.08 3.57
CAS Y01 HA . -20.72 21.62 3.53
CBF Y01 HA . -20.88 20.94 2.16
CBD Y01 HA . -20.32 21.80 1.02
CAK Y01 HA . -20.67 21.19 -0.33
CAI Y01 HA . -20.50 19.69 -0.34
CAZ Y01 HA . -20.31 18.94 0.72
CAV Y01 HA . -20.07 17.46 0.58
CBH Y01 HA . -20.30 19.50 2.14
CAD Y01 HA . -18.84 19.47 2.64
CAT Y01 HA . -21.18 18.59 3.04
CAR Y01 HA . -20.87 17.10 2.90
CBC Y01 HA . -20.99 16.64 1.47
OAW Y01 HA . -20.54 15.26 1.38
CAY Y01 HA . -21.42 14.35 0.96
OAG Y01 HA . -21.86 14.32 -0.15
CAM Y01 HA . -21.77 13.37 2.05
CAL Y01 HA . -21.46 11.92 1.76
CAX Y01 HA . -22.52 11.17 0.98
OAH Y01 HA . -22.18 10.55 -0.05
OAF Y01 HA . -23.70 11.21 1.40
CAA Y01 IA . -12.51 24.89 7.36
CBA Y01 IA . -12.33 25.49 5.98
CAB Y01 IA . -13.68 25.67 5.30
CAN Y01 IA . -11.56 26.80 6.04
CAJ Y01 IA . -10.15 26.70 6.56
CAO Y01 IA . -9.73 27.91 7.37
CBB Y01 IA . -10.81 28.98 7.54
CAC Y01 IA . -11.54 28.81 8.86
CBE Y01 IA . -10.21 30.39 7.37
CAP Y01 IA . -8.69 30.34 7.06
CAQ Y01 IA . -8.37 31.59 6.22
CBG Y01 IA . -9.66 32.40 6.26
CBI Y01 IA . -10.77 31.33 6.26
CAE Y01 IA . -10.84 30.57 4.92
CAU Y01 IA . -12.10 32.02 6.57
CAS Y01 IA . -12.35 33.23 5.67
CBF Y01 IA . -11.18 34.23 5.67
CBD Y01 IA . -9.87 33.54 5.28
CAK Y01 IA . -8.69 34.50 5.33
CAI Y01 IA . -9.08 35.95 5.39
CAZ Y01 IA . -10.24 36.42 4.99
CAV Y01 IA . -10.42 37.90 4.67
CBH Y01 IA . -11.47 35.53 4.85
CAD Y01 IA . -11.70 35.21 3.36
CAT Y01 IA . -12.71 36.23 5.44
CAR Y01 IA . -12.85 37.70 5.03
CBC Y01 IA . -11.60 38.48 5.40
OAW Y01 IA . -11.73 39.86 4.98
CAY Y01 IA . -12.94 40.39 4.85
OAG Y01 IA . -13.75 40.41 5.73
CAM Y01 IA . -13.15 40.98 3.48
CAL Y01 IA . -12.26 40.45 2.38
CAX Y01 IA . -10.78 40.80 2.51
OAH Y01 IA . -9.96 39.88 2.32
OAF Y01 IA . -10.47 41.97 2.79
C310 POV JA . -28.71 37.38 5.50
C311 POV JA . -27.91 36.10 5.11
C312 POV JA . -26.59 35.95 5.93
C313 POV JA . -26.54 34.61 6.72
C31 POV JA . -24.05 44.36 0.77
C32 POV JA . -24.24 44.45 2.30
C33 POV JA . -24.98 43.23 2.88
C34 POV JA . -25.20 43.34 4.41
C35 POV JA . -26.47 42.59 4.89
C36 POV JA . -26.48 41.12 4.39
C37 POV JA . -27.91 40.60 4.13
C38 POV JA . -28.53 39.93 5.39
C39 POV JA . -27.82 38.62 5.77
N POV KA . -4.27 51.12 11.71
P POV KA . -6.38 47.04 10.18
C1 POV KA . -6.69 46.03 12.59
C2 POV KA . -7.85 45.19 13.09
C3 POV KA . -7.32 44.27 14.19
C210 POV KA . -10.05 34.15 11.06
C310 POV KA . -7.84 33.41 17.19
C11 POV KA . -4.51 48.66 11.13
O11 POV KA . -6.56 45.76 11.21
C211 POV KA . -8.60 33.61 10.98
C311 POV KA . -8.37 32.02 16.79
C12 POV KA . -4.29 49.72 12.24
O12 POV KA . -5.89 48.34 11.07
C212 POV KA . -8.56 32.07 11.01
C312 POV KA . -7.25 30.96 16.76
C13 POV KA . -5.68 51.56 11.64
O13 POV KA . -5.33 46.72 9.14
C213 POV KA . -9.36 31.48 12.21
C313 POV KA . -7.50 29.87 15.69
C14 POV KA . -3.52 51.93 12.68
O14 POV KA . -7.68 47.33 9.48
C214 POV KA . -10.31 30.34 11.76
C314 POV KA . -6.51 28.68 15.80
C15 POV KA . -3.68 51.38 10.38
C215 POV KA . -10.45 29.21 12.82
C315 POV KA . -6.89 27.75 16.96
C216 POV KA . -11.11 27.93 12.24
C316 POV KA . -5.83 27.77 18.08
C217 POV KA . -10.13 27.03 11.45
C218 POV KA . -10.77 25.70 11.03
C21 POV KA . -9.68 44.04 12.08
O21 POV KA . -8.33 44.44 12.00
C22 POV KA . -10.02 42.55 12.37
O22 POV KA . -10.55 44.82 11.92
C23 POV KA . -9.64 41.63 11.19
C24 POV KA . -9.34 40.16 11.58
C25 POV KA . -9.97 39.71 12.93
C26 POV KA . -10.29 38.21 12.95
C27 POV KA . -9.11 37.35 12.42
C28 POV KA . -9.27 35.85 12.74
C29 POV KA . -10.36 35.18 11.87
C31 POV KA . -5.80 42.49 14.52
O31 POV KA . -6.45 43.34 13.59
C32 POV KA . -6.63 41.79 15.62
O32 POV KA . -4.63 42.32 14.46
C33 POV KA . -6.91 40.30 15.32
C34 POV KA . -5.67 39.42 15.61
C35 POV KA . -5.84 38.00 15.02
C36 POV KA . -5.70 36.93 16.13
C37 POV KA . -6.64 35.73 15.88
C38 POV KA . -8.01 35.90 16.58
C39 POV KA . -8.76 34.55 16.68
C2 POV LA . -45.96 46.72 -7.18
C210 POV LA . -39.59 37.43 -4.98
C211 POV LA . -38.32 36.77 -4.40
C212 POV LA . -38.36 35.22 -4.58
C213 POV LA . -37.02 34.59 -4.16
C214 POV LA . -35.87 35.13 -5.05
C215 POV LA . -35.43 34.11 -6.11
C216 POV LA . -34.25 34.65 -6.94
C21 POV LA . -46.36 44.37 -7.19
O21 POV LA . -46.24 45.56 -6.43
C22 POV LA . -46.11 42.99 -6.52
O22 POV LA . -46.69 44.43 -8.33
C23 POV LA . -44.79 42.33 -6.98
C24 POV LA . -44.96 40.83 -7.30
C25 POV LA . -44.72 39.89 -6.09
C26 POV LA . -43.24 39.88 -5.62
C27 POV LA . -42.76 38.45 -5.25
C28 POV LA . -41.77 38.45 -4.06
C29 POV LA . -40.83 37.23 -4.05
#